data_8E7P
#
_entry.id   8E7P
#
_cell.length_a   94.073
_cell.length_b   126.143
_cell.length_c   145.475
_cell.angle_alpha   90.000
_cell.angle_beta   93.880
_cell.angle_gamma   90.000
#
_symmetry.space_group_name_H-M   'P 1 21 1'
#
loop_
_entity.id
_entity.type
_entity.pdbx_description
1 polymer 'ATP-dependent Clp protease proteolytic subunit'
2 non-polymer (4S)-2-METHYL-2,4-PENTANEDIOL
3 non-polymer (5R,6S,9aS)-N-benzyl-6-[(4-hydroxyphenyl)methyl]-8-[(naphthalen-1-yl)methyl]-4,7-dioxohexahydro-2H-pyrazino[1,2-a]pyrimidine-1(6H)-carboxamide
4 water water
#
_entity_poly.entity_id   1
_entity_poly.type   'polypeptide(L)'
_entity_poly.pdbx_seq_one_letter_code
;MNLIPTVIETTNRGERAYDIYSRLLKDRIIMLGSQIDDNVANSIVSQLLFLQAQDSEKDIYLYINSPGGSVTAGFAIYDT
IQHIKPDVQTICIGMAASMGSFLLAAGAKGKRFALPNAEVMIHQPLGGAQGQATEIEIAANHILKTREKLNRILSERTGQ
SIEKIQKDTDRDNFLTAEEAKEYGLIDEVMVPETKLEHHHHHH
;
_entity_poly.pdbx_strand_id   A,B,C,D,E,F,G,I,K,L,M,N,S,T
#
loop_
_chem_comp.id
_chem_comp.type
_chem_comp.name
_chem_comp.formula
MPD non-polymer (4S)-2-METHYL-2,4-PENTANEDIOL 'C6 H14 O2'
UTC non-polymer (5R,6S,9aS)-N-benzyl-6-[(4-hydroxyphenyl)methyl]-8-[(naphthalen-1-yl)methyl]-4,7-dioxohexahydro-2H-pyrazino[1,2-a]pyrimidine-1(6H)-carboxamide 'C33 H32 N4 O4'
#
# COMPACT_ATOMS: atom_id res chain seq x y z
N ILE A 4 -18.33 5.35 26.55
CA ILE A 4 -18.31 6.32 27.71
C ILE A 4 -19.74 6.41 28.27
N PRO A 5 -20.01 5.97 29.51
CA PRO A 5 -21.39 5.97 29.99
C PRO A 5 -21.93 7.38 30.29
N THR A 6 -23.27 7.45 30.33
CA THR A 6 -24.09 8.63 30.67
C THR A 6 -24.66 8.47 32.07
N VAL A 7 -24.73 9.56 32.84
CA VAL A 7 -25.33 9.63 34.19
C VAL A 7 -26.45 10.68 34.14
N ALA A 17 -28.69 14.90 31.38
CA ALA A 17 -27.78 13.79 30.97
C ALA A 17 -26.34 14.34 30.83
N TYR A 18 -25.41 13.74 31.56
CA TYR A 18 -23.97 14.02 31.45
C TYR A 18 -23.23 12.74 31.00
N ASP A 19 -22.29 12.81 30.06
CA ASP A 19 -21.25 11.76 29.96
C ASP A 19 -20.47 11.76 31.30
N ILE A 20 -19.81 10.66 31.64
CA ILE A 20 -19.20 10.52 32.98
C ILE A 20 -18.15 11.63 33.21
N TYR A 21 -17.41 12.02 32.19
CA TYR A 21 -16.34 13.06 32.36
C TYR A 21 -16.98 14.42 32.65
N SER A 22 -18.07 14.75 31.98
CA SER A 22 -18.82 16.02 32.21
C SER A 22 -19.36 16.02 33.64
N ARG A 23 -19.80 14.85 34.13
CA ARG A 23 -20.30 14.76 35.51
C ARG A 23 -19.14 15.04 36.50
N LEU A 24 -17.94 14.50 36.25
CA LEU A 24 -16.78 14.79 37.11
C LEU A 24 -16.42 16.28 37.05
N LEU A 25 -16.51 16.91 35.87
CA LEU A 25 -16.16 18.34 35.73
C LEU A 25 -17.11 19.18 36.61
N LYS A 26 -18.36 18.76 36.74
CA LYS A 26 -19.33 19.44 37.63
C LYS A 26 -18.80 19.47 39.06
N ASP A 27 -18.00 18.48 39.47
CA ASP A 27 -17.35 18.42 40.81
C ASP A 27 -15.88 18.89 40.76
N ARG A 28 -15.53 19.66 39.75
CA ARG A 28 -14.23 20.37 39.62
C ARG A 28 -13.09 19.37 39.43
N ILE A 29 -13.38 18.23 38.79
CA ILE A 29 -12.35 17.22 38.44
C ILE A 29 -12.14 17.29 36.92
N ILE A 30 -10.87 17.45 36.54
CA ILE A 30 -10.43 17.52 35.12
C ILE A 30 -9.60 16.26 34.86
N MET A 31 -9.86 15.58 33.74
CA MET A 31 -9.16 14.31 33.45
C MET A 31 -8.12 14.60 32.35
N LEU A 32 -6.84 14.43 32.68
CA LEU A 32 -5.76 14.40 31.67
C LEU A 32 -5.40 12.94 31.52
N GLY A 33 -6.04 12.25 30.56
CA GLY A 33 -6.03 10.78 30.47
C GLY A 33 -5.52 10.31 29.10
N SER A 34 -4.76 11.14 28.42
CA SER A 34 -4.26 10.77 27.07
C SER A 34 -2.92 11.45 26.83
N GLN A 35 -2.36 11.18 25.65
CA GLN A 35 -1.20 11.95 25.16
C GLN A 35 -1.56 13.42 25.15
N ILE A 36 -0.58 14.27 25.46
CA ILE A 36 -0.76 15.75 25.46
C ILE A 36 -0.47 16.27 24.06
N ASP A 37 -1.50 16.78 23.40
CA ASP A 37 -1.36 17.51 22.13
C ASP A 37 -2.13 18.82 22.26
N ASP A 38 -2.11 19.62 21.22
CA ASP A 38 -2.74 20.97 21.28
C ASP A 38 -4.24 20.82 21.59
N ASN A 39 -4.92 19.81 21.03
CA ASN A 39 -6.38 19.63 21.26
C ASN A 39 -6.65 19.37 22.74
N VAL A 40 -5.88 18.46 23.35
CA VAL A 40 -6.01 18.11 24.77
C VAL A 40 -5.71 19.36 25.60
N ALA A 41 -4.66 20.09 25.28
CA ALA A 41 -4.27 21.29 26.05
C ALA A 41 -5.40 22.33 25.96
N ASN A 42 -5.95 22.54 24.77
N ASN A 42 -5.95 22.54 24.77
CA ASN A 42 -7.02 23.54 24.57
CA ASN A 42 -7.03 23.55 24.56
C ASN A 42 -8.21 23.18 25.47
C ASN A 42 -8.21 23.18 25.47
N SER A 43 -8.55 21.90 25.53
CA SER A 43 -9.69 21.44 26.34
C SER A 43 -9.40 21.66 27.83
N ILE A 44 -8.21 21.25 28.28
CA ILE A 44 -7.87 21.39 29.72
C ILE A 44 -7.76 22.86 30.11
N VAL A 45 -7.16 23.70 29.30
CA VAL A 45 -7.09 25.16 29.56
C VAL A 45 -8.51 25.70 29.69
N SER A 46 -9.39 25.33 28.78
CA SER A 46 -10.80 25.82 28.78
C SER A 46 -11.50 25.39 30.06
N GLN A 47 -11.28 24.16 30.49
CA GLN A 47 -11.89 23.63 31.73
C GLN A 47 -11.35 24.39 32.94
N LEU A 48 -10.04 24.67 33.00
CA LEU A 48 -9.44 25.42 34.11
C LEU A 48 -10.06 26.83 34.18
N LEU A 49 -10.15 27.50 33.05
CA LEU A 49 -10.69 28.89 33.01
C LEU A 49 -12.16 28.87 33.44
N PHE A 50 -12.92 27.89 32.96
CA PHE A 50 -14.35 27.73 33.31
C PHE A 50 -14.50 27.52 34.81
N LEU A 51 -13.70 26.62 35.39
CA LEU A 51 -13.82 26.31 36.83
C LEU A 51 -13.45 27.54 37.65
N GLN A 52 -12.44 28.31 37.24
CA GLN A 52 -12.06 29.55 37.98
C GLN A 52 -13.26 30.50 37.95
N ALA A 53 -13.93 30.62 36.81
CA ALA A 53 -15.07 31.56 36.65
C ALA A 53 -16.23 31.09 37.54
N GLN A 54 -16.46 29.79 37.65
CA GLN A 54 -17.56 29.27 38.50
C GLN A 54 -17.26 29.54 39.98
N ASP A 55 -16.02 29.38 40.40
CA ASP A 55 -15.63 29.57 41.82
C ASP A 55 -14.12 29.76 41.88
N SER A 56 -13.68 30.95 42.23
CA SER A 56 -12.25 31.32 42.22
C SER A 56 -11.54 30.78 43.47
N GLU A 57 -12.25 30.23 44.45
CA GLU A 57 -11.64 29.84 45.76
C GLU A 57 -11.53 28.32 45.91
N LYS A 58 -12.44 27.55 45.33
CA LYS A 58 -12.52 26.10 45.59
C LYS A 58 -11.44 25.39 44.76
N ASP A 59 -10.81 24.40 45.36
CA ASP A 59 -9.77 23.59 44.68
C ASP A 59 -10.34 22.96 43.41
N ILE A 60 -9.43 22.71 42.48
CA ILE A 60 -9.63 21.92 41.24
C ILE A 60 -8.78 20.67 41.40
N TYR A 61 -9.23 19.55 40.83
CA TYR A 61 -8.52 18.26 40.91
C TYR A 61 -8.16 17.84 39.49
N LEU A 62 -6.86 17.76 39.20
CA LEU A 62 -6.38 17.30 37.87
C LEU A 62 -5.86 15.88 38.01
N TYR A 63 -6.59 14.94 37.43
CA TYR A 63 -6.22 13.52 37.35
C TYR A 63 -5.24 13.37 36.19
N ILE A 64 -4.14 12.68 36.42
CA ILE A 64 -3.09 12.48 35.38
C ILE A 64 -2.84 11.00 35.19
N ASN A 65 -3.17 10.53 33.99
CA ASN A 65 -2.77 9.20 33.48
C ASN A 65 -2.35 9.45 32.03
N SER A 66 -1.09 9.78 31.83
CA SER A 66 -0.65 10.34 30.53
C SER A 66 0.78 9.90 30.26
N PRO A 67 1.09 9.52 29.01
CA PRO A 67 2.47 9.25 28.60
C PRO A 67 3.23 10.51 28.20
N GLY A 68 2.61 11.67 28.34
CA GLY A 68 3.21 12.95 27.96
C GLY A 68 2.86 13.32 26.54
N GLY A 69 3.73 14.06 25.86
CA GLY A 69 3.43 14.57 24.52
C GLY A 69 4.09 15.91 24.32
N SER A 70 3.40 16.81 23.65
CA SER A 70 3.96 18.09 23.19
C SER A 70 4.40 18.94 24.39
N VAL A 71 5.62 19.43 24.35
CA VAL A 71 6.14 20.33 25.43
C VAL A 71 5.38 21.65 25.40
N THR A 72 5.14 22.24 24.22
CA THR A 72 4.43 23.54 24.16
C THR A 72 2.98 23.35 24.64
N ALA A 73 2.33 22.26 24.27
CA ALA A 73 0.95 21.99 24.74
C ALA A 73 0.98 21.82 26.27
N GLY A 74 1.98 21.12 26.78
CA GLY A 74 2.15 20.95 28.24
C GLY A 74 2.34 22.32 28.91
N PHE A 75 3.09 23.23 28.30
CA PHE A 75 3.29 24.57 28.88
C PHE A 75 2.03 25.42 28.83
N ALA A 76 1.15 25.19 27.86
CA ALA A 76 -0.17 25.87 27.85
C ALA A 76 -0.91 25.49 29.15
N ILE A 77 -0.90 24.22 29.50
CA ILE A 77 -1.58 23.72 30.72
C ILE A 77 -0.83 24.28 31.95
N TYR A 78 0.49 24.12 31.99
CA TYR A 78 1.32 24.56 33.13
C TYR A 78 1.04 26.02 33.45
N ASP A 79 1.12 26.90 32.45
CA ASP A 79 1.01 28.35 32.71
C ASP A 79 -0.42 28.68 33.12
N THR A 80 -1.42 27.99 32.60
CA THR A 80 -2.81 28.25 32.98
C THR A 80 -3.00 27.85 34.46
N ILE A 81 -2.46 26.70 34.87
CA ILE A 81 -2.50 26.28 36.30
C ILE A 81 -1.92 27.41 37.14
N GLN A 82 -0.74 27.92 36.80
CA GLN A 82 -0.08 28.91 37.68
C GLN A 82 -0.85 30.22 37.66
N HIS A 83 -1.50 30.54 36.55
CA HIS A 83 -2.19 31.82 36.37
C HIS A 83 -3.44 31.92 37.25
N ILE A 84 -4.24 30.87 37.29
CA ILE A 84 -5.61 30.95 37.88
C ILE A 84 -5.51 31.00 39.42
N LYS A 85 -6.57 31.48 40.06
CA LYS A 85 -6.59 31.66 41.54
C LYS A 85 -6.76 30.34 42.28
N PRO A 86 -7.68 29.42 41.92
CA PRO A 86 -7.84 28.18 42.67
C PRO A 86 -6.57 27.33 42.67
N ASP A 87 -6.30 26.67 43.79
CA ASP A 87 -5.27 25.61 43.85
C ASP A 87 -5.70 24.47 42.91
N VAL A 88 -4.74 23.95 42.15
CA VAL A 88 -4.98 22.74 41.31
C VAL A 88 -4.23 21.59 41.94
N GLN A 89 -4.95 20.65 42.52
CA GLN A 89 -4.39 19.41 43.04
C GLN A 89 -4.04 18.52 41.83
N THR A 90 -2.95 17.79 41.91
CA THR A 90 -2.62 16.80 40.86
C THR A 90 -2.61 15.42 41.50
N ILE A 91 -3.14 14.44 40.76
CA ILE A 91 -3.19 13.05 41.25
C ILE A 91 -2.77 12.14 40.10
N CYS A 92 -1.65 11.46 40.28
CA CYS A 92 -1.17 10.46 39.30
C CYS A 92 -1.82 9.12 39.60
N ILE A 93 -2.52 8.59 38.58
CA ILE A 93 -3.14 7.23 38.64
C ILE A 93 -2.68 6.52 37.35
N GLY A 94 -2.13 5.33 37.47
CA GLY A 94 -1.61 4.60 36.28
C GLY A 94 -0.18 5.03 35.98
N MET A 95 -0.02 6.11 35.23
N MET A 95 -0.02 6.11 35.23
CA MET A 95 1.33 6.56 34.80
CA MET A 95 1.34 6.57 34.79
C MET A 95 1.32 8.07 34.52
C MET A 95 1.32 8.07 34.52
N ALA A 96 2.41 8.73 34.88
CA ALA A 96 2.68 10.11 34.43
C ALA A 96 4.09 10.05 33.87
N ALA A 97 4.24 10.18 32.56
CA ALA A 97 5.57 10.14 31.92
C ALA A 97 5.83 11.45 31.21
N SER A 98 7.09 11.81 31.17
CA SER A 98 7.59 12.93 30.35
C SER A 98 6.81 14.20 30.71
N MET A 99 6.19 14.87 29.76
CA MET A 99 5.46 16.12 30.09
C MET A 99 4.32 15.83 31.08
N GLY A 100 3.81 14.61 31.16
CA GLY A 100 2.83 14.21 32.17
C GLY A 100 3.40 14.31 33.59
N SER A 101 4.63 13.87 33.79
CA SER A 101 5.27 13.96 35.13
C SER A 101 5.60 15.44 35.43
N PHE A 102 5.91 16.24 34.42
CA PHE A 102 6.13 17.68 34.60
C PHE A 102 4.85 18.33 35.14
N LEU A 103 3.70 17.99 34.55
CA LEU A 103 2.42 18.57 35.00
C LEU A 103 2.06 18.05 36.39
N LEU A 104 2.38 16.80 36.70
CA LEU A 104 2.13 16.26 38.07
C LEU A 104 2.86 17.16 39.08
N ALA A 105 4.12 17.49 38.79
CA ALA A 105 4.97 18.30 39.68
C ALA A 105 4.47 19.74 39.77
N ALA A 106 3.60 20.17 38.85
CA ALA A 106 3.14 21.57 38.72
C ALA A 106 1.92 21.85 39.62
N GLY A 107 1.36 20.83 40.26
CA GLY A 107 0.20 21.02 41.15
C GLY A 107 0.53 21.91 42.34
N ALA A 108 -0.51 22.39 43.01
CA ALA A 108 -0.37 23.23 44.23
C ALA A 108 0.53 22.55 45.24
N LYS A 109 1.46 23.31 45.83
CA LYS A 109 2.43 22.74 46.80
C LYS A 109 1.65 22.14 47.97
N GLY A 110 1.96 20.89 48.29
CA GLY A 110 1.25 20.09 49.32
C GLY A 110 0.06 19.33 48.80
N LYS A 111 -0.31 19.51 47.53
CA LYS A 111 -1.53 18.88 46.96
C LYS A 111 -1.18 18.13 45.66
N ARG A 112 0.02 17.57 45.62
CA ARG A 112 0.45 16.69 44.52
C ARG A 112 0.52 15.27 45.07
N PHE A 113 -0.22 14.35 44.45
CA PHE A 113 -0.39 12.99 44.97
C PHE A 113 -0.14 11.95 43.88
N ALA A 114 0.16 10.75 44.29
CA ALA A 114 0.11 9.56 43.42
C ALA A 114 -0.52 8.43 44.23
N LEU A 115 -1.26 7.55 43.56
CA LEU A 115 -1.72 6.31 44.19
C LEU A 115 -0.57 5.32 44.20
N PRO A 116 -0.57 4.34 45.12
CA PRO A 116 0.63 3.59 45.48
C PRO A 116 1.32 2.83 44.36
N ASN A 117 0.56 2.35 43.36
CA ASN A 117 1.16 1.55 42.27
C ASN A 117 1.30 2.39 41.00
N ALA A 118 1.09 3.70 41.07
CA ALA A 118 1.27 4.60 39.93
C ALA A 118 2.76 4.68 39.57
N GLU A 119 3.03 4.84 38.28
N GLU A 119 3.04 4.83 38.29
CA GLU A 119 4.41 4.90 37.73
CA GLU A 119 4.41 4.90 37.71
C GLU A 119 4.67 6.35 37.28
C GLU A 119 4.67 6.35 37.28
N VAL A 120 5.84 6.88 37.58
CA VAL A 120 6.26 8.21 37.14
C VAL A 120 7.52 8.00 36.32
N MET A 121 7.63 8.62 35.15
CA MET A 121 8.87 8.50 34.38
C MET A 121 9.32 9.90 33.99
N ILE A 122 10.61 10.19 34.12
CA ILE A 122 11.19 11.49 33.70
C ILE A 122 12.29 11.18 32.69
N HIS A 123 12.46 12.06 31.72
CA HIS A 123 13.49 11.93 30.67
C HIS A 123 13.64 13.25 29.96
N GLN A 124 14.66 13.35 29.13
CA GLN A 124 14.86 14.61 28.39
C GLN A 124 13.89 14.67 27.21
N PRO A 125 13.65 15.89 26.70
CA PRO A 125 12.77 16.06 25.55
C PRO A 125 13.32 15.39 24.28
N LEU A 126 12.36 15.00 23.44
CA LEU A 126 12.60 14.33 22.13
C LEU A 126 12.24 15.29 21.00
N GLY A 127 12.95 15.20 19.89
CA GLY A 127 12.55 16.01 18.72
C GLY A 127 13.27 15.56 17.48
N GLY A 128 13.38 16.47 16.53
CA GLY A 128 13.97 16.10 15.24
C GLY A 128 14.43 17.37 14.55
N ALA A 129 15.28 17.22 13.55
CA ALA A 129 15.70 18.35 12.71
C ALA A 129 16.17 17.75 11.38
N GLN A 130 15.84 18.38 10.27
CA GLN A 130 16.26 17.88 8.95
C GLN A 130 16.55 19.13 8.13
N GLY A 131 17.59 19.09 7.32
CA GLY A 131 17.82 20.20 6.39
C GLY A 131 19.27 20.62 6.38
N GLN A 132 19.48 21.88 6.15
CA GLN A 132 20.83 22.46 6.06
C GLN A 132 21.49 22.45 7.43
N ALA A 133 22.81 22.40 7.47
CA ALA A 133 23.59 22.52 8.71
C ALA A 133 23.05 23.65 9.58
N THR A 134 22.85 24.85 9.05
CA THR A 134 22.42 26.00 9.89
C THR A 134 20.99 25.77 10.42
N GLU A 135 20.13 25.09 9.69
CA GLU A 135 18.75 24.75 10.17
C GLU A 135 18.84 23.74 11.31
N ILE A 136 19.72 22.75 11.18
CA ILE A 136 19.90 21.74 12.24
C ILE A 136 20.44 22.46 13.49
N GLU A 137 21.35 23.41 13.32
CA GLU A 137 21.90 24.19 14.46
C GLU A 137 20.77 24.94 15.17
N ILE A 138 19.91 25.61 14.42
CA ILE A 138 18.75 26.35 15.01
C ILE A 138 17.88 25.37 15.80
N ALA A 139 17.55 24.23 15.23
CA ALA A 139 16.66 23.23 15.87
C ALA A 139 17.36 22.69 17.15
N ALA A 140 18.65 22.42 17.09
CA ALA A 140 19.41 21.89 18.24
C ALA A 140 19.40 22.94 19.36
N ASN A 141 19.71 24.17 19.02
CA ASN A 141 19.76 25.26 20.02
C ASN A 141 18.38 25.39 20.66
N HIS A 142 17.31 25.29 19.88
CA HIS A 142 15.93 25.42 20.41
C HIS A 142 15.61 24.28 21.37
N ILE A 143 15.91 23.03 21.01
CA ILE A 143 15.55 21.90 21.91
C ILE A 143 16.44 21.96 23.16
N LEU A 144 17.68 22.40 23.06
CA LEU A 144 18.56 22.54 24.25
C LEU A 144 18.03 23.63 25.17
N LYS A 145 17.58 24.74 24.63
CA LYS A 145 16.99 25.84 25.43
C LYS A 145 15.70 25.35 26.07
N THR A 146 14.90 24.57 25.36
CA THR A 146 13.65 23.99 25.91
C THR A 146 14.00 23.08 27.09
N ARG A 147 15.01 22.24 26.94
CA ARG A 147 15.43 21.34 28.05
C ARG A 147 15.89 22.19 29.24
N GLU A 148 16.65 23.26 29.02
CA GLU A 148 17.10 24.14 30.13
C GLU A 148 15.88 24.71 30.85
N LYS A 149 14.86 25.12 30.11
CA LYS A 149 13.64 25.73 30.67
C LYS A 149 12.90 24.70 31.53
N LEU A 150 12.70 23.49 31.00
CA LEU A 150 12.02 22.40 31.73
C LEU A 150 12.81 22.08 33.00
N ASN A 151 14.13 21.97 32.90
CA ASN A 151 14.95 21.56 34.06
C ASN A 151 14.92 22.64 35.13
N ARG A 152 14.96 23.90 34.74
N ARG A 152 14.96 23.90 34.74
CA ARG A 152 14.92 25.03 35.70
CA ARG A 152 14.92 25.04 35.70
C ARG A 152 13.59 24.98 36.47
C ARG A 152 13.59 24.98 36.47
N ILE A 153 12.48 24.81 35.76
CA ILE A 153 11.17 24.78 36.44
C ILE A 153 11.10 23.51 37.29
N LEU A 154 11.54 22.36 36.80
CA LEU A 154 11.46 21.13 37.60
C LEU A 154 12.34 21.30 38.87
N SER A 155 13.47 21.97 38.77
CA SER A 155 14.33 22.28 39.94
C SER A 155 13.54 23.09 40.96
N GLU A 156 12.85 24.11 40.51
CA GLU A 156 12.01 24.98 41.39
C GLU A 156 10.88 24.16 42.05
N ARG A 157 10.25 23.27 41.31
N ARG A 157 10.25 23.27 41.31
CA ARG A 157 9.03 22.54 41.78
CA ARG A 157 9.03 22.54 41.78
C ARG A 157 9.42 21.36 42.69
C ARG A 157 9.42 21.36 42.69
N THR A 158 10.63 20.80 42.54
CA THR A 158 11.03 19.55 43.25
C THR A 158 12.01 19.86 44.39
N GLY A 159 12.73 20.96 44.32
CA GLY A 159 13.85 21.27 45.22
C GLY A 159 15.14 20.57 44.84
N GLN A 160 15.21 19.84 43.71
CA GLN A 160 16.45 19.22 43.24
C GLN A 160 17.26 20.26 42.49
N SER A 161 18.58 20.10 42.48
CA SER A 161 19.45 21.02 41.72
C SER A 161 19.26 20.76 40.22
N ILE A 162 19.55 21.78 39.43
CA ILE A 162 19.58 21.62 37.94
C ILE A 162 20.57 20.54 37.55
N GLU A 163 21.74 20.48 38.20
CA GLU A 163 22.76 19.47 37.85
C GLU A 163 22.19 18.06 38.06
N LYS A 164 21.48 17.83 39.16
CA LYS A 164 20.90 16.51 39.46
C LYS A 164 19.79 16.19 38.43
N ILE A 165 18.93 17.14 38.12
CA ILE A 165 17.82 16.91 37.15
C ILE A 165 18.43 16.53 35.80
N GLN A 166 19.47 17.25 35.36
CA GLN A 166 20.11 16.95 34.07
C GLN A 166 20.62 15.50 34.06
N LYS A 167 21.32 15.08 35.11
CA LYS A 167 21.87 13.71 35.18
C LYS A 167 20.71 12.69 35.21
N ASP A 168 19.68 12.97 35.99
CA ASP A 168 18.60 11.98 36.26
C ASP A 168 17.65 11.86 35.05
N THR A 169 17.71 12.78 34.10
CA THR A 169 16.80 12.76 32.93
C THR A 169 17.58 12.40 31.66
N ASP A 170 18.87 12.09 31.77
CA ASP A 170 19.68 11.78 30.57
C ASP A 170 19.05 10.62 29.79
N ARG A 171 18.57 9.60 30.50
CA ARG A 171 17.86 8.45 29.91
C ARG A 171 16.52 8.30 30.64
N ASP A 172 15.68 7.40 30.14
CA ASP A 172 14.39 7.12 30.80
C ASP A 172 14.65 6.70 32.24
N ASN A 173 13.96 7.34 33.15
CA ASN A 173 14.12 7.12 34.60
C ASN A 173 12.76 6.85 35.19
N PHE A 174 12.49 5.58 35.51
CA PHE A 174 11.18 5.15 36.08
C PHE A 174 11.24 5.24 37.60
N LEU A 175 10.22 5.87 38.19
CA LEU A 175 10.11 6.01 39.65
C LEU A 175 8.81 5.36 40.12
N THR A 176 8.87 4.72 41.27
CA THR A 176 7.66 4.34 42.01
C THR A 176 7.00 5.58 42.59
N ALA A 177 5.79 5.46 43.09
CA ALA A 177 5.11 6.60 43.75
C ALA A 177 5.97 7.06 44.95
N GLU A 178 6.49 6.13 45.74
CA GLU A 178 7.33 6.51 46.89
C GLU A 178 8.61 7.21 46.44
N GLU A 179 9.23 6.74 45.35
CA GLU A 179 10.43 7.42 44.81
C GLU A 179 10.07 8.81 44.29
N ALA A 180 8.90 8.99 43.69
CA ALA A 180 8.45 10.29 43.16
C ALA A 180 8.29 11.26 44.33
N LYS A 181 7.78 10.76 45.47
CA LYS A 181 7.68 11.60 46.68
C LYS A 181 9.07 11.99 47.18
N GLU A 182 9.98 11.05 47.27
CA GLU A 182 11.38 11.30 47.71
C GLU A 182 12.01 12.33 46.78
N TYR A 183 11.69 12.27 45.47
CA TYR A 183 12.29 13.14 44.47
C TYR A 183 11.74 14.56 44.57
N GLY A 184 10.53 14.74 45.10
CA GLY A 184 9.87 16.03 45.18
C GLY A 184 8.91 16.29 44.03
N LEU A 185 8.60 15.27 43.23
CA LEU A 185 7.59 15.41 42.14
C LEU A 185 6.19 15.42 42.72
N ILE A 186 5.97 14.72 43.84
CA ILE A 186 4.69 14.73 44.55
C ILE A 186 4.98 15.01 46.03
N ASP A 187 3.91 15.32 46.74
CA ASP A 187 4.00 15.58 48.21
C ASP A 187 3.65 14.33 49.01
N GLU A 188 2.70 13.51 48.54
CA GLU A 188 2.26 12.35 49.34
C GLU A 188 1.85 11.21 48.42
N VAL A 189 2.05 9.99 48.90
CA VAL A 189 1.39 8.81 48.30
C VAL A 189 0.05 8.64 49.02
N MET A 190 -1.04 8.66 48.26
CA MET A 190 -2.41 8.54 48.81
C MET A 190 -2.65 7.06 49.12
N VAL A 191 -2.50 6.66 50.38
CA VAL A 191 -2.63 5.24 50.81
C VAL A 191 -4.12 4.91 51.00
N PRO A 192 -4.57 3.68 50.65
CA PRO A 192 -5.99 3.35 50.79
C PRO A 192 -6.41 3.12 52.24
N ILE B 4 -25.64 -0.76 20.35
CA ILE B 4 -25.87 -0.77 21.84
C ILE B 4 -27.27 -0.29 22.13
N PRO B 5 -28.18 -1.13 22.69
CA PRO B 5 -29.56 -0.68 22.84
C PRO B 5 -29.76 0.37 23.93
N THR B 6 -30.90 1.03 23.89
CA THR B 6 -31.43 2.02 24.86
C THR B 6 -32.54 1.38 25.71
N VAL B 7 -32.59 1.72 27.00
CA VAL B 7 -33.75 1.38 27.88
C VAL B 7 -34.35 2.70 28.40
N ILE B 8 -35.67 2.78 28.47
CA ILE B 8 -36.40 3.94 29.08
C ILE B 8 -37.24 3.36 30.20
N TYR B 18 -31.45 5.64 28.75
CA TYR B 18 -30.07 5.17 29.04
C TYR B 18 -29.63 4.19 27.95
N ASP B 19 -28.39 4.27 27.45
CA ASP B 19 -27.79 3.09 26.78
C ASP B 19 -27.70 1.97 27.81
N ILE B 20 -27.58 0.71 27.39
CA ILE B 20 -27.71 -0.45 28.33
C ILE B 20 -26.60 -0.34 29.39
N TYR B 21 -25.39 0.09 29.04
CA TYR B 21 -24.28 0.15 30.03
C TYR B 21 -24.55 1.24 31.06
N SER B 22 -25.09 2.37 30.64
CA SER B 22 -25.46 3.49 31.55
C SER B 22 -26.56 3.01 32.51
N ARG B 23 -27.47 2.17 32.02
CA ARG B 23 -28.54 1.61 32.89
C ARG B 23 -27.94 0.70 33.93
N LEU B 24 -26.96 -0.15 33.55
CA LEU B 24 -26.30 -1.01 34.54
C LEU B 24 -25.54 -0.14 35.57
N LEU B 25 -24.90 0.93 35.12
CA LEU B 25 -24.12 1.79 36.05
C LEU B 25 -25.06 2.39 37.10
N LYS B 26 -26.29 2.69 36.73
CA LYS B 26 -27.31 3.19 37.70
C LYS B 26 -27.49 2.18 38.82
N ASP B 27 -27.32 0.88 38.56
CA ASP B 27 -27.38 -0.19 39.58
C ASP B 27 -25.99 -0.64 40.07
N ARG B 28 -25.00 0.23 39.90
CA ARG B 28 -23.64 0.11 40.45
C ARG B 28 -22.89 -1.07 39.83
N ILE B 29 -23.19 -1.35 38.58
CA ILE B 29 -22.47 -2.38 37.77
C ILE B 29 -21.60 -1.67 36.75
N ILE B 30 -20.32 -2.02 36.74
CA ILE B 30 -19.31 -1.50 35.79
C ILE B 30 -18.89 -2.67 34.92
N MET B 31 -18.84 -2.47 33.61
CA MET B 31 -18.52 -3.54 32.64
C MET B 31 -17.10 -3.29 32.12
N LEU B 32 -16.17 -4.19 32.45
CA LEU B 32 -14.81 -4.20 31.86
C LEU B 32 -14.84 -5.34 30.84
N GLY B 33 -15.16 -5.03 29.58
CA GLY B 33 -15.48 -6.02 28.56
C GLY B 33 -14.60 -5.88 27.32
N SER B 34 -13.41 -5.33 27.49
CA SER B 34 -12.48 -5.13 26.35
C SER B 34 -11.06 -5.23 26.83
N GLN B 35 -10.13 -5.11 25.90
CA GLN B 35 -8.71 -4.89 26.22
C GLN B 35 -8.59 -3.66 27.12
N ILE B 36 -7.67 -3.72 28.07
CA ILE B 36 -7.40 -2.60 29.01
C ILE B 36 -6.40 -1.65 28.36
N ASP B 37 -6.86 -0.45 28.04
CA ASP B 37 -5.97 0.64 27.61
C ASP B 37 -6.31 1.87 28.46
N ASP B 38 -5.61 2.95 28.23
CA ASP B 38 -5.76 4.16 29.07
C ASP B 38 -7.21 4.66 28.98
N ASN B 39 -7.84 4.61 27.80
CA ASN B 39 -9.23 5.10 27.64
C ASN B 39 -10.19 4.29 28.51
N VAL B 40 -10.08 2.96 28.48
CA VAL B 40 -10.91 2.06 29.28
C VAL B 40 -10.63 2.34 30.77
N ALA B 41 -9.39 2.46 31.16
CA ALA B 41 -9.04 2.69 32.59
C ALA B 41 -9.62 4.04 33.03
N ASN B 42 -9.49 5.08 32.21
CA ASN B 42 -9.99 6.43 32.58
C ASN B 42 -11.50 6.35 32.83
N SER B 43 -12.20 5.61 31.98
CA SER B 43 -13.67 5.47 32.11
C SER B 43 -14.01 4.70 33.39
N ILE B 44 -13.34 3.59 33.63
CA ILE B 44 -13.64 2.74 34.82
C ILE B 44 -13.28 3.51 36.11
N VAL B 45 -12.14 4.19 36.14
CA VAL B 45 -11.76 5.03 37.30
C VAL B 45 -12.87 6.07 37.56
N SER B 46 -13.34 6.72 36.52
CA SER B 46 -14.37 7.79 36.63
C SER B 46 -15.67 7.18 37.20
N GLN B 47 -16.03 6.00 36.72
CA GLN B 47 -17.25 5.30 37.18
C GLN B 47 -17.10 4.92 38.65
N LEU B 48 -15.94 4.40 39.08
CA LEU B 48 -15.71 4.03 40.48
C LEU B 48 -15.84 5.27 41.38
N LEU B 49 -15.22 6.38 40.98
N LEU B 49 -15.22 6.38 40.98
CA LEU B 49 -15.25 7.60 41.81
CA LEU B 49 -15.25 7.61 41.81
C LEU B 49 -16.69 8.12 41.90
C LEU B 49 -16.70 8.13 41.89
N PHE B 50 -17.41 8.11 40.78
CA PHE B 50 -18.83 8.54 40.72
C PHE B 50 -19.68 7.66 41.66
N LEU B 51 -19.53 6.35 41.59
CA LEU B 51 -20.34 5.43 42.42
C LEU B 51 -20.03 5.66 43.90
N GLN B 52 -18.77 5.88 44.26
CA GLN B 52 -18.40 6.16 45.67
C GLN B 52 -19.14 7.44 46.12
N ALA B 53 -19.18 8.45 45.28
CA ALA B 53 -19.81 9.75 45.61
C ALA B 53 -21.31 9.54 45.79
N GLN B 54 -21.94 8.71 44.95
CA GLN B 54 -23.40 8.47 45.05
C GLN B 54 -23.70 7.73 46.35
N ASP B 55 -22.88 6.77 46.74
CA ASP B 55 -23.13 5.96 47.96
C ASP B 55 -21.82 5.30 48.37
N SER B 56 -21.27 5.71 49.50
CA SER B 56 -19.93 5.23 49.94
C SER B 56 -20.04 3.85 50.59
N GLU B 57 -21.23 3.31 50.83
CA GLU B 57 -21.41 2.06 51.61
C GLU B 57 -21.81 0.88 50.71
N LYS B 58 -22.57 1.12 49.65
CA LYS B 58 -23.17 0.02 48.86
C LYS B 58 -22.10 -0.59 47.95
N ASP B 59 -22.15 -1.91 47.82
CA ASP B 59 -21.19 -2.62 46.94
C ASP B 59 -21.29 -2.10 45.51
N ILE B 60 -20.17 -2.25 44.80
CA ILE B 60 -20.04 -2.05 43.35
C ILE B 60 -19.75 -3.43 42.76
N TYR B 61 -20.20 -3.66 41.53
CA TYR B 61 -20.02 -4.95 40.83
C TYR B 61 -19.21 -4.68 39.57
N LEU B 62 -18.01 -5.24 39.50
CA LEU B 62 -17.14 -5.10 38.29
C LEU B 62 -17.16 -6.42 37.53
N TYR B 63 -17.81 -6.43 36.38
CA TYR B 63 -17.86 -7.55 35.44
C TYR B 63 -16.57 -7.51 34.63
N ILE B 64 -15.92 -8.66 34.52
CA ILE B 64 -14.63 -8.78 33.77
C ILE B 64 -14.77 -9.84 32.70
N ASN B 65 -14.67 -9.38 31.46
CA ASN B 65 -14.47 -10.22 30.27
C ASN B 65 -13.38 -9.53 29.44
N SER B 66 -12.13 -9.85 29.70
CA SER B 66 -11.00 -9.04 29.17
C SER B 66 -9.81 -9.93 28.92
N PRO B 67 -9.11 -9.69 27.80
CA PRO B 67 -7.84 -10.37 27.54
C PRO B 67 -6.64 -9.67 28.20
N GLY B 68 -6.90 -8.61 28.96
CA GLY B 68 -5.86 -7.82 29.63
C GLY B 68 -5.48 -6.65 28.77
N GLY B 69 -4.22 -6.21 28.87
CA GLY B 69 -3.74 -5.01 28.18
C GLY B 69 -2.70 -4.31 28.99
N SER B 70 -2.74 -3.00 29.00
CA SER B 70 -1.69 -2.14 29.59
C SER B 70 -1.61 -2.42 31.09
N VAL B 71 -0.41 -2.69 31.59
CA VAL B 71 -0.21 -2.89 33.05
C VAL B 71 -0.45 -1.57 33.79
N THR B 72 0.03 -0.44 33.30
CA THR B 72 -0.19 0.84 34.02
C THR B 72 -1.67 1.20 33.99
N ALA B 73 -2.37 0.97 32.89
CA ALA B 73 -3.83 1.21 32.83
C ALA B 73 -4.52 0.29 33.85
N GLY B 74 -4.10 -0.96 33.90
CA GLY B 74 -4.64 -1.92 34.90
C GLY B 74 -4.41 -1.43 36.32
N PHE B 75 -3.23 -0.87 36.58
CA PHE B 75 -2.94 -0.33 37.95
C PHE B 75 -3.73 0.92 38.26
N ALA B 76 -4.13 1.70 37.26
CA ALA B 76 -5.05 2.85 37.48
C ALA B 76 -6.36 2.29 38.08
N ILE B 77 -6.87 1.21 37.49
CA ILE B 77 -8.13 0.57 37.99
C ILE B 77 -7.86 -0.05 39.36
N TYR B 78 -6.80 -0.83 39.51
CA TYR B 78 -6.46 -1.55 40.76
C TYR B 78 -6.41 -0.55 41.91
N ASP B 79 -5.66 0.54 41.75
CA ASP B 79 -5.44 1.48 42.88
C ASP B 79 -6.74 2.19 43.18
N THR B 80 -7.56 2.49 42.18
CA THR B 80 -8.85 3.18 42.42
C THR B 80 -9.76 2.21 43.21
N ILE B 81 -9.82 0.95 42.83
CA ILE B 81 -10.58 -0.07 43.62
C ILE B 81 -10.12 -0.03 45.10
N GLN B 82 -8.83 -0.07 45.35
CA GLN B 82 -8.36 -0.18 46.75
C GLN B 82 -8.62 1.16 47.47
N HIS B 83 -8.61 2.27 46.76
CA HIS B 83 -8.73 3.62 47.37
C HIS B 83 -10.15 3.84 47.89
N ILE B 84 -11.16 3.47 47.12
CA ILE B 84 -12.54 3.91 47.42
C ILE B 84 -13.10 3.10 48.60
N LYS B 85 -14.13 3.63 49.24
CA LYS B 85 -14.73 3.00 50.45
C LYS B 85 -15.59 1.77 50.10
N PRO B 86 -16.48 1.79 49.09
CA PRO B 86 -17.30 0.62 48.79
C PRO B 86 -16.45 -0.59 48.42
N ASP B 87 -16.91 -1.78 48.86
CA ASP B 87 -16.39 -3.06 48.35
C ASP B 87 -16.66 -3.14 46.84
N VAL B 88 -15.67 -3.60 46.07
CA VAL B 88 -15.85 -3.86 44.63
C VAL B 88 -15.83 -5.36 44.44
N GLN B 89 -16.98 -5.92 44.12
CA GLN B 89 -17.08 -7.36 43.79
C GLN B 89 -16.51 -7.51 42.36
N THR B 90 -15.84 -8.61 42.11
CA THR B 90 -15.38 -8.91 40.74
C THR B 90 -16.05 -10.19 40.27
N ILE B 91 -16.48 -10.20 39.02
CA ILE B 91 -17.15 -11.39 38.45
C ILE B 91 -16.56 -11.63 37.05
N CYS B 92 -15.89 -12.76 36.90
CA CYS B 92 -15.34 -13.18 35.60
C CYS B 92 -16.40 -13.92 34.81
N ILE B 93 -16.71 -13.42 33.62
CA ILE B 93 -17.63 -14.06 32.65
C ILE B 93 -16.88 -14.12 31.32
N GLY B 94 -16.79 -15.28 30.70
CA GLY B 94 -16.05 -15.42 29.43
C GLY B 94 -14.60 -15.70 29.72
N MET B 95 -13.80 -14.64 29.91
N MET B 95 -13.79 -14.64 29.91
CA MET B 95 -12.34 -14.81 30.10
CA MET B 95 -12.33 -14.80 30.10
C MET B 95 -11.78 -13.64 30.92
C MET B 95 -11.78 -13.64 30.92
N ALA B 96 -10.83 -13.92 31.79
CA ALA B 96 -9.99 -12.88 32.42
C ALA B 96 -8.57 -13.34 32.20
N ALA B 97 -7.83 -12.66 31.35
CA ALA B 97 -6.44 -13.04 31.08
C ALA B 97 -5.51 -11.90 31.42
N SER B 98 -4.32 -12.26 31.84
CA SER B 98 -3.21 -11.31 32.06
C SER B 98 -3.68 -10.22 33.03
N MET B 99 -3.60 -8.95 32.67
CA MET B 99 -4.02 -7.88 33.61
C MET B 99 -5.51 -8.03 33.99
N GLY B 100 -6.32 -8.68 33.15
CA GLY B 100 -7.72 -8.98 33.49
C GLY B 100 -7.82 -9.93 34.67
N SER B 101 -6.98 -10.95 34.73
CA SER B 101 -7.00 -11.91 35.86
C SER B 101 -6.43 -11.22 37.12
N PHE B 102 -5.49 -10.30 36.94
CA PHE B 102 -4.97 -9.52 38.08
C PHE B 102 -6.10 -8.70 38.68
N LEU B 103 -6.92 -8.05 37.87
CA LEU B 103 -8.01 -7.22 38.40
C LEU B 103 -9.07 -8.14 39.01
N LEU B 104 -9.32 -9.32 38.44
CA LEU B 104 -10.28 -10.27 39.06
C LEU B 104 -9.85 -10.56 40.51
N ALA B 105 -8.56 -10.84 40.69
CA ALA B 105 -7.99 -11.19 42.02
C ALA B 105 -8.02 -9.98 42.97
N ALA B 106 -8.23 -8.78 42.45
CA ALA B 106 -8.15 -7.50 43.20
C ALA B 106 -9.48 -7.14 43.87
N GLY B 107 -10.55 -7.88 43.60
CA GLY B 107 -11.87 -7.62 44.18
C GLY B 107 -11.85 -7.78 45.69
N ALA B 108 -12.90 -7.28 46.33
CA ALA B 108 -13.07 -7.40 47.80
C ALA B 108 -12.95 -8.86 48.23
N LYS B 109 -12.20 -9.12 49.30
CA LYS B 109 -12.00 -10.50 49.79
C LYS B 109 -13.37 -11.11 50.14
N GLY B 110 -13.63 -12.29 49.60
CA GLY B 110 -14.91 -13.01 49.71
C GLY B 110 -15.90 -12.65 48.63
N LYS B 111 -15.60 -11.67 47.78
CA LYS B 111 -16.55 -11.20 46.75
C LYS B 111 -15.89 -11.22 45.35
N ARG B 112 -15.02 -12.20 45.15
CA ARG B 112 -14.42 -12.44 43.82
C ARG B 112 -15.02 -13.75 43.28
N PHE B 113 -15.64 -13.67 42.10
CA PHE B 113 -16.42 -14.78 41.55
C PHE B 113 -16.02 -15.05 40.11
N ALA B 114 -16.31 -16.27 39.66
CA ALA B 114 -16.33 -16.59 38.21
C ALA B 114 -17.54 -17.47 37.95
N LEU B 115 -18.12 -17.34 36.76
CA LEU B 115 -19.16 -18.31 36.31
C LEU B 115 -18.47 -19.57 35.84
N PRO B 116 -19.17 -20.73 35.86
CA PRO B 116 -18.49 -22.02 35.79
C PRO B 116 -17.62 -22.29 34.57
N ASN B 117 -17.97 -21.72 33.42
CA ASN B 117 -17.24 -21.95 32.15
C ASN B 117 -16.34 -20.78 31.82
N ALA B 118 -16.17 -19.82 32.73
CA ALA B 118 -15.22 -18.71 32.53
C ALA B 118 -13.80 -19.26 32.58
N GLU B 119 -12.93 -18.63 31.79
N GLU B 119 -12.93 -18.63 31.79
CA GLU B 119 -11.50 -19.02 31.66
CA GLU B 119 -11.49 -19.02 31.65
C GLU B 119 -10.66 -17.95 32.34
C GLU B 119 -10.66 -17.95 32.34
N VAL B 120 -9.67 -18.35 33.10
CA VAL B 120 -8.73 -17.41 33.75
C VAL B 120 -7.35 -17.78 33.23
N MET B 121 -6.57 -16.80 32.80
CA MET B 121 -5.21 -17.14 32.32
C MET B 121 -4.23 -16.17 33.01
N ILE B 122 -3.14 -16.71 33.52
CA ILE B 122 -2.08 -15.89 34.15
C ILE B 122 -0.78 -16.13 33.38
N HIS B 123 0.04 -15.12 33.25
CA HIS B 123 1.33 -15.20 32.54
C HIS B 123 2.18 -13.98 32.90
N GLN B 124 3.42 -14.01 32.50
CA GLN B 124 4.30 -12.87 32.77
C GLN B 124 4.00 -11.73 31.81
N PRO B 125 4.35 -10.49 32.20
CA PRO B 125 4.14 -9.34 31.36
C PRO B 125 4.96 -9.39 30.06
N LEU B 126 4.41 -8.75 29.03
CA LEU B 126 4.99 -8.65 27.67
C LEU B 126 5.46 -7.23 27.42
N GLY B 127 6.51 -7.07 26.63
CA GLY B 127 6.91 -5.72 26.22
C GLY B 127 7.94 -5.76 25.10
N GLY B 128 8.71 -4.71 24.99
CA GLY B 128 9.72 -4.68 23.94
C GLY B 128 10.64 -3.52 24.16
N ALA B 129 11.78 -3.54 23.49
CA ALA B 129 12.77 -2.47 23.63
C ALA B 129 13.63 -2.48 22.36
N GLN B 130 13.98 -1.31 21.84
CA GLN B 130 14.91 -1.21 20.71
C GLN B 130 15.84 -0.05 21.01
N GLY B 131 17.10 -0.18 20.67
CA GLY B 131 18.01 0.96 20.69
C GLY B 131 19.35 0.51 21.24
N GLN B 132 20.02 1.42 21.93
CA GLN B 132 21.36 1.15 22.49
C GLN B 132 21.28 0.10 23.59
N ALA B 133 22.38 -0.62 23.81
CA ALA B 133 22.51 -1.59 24.90
C ALA B 133 22.00 -0.98 26.20
N THR B 134 22.39 0.23 26.57
CA THR B 134 21.98 0.82 27.87
C THR B 134 20.47 1.10 27.88
N GLU B 135 19.86 1.42 26.75
CA GLU B 135 18.38 1.64 26.65
C GLU B 135 17.68 0.29 26.85
N ILE B 136 18.21 -0.76 26.24
CA ILE B 136 17.62 -2.12 26.37
C ILE B 136 17.72 -2.53 27.85
N GLU B 137 18.86 -2.24 28.50
CA GLU B 137 19.04 -2.58 29.93
C GLU B 137 17.98 -1.87 30.77
N ILE B 138 17.76 -0.58 30.54
CA ILE B 138 16.73 0.19 31.29
C ILE B 138 15.35 -0.45 31.09
N ALA B 139 15.00 -0.80 29.85
CA ALA B 139 13.68 -1.39 29.54
C ALA B 139 13.57 -2.76 30.24
N ALA B 140 14.63 -3.57 30.22
CA ALA B 140 14.61 -4.91 30.83
C ALA B 140 14.41 -4.74 32.36
N ASN B 141 15.19 -3.86 32.96
CA ASN B 141 15.08 -3.63 34.42
C ASN B 141 13.66 -3.20 34.76
N HIS B 142 13.05 -2.35 33.95
CA HIS B 142 11.69 -1.83 34.20
C HIS B 142 10.67 -2.99 34.13
N ILE B 143 10.75 -3.81 33.09
CA ILE B 143 9.72 -4.88 32.98
C ILE B 143 9.94 -5.93 34.05
N LEU B 144 11.17 -6.20 34.46
CA LEU B 144 11.43 -7.17 35.54
C LEU B 144 10.90 -6.61 36.87
N LYS B 145 11.06 -5.33 37.12
CA LYS B 145 10.53 -4.70 38.36
C LYS B 145 9.00 -4.71 38.32
N THR B 146 8.41 -4.48 37.16
CA THR B 146 6.94 -4.55 37.00
C THR B 146 6.47 -5.97 37.31
N ARG B 147 7.16 -6.98 36.80
CA ARG B 147 6.79 -8.37 37.10
C ARG B 147 6.86 -8.64 38.61
N GLU B 148 7.92 -8.17 39.27
CA GLU B 148 8.07 -8.37 40.73
C GLU B 148 6.89 -7.73 41.45
N LYS B 149 6.47 -6.55 41.03
CA LYS B 149 5.36 -5.79 41.65
C LYS B 149 4.06 -6.59 41.50
N LEU B 150 3.79 -7.05 40.26
CA LEU B 150 2.57 -7.86 40.00
C LEU B 150 2.58 -9.12 40.86
N ASN B 151 3.70 -9.81 40.91
CA ASN B 151 3.80 -11.11 41.60
C ASN B 151 3.63 -10.91 43.11
N ARG B 152 4.20 -9.83 43.66
N ARG B 152 4.20 -9.83 43.66
CA ARG B 152 4.08 -9.54 45.11
CA ARG B 152 4.08 -9.54 45.11
C ARG B 152 2.61 -9.33 45.45
C ARG B 152 2.61 -9.33 45.45
N ILE B 153 1.91 -8.53 44.65
CA ILE B 153 0.49 -8.25 44.94
C ILE B 153 -0.31 -9.54 44.73
N LEU B 154 -0.05 -10.29 43.66
CA LEU B 154 -0.82 -11.54 43.46
C LEU B 154 -0.58 -12.52 44.61
N SER B 155 0.64 -12.57 45.13
CA SER B 155 0.97 -13.41 46.34
C SER B 155 0.09 -12.98 47.52
N GLU B 156 -0.01 -11.68 47.76
CA GLU B 156 -0.84 -11.14 48.86
C GLU B 156 -2.32 -11.49 48.66
N ARG B 157 -2.82 -11.41 47.42
N ARG B 157 -2.82 -11.41 47.42
CA ARG B 157 -4.27 -11.54 47.12
CA ARG B 157 -4.27 -11.54 47.12
C ARG B 157 -4.67 -13.03 47.06
C ARG B 157 -4.67 -13.03 47.06
N THR B 158 -3.73 -13.94 46.75
CA THR B 158 -4.05 -15.38 46.53
C THR B 158 -3.64 -16.25 47.73
N GLY B 159 -2.64 -15.80 48.50
CA GLY B 159 -2.00 -16.63 49.53
C GLY B 159 -0.95 -17.56 48.99
N GLN B 160 -0.62 -17.52 47.69
CA GLN B 160 0.46 -18.35 47.12
C GLN B 160 1.77 -17.61 47.35
N SER B 161 2.86 -18.33 47.43
CA SER B 161 4.20 -17.74 47.58
C SER B 161 4.58 -17.02 46.28
N ILE B 162 5.46 -16.03 46.40
CA ILE B 162 6.03 -15.36 45.20
C ILE B 162 6.74 -16.39 44.32
N GLU B 163 7.46 -17.34 44.91
CA GLU B 163 8.19 -18.38 44.15
C GLU B 163 7.21 -19.20 43.29
N LYS B 164 6.07 -19.59 43.87
CA LYS B 164 5.06 -20.39 43.13
C LYS B 164 4.46 -19.53 41.99
N ILE B 165 4.11 -18.29 42.28
CA ILE B 165 3.52 -17.39 41.24
C ILE B 165 4.52 -17.23 40.10
N GLN B 166 5.79 -17.02 40.40
CA GLN B 166 6.85 -16.86 39.37
C GLN B 166 6.87 -18.12 38.48
N LYS B 167 6.89 -19.29 39.07
CA LYS B 167 6.94 -20.56 38.30
C LYS B 167 5.66 -20.70 37.46
N ASP B 168 4.51 -20.40 38.06
CA ASP B 168 3.20 -20.68 37.44
C ASP B 168 2.88 -19.65 36.33
N THR B 169 3.62 -18.54 36.24
CA THR B 169 3.36 -17.49 35.24
C THR B 169 4.48 -17.46 34.19
N ASP B 170 5.43 -18.39 34.25
CA ASP B 170 6.57 -18.39 33.28
C ASP B 170 6.04 -18.47 31.85
N ARG B 171 5.01 -19.30 31.63
CA ARG B 171 4.32 -19.42 30.32
C ARG B 171 2.82 -19.25 30.56
N ASP B 172 2.06 -19.19 29.48
CA ASP B 172 0.59 -19.04 29.60
C ASP B 172 0.05 -20.20 30.41
N ASN B 173 -0.72 -19.87 31.43
CA ASN B 173 -1.28 -20.86 32.35
C ASN B 173 -2.78 -20.66 32.41
N PHE B 174 -3.54 -21.55 31.77
CA PHE B 174 -5.02 -21.48 31.69
C PHE B 174 -5.61 -22.25 32.86
N LEU B 175 -6.53 -21.61 33.58
CA LEU B 175 -7.24 -22.21 34.72
C LEU B 175 -8.74 -22.22 34.41
N THR B 176 -9.40 -23.29 34.81
CA THR B 176 -10.87 -23.29 34.93
C THR B 176 -11.31 -22.39 36.09
N ALA B 177 -12.59 -22.10 36.18
CA ALA B 177 -13.13 -21.32 37.31
C ALA B 177 -12.81 -22.05 38.62
N GLU B 178 -13.02 -23.37 38.67
CA GLU B 178 -12.74 -24.15 39.89
C GLU B 178 -11.25 -24.12 40.22
N GLU B 179 -10.37 -24.21 39.22
CA GLU B 179 -8.91 -24.12 39.46
C GLU B 179 -8.55 -22.72 39.96
N ALA B 180 -9.18 -21.67 39.46
CA ALA B 180 -8.93 -20.28 39.88
C ALA B 180 -9.32 -20.13 41.35
N LYS B 181 -10.40 -20.79 41.76
CA LYS B 181 -10.82 -20.78 43.19
C LYS B 181 -9.78 -21.51 44.02
N GLU B 182 -9.34 -22.69 43.61
CA GLU B 182 -8.31 -23.47 44.34
C GLU B 182 -7.03 -22.65 44.45
N TYR B 183 -6.71 -21.87 43.41
CA TYR B 183 -5.47 -21.07 43.38
C TYR B 183 -5.55 -19.86 44.33
N GLY B 184 -6.76 -19.38 44.63
CA GLY B 184 -6.96 -18.16 45.43
C GLY B 184 -7.16 -16.90 44.61
N LEU B 185 -7.34 -17.02 43.28
CA LEU B 185 -7.64 -15.84 42.43
C LEU B 185 -9.09 -15.40 42.59
N ILE B 186 -9.99 -16.33 42.91
CA ILE B 186 -11.40 -16.00 43.23
C ILE B 186 -11.76 -16.72 44.53
N ASP B 187 -12.87 -16.32 45.09
CA ASP B 187 -13.42 -16.92 46.33
C ASP B 187 -14.44 -18.01 46.02
N GLU B 188 -15.26 -17.84 45.00
CA GLU B 188 -16.37 -18.78 44.73
C GLU B 188 -16.65 -18.86 43.23
N VAL B 189 -17.05 -20.06 42.82
CA VAL B 189 -17.68 -20.26 41.49
C VAL B 189 -19.17 -20.05 41.67
N MET B 190 -19.76 -19.13 40.94
CA MET B 190 -21.21 -18.82 41.03
C MET B 190 -21.96 -19.90 40.23
N VAL B 191 -22.45 -20.95 40.89
CA VAL B 191 -23.10 -22.11 40.21
C VAL B 191 -24.57 -21.75 39.95
N PRO B 192 -25.15 -22.15 38.80
CA PRO B 192 -26.51 -21.72 38.47
C PRO B 192 -27.58 -22.47 39.30
N LEU C 3 -29.85 4.45 9.18
CA LEU C 3 -29.59 3.01 8.89
C LEU C 3 -30.52 2.13 9.74
N ILE C 4 -30.49 2.26 11.08
CA ILE C 4 -31.39 1.55 12.03
C ILE C 4 -32.59 2.44 12.33
N PRO C 5 -33.83 2.06 12.03
CA PRO C 5 -34.95 2.96 12.26
C PRO C 5 -35.30 3.14 13.74
N THR C 6 -36.00 4.23 14.02
CA THR C 6 -36.51 4.66 15.33
C THR C 6 -38.01 4.44 15.39
N VAL C 7 -38.52 4.03 16.56
CA VAL C 7 -39.98 3.95 16.85
C VAL C 7 -40.27 4.92 18.02
N ILE C 8 -41.32 5.74 17.96
CA ILE C 8 -41.57 6.76 19.02
C ILE C 8 -42.85 6.40 19.78
N GLU C 9 -42.73 6.25 21.11
CA GLU C 9 -43.90 6.01 21.99
C GLU C 9 -43.90 7.07 23.10
N ALA C 17 -38.80 7.41 22.45
CA ALA C 17 -37.98 7.21 21.22
C ALA C 17 -36.94 6.08 21.41
N TYR C 18 -37.09 5.01 20.65
CA TYR C 18 -36.27 3.77 20.72
C TYR C 18 -35.73 3.47 19.32
N ASP C 19 -34.47 3.07 19.17
CA ASP C 19 -34.06 2.34 17.94
C ASP C 19 -34.84 1.01 17.94
N ILE C 20 -34.95 0.36 16.78
CA ILE C 20 -35.82 -0.84 16.65
C ILE C 20 -35.37 -1.93 17.64
N TYR C 21 -34.08 -2.10 17.87
CA TYR C 21 -33.58 -3.17 18.77
C TYR C 21 -33.98 -2.88 20.21
N SER C 22 -33.87 -1.61 20.64
CA SER C 22 -34.28 -1.19 21.99
C SER C 22 -35.79 -1.40 22.16
N ARG C 23 -36.57 -1.20 21.12
CA ARG C 23 -38.03 -1.41 21.18
C ARG C 23 -38.32 -2.90 21.38
N LEU C 24 -37.60 -3.78 20.69
CA LEU C 24 -37.79 -5.23 20.89
C LEU C 24 -37.36 -5.62 22.31
N LEU C 25 -36.28 -5.02 22.82
CA LEU C 25 -35.78 -5.36 24.16
C LEU C 25 -36.85 -5.02 25.21
N LYS C 26 -37.63 -3.98 24.99
CA LYS C 26 -38.76 -3.62 25.88
C LYS C 26 -39.73 -4.79 25.98
N ASP C 27 -39.86 -5.62 24.93
N ASP C 27 -39.86 -5.62 24.93
CA ASP C 27 -40.71 -6.83 24.92
CA ASP C 27 -40.72 -6.82 24.92
C ASP C 27 -39.89 -8.11 25.16
C ASP C 27 -39.89 -8.11 25.16
N ARG C 28 -38.72 -7.98 25.77
CA ARG C 28 -37.87 -9.09 26.26
C ARG C 28 -37.32 -9.90 25.09
N ILE C 29 -37.11 -9.27 23.96
CA ILE C 29 -36.48 -9.91 22.76
C ILE C 29 -35.07 -9.35 22.60
N ILE C 30 -34.11 -10.25 22.51
CA ILE C 30 -32.68 -9.93 22.30
C ILE C 30 -32.32 -10.48 20.90
N MET C 31 -31.75 -9.64 20.05
CA MET C 31 -31.47 -10.00 18.62
C MET C 31 -29.97 -10.20 18.45
N LEU C 32 -29.55 -11.44 18.21
CA LEU C 32 -28.11 -11.77 17.99
C LEU C 32 -28.02 -11.99 16.50
N GLY C 33 -27.59 -11.00 15.71
CA GLY C 33 -27.50 -11.07 14.26
C GLY C 33 -26.08 -10.83 13.71
N SER C 34 -25.07 -11.18 14.46
CA SER C 34 -23.68 -10.93 13.96
C SER C 34 -22.74 -12.02 14.46
N GLN C 35 -21.48 -11.89 14.06
CA GLN C 35 -20.38 -12.67 14.66
C GLN C 35 -20.38 -12.42 16.17
N ILE C 36 -20.02 -13.44 16.93
CA ILE C 36 -19.86 -13.34 18.40
C ILE C 36 -18.46 -12.87 18.74
N ASP C 37 -18.36 -11.66 19.26
CA ASP C 37 -17.09 -11.12 19.78
C ASP C 37 -17.37 -10.56 21.17
N ASP C 38 -16.33 -10.07 21.83
CA ASP C 38 -16.48 -9.61 23.23
C ASP C 38 -17.52 -8.49 23.29
N ASN C 39 -17.57 -7.58 22.31
CA ASN C 39 -18.52 -6.44 22.32
C ASN C 39 -19.96 -6.96 22.28
N VAL C 40 -20.24 -7.89 21.39
CA VAL C 40 -21.58 -8.51 21.23
C VAL C 40 -21.91 -9.24 22.54
N ALA C 41 -20.99 -10.00 23.09
CA ALA C 41 -21.24 -10.76 24.33
C ALA C 41 -21.55 -9.79 25.47
N ASN C 42 -20.77 -8.72 25.59
CA ASN C 42 -20.97 -7.74 26.69
C ASN C 42 -22.38 -7.16 26.58
N SER C 43 -22.80 -6.85 25.38
CA SER C 43 -24.14 -6.25 25.16
C SER C 43 -25.23 -7.28 25.52
N ILE C 44 -25.10 -8.52 25.05
CA ILE C 44 -26.14 -9.55 25.29
C ILE C 44 -26.17 -9.88 26.78
N VAL C 45 -25.03 -10.03 27.44
CA VAL C 45 -24.97 -10.27 28.90
C VAL C 45 -25.71 -9.12 29.63
N SER C 46 -25.44 -7.88 29.24
CA SER C 46 -26.06 -6.71 29.87
C SER C 46 -27.58 -6.75 29.69
N GLN C 47 -28.04 -7.11 28.48
CA GLN C 47 -29.47 -7.20 28.17
C GLN C 47 -30.12 -8.30 29.02
N LEU C 48 -29.48 -9.46 29.15
CA LEU C 48 -30.02 -10.57 29.97
C LEU C 48 -30.15 -10.14 31.43
N LEU C 49 -29.11 -9.51 31.97
N LEU C 49 -29.11 -9.50 31.98
CA LEU C 49 -29.13 -9.08 33.40
CA LEU C 49 -29.13 -9.08 33.40
C LEU C 49 -30.23 -8.03 33.61
C LEU C 49 -30.23 -8.03 33.61
N PHE C 50 -30.35 -7.08 32.68
CA PHE C 50 -31.40 -6.04 32.73
C PHE C 50 -32.79 -6.68 32.71
N LEU C 51 -33.02 -7.64 31.80
CA LEU C 51 -34.35 -8.25 31.68
C LEU C 51 -34.67 -9.05 32.95
N GLN C 52 -33.70 -9.72 33.55
CA GLN C 52 -33.92 -10.47 34.80
C GLN C 52 -34.36 -9.46 35.89
N ALA C 53 -33.71 -8.31 35.94
CA ALA C 53 -34.01 -7.28 36.97
C ALA C 53 -35.42 -6.74 36.75
N GLN C 54 -35.84 -6.54 35.50
CA GLN C 54 -37.19 -6.04 35.21
C GLN C 54 -38.25 -7.06 35.63
N ASP C 55 -38.01 -8.34 35.38
CA ASP C 55 -39.00 -9.41 35.69
C ASP C 55 -38.25 -10.73 35.73
N SER C 56 -38.15 -11.33 36.91
CA SER C 56 -37.35 -12.56 37.10
C SER C 56 -38.14 -13.80 36.63
N GLU C 57 -39.42 -13.68 36.28
CA GLU C 57 -40.28 -14.86 35.98
C GLU C 57 -40.60 -14.97 34.48
N LYS C 58 -40.68 -13.86 33.76
CA LYS C 58 -41.18 -13.89 32.36
C LYS C 58 -40.04 -14.36 31.44
N ASP C 59 -40.41 -15.15 30.46
CA ASP C 59 -39.45 -15.67 29.44
C ASP C 59 -38.76 -14.49 28.73
N ILE C 60 -37.56 -14.79 28.26
CA ILE C 60 -36.74 -13.94 27.36
C ILE C 60 -36.65 -14.69 26.02
N TYR C 61 -36.58 -13.95 24.92
CA TYR C 61 -36.52 -14.54 23.57
C TYR C 61 -35.23 -14.13 22.90
N LEU C 62 -34.33 -15.07 22.65
CA LEU C 62 -33.02 -14.77 22.01
C LEU C 62 -33.07 -15.27 20.56
N TYR C 63 -33.12 -14.35 19.61
CA TYR C 63 -33.07 -14.66 18.18
C TYR C 63 -31.59 -14.81 17.78
N ILE C 64 -31.28 -15.85 17.05
CA ILE C 64 -29.88 -16.16 16.65
C ILE C 64 -29.81 -16.32 15.13
N ASN C 65 -29.02 -15.42 14.54
CA ASN C 65 -28.55 -15.49 13.14
C ASN C 65 -27.07 -15.13 13.24
N SER C 66 -26.22 -16.14 13.39
CA SER C 66 -24.79 -15.88 13.66
C SER C 66 -23.94 -16.95 13.02
N PRO C 67 -22.80 -16.55 12.43
CA PRO C 67 -21.77 -17.50 12.00
C PRO C 67 -20.85 -17.98 13.10
N GLY C 68 -21.08 -17.56 14.32
CA GLY C 68 -20.29 -17.90 15.52
C GLY C 68 -19.22 -16.86 15.73
N GLY C 69 -18.05 -17.27 16.24
CA GLY C 69 -17.03 -16.33 16.70
C GLY C 69 -16.34 -16.87 17.94
N SER C 70 -16.01 -15.96 18.84
CA SER C 70 -15.12 -16.22 19.99
C SER C 70 -15.80 -17.23 20.92
N VAL C 71 -15.08 -18.30 21.27
CA VAL C 71 -15.58 -19.31 22.23
C VAL C 71 -15.75 -18.66 23.61
N THR C 72 -14.79 -17.89 24.08
CA THR C 72 -14.90 -17.27 25.42
C THR C 72 -16.05 -16.26 25.44
N ALA C 73 -16.24 -15.49 24.37
CA ALA C 73 -17.37 -14.55 24.29
C ALA C 73 -18.68 -15.35 24.31
N GLY C 74 -18.73 -16.46 23.57
CA GLY C 74 -19.90 -17.35 23.60
C GLY C 74 -20.16 -17.88 24.98
N PHE C 75 -19.13 -18.23 25.73
CA PHE C 75 -19.32 -18.75 27.12
C PHE C 75 -19.79 -17.65 28.06
N ALA C 76 -19.44 -16.39 27.81
CA ALA C 76 -20.00 -15.28 28.62
C ALA C 76 -21.53 -15.29 28.47
N ILE C 77 -22.02 -15.45 27.24
CA ILE C 77 -23.48 -15.50 26.99
C ILE C 77 -24.06 -16.78 27.60
N TYR C 78 -23.45 -17.92 27.32
CA TYR C 78 -23.95 -19.23 27.80
C TYR C 78 -24.12 -19.19 29.33
N ASP C 79 -23.08 -18.77 30.06
CA ASP C 79 -23.12 -18.84 31.53
C ASP C 79 -24.16 -17.85 32.05
N THR C 80 -24.32 -16.70 31.40
CA THR C 80 -25.31 -15.71 31.85
C THR C 80 -26.71 -16.29 31.65
N ILE C 81 -26.96 -16.93 30.51
CA ILE C 81 -28.27 -17.63 30.28
C ILE C 81 -28.52 -18.59 31.44
N GLN C 82 -27.56 -19.44 31.79
CA GLN C 82 -27.82 -20.48 32.79
C GLN C 82 -27.96 -19.84 34.17
N HIS C 83 -27.30 -18.72 34.43
CA HIS C 83 -27.28 -18.07 35.74
C HIS C 83 -28.65 -17.46 36.07
N ILE C 84 -29.27 -16.78 35.11
CA ILE C 84 -30.44 -15.92 35.41
C ILE C 84 -31.67 -16.82 35.65
N LYS C 85 -32.67 -16.26 36.33
CA LYS C 85 -33.89 -17.04 36.67
C LYS C 85 -34.84 -17.24 35.49
N PRO C 86 -35.13 -16.24 34.64
CA PRO C 86 -36.03 -16.45 33.51
C PRO C 86 -35.53 -17.51 32.53
N ASP C 87 -36.45 -18.28 31.98
CA ASP C 87 -36.16 -19.15 30.81
C ASP C 87 -35.77 -18.25 29.63
N VAL C 88 -34.73 -18.66 28.89
CA VAL C 88 -34.33 -17.98 27.62
C VAL C 88 -34.69 -18.91 26.48
N GLN C 89 -35.67 -18.54 25.71
CA GLN C 89 -36.04 -19.25 24.48
C GLN C 89 -34.99 -18.88 23.42
N THR C 90 -34.61 -19.84 22.60
CA THR C 90 -33.69 -19.55 21.47
C THR C 90 -34.42 -19.85 20.16
N ILE C 91 -34.23 -18.98 19.18
CA ILE C 91 -34.89 -19.12 17.87
C ILE C 91 -33.83 -18.87 16.80
N CYS C 92 -33.53 -19.89 16.03
CA CYS C 92 -32.57 -19.78 14.91
C CYS C 92 -33.34 -19.33 13.68
N ILE C 93 -32.89 -18.22 13.08
N ILE C 93 -32.89 -18.22 13.08
CA ILE C 93 -33.39 -17.68 11.80
CA ILE C 93 -33.39 -17.70 11.79
C ILE C 93 -32.14 -17.45 10.93
C ILE C 93 -32.12 -17.47 10.94
N GLY C 94 -32.13 -17.91 9.70
CA GLY C 94 -30.98 -17.74 8.78
C GLY C 94 -29.99 -18.86 9.02
N MET C 95 -29.08 -18.66 9.97
N MET C 95 -29.09 -18.66 9.98
CA MET C 95 -28.01 -19.63 10.28
CA MET C 95 -28.01 -19.63 10.28
C MET C 95 -27.61 -19.51 11.75
C MET C 95 -27.61 -19.50 11.74
N ALA C 96 -27.29 -20.63 12.37
CA ALA C 96 -26.55 -20.66 13.63
C ALA C 96 -25.38 -21.60 13.38
N ALA C 97 -24.19 -21.07 13.32
CA ALA C 97 -22.99 -21.88 13.05
C ALA C 97 -22.02 -21.75 14.20
N SER C 98 -21.30 -22.83 14.45
CA SER C 98 -20.18 -22.87 15.41
C SER C 98 -20.69 -22.41 16.77
N MET C 99 -20.11 -21.39 17.38
CA MET C 99 -20.56 -20.97 18.71
C MET C 99 -22.02 -20.51 18.66
N GLY C 100 -22.53 -20.07 17.49
CA GLY C 100 -23.95 -19.73 17.32
C GLY C 100 -24.84 -20.95 17.55
N SER C 101 -24.46 -22.12 17.03
CA SER C 101 -25.26 -23.35 17.22
C SER C 101 -25.14 -23.80 18.68
N PHE C 102 -24.00 -23.57 19.30
CA PHE C 102 -23.83 -23.89 20.74
C PHE C 102 -24.83 -23.07 21.57
N LEU C 103 -24.96 -21.78 21.26
CA LEU C 103 -25.91 -20.95 22.02
C LEU C 103 -27.34 -21.34 21.70
N LEU C 104 -27.64 -21.71 20.46
CA LEU C 104 -29.00 -22.18 20.13
C LEU C 104 -29.36 -23.37 21.04
N ALA C 105 -28.44 -24.31 21.19
CA ALA C 105 -28.66 -25.54 21.99
C ALA C 105 -28.74 -25.22 23.47
N ALA C 106 -28.34 -24.01 23.90
CA ALA C 106 -28.24 -23.59 25.31
C ALA C 106 -29.57 -23.01 25.83
N GLY C 107 -30.56 -22.83 24.96
CA GLY C 107 -31.86 -22.29 25.36
C GLY C 107 -32.56 -23.22 26.34
N ALA C 108 -33.59 -22.69 27.00
CA ALA C 108 -34.40 -23.47 27.96
C ALA C 108 -34.92 -24.75 27.29
N LYS C 109 -34.83 -25.87 28.01
CA LYS C 109 -35.30 -27.17 27.45
C LYS C 109 -36.78 -27.07 27.09
N GLY C 110 -37.11 -27.44 25.85
CA GLY C 110 -38.44 -27.35 25.27
C GLY C 110 -38.71 -26.02 24.59
N LYS C 111 -37.79 -25.06 24.67
CA LYS C 111 -38.02 -23.71 24.12
C LYS C 111 -36.84 -23.32 23.19
N ARG C 112 -36.31 -24.30 22.49
CA ARG C 112 -35.27 -24.07 21.45
C ARG C 112 -35.91 -24.35 20.10
N PHE C 113 -35.89 -23.36 19.21
CA PHE C 113 -36.65 -23.43 17.94
C PHE C 113 -35.75 -23.07 16.76
N ALA C 114 -36.16 -23.48 15.59
CA ALA C 114 -35.61 -22.95 14.31
C ALA C 114 -36.76 -22.77 13.35
N LEU C 115 -36.68 -21.76 12.49
CA LEU C 115 -37.65 -21.63 11.38
C LEU C 115 -37.22 -22.60 10.28
N PRO C 116 -38.15 -22.99 9.39
CA PRO C 116 -37.97 -24.19 8.57
C PRO C 116 -36.77 -24.16 7.62
N ASN C 117 -36.38 -22.98 7.14
CA ASN C 117 -35.27 -22.87 6.17
C ASN C 117 -34.00 -22.41 6.84
N ALA C 118 -33.98 -22.32 8.17
CA ALA C 118 -32.76 -21.97 8.91
C ALA C 118 -31.76 -23.12 8.82
N GLU C 119 -30.50 -22.77 8.83
CA GLU C 119 -29.34 -23.70 8.75
C GLU C 119 -28.64 -23.72 10.10
N VAL C 120 -28.21 -24.90 10.53
CA VAL C 120 -27.42 -25.07 11.75
C VAL C 120 -26.12 -25.74 11.32
N MET C 121 -24.98 -25.26 11.76
CA MET C 121 -23.71 -25.90 11.39
C MET C 121 -22.93 -26.11 12.68
N ILE C 122 -22.37 -27.31 12.84
CA ILE C 122 -21.51 -27.63 14.01
C ILE C 122 -20.14 -28.02 13.49
N HIS C 123 -19.10 -27.68 14.21
CA HIS C 123 -17.72 -28.01 13.84
C HIS C 123 -16.81 -27.83 15.03
N GLN C 124 -15.60 -28.28 14.92
CA GLN C 124 -14.64 -28.13 16.03
C GLN C 124 -14.11 -26.70 16.05
N PRO C 125 -13.62 -26.25 17.22
CA PRO C 125 -13.06 -24.93 17.35
C PRO C 125 -11.79 -24.72 16.50
N LEU C 126 -11.60 -23.48 16.11
CA LEU C 126 -10.49 -22.99 15.29
C LEU C 126 -9.58 -22.11 16.14
N GLY C 127 -8.30 -22.13 15.84
CA GLY C 127 -7.37 -21.23 16.52
C GLY C 127 -6.01 -21.26 15.86
N GLY C 128 -5.01 -20.91 16.63
CA GLY C 128 -3.68 -20.80 16.04
C GLY C 128 -2.67 -20.77 17.15
N ALA C 129 -1.41 -21.05 16.81
CA ALA C 129 -0.31 -20.97 17.76
C ALA C 129 0.95 -20.67 16.96
N GLN C 130 1.81 -19.80 17.48
CA GLN C 130 3.09 -19.49 16.85
C GLN C 130 4.12 -19.44 17.98
N GLY C 131 5.31 -19.93 17.70
CA GLY C 131 6.41 -19.70 18.64
C GLY C 131 7.19 -20.96 18.87
N GLN C 132 7.71 -21.10 20.09
CA GLN C 132 8.53 -22.24 20.47
C GLN C 132 7.68 -23.50 20.54
N ALA C 133 8.30 -24.65 20.35
CA ALA C 133 7.63 -25.96 20.52
C ALA C 133 6.80 -25.98 21.81
N THR C 134 7.35 -25.56 22.95
CA THR C 134 6.58 -25.67 24.23
C THR C 134 5.39 -24.70 24.22
N GLU C 135 5.49 -23.56 23.55
CA GLU C 135 4.36 -22.60 23.42
C GLU C 135 3.26 -23.22 22.54
N ILE C 136 3.65 -23.88 21.47
CA ILE C 136 2.69 -24.56 20.56
C ILE C 136 1.99 -25.67 21.36
N GLU C 137 2.74 -26.40 22.18
CA GLU C 137 2.15 -27.48 23.01
C GLU C 137 1.10 -26.89 23.95
N ILE C 138 1.42 -25.80 24.64
CA ILE C 138 0.44 -25.14 25.56
C ILE C 138 -0.82 -24.73 24.78
N ALA C 139 -0.66 -24.12 23.60
CA ALA C 139 -1.81 -23.65 22.80
C ALA C 139 -2.64 -24.87 22.37
N ALA C 140 -1.99 -25.95 21.92
CA ALA C 140 -2.68 -27.16 21.46
C ALA C 140 -3.46 -27.76 22.63
N ASN C 141 -2.83 -27.91 23.79
CA ASN C 141 -3.51 -28.49 24.96
C ASN C 141 -4.72 -27.62 25.31
N HIS C 142 -4.61 -26.30 25.23
CA HIS C 142 -5.71 -25.38 25.57
C HIS C 142 -6.87 -25.56 24.60
N ILE C 143 -6.61 -25.61 23.30
CA ILE C 143 -7.74 -25.72 22.34
C ILE C 143 -8.35 -27.11 22.43
N LEU C 144 -7.56 -28.15 22.72
CA LEU C 144 -8.13 -29.51 22.87
C LEU C 144 -9.02 -29.56 24.12
N LYS C 145 -8.58 -28.93 25.22
CA LYS C 145 -9.40 -28.88 26.45
C LYS C 145 -10.67 -28.08 26.20
N THR C 146 -10.57 -26.99 25.44
CA THR C 146 -11.75 -26.17 25.09
C THR C 146 -12.74 -27.01 24.27
N ARG C 147 -12.24 -27.78 23.32
CA ARG C 147 -13.13 -28.67 22.53
C ARG C 147 -13.81 -29.69 23.45
N GLU C 148 -13.07 -30.29 24.39
CA GLU C 148 -13.66 -31.27 25.34
C GLU C 148 -14.78 -30.60 26.13
N LYS C 149 -14.58 -29.36 26.56
CA LYS C 149 -15.56 -28.59 27.36
C LYS C 149 -16.82 -28.36 26.53
N LEU C 150 -16.66 -27.88 25.31
CA LEU C 150 -17.79 -27.64 24.39
C LEU C 150 -18.54 -28.95 24.13
N ASN C 151 -17.82 -30.02 23.86
CA ASN C 151 -18.47 -31.30 23.48
C ASN C 151 -19.24 -31.85 24.67
N ARG C 152 -18.68 -31.73 25.88
CA ARG C 152 -19.36 -32.23 27.10
C ARG C 152 -20.68 -31.49 27.27
N ILE C 153 -20.66 -30.19 27.17
CA ILE C 153 -21.91 -29.41 27.34
C ILE C 153 -22.87 -29.74 26.20
N LEU C 154 -22.38 -29.81 24.94
CA LEU C 154 -23.31 -30.11 23.85
C LEU C 154 -23.92 -31.53 24.05
N SER C 155 -23.16 -32.46 24.57
CA SER C 155 -23.67 -33.82 24.93
C SER C 155 -24.82 -33.70 25.92
N GLU C 156 -24.63 -32.91 26.96
CA GLU C 156 -25.68 -32.70 28.00
C GLU C 156 -26.92 -32.06 27.39
N ARG C 157 -26.76 -31.09 26.50
N ARG C 157 -26.76 -31.09 26.50
CA ARG C 157 -27.88 -30.28 25.96
CA ARG C 157 -27.88 -30.28 25.96
C ARG C 157 -28.62 -31.05 24.86
C ARG C 157 -28.63 -31.05 24.85
N THR C 158 -27.98 -31.97 24.15
CA THR C 158 -28.55 -32.68 22.97
C THR C 158 -29.00 -34.09 23.31
N GLY C 159 -28.38 -34.70 24.31
CA GLY C 159 -28.56 -36.14 24.59
C GLY C 159 -27.70 -37.03 23.74
N GLN C 160 -26.84 -36.49 22.86
CA GLN C 160 -25.90 -37.29 22.06
C GLN C 160 -24.69 -37.58 22.92
N SER C 161 -24.00 -38.68 22.62
CA SER C 161 -22.76 -39.02 23.33
C SER C 161 -21.65 -38.04 22.96
N ILE C 162 -20.68 -37.87 23.84
CA ILE C 162 -19.44 -37.09 23.52
C ILE C 162 -18.77 -37.71 22.32
N GLU C 163 -18.69 -39.05 22.23
CA GLU C 163 -18.04 -39.73 21.09
C GLU C 163 -18.71 -39.34 19.76
N LYS C 164 -20.03 -39.31 19.73
CA LYS C 164 -20.79 -38.96 18.52
C LYS C 164 -20.56 -37.48 18.17
N ILE C 165 -20.62 -36.61 19.17
CA ILE C 165 -20.38 -35.14 18.91
C ILE C 165 -18.96 -34.96 18.35
N GLN C 166 -17.96 -35.64 18.90
CA GLN C 166 -16.56 -35.55 18.40
C GLN C 166 -16.53 -35.95 16.93
N LYS C 167 -17.13 -37.09 16.58
CA LYS C 167 -17.10 -37.56 15.17
C LYS C 167 -17.84 -36.54 14.28
N ASP C 168 -18.99 -36.07 14.74
CA ASP C 168 -19.89 -35.26 13.89
C ASP C 168 -19.37 -33.83 13.74
N THR C 169 -18.39 -33.41 14.52
CA THR C 169 -17.84 -32.03 14.46
C THR C 169 -16.43 -32.03 13.89
N ASP C 170 -15.92 -33.18 13.45
CA ASP C 170 -14.53 -33.25 12.92
C ASP C 170 -14.37 -32.26 11.73
N ARG C 171 -15.39 -32.19 10.87
CA ARG C 171 -15.44 -31.22 9.76
C ARG C 171 -16.74 -30.44 9.85
N ASP C 172 -16.89 -29.43 9.03
CA ASP C 172 -18.14 -28.64 9.01
C ASP C 172 -19.30 -29.56 8.71
N ASN C 173 -20.31 -29.53 9.57
CA ASN C 173 -21.47 -30.42 9.45
C ASN C 173 -22.73 -29.53 9.41
N PHE C 174 -23.33 -29.40 8.22
CA PHE C 174 -24.53 -28.57 8.00
C PHE C 174 -25.77 -29.40 8.23
N LEU C 175 -26.69 -28.88 9.04
CA LEU C 175 -27.97 -29.55 9.32
C LEU C 175 -29.11 -28.64 8.88
N THR C 176 -30.16 -29.22 8.36
CA THR C 176 -31.45 -28.52 8.20
C THR C 176 -32.08 -28.31 9.58
N ALA C 177 -33.14 -27.50 9.65
CA ALA C 177 -33.89 -27.31 10.91
C ALA C 177 -34.41 -28.65 11.41
N GLU C 178 -34.97 -29.45 10.52
CA GLU C 178 -35.53 -30.78 10.92
C GLU C 178 -34.39 -31.68 11.41
N GLU C 179 -33.23 -31.67 10.76
CA GLU C 179 -32.08 -32.47 11.21
C GLU C 179 -31.58 -31.98 12.59
N ALA C 180 -31.60 -30.66 12.83
CA ALA C 180 -31.17 -30.09 14.11
C ALA C 180 -32.11 -30.57 15.23
N LYS C 181 -33.40 -30.67 14.92
CA LYS C 181 -34.39 -31.21 15.87
C LYS C 181 -34.08 -32.68 16.16
N GLU C 182 -33.88 -33.47 15.13
CA GLU C 182 -33.55 -34.92 15.27
C GLU C 182 -32.26 -35.05 16.11
N TYR C 183 -31.31 -34.15 15.94
CA TYR C 183 -30.01 -34.22 16.62
C TYR C 183 -30.14 -33.84 18.11
N GLY C 184 -31.15 -33.06 18.48
CA GLY C 184 -31.33 -32.56 19.84
C GLY C 184 -30.77 -31.16 20.07
N LEU C 185 -30.37 -30.46 19.00
CA LEU C 185 -29.91 -29.06 19.12
C LEU C 185 -31.08 -28.11 19.35
N ILE C 186 -32.25 -28.44 18.80
CA ILE C 186 -33.49 -27.67 19.06
C ILE C 186 -34.58 -28.67 19.45
N ASP C 187 -35.68 -28.14 19.96
CA ASP C 187 -36.85 -28.93 20.37
C ASP C 187 -37.90 -28.99 19.27
N GLU C 188 -38.10 -27.92 18.50
CA GLU C 188 -39.20 -27.87 17.51
C GLU C 188 -38.78 -27.00 16.33
N VAL C 189 -39.29 -27.37 15.17
CA VAL C 189 -39.28 -26.48 13.98
C VAL C 189 -40.56 -25.66 14.02
N MET C 190 -40.46 -24.35 14.03
CA MET C 190 -41.64 -23.42 14.07
C MET C 190 -42.20 -23.36 12.66
N VAL C 191 -43.21 -24.15 12.32
CA VAL C 191 -43.80 -24.21 10.94
C VAL C 191 -44.81 -23.07 10.79
N PRO C 192 -44.89 -22.40 9.62
CA PRO C 192 -45.77 -21.25 9.47
C PRO C 192 -47.24 -21.66 9.39
N GLU C 193 -48.14 -20.87 9.99
CA GLU C 193 -49.62 -21.05 9.93
C GLU C 193 -50.13 -20.74 8.51
N LEU D 3 -27.01 13.66 3.50
CA LEU D 3 -27.75 13.23 4.72
C LEU D 3 -29.07 12.53 4.34
N ILE D 4 -29.67 11.88 5.31
CA ILE D 4 -31.07 11.37 5.32
C ILE D 4 -31.95 12.44 5.96
N PRO D 5 -32.97 12.99 5.28
CA PRO D 5 -33.74 14.08 5.86
C PRO D 5 -34.64 13.63 7.02
N THR D 6 -35.05 14.62 7.80
CA THR D 6 -35.98 14.55 8.94
C THR D 6 -37.32 15.15 8.54
N VAL D 7 -38.41 14.55 9.01
CA VAL D 7 -39.78 15.12 8.85
C VAL D 7 -40.36 15.30 10.25
N ILE D 8 -41.11 16.40 10.46
CA ILE D 8 -41.76 16.72 11.77
C ILE D 8 -43.26 16.75 11.53
N GLU D 9 -44.05 16.02 12.34
CA GLU D 9 -45.52 15.81 12.19
C GLU D 9 -46.25 16.32 13.45
N GLU D 15 -45.97 17.07 18.50
CA GLU D 15 -45.00 17.05 17.36
C GLU D 15 -43.95 15.97 17.64
N ARG D 16 -43.58 15.17 16.63
CA ARG D 16 -42.44 14.20 16.67
C ARG D 16 -41.56 14.43 15.42
N ALA D 17 -40.25 14.20 15.58
CA ALA D 17 -39.18 14.25 14.55
C ALA D 17 -38.76 12.83 14.16
N TYR D 18 -38.88 12.49 12.88
CA TYR D 18 -38.51 11.17 12.32
C TYR D 18 -37.47 11.36 11.20
N ASP D 19 -36.43 10.51 11.13
CA ASP D 19 -35.73 10.35 9.84
C ASP D 19 -36.75 9.77 8.82
N ILE D 20 -36.52 9.97 7.53
CA ILE D 20 -37.55 9.64 6.52
C ILE D 20 -37.90 8.12 6.59
N TYR D 21 -36.91 7.26 6.84
CA TYR D 21 -37.18 5.80 6.86
C TYR D 21 -38.03 5.44 8.08
N SER D 22 -37.78 6.06 9.24
CA SER D 22 -38.58 5.83 10.46
C SER D 22 -40.01 6.31 10.22
N ARG D 23 -40.18 7.39 9.46
CA ARG D 23 -41.54 7.88 9.13
C ARG D 23 -42.26 6.86 8.26
N LEU D 24 -41.58 6.26 7.29
CA LEU D 24 -42.21 5.21 6.45
C LEU D 24 -42.57 4.01 7.34
N LEU D 25 -41.72 3.62 8.28
CA LEU D 25 -41.98 2.46 9.13
C LEU D 25 -43.26 2.68 9.94
N LYS D 26 -43.51 3.93 10.35
CA LYS D 26 -44.77 4.27 11.06
C LYS D 26 -45.98 3.91 10.22
N ASP D 27 -45.87 3.95 8.88
CA ASP D 27 -46.94 3.56 7.95
C ASP D 27 -46.74 2.12 7.40
N ARG D 28 -45.97 1.31 8.12
CA ARG D 28 -45.84 -0.14 7.90
C ARG D 28 -45.07 -0.40 6.59
N ILE D 29 -44.17 0.49 6.21
CA ILE D 29 -43.29 0.31 5.04
C ILE D 29 -41.88 0.04 5.55
N ILE D 30 -41.31 -1.07 5.06
CA ILE D 30 -39.93 -1.50 5.38
C ILE D 30 -39.11 -1.37 4.10
N MET D 31 -37.92 -0.76 4.21
CA MET D 31 -37.07 -0.54 3.01
C MET D 31 -35.92 -1.55 3.02
N LEU D 32 -35.92 -2.45 2.04
CA LEU D 32 -34.77 -3.32 1.76
C LEU D 32 -34.07 -2.71 0.55
N GLY D 33 -33.11 -1.82 0.78
CA GLY D 33 -32.53 -0.91 -0.21
C GLY D 33 -31.01 -1.10 -0.33
N SER D 34 -30.50 -2.25 0.04
CA SER D 34 -29.05 -2.49 0.02
C SER D 34 -28.79 -3.95 -0.23
N GLN D 35 -27.50 -4.28 -0.32
CA GLN D 35 -27.06 -5.69 -0.30
C GLN D 35 -27.55 -6.33 0.99
N ILE D 36 -27.92 -7.61 0.90
CA ILE D 36 -28.43 -8.38 2.05
C ILE D 36 -27.24 -9.00 2.78
N ASP D 37 -27.01 -8.58 4.01
CA ASP D 37 -26.03 -9.24 4.90
C ASP D 37 -26.74 -9.46 6.24
N ASP D 38 -26.04 -10.04 7.19
CA ASP D 38 -26.68 -10.39 8.49
C ASP D 38 -27.21 -9.11 9.17
N ASN D 39 -26.50 -8.00 9.08
CA ASN D 39 -26.91 -6.73 9.74
C ASN D 39 -28.24 -6.24 9.15
N VAL D 40 -28.35 -6.24 7.82
CA VAL D 40 -29.56 -5.83 7.10
C VAL D 40 -30.69 -6.79 7.47
N ALA D 41 -30.43 -8.09 7.48
CA ALA D 41 -31.49 -9.08 7.79
C ALA D 41 -31.95 -8.86 9.23
N ASN D 42 -31.05 -8.63 10.18
N ASN D 42 -31.05 -8.63 10.18
CA ASN D 42 -31.41 -8.40 11.61
CA ASN D 42 -31.43 -8.41 11.60
C ASN D 42 -32.37 -7.21 11.68
C ASN D 42 -32.36 -7.20 11.68
N SER D 43 -32.06 -6.15 10.96
CA SER D 43 -32.90 -4.93 10.97
C SER D 43 -34.30 -5.24 10.37
N ILE D 44 -34.33 -5.89 9.21
CA ILE D 44 -35.61 -6.18 8.53
C ILE D 44 -36.45 -7.17 9.37
N VAL D 45 -35.84 -8.20 9.93
CA VAL D 45 -36.55 -9.16 10.80
C VAL D 45 -37.13 -8.40 11.99
N SER D 46 -36.36 -7.52 12.60
CA SER D 46 -36.82 -6.73 13.78
C SER D 46 -38.03 -5.88 13.41
N GLN D 47 -37.96 -5.24 12.25
CA GLN D 47 -39.08 -4.40 11.75
C GLN D 47 -40.30 -5.25 11.52
N LEU D 48 -40.18 -6.43 10.90
CA LEU D 48 -41.33 -7.33 10.64
C LEU D 48 -41.96 -7.75 11.98
N LEU D 49 -41.16 -8.14 12.96
CA LEU D 49 -41.67 -8.60 14.27
C LEU D 49 -42.39 -7.42 14.96
N PHE D 50 -41.79 -6.24 14.92
CA PHE D 50 -42.38 -5.02 15.49
C PHE D 50 -43.72 -4.73 14.84
N LEU D 51 -43.79 -4.76 13.50
CA LEU D 51 -45.05 -4.41 12.81
C LEU D 51 -46.12 -5.46 13.12
N GLN D 52 -45.77 -6.73 13.21
CA GLN D 52 -46.75 -7.78 13.58
C GLN D 52 -47.30 -7.46 14.96
N ALA D 53 -46.45 -7.07 15.89
CA ALA D 53 -46.88 -6.77 17.30
C ALA D 53 -47.79 -5.54 17.29
N GLN D 54 -47.51 -4.55 16.48
CA GLN D 54 -48.34 -3.31 16.43
C GLN D 54 -49.72 -3.64 15.88
N ASP D 55 -49.81 -4.50 14.86
CA ASP D 55 -51.10 -4.85 14.25
C ASP D 55 -50.93 -6.16 13.51
N SER D 56 -51.54 -7.24 14.01
CA SER D 56 -51.33 -8.58 13.41
C SER D 56 -52.16 -8.72 12.12
N GLU D 57 -53.06 -7.80 11.78
CA GLU D 57 -53.97 -7.98 10.63
C GLU D 57 -53.58 -7.08 9.44
N LYS D 58 -53.03 -5.90 9.68
CA LYS D 58 -52.79 -4.89 8.64
C LYS D 58 -51.59 -5.30 7.78
N ASP D 59 -51.73 -5.10 6.48
CA ASP D 59 -50.61 -5.39 5.55
C ASP D 59 -49.35 -4.62 5.94
N ILE D 60 -48.22 -5.22 5.58
CA ILE D 60 -46.87 -4.64 5.62
C ILE D 60 -46.43 -4.47 4.18
N TYR D 61 -45.63 -3.44 3.90
CA TYR D 61 -45.15 -3.17 2.54
C TYR D 61 -43.63 -3.28 2.58
N LEU D 62 -43.06 -4.26 1.89
CA LEU D 62 -41.59 -4.42 1.79
C LEU D 62 -41.12 -3.93 0.43
N TYR D 63 -40.43 -2.79 0.42
CA TYR D 63 -39.82 -2.19 -0.76
C TYR D 63 -38.49 -2.90 -0.99
N ILE D 64 -38.26 -3.32 -2.23
CA ILE D 64 -37.01 -4.04 -2.58
C ILE D 64 -36.32 -3.31 -3.72
N ASN D 65 -35.14 -2.79 -3.40
CA ASN D 65 -34.15 -2.29 -4.38
C ASN D 65 -32.81 -2.84 -3.93
N SER D 66 -32.48 -4.03 -4.38
CA SER D 66 -31.36 -4.80 -3.76
C SER D 66 -30.70 -5.64 -4.85
N PRO D 67 -29.37 -5.71 -4.82
CA PRO D 67 -28.63 -6.63 -5.68
C PRO D 67 -28.53 -8.06 -5.10
N GLY D 68 -29.15 -8.29 -3.96
CA GLY D 68 -29.09 -9.58 -3.27
C GLY D 68 -27.98 -9.58 -2.25
N GLY D 69 -27.42 -10.76 -2.00
CA GLY D 69 -26.39 -10.93 -0.96
C GLY D 69 -26.51 -12.30 -0.33
N SER D 70 -26.29 -12.36 0.96
CA SER D 70 -26.19 -13.61 1.71
C SER D 70 -27.48 -14.43 1.60
N VAL D 71 -27.38 -15.69 1.21
CA VAL D 71 -28.55 -16.59 1.12
C VAL D 71 -29.09 -16.84 2.53
N THR D 72 -28.24 -17.12 3.52
CA THR D 72 -28.76 -17.38 4.89
C THR D 72 -29.41 -16.13 5.47
N ALA D 73 -28.85 -14.95 5.23
CA ALA D 73 -29.46 -13.69 5.70
C ALA D 73 -30.82 -13.52 4.98
N GLY D 74 -30.87 -13.80 3.68
CA GLY D 74 -32.13 -13.76 2.91
C GLY D 74 -33.14 -14.72 3.50
N PHE D 75 -32.72 -15.92 3.93
CA PHE D 75 -33.67 -16.88 4.49
C PHE D 75 -34.14 -16.45 5.89
N ALA D 76 -33.36 -15.68 6.62
CA ALA D 76 -33.84 -15.09 7.89
C ALA D 76 -35.06 -14.21 7.58
N ILE D 77 -34.97 -13.40 6.54
CA ILE D 77 -36.10 -12.51 6.14
C ILE D 77 -37.24 -13.37 5.62
N TYR D 78 -36.96 -14.31 4.70
CA TYR D 78 -37.99 -15.17 4.07
C TYR D 78 -38.82 -15.85 5.15
N ASP D 79 -38.16 -16.51 6.10
CA ASP D 79 -38.90 -17.32 7.10
C ASP D 79 -39.68 -16.40 8.03
N THR D 80 -39.16 -15.22 8.32
CA THR D 80 -39.91 -14.26 9.17
C THR D 80 -41.15 -13.81 8.44
N ILE D 81 -41.06 -13.49 7.15
CA ILE D 81 -42.26 -13.13 6.32
C ILE D 81 -43.29 -14.27 6.46
N GLN D 82 -42.89 -15.52 6.27
CA GLN D 82 -43.89 -16.62 6.24
C GLN D 82 -44.45 -16.83 7.66
N HIS D 83 -43.65 -16.58 8.69
CA HIS D 83 -44.03 -16.86 10.08
C HIS D 83 -45.12 -15.89 10.55
N ILE D 84 -44.98 -14.62 10.26
CA ILE D 84 -45.86 -13.57 10.83
C ILE D 84 -47.25 -13.64 10.23
N LYS D 85 -48.24 -13.12 10.96
CA LYS D 85 -49.64 -13.17 10.51
C LYS D 85 -49.96 -12.15 9.42
N PRO D 86 -49.52 -10.89 9.45
CA PRO D 86 -49.87 -9.93 8.39
C PRO D 86 -49.35 -10.38 7.03
N ASP D 87 -50.11 -10.08 5.99
CA ASP D 87 -49.62 -10.17 4.60
C ASP D 87 -48.45 -9.19 4.42
N VAL D 88 -47.36 -9.63 3.79
CA VAL D 88 -46.24 -8.74 3.43
C VAL D 88 -46.31 -8.57 1.93
N GLN D 89 -46.66 -7.37 1.49
CA GLN D 89 -46.64 -7.00 0.08
C GLN D 89 -45.16 -6.80 -0.26
N THR D 90 -44.76 -7.18 -1.46
CA THR D 90 -43.41 -6.86 -1.94
C THR D 90 -43.54 -5.96 -3.16
N ILE D 91 -42.65 -4.98 -3.24
CA ILE D 91 -42.68 -4.02 -4.36
C ILE D 91 -41.23 -3.83 -4.81
N CYS D 92 -40.95 -4.24 -6.03
CA CYS D 92 -39.61 -4.02 -6.64
C CYS D 92 -39.58 -2.66 -7.32
N ILE D 93 -38.66 -1.82 -6.91
CA ILE D 93 -38.37 -0.50 -7.49
C ILE D 93 -36.86 -0.47 -7.77
N GLY D 94 -36.45 -0.12 -8.98
CA GLY D 94 -35.01 -0.12 -9.32
C GLY D 94 -34.60 -1.53 -9.78
N MET D 95 -34.24 -2.39 -8.82
CA MET D 95 -33.70 -3.72 -9.15
C MET D 95 -33.97 -4.71 -8.02
N ALA D 96 -34.27 -5.94 -8.34
CA ALA D 96 -34.25 -7.05 -7.36
C ALA D 96 -33.43 -8.13 -8.03
N ALA D 97 -32.26 -8.40 -7.54
CA ALA D 97 -31.40 -9.43 -8.16
C ALA D 97 -31.08 -10.50 -7.12
N SER D 98 -30.92 -11.71 -7.63
CA SER D 98 -30.39 -12.84 -6.82
C SER D 98 -31.30 -13.01 -5.59
N MET D 99 -30.76 -13.01 -4.37
CA MET D 99 -31.64 -13.25 -3.21
C MET D 99 -32.69 -12.13 -3.10
N GLY D 100 -32.46 -10.94 -3.67
CA GLY D 100 -33.46 -9.88 -3.74
C GLY D 100 -34.69 -10.31 -4.55
N SER D 101 -34.50 -10.98 -5.68
CA SER D 101 -35.62 -11.46 -6.50
C SER D 101 -36.33 -12.63 -5.79
N PHE D 102 -35.58 -13.42 -5.03
CA PHE D 102 -36.18 -14.50 -4.23
C PHE D 102 -37.14 -13.89 -3.21
N LEU D 103 -36.72 -12.83 -2.52
CA LEU D 103 -37.59 -12.19 -1.52
C LEU D 103 -38.76 -11.50 -2.21
N LEU D 104 -38.58 -10.93 -3.40
CA LEU D 104 -39.71 -10.35 -4.15
C LEU D 104 -40.79 -11.42 -4.35
N ALA D 105 -40.38 -12.62 -4.77
CA ALA D 105 -41.29 -13.75 -5.05
C ALA D 105 -41.93 -14.28 -3.79
N ALA D 106 -41.41 -13.93 -2.60
CA ALA D 106 -41.84 -14.44 -1.30
C ALA D 106 -43.00 -13.65 -0.71
N GLY D 107 -43.40 -12.55 -1.32
CA GLY D 107 -44.49 -11.72 -0.83
C GLY D 107 -45.82 -12.48 -0.84
N ALA D 108 -46.80 -11.92 -0.15
CA ALA D 108 -48.15 -12.49 -0.06
C ALA D 108 -48.70 -12.71 -1.49
N LYS D 109 -49.31 -13.87 -1.72
CA LYS D 109 -49.82 -14.19 -3.08
C LYS D 109 -50.88 -13.16 -3.46
N GLY D 110 -50.75 -12.56 -4.63
CA GLY D 110 -51.57 -11.49 -5.16
C GLY D 110 -51.06 -10.11 -4.80
N LYS D 111 -50.02 -10.00 -3.94
CA LYS D 111 -49.53 -8.70 -3.48
C LYS D 111 -48.01 -8.58 -3.70
N ARG D 112 -47.55 -9.15 -4.79
CA ARG D 112 -46.14 -9.00 -5.25
C ARG D 112 -46.19 -8.09 -6.48
N PHE D 113 -45.46 -6.98 -6.43
CA PHE D 113 -45.52 -5.95 -7.46
C PHE D 113 -44.14 -5.55 -7.93
N ALA D 114 -44.09 -4.97 -9.11
CA ALA D 114 -42.92 -4.21 -9.57
C ALA D 114 -43.41 -2.98 -10.29
N LEU D 115 -42.65 -1.90 -10.23
CA LEU D 115 -42.93 -0.72 -11.09
C LEU D 115 -42.37 -1.03 -12.48
N PRO D 116 -42.86 -0.36 -13.53
CA PRO D 116 -42.71 -0.81 -14.90
C PRO D 116 -41.27 -0.99 -15.39
N ASN D 117 -40.36 -0.15 -14.92
CA ASN D 117 -38.96 -0.14 -15.40
C ASN D 117 -38.05 -0.82 -14.41
N ALA D 118 -38.59 -1.50 -13.39
CA ALA D 118 -37.78 -2.25 -12.43
C ALA D 118 -37.17 -3.46 -13.15
N GLU D 119 -35.96 -3.82 -12.72
CA GLU D 119 -35.19 -4.96 -13.30
C GLU D 119 -35.24 -6.10 -12.26
N VAL D 120 -35.52 -7.29 -12.73
CA VAL D 120 -35.50 -8.49 -11.87
C VAL D 120 -34.46 -9.43 -12.45
N MET D 121 -33.55 -9.92 -11.66
CA MET D 121 -32.55 -10.86 -12.21
C MET D 121 -32.53 -12.11 -11.35
N ILE D 122 -32.53 -13.26 -11.98
CA ILE D 122 -32.45 -14.57 -11.25
C ILE D 122 -31.21 -15.30 -11.75
N HIS D 123 -30.55 -16.01 -10.84
CA HIS D 123 -29.33 -16.76 -11.19
C HIS D 123 -29.07 -17.75 -10.05
N GLN D 124 -28.14 -18.63 -10.28
CA GLN D 124 -27.80 -19.61 -9.23
C GLN D 124 -26.92 -18.95 -8.17
N PRO D 125 -26.91 -19.54 -6.95
CA PRO D 125 -26.09 -19.01 -5.87
C PRO D 125 -24.60 -19.09 -6.16
N LEU D 126 -23.88 -18.14 -5.57
CA LEU D 126 -22.42 -17.95 -5.68
C LEU D 126 -21.77 -18.31 -4.34
N GLY D 127 -20.56 -18.83 -4.39
CA GLY D 127 -19.80 -19.08 -3.16
C GLY D 127 -18.37 -19.43 -3.49
N GLY D 128 -17.72 -20.07 -2.53
CA GLY D 128 -16.31 -20.39 -2.74
C GLY D 128 -15.88 -21.36 -1.68
N ALA D 129 -14.71 -21.93 -1.86
CA ALA D 129 -14.14 -22.90 -0.91
C ALA D 129 -12.65 -22.97 -1.24
N GLN D 130 -11.79 -23.05 -0.23
CA GLN D 130 -10.37 -23.32 -0.46
C GLN D 130 -9.95 -24.29 0.65
N GLY D 131 -9.12 -25.25 0.32
CA GLY D 131 -8.54 -26.11 1.36
C GLY D 131 -8.45 -27.51 0.79
N GLN D 132 -8.61 -28.49 1.66
CA GLN D 132 -8.43 -29.91 1.30
C GLN D 132 -9.57 -30.35 0.38
N ALA D 133 -9.32 -31.36 -0.43
CA ALA D 133 -10.34 -31.96 -1.30
C ALA D 133 -11.61 -32.25 -0.49
N THR D 134 -11.51 -32.86 0.72
CA THR D 134 -12.74 -33.21 1.46
C THR D 134 -13.49 -31.94 1.92
N GLU D 135 -12.79 -30.85 2.21
CA GLU D 135 -13.39 -29.54 2.58
C GLU D 135 -14.13 -28.97 1.38
N ILE D 136 -13.51 -29.05 0.22
CA ILE D 136 -14.14 -28.54 -1.04
C ILE D 136 -15.39 -29.36 -1.31
N GLU D 137 -15.35 -30.68 -1.09
CA GLU D 137 -16.51 -31.55 -1.31
C GLU D 137 -17.66 -31.10 -0.37
N ILE D 138 -17.37 -30.87 0.89
CA ILE D 138 -18.41 -30.42 1.86
C ILE D 138 -19.01 -29.09 1.38
N ALA D 139 -18.19 -28.14 0.96
CA ALA D 139 -18.65 -26.81 0.49
C ALA D 139 -19.52 -27.00 -0.75
N ALA D 140 -19.11 -27.84 -1.68
CA ALA D 140 -19.85 -28.07 -2.95
C ALA D 140 -21.22 -28.68 -2.60
N ASN D 141 -21.23 -29.72 -1.77
CA ASN D 141 -22.48 -30.39 -1.41
C ASN D 141 -23.42 -29.37 -0.75
N HIS D 142 -22.89 -28.50 0.10
CA HIS D 142 -23.70 -27.49 0.80
C HIS D 142 -24.32 -26.50 -0.19
N ILE D 143 -23.53 -25.97 -1.12
CA ILE D 143 -24.11 -24.96 -2.06
C ILE D 143 -25.07 -25.64 -3.02
N LEU D 144 -24.85 -26.90 -3.39
CA LEU D 144 -25.79 -27.60 -4.29
C LEU D 144 -27.12 -27.84 -3.54
N LYS D 145 -27.06 -28.20 -2.27
CA LYS D 145 -28.28 -28.40 -1.45
C LYS D 145 -29.00 -27.07 -1.28
N THR D 146 -28.26 -25.99 -1.08
CA THR D 146 -28.84 -24.64 -0.97
C THR D 146 -29.57 -24.30 -2.27
N ARG D 147 -28.94 -24.55 -3.40
CA ARG D 147 -29.60 -24.28 -4.71
C ARG D 147 -30.87 -25.11 -4.84
N GLU D 148 -30.86 -26.39 -4.46
CA GLU D 148 -32.06 -27.25 -4.53
C GLU D 148 -33.18 -26.63 -3.67
N LYS D 149 -32.84 -26.14 -2.50
CA LYS D 149 -33.84 -25.53 -1.57
C LYS D 149 -34.43 -24.26 -2.19
N LEU D 150 -33.58 -23.38 -2.71
CA LEU D 150 -34.03 -22.14 -3.40
C LEU D 150 -34.94 -22.50 -4.57
N ASN D 151 -34.56 -23.45 -5.37
CA ASN D 151 -35.32 -23.81 -6.59
C ASN D 151 -36.67 -24.41 -6.23
N ARG D 152 -36.70 -25.24 -5.19
N ARG D 152 -36.70 -25.24 -5.19
CA ARG D 152 -37.95 -25.88 -4.73
CA ARG D 152 -37.95 -25.88 -4.71
C ARG D 152 -38.93 -24.78 -4.30
C ARG D 152 -38.93 -24.78 -4.30
N ILE D 153 -38.46 -23.84 -3.51
CA ILE D 153 -39.35 -22.74 -3.04
C ILE D 153 -39.75 -21.89 -4.22
N LEU D 154 -38.81 -21.54 -5.10
CA LEU D 154 -39.19 -20.69 -6.26
C LEU D 154 -40.22 -21.42 -7.15
N SER D 155 -40.10 -22.74 -7.29
CA SER D 155 -41.11 -23.55 -8.03
C SER D 155 -42.48 -23.40 -7.38
N GLU D 156 -42.55 -23.51 -6.07
CA GLU D 156 -43.81 -23.36 -5.28
C GLU D 156 -44.38 -21.96 -5.47
N ARG D 157 -43.54 -20.93 -5.45
N ARG D 157 -43.54 -20.93 -5.45
CA ARG D 157 -44.00 -19.50 -5.43
CA ARG D 157 -44.00 -19.50 -5.43
C ARG D 157 -44.38 -19.04 -6.83
C ARG D 157 -44.39 -19.05 -6.84
N THR D 158 -43.81 -19.64 -7.90
CA THR D 158 -44.00 -19.17 -9.29
C THR D 158 -44.98 -20.05 -10.07
N GLY D 159 -45.08 -21.33 -9.69
CA GLY D 159 -45.80 -22.33 -10.50
C GLY D 159 -44.96 -22.92 -11.61
N GLN D 160 -43.68 -22.56 -11.75
CA GLN D 160 -42.80 -23.16 -12.77
C GLN D 160 -42.22 -24.45 -12.18
N SER D 161 -41.89 -25.40 -13.06
CA SER D 161 -41.24 -26.66 -12.62
C SER D 161 -39.84 -26.39 -12.10
N ILE D 162 -39.37 -27.25 -11.22
CA ILE D 162 -37.95 -27.20 -10.74
C ILE D 162 -37.00 -27.31 -11.93
N GLU D 163 -37.31 -28.17 -12.92
CA GLU D 163 -36.44 -28.33 -14.10
C GLU D 163 -36.29 -27.02 -14.86
N LYS D 164 -37.39 -26.29 -15.04
CA LYS D 164 -37.37 -25.00 -15.77
C LYS D 164 -36.57 -23.97 -14.95
N ILE D 165 -36.82 -23.90 -13.64
CA ILE D 165 -36.08 -22.93 -12.78
C ILE D 165 -34.57 -23.21 -12.85
N GLN D 166 -34.18 -24.49 -12.80
CA GLN D 166 -32.75 -24.88 -12.89
C GLN D 166 -32.17 -24.35 -14.21
N LYS D 167 -32.85 -24.58 -15.33
CA LYS D 167 -32.35 -24.14 -16.64
C LYS D 167 -32.28 -22.62 -16.69
N ASP D 168 -33.32 -21.95 -16.19
CA ASP D 168 -33.46 -20.49 -16.33
C ASP D 168 -32.52 -19.74 -15.39
N THR D 169 -31.92 -20.41 -14.41
CA THR D 169 -31.04 -19.74 -13.43
C THR D 169 -29.58 -20.17 -13.64
N ASP D 170 -29.31 -20.97 -14.68
CA ASP D 170 -27.92 -21.46 -14.91
C ASP D 170 -26.97 -20.27 -15.07
N ARG D 171 -27.42 -19.22 -15.79
CA ARG D 171 -26.67 -17.98 -15.95
C ARG D 171 -27.53 -16.80 -15.55
N ASP D 172 -26.94 -15.63 -15.52
CA ASP D 172 -27.71 -14.40 -15.18
C ASP D 172 -28.86 -14.27 -16.17
N ASN D 173 -30.07 -14.11 -15.63
CA ASN D 173 -31.28 -14.05 -16.44
C ASN D 173 -32.01 -12.76 -16.02
N PHE D 174 -31.95 -11.73 -16.87
CA PHE D 174 -32.59 -10.42 -16.61
C PHE D 174 -34.00 -10.45 -17.14
N LEU D 175 -34.95 -10.07 -16.29
CA LEU D 175 -36.37 -10.00 -16.67
C LEU D 175 -36.85 -8.56 -16.49
N THR D 176 -37.67 -8.10 -17.42
CA THR D 176 -38.45 -6.86 -17.19
C THR D 176 -39.51 -7.16 -16.13
N ALA D 177 -40.17 -6.12 -15.62
CA ALA D 177 -41.28 -6.29 -14.68
C ALA D 177 -42.37 -7.17 -15.33
N GLU D 178 -42.71 -6.91 -16.59
CA GLU D 178 -43.77 -7.70 -17.27
C GLU D 178 -43.31 -9.14 -17.43
N GLU D 179 -42.06 -9.39 -17.77
CA GLU D 179 -41.54 -10.76 -17.86
C GLU D 179 -41.56 -11.46 -16.50
N ALA D 180 -41.28 -10.73 -15.40
CA ALA D 180 -41.30 -11.30 -14.05
C ALA D 180 -42.73 -11.70 -13.70
N LYS D 181 -43.71 -10.92 -14.13
CA LYS D 181 -45.14 -11.26 -13.94
C LYS D 181 -45.48 -12.54 -14.71
N GLU D 182 -45.09 -12.60 -15.99
CA GLU D 182 -45.35 -13.79 -16.82
C GLU D 182 -44.69 -15.02 -16.21
N TYR D 183 -43.53 -14.84 -15.57
CA TYR D 183 -42.77 -15.95 -14.98
C TYR D 183 -43.44 -16.44 -13.67
N GLY D 184 -44.20 -15.60 -13.01
CA GLY D 184 -44.83 -15.90 -11.72
C GLY D 184 -44.02 -15.39 -10.52
N LEU D 185 -43.01 -14.57 -10.74
CA LEU D 185 -42.21 -13.97 -9.62
C LEU D 185 -43.00 -12.82 -8.97
N ILE D 186 -43.83 -12.13 -9.72
CA ILE D 186 -44.73 -11.09 -9.18
C ILE D 186 -46.14 -11.35 -9.71
N ASP D 187 -47.10 -10.70 -9.11
CA ASP D 187 -48.53 -10.80 -9.53
C ASP D 187 -48.93 -9.67 -10.46
N GLU D 188 -48.41 -8.47 -10.28
CA GLU D 188 -48.87 -7.30 -11.06
C GLU D 188 -47.72 -6.33 -11.26
N VAL D 189 -47.70 -5.72 -12.43
CA VAL D 189 -46.91 -4.49 -12.69
C VAL D 189 -47.80 -3.31 -12.28
N MET D 190 -47.32 -2.48 -11.37
CA MET D 190 -48.06 -1.25 -10.96
C MET D 190 -47.90 -0.19 -12.03
N VAL D 191 -48.80 -0.08 -13.02
CA VAL D 191 -48.67 0.88 -14.16
C VAL D 191 -49.18 2.25 -13.70
N PRO D 192 -48.54 3.37 -14.10
CA PRO D 192 -48.88 4.67 -13.51
C PRO D 192 -50.21 5.20 -14.08
N GLU D 193 -51.02 5.86 -13.24
CA GLU D 193 -52.31 6.49 -13.67
C GLU D 193 -52.04 7.75 -14.49
N ILE E 4 -23.38 21.44 7.11
CA ILE E 4 -24.81 21.67 6.69
C ILE E 4 -25.50 22.44 7.81
N PRO E 5 -25.98 23.69 7.60
CA PRO E 5 -26.54 24.43 8.72
C PRO E 5 -27.91 23.91 9.16
N THR E 6 -28.27 24.31 10.39
CA THR E 6 -29.58 24.07 11.05
C THR E 6 -30.39 25.36 11.05
N VAL E 7 -31.70 25.24 10.86
CA VAL E 7 -32.66 26.37 11.00
C VAL E 7 -33.67 25.99 12.09
N ILE E 8 -34.00 26.94 12.96
CA ILE E 8 -34.85 26.71 14.16
C ILE E 8 -36.11 27.56 13.98
N GLU E 9 -37.27 26.94 14.11
CA GLU E 9 -38.60 27.55 13.79
C GLU E 9 -39.28 28.07 15.07
N ALA E 17 -36.02 22.23 15.10
CA ALA E 17 -34.66 22.21 14.51
C ALA E 17 -34.64 21.33 13.24
N TYR E 18 -34.32 21.93 12.11
CA TYR E 18 -34.18 21.23 10.81
C TYR E 18 -32.76 21.47 10.26
N ASP E 19 -32.07 20.45 9.74
CA ASP E 19 -30.98 20.71 8.78
C ASP E 19 -31.60 21.42 7.55
N ILE E 20 -30.80 22.14 6.77
CA ILE E 20 -31.36 23.01 5.70
C ILE E 20 -32.13 22.14 4.68
N TYR E 21 -31.67 20.93 4.39
CA TYR E 21 -32.38 20.08 3.39
C TYR E 21 -33.75 19.63 3.94
N SER E 22 -33.83 19.30 5.22
CA SER E 22 -35.10 18.92 5.88
C SER E 22 -36.06 20.11 5.86
N ARG E 23 -35.52 21.32 6.01
CA ARG E 23 -36.37 22.54 5.96
C ARG E 23 -36.93 22.70 4.55
N LEU E 24 -36.14 22.47 3.51
CA LEU E 24 -36.64 22.53 2.12
C LEU E 24 -37.71 21.44 1.91
N LEU E 25 -37.51 20.26 2.44
CA LEU E 25 -38.47 19.14 2.24
C LEU E 25 -39.83 19.51 2.86
N LYS E 26 -39.83 20.29 3.94
CA LYS E 26 -41.09 20.82 4.53
C LYS E 26 -41.85 21.64 3.50
N ASP E 27 -41.17 22.28 2.55
CA ASP E 27 -41.78 23.06 1.45
C ASP E 27 -41.80 22.27 0.14
N ARG E 28 -41.70 20.93 0.22
CA ARG E 28 -41.91 19.99 -0.88
C ARG E 28 -40.81 20.13 -1.94
N ILE E 29 -39.61 20.49 -1.50
CA ILE E 29 -38.41 20.56 -2.36
C ILE E 29 -37.50 19.39 -1.99
N ILE E 30 -37.12 18.61 -3.01
CA ILE E 30 -36.21 17.46 -2.86
C ILE E 30 -34.95 17.84 -3.63
N MET E 31 -33.78 17.61 -2.99
CA MET E 31 -32.48 18.00 -3.60
C MET E 31 -31.81 16.70 -4.08
N LEU E 32 -31.65 16.57 -5.41
CA LEU E 32 -30.83 15.50 -6.01
C LEU E 32 -29.54 16.18 -6.40
N GLY E 33 -28.53 16.18 -5.51
CA GLY E 33 -27.35 17.04 -5.58
C GLY E 33 -26.06 16.21 -5.56
N SER E 34 -26.13 14.96 -5.95
CA SER E 34 -24.94 14.07 -5.94
C SER E 34 -25.06 13.04 -7.07
N GLN E 35 -24.04 12.18 -7.16
CA GLN E 35 -24.13 10.98 -7.99
C GLN E 35 -25.34 10.15 -7.55
N ILE E 36 -26.01 9.51 -8.51
CA ILE E 36 -27.19 8.66 -8.21
C ILE E 36 -26.69 7.24 -7.93
N ASP E 37 -26.83 6.80 -6.69
CA ASP E 37 -26.58 5.42 -6.29
C ASP E 37 -27.82 4.92 -5.54
N ASP E 38 -27.79 3.68 -5.12
CA ASP E 38 -28.99 3.08 -4.48
C ASP E 38 -29.38 3.86 -3.22
N ASN E 39 -28.41 4.34 -2.45
CA ASN E 39 -28.71 5.09 -1.19
C ASN E 39 -29.47 6.38 -1.52
N VAL E 40 -28.99 7.13 -2.51
CA VAL E 40 -29.64 8.39 -2.96
C VAL E 40 -31.03 8.05 -3.49
N ALA E 41 -31.17 7.01 -4.30
CA ALA E 41 -32.48 6.65 -4.88
C ALA E 41 -33.44 6.26 -3.75
N ASN E 42 -32.98 5.47 -2.77
CA ASN E 42 -33.86 5.03 -1.66
C ASN E 42 -34.39 6.26 -0.93
N SER E 43 -33.50 7.23 -0.69
CA SER E 43 -33.88 8.46 0.03
C SER E 43 -34.90 9.25 -0.77
N ILE E 44 -34.63 9.47 -2.06
CA ILE E 44 -35.53 10.29 -2.91
C ILE E 44 -36.86 9.58 -3.10
N VAL E 45 -36.89 8.27 -3.31
CA VAL E 45 -38.16 7.51 -3.40
C VAL E 45 -38.95 7.71 -2.10
N SER E 46 -38.29 7.60 -0.96
CA SER E 46 -38.97 7.74 0.35
C SER E 46 -39.54 9.16 0.52
N GLN E 47 -38.80 10.16 0.08
CA GLN E 47 -39.25 11.57 0.14
C GLN E 47 -40.46 11.76 -0.78
N LEU E 48 -40.44 11.21 -1.97
CA LEU E 48 -41.58 11.33 -2.92
C LEU E 48 -42.82 10.68 -2.32
N LEU E 49 -42.70 9.48 -1.76
CA LEU E 49 -43.87 8.76 -1.21
C LEU E 49 -44.40 9.54 -0.01
N PHE E 50 -43.52 10.05 0.84
CA PHE E 50 -43.89 10.88 2.00
C PHE E 50 -44.65 12.13 1.54
N LEU E 51 -44.13 12.85 0.54
CA LEU E 51 -44.76 14.09 0.07
C LEU E 51 -46.12 13.79 -0.51
N GLN E 52 -46.31 12.68 -1.22
CA GLN E 52 -47.64 12.31 -1.75
C GLN E 52 -48.60 12.11 -0.58
N ALA E 53 -48.16 11.45 0.47
CA ALA E 53 -48.99 11.14 1.65
C ALA E 53 -49.35 12.46 2.35
N GLN E 54 -48.44 13.40 2.44
CA GLN E 54 -48.67 14.70 3.12
C GLN E 54 -49.70 15.50 2.35
N ASP E 55 -49.62 15.50 1.02
CA ASP E 55 -50.52 16.31 0.17
C ASP E 55 -50.50 15.70 -1.23
N SER E 56 -51.59 15.12 -1.65
CA SER E 56 -51.64 14.40 -2.95
C SER E 56 -51.78 15.36 -4.12
N GLU E 57 -52.05 16.67 -3.86
CA GLU E 57 -52.40 17.61 -4.95
C GLU E 57 -51.28 18.60 -5.23
N LYS E 58 -50.52 19.01 -4.22
CA LYS E 58 -49.57 20.13 -4.38
C LYS E 58 -48.32 19.61 -5.10
N ASP E 59 -47.79 20.45 -5.98
CA ASP E 59 -46.56 20.13 -6.73
C ASP E 59 -45.43 19.83 -5.74
N ILE E 60 -44.51 19.02 -6.26
CA ILE E 60 -43.18 18.71 -5.66
C ILE E 60 -42.14 19.35 -6.59
N TYR E 61 -41.03 19.78 -6.01
CA TYR E 61 -39.93 20.42 -6.79
C TYR E 61 -38.70 19.56 -6.61
N LEU E 62 -38.22 18.96 -7.71
CA LEU E 62 -36.97 18.16 -7.67
C LEU E 62 -35.84 18.99 -8.31
N TYR E 63 -34.91 19.43 -7.48
CA TYR E 63 -33.71 20.17 -7.87
C TYR E 63 -32.69 19.10 -8.31
N ILE E 64 -32.09 19.35 -9.48
CA ILE E 64 -31.12 18.37 -10.05
C ILE E 64 -29.81 19.09 -10.32
N ASN E 65 -28.78 18.65 -9.58
CA ASN E 65 -27.37 18.99 -9.86
C ASN E 65 -26.61 17.68 -9.68
N SER E 66 -26.52 16.92 -10.76
CA SER E 66 -26.05 15.52 -10.65
C SER E 66 -25.32 15.14 -11.92
N PRO E 67 -24.19 14.39 -11.75
CA PRO E 67 -23.50 13.82 -12.90
C PRO E 67 -24.09 12.49 -13.37
N GLY E 68 -25.17 12.06 -12.75
CA GLY E 68 -25.84 10.78 -13.06
C GLY E 68 -25.32 9.69 -12.17
N GLY E 69 -25.30 8.46 -12.66
CA GLY E 69 -24.93 7.29 -11.84
C GLY E 69 -25.69 6.08 -12.27
N SER E 70 -26.10 5.27 -11.31
CA SER E 70 -26.69 3.95 -11.57
C SER E 70 -27.98 4.08 -12.39
N VAL E 71 -28.11 3.33 -13.47
CA VAL E 71 -29.34 3.33 -14.28
C VAL E 71 -30.50 2.73 -13.47
N THR E 72 -30.29 1.63 -12.76
CA THR E 72 -31.41 1.03 -11.96
C THR E 72 -31.81 1.99 -10.83
N ALA E 73 -30.86 2.64 -10.20
CA ALA E 73 -31.17 3.63 -9.14
C ALA E 73 -31.98 4.77 -9.78
N GLY E 74 -31.56 5.23 -10.94
CA GLY E 74 -32.28 6.29 -11.67
C GLY E 74 -33.69 5.86 -12.01
N PHE E 75 -33.88 4.60 -12.41
CA PHE E 75 -35.24 4.11 -12.72
C PHE E 75 -36.09 3.96 -11.48
N ALA E 76 -35.52 3.73 -10.33
CA ALA E 76 -36.29 3.71 -9.05
C ALA E 76 -36.92 5.10 -8.88
N ILE E 77 -36.13 6.15 -9.10
CA ILE E 77 -36.64 7.55 -8.98
C ILE E 77 -37.66 7.81 -10.08
N TYR E 78 -37.33 7.50 -11.33
CA TYR E 78 -38.20 7.75 -12.50
C TYR E 78 -39.58 7.13 -12.25
N ASP E 79 -39.62 5.85 -11.90
CA ASP E 79 -40.92 5.12 -11.78
C ASP E 79 -41.70 5.70 -10.61
N THR E 80 -41.02 6.11 -9.53
CA THR E 80 -41.73 6.68 -8.37
C THR E 80 -42.34 8.03 -8.78
N ILE E 81 -41.61 8.85 -9.50
CA ILE E 81 -42.16 10.13 -10.05
C ILE E 81 -43.43 9.82 -10.83
N GLN E 82 -43.39 8.87 -11.74
CA GLN E 82 -44.56 8.64 -12.63
C GLN E 82 -45.70 8.03 -11.81
N HIS E 83 -45.41 7.29 -10.74
CA HIS E 83 -46.40 6.59 -9.92
C HIS E 83 -47.27 7.57 -9.15
N ILE E 84 -46.64 8.56 -8.51
CA ILE E 84 -47.33 9.37 -7.48
C ILE E 84 -48.29 10.35 -8.16
N LYS E 85 -49.27 10.83 -7.38
CA LYS E 85 -50.31 11.76 -7.92
C LYS E 85 -49.81 13.18 -8.13
N PRO E 86 -49.05 13.81 -7.20
CA PRO E 86 -48.60 15.18 -7.43
C PRO E 86 -47.67 15.28 -8.65
N ASP E 87 -47.78 16.39 -9.36
CA ASP E 87 -46.78 16.78 -10.39
C ASP E 87 -45.42 16.96 -9.72
N VAL E 88 -44.36 16.45 -10.37
CA VAL E 88 -42.98 16.70 -9.90
C VAL E 88 -42.33 17.63 -10.93
N GLN E 89 -42.09 18.86 -10.53
CA GLN E 89 -41.35 19.82 -11.34
C GLN E 89 -39.87 19.41 -11.26
N THR E 90 -39.15 19.57 -12.35
CA THR E 90 -37.69 19.34 -12.32
C THR E 90 -36.99 20.64 -12.65
N ILE E 91 -35.91 20.93 -11.94
CA ILE E 91 -35.15 22.18 -12.15
C ILE E 91 -33.67 21.80 -12.16
N CYS E 92 -33.03 22.01 -13.29
CA CYS E 92 -31.57 21.77 -13.42
C CYS E 92 -30.82 23.03 -13.02
N ILE E 93 -29.94 22.90 -12.04
CA ILE E 93 -29.04 23.99 -11.57
C ILE E 93 -27.63 23.37 -11.54
N GLY E 94 -26.67 24.01 -12.17
CA GLY E 94 -25.29 23.47 -12.24
C GLY E 94 -25.18 22.53 -13.44
N MET E 95 -25.54 21.26 -13.25
N MET E 95 -25.54 21.26 -13.25
CA MET E 95 -25.38 20.24 -14.32
CA MET E 95 -25.37 20.24 -14.32
C MET E 95 -26.38 19.11 -14.11
C MET E 95 -26.38 19.11 -14.11
N ALA E 96 -26.92 18.60 -15.21
CA ALA E 96 -27.66 17.33 -15.20
C ALA E 96 -27.02 16.50 -16.30
N ALA E 97 -26.30 15.46 -15.96
CA ALA E 97 -25.64 14.60 -16.94
C ALA E 97 -26.16 13.19 -16.81
N SER E 98 -26.20 12.51 -17.95
CA SER E 98 -26.47 11.06 -18.02
C SER E 98 -27.82 10.79 -17.33
N MET E 99 -27.86 9.90 -16.33
CA MET E 99 -29.15 9.59 -15.69
C MET E 99 -29.75 10.85 -15.05
N GLY E 100 -28.94 11.85 -14.69
CA GLY E 100 -29.46 13.14 -14.20
C GLY E 100 -30.26 13.87 -15.26
N SER E 101 -29.82 13.88 -16.51
CA SER E 101 -30.57 14.54 -17.61
C SER E 101 -31.82 13.73 -17.94
N PHE E 102 -31.77 12.41 -17.77
CA PHE E 102 -32.94 11.54 -17.97
C PHE E 102 -34.01 11.94 -16.95
N LEU E 103 -33.62 12.12 -15.69
CA LEU E 103 -34.62 12.50 -14.65
C LEU E 103 -35.10 13.91 -14.90
N LEU E 104 -34.26 14.82 -15.38
CA LEU E 104 -34.70 16.18 -15.69
C LEU E 104 -35.83 16.11 -16.74
N ALA E 105 -35.67 15.30 -17.77
CA ALA E 105 -36.65 15.14 -18.86
C ALA E 105 -37.91 14.45 -18.37
N ALA E 106 -37.87 13.82 -17.20
CA ALA E 106 -38.98 12.99 -16.65
C ALA E 106 -39.96 13.82 -15.82
N GLY E 107 -39.68 15.10 -15.60
CA GLY E 107 -40.56 15.98 -14.82
C GLY E 107 -41.91 16.14 -15.51
N ALA E 108 -42.87 16.66 -14.74
CA ALA E 108 -44.23 16.91 -15.28
C ALA E 108 -44.15 17.79 -16.54
N LYS E 109 -44.93 17.42 -17.55
CA LYS E 109 -44.96 18.17 -18.83
C LYS E 109 -45.31 19.64 -18.56
N GLY E 110 -44.48 20.54 -19.06
CA GLY E 110 -44.60 21.98 -18.84
C GLY E 110 -43.93 22.49 -17.60
N LYS E 111 -43.36 21.61 -16.76
CA LYS E 111 -42.78 22.00 -15.47
C LYS E 111 -41.35 21.43 -15.37
N ARG E 112 -40.65 21.37 -16.50
CA ARG E 112 -39.23 20.99 -16.54
C ARG E 112 -38.44 22.25 -16.89
N PHE E 113 -37.52 22.64 -16.02
CA PHE E 113 -36.80 23.91 -16.13
C PHE E 113 -35.30 23.70 -16.04
N ALA E 114 -34.56 24.68 -16.53
CA ALA E 114 -33.12 24.81 -16.23
C ALA E 114 -32.84 26.30 -16.00
N LEU E 115 -31.92 26.62 -15.11
N LEU E 115 -31.92 26.63 -15.11
CA LEU E 115 -31.42 28.01 -14.99
CA LEU E 115 -31.42 28.01 -14.99
C LEU E 115 -30.44 28.26 -16.15
C LEU E 115 -30.44 28.26 -16.13
N PRO E 116 -30.23 29.54 -16.52
CA PRO E 116 -29.63 29.86 -17.82
C PRO E 116 -28.22 29.30 -18.06
N ASN E 117 -27.41 29.15 -17.03
CA ASN E 117 -26.01 28.72 -17.16
C ASN E 117 -25.87 27.24 -16.77
N ALA E 118 -26.98 26.54 -16.51
CA ALA E 118 -26.93 25.11 -16.21
C ALA E 118 -26.54 24.34 -17.49
N GLU E 119 -25.84 23.24 -17.29
N GLU E 119 -25.84 23.23 -17.29
CA GLU E 119 -25.33 22.35 -18.36
CA GLU E 119 -25.32 22.34 -18.37
C GLU E 119 -26.15 21.05 -18.35
C GLU E 119 -26.15 21.04 -18.35
N VAL E 120 -26.52 20.56 -19.51
CA VAL E 120 -27.22 19.27 -19.66
C VAL E 120 -26.33 18.40 -20.54
N MET E 121 -26.10 17.16 -20.16
CA MET E 121 -25.29 16.28 -21.04
C MET E 121 -26.04 14.96 -21.20
N ILE E 122 -26.12 14.46 -22.42
CA ILE E 122 -26.77 13.14 -22.71
C ILE E 122 -25.72 12.24 -23.35
N HIS E 123 -25.79 10.93 -23.09
CA HIS E 123 -24.85 9.97 -23.66
C HIS E 123 -25.42 8.56 -23.44
N GLN E 124 -24.78 7.58 -24.03
CA GLN E 124 -25.24 6.19 -23.84
C GLN E 124 -24.79 5.65 -22.50
N PRO E 125 -25.50 4.62 -22.01
CA PRO E 125 -25.13 3.97 -20.75
C PRO E 125 -23.75 3.30 -20.80
N LEU E 126 -23.10 3.28 -19.64
CA LEU E 126 -21.75 2.69 -19.44
C LEU E 126 -21.87 1.40 -18.62
N GLY E 127 -20.99 0.44 -18.87
CA GLY E 127 -20.98 -0.76 -18.03
C GLY E 127 -19.71 -1.56 -18.27
N GLY E 128 -19.76 -2.79 -17.79
CA GLY E 128 -18.60 -3.66 -18.00
C GLY E 128 -19.03 -5.09 -17.84
N ALA E 129 -18.15 -6.00 -18.28
CA ALA E 129 -18.45 -7.43 -18.16
C ALA E 129 -17.11 -8.15 -18.22
N GLN E 130 -16.94 -9.19 -17.41
CA GLN E 130 -15.71 -9.99 -17.46
C GLN E 130 -16.17 -11.44 -17.30
N GLY E 131 -15.54 -12.34 -18.02
CA GLY E 131 -15.82 -13.77 -17.82
C GLY E 131 -15.89 -14.48 -19.15
N GLN E 132 -16.70 -15.51 -19.19
CA GLN E 132 -16.79 -16.40 -20.36
C GLN E 132 -17.49 -15.63 -21.49
N ALA E 133 -17.22 -16.04 -22.73
CA ALA E 133 -17.90 -15.48 -23.90
C ALA E 133 -19.41 -15.40 -23.68
N THR E 134 -20.05 -16.46 -23.18
CA THR E 134 -21.54 -16.46 -23.02
C THR E 134 -21.95 -15.42 -21.97
N GLU E 135 -21.15 -15.18 -20.93
CA GLU E 135 -21.43 -14.18 -19.87
C GLU E 135 -21.33 -12.79 -20.47
N ILE E 136 -20.31 -12.57 -21.31
CA ILE E 136 -20.14 -11.25 -21.98
C ILE E 136 -21.34 -11.02 -22.90
N GLU E 137 -21.79 -12.04 -23.60
CA GLU E 137 -22.97 -11.92 -24.50
C GLU E 137 -24.21 -11.50 -23.68
N ILE E 138 -24.45 -12.16 -22.55
CA ILE E 138 -25.59 -11.81 -21.66
C ILE E 138 -25.47 -10.34 -21.23
N ALA E 139 -24.30 -9.91 -20.79
CA ALA E 139 -24.07 -8.53 -20.31
C ALA E 139 -24.35 -7.55 -21.46
N ALA E 140 -23.85 -7.85 -22.67
CA ALA E 140 -24.01 -6.97 -23.82
C ALA E 140 -25.49 -6.84 -24.16
N ASN E 141 -26.18 -7.98 -24.23
CA ASN E 141 -27.62 -7.97 -24.59
C ASN E 141 -28.38 -7.11 -23.55
N HIS E 142 -28.03 -7.24 -22.28
CA HIS E 142 -28.72 -6.49 -21.21
C HIS E 142 -28.47 -4.97 -21.36
N ILE E 143 -27.23 -4.56 -21.58
CA ILE E 143 -26.96 -3.09 -21.66
C ILE E 143 -27.58 -2.54 -22.94
N LEU E 144 -27.64 -3.31 -24.02
CA LEU E 144 -28.27 -2.84 -25.27
C LEU E 144 -29.79 -2.68 -25.06
N LYS E 145 -30.41 -3.62 -24.35
CA LYS E 145 -31.86 -3.51 -24.04
C LYS E 145 -32.10 -2.31 -23.14
N THR E 146 -31.22 -2.08 -22.18
CA THR E 146 -31.33 -0.92 -21.26
C THR E 146 -31.25 0.37 -22.09
N ARG E 147 -30.30 0.45 -23.01
CA ARG E 147 -30.18 1.65 -23.86
C ARG E 147 -31.46 1.85 -24.68
N GLU E 148 -32.02 0.79 -25.25
CA GLU E 148 -33.25 0.91 -26.07
C GLU E 148 -34.38 1.48 -25.19
N LYS E 149 -34.48 0.99 -23.95
CA LYS E 149 -35.55 1.45 -23.02
C LYS E 149 -35.35 2.95 -22.70
N LEU E 150 -34.14 3.35 -22.37
CA LEU E 150 -33.82 4.76 -22.07
C LEU E 150 -34.16 5.64 -23.28
N ASN E 151 -33.73 5.22 -24.45
CA ASN E 151 -33.90 6.04 -25.66
C ASN E 151 -35.37 6.16 -26.05
N ARG E 152 -36.13 5.10 -25.87
CA ARG E 152 -37.59 5.11 -26.19
C ARG E 152 -38.27 6.09 -25.24
N ILE E 153 -37.97 6.05 -23.97
CA ILE E 153 -38.59 7.01 -23.02
C ILE E 153 -38.13 8.42 -23.36
N LEU E 154 -36.85 8.64 -23.64
CA LEU E 154 -36.40 10.01 -23.96
C LEU E 154 -37.10 10.52 -25.25
N SER E 155 -37.32 9.62 -26.22
CA SER E 155 -38.08 9.95 -27.46
C SER E 155 -39.50 10.42 -27.07
N GLU E 156 -40.16 9.68 -26.20
CA GLU E 156 -41.54 10.02 -25.75
C GLU E 156 -41.55 11.37 -25.04
N ARG E 157 -40.55 11.64 -24.18
N ARG E 157 -40.55 11.64 -24.18
CA ARG E 157 -40.54 12.83 -23.30
CA ARG E 157 -40.55 12.82 -23.30
C ARG E 157 -40.07 14.06 -24.07
C ARG E 157 -40.08 14.06 -24.06
N THR E 158 -39.31 13.92 -25.16
CA THR E 158 -38.73 15.08 -25.89
C THR E 158 -39.50 15.37 -27.18
N GLY E 159 -40.15 14.37 -27.76
CA GLY E 159 -40.75 14.44 -29.10
C GLY E 159 -39.74 14.21 -30.21
N GLN E 160 -38.49 13.87 -29.92
CA GLN E 160 -37.50 13.52 -30.95
C GLN E 160 -37.73 12.04 -31.32
N SER E 161 -37.36 11.67 -32.53
CA SER E 161 -37.40 10.27 -32.96
C SER E 161 -36.37 9.43 -32.20
N ILE E 162 -36.64 8.14 -32.10
CA ILE E 162 -35.68 7.18 -31.50
C ILE E 162 -34.37 7.24 -32.30
N GLU E 163 -34.44 7.34 -33.62
CA GLU E 163 -33.25 7.37 -34.48
C GLU E 163 -32.38 8.59 -34.14
N LYS E 164 -32.99 9.75 -33.94
CA LYS E 164 -32.26 10.98 -33.59
C LYS E 164 -31.64 10.84 -32.18
N ILE E 165 -32.40 10.32 -31.22
CA ILE E 165 -31.86 10.15 -29.83
C ILE E 165 -30.64 9.21 -29.88
N GLN E 166 -30.75 8.10 -30.64
CA GLN E 166 -29.61 7.13 -30.76
C GLN E 166 -28.38 7.86 -31.31
N LYS E 167 -28.54 8.63 -32.36
CA LYS E 167 -27.40 9.35 -32.98
C LYS E 167 -26.83 10.38 -31.97
N ASP E 168 -27.71 11.10 -31.30
CA ASP E 168 -27.32 12.25 -30.45
C ASP E 168 -26.73 11.78 -29.11
N THR E 169 -26.85 10.51 -28.76
CA THR E 169 -26.31 9.99 -27.48
C THR E 169 -25.11 9.05 -27.74
N ASP E 170 -24.69 8.92 -29.00
CA ASP E 170 -23.58 8.00 -29.33
C ASP E 170 -22.32 8.38 -28.55
N ARG E 171 -22.05 9.66 -28.40
CA ARG E 171 -20.93 10.17 -27.58
C ARG E 171 -21.46 11.25 -26.64
N ASP E 172 -20.63 11.74 -25.76
CA ASP E 172 -21.05 12.82 -24.83
C ASP E 172 -21.53 14.00 -25.64
N ASN E 173 -22.72 14.48 -25.31
CA ASN E 173 -23.38 15.56 -26.04
C ASN E 173 -23.78 16.62 -25.01
N PHE E 174 -23.07 17.74 -24.96
CA PHE E 174 -23.31 18.83 -24.00
C PHE E 174 -24.27 19.84 -24.62
N LEU E 175 -25.31 20.20 -23.87
CA LEU E 175 -26.31 21.20 -24.31
C LEU E 175 -26.34 22.35 -23.30
N THR E 176 -26.49 23.57 -23.80
CA THR E 176 -26.84 24.70 -22.95
C THR E 176 -28.31 24.54 -22.50
N ALA E 177 -28.75 25.34 -21.56
CA ALA E 177 -30.15 25.34 -21.11
C ALA E 177 -31.06 25.63 -22.32
N GLU E 178 -30.71 26.63 -23.13
CA GLU E 178 -31.54 26.99 -24.31
C GLU E 178 -31.56 25.83 -25.32
N GLU E 179 -30.44 25.16 -25.54
CA GLU E 179 -30.40 24.00 -26.44
C GLU E 179 -31.25 22.86 -25.87
N ALA E 180 -31.24 22.66 -24.56
CA ALA E 180 -32.02 21.58 -23.92
C ALA E 180 -33.50 21.87 -24.12
N LYS E 181 -33.90 23.14 -24.06
CA LYS E 181 -35.30 23.53 -24.32
C LYS E 181 -35.65 23.22 -25.78
N GLU E 182 -34.81 23.64 -26.73
CA GLU E 182 -35.05 23.40 -28.16
C GLU E 182 -35.15 21.90 -28.41
N TYR E 183 -34.35 21.10 -27.68
CA TYR E 183 -34.33 19.63 -27.86
C TYR E 183 -35.61 18.98 -27.31
N GLY E 184 -36.26 19.60 -26.35
CA GLY E 184 -37.42 19.01 -25.65
C GLY E 184 -37.06 18.32 -24.35
N LEU E 185 -35.84 18.47 -23.84
CA LEU E 185 -35.45 17.91 -22.52
C LEU E 185 -36.03 18.73 -21.38
N ILE E 186 -36.23 20.03 -21.59
CA ILE E 186 -36.92 20.91 -20.63
C ILE E 186 -37.97 21.71 -21.40
N ASP E 187 -38.87 22.33 -20.67
CA ASP E 187 -39.92 23.19 -21.24
C ASP E 187 -39.54 24.67 -21.26
N GLU E 188 -38.78 25.14 -20.31
CA GLU E 188 -38.47 26.58 -20.19
C GLU E 188 -37.12 26.76 -19.52
N VAL E 189 -36.42 27.80 -19.97
CA VAL E 189 -35.27 28.35 -19.21
C VAL E 189 -35.82 29.38 -18.23
N MET E 190 -35.56 29.19 -16.94
CA MET E 190 -36.03 30.12 -15.88
C MET E 190 -35.11 31.34 -15.89
N VAL E 191 -35.53 32.43 -16.54
CA VAL E 191 -34.69 33.65 -16.72
C VAL E 191 -34.84 34.52 -15.47
N PRO E 192 -33.77 35.20 -14.99
CA PRO E 192 -33.90 36.06 -13.82
C PRO E 192 -34.65 37.36 -14.18
N GLU E 193 -35.44 37.90 -13.23
CA GLU E 193 -36.01 39.29 -13.28
C GLU E 193 -34.90 40.37 -13.26
N ILE F 4 -16.74 23.17 16.14
CA ILE F 4 -17.64 24.29 15.76
C ILE F 4 -18.53 24.63 16.96
N PRO F 5 -18.43 25.84 17.57
CA PRO F 5 -19.18 26.08 18.80
C PRO F 5 -20.67 26.27 18.57
N THR F 6 -21.43 26.13 19.65
CA THR F 6 -22.90 26.30 19.77
C THR F 6 -23.26 27.64 20.44
N TYR F 18 -27.99 26.66 18.23
CA TYR F 18 -27.41 26.86 16.88
C TYR F 18 -25.90 26.58 16.90
N ASP F 19 -25.36 25.81 15.97
CA ASP F 19 -23.91 25.92 15.64
C ASP F 19 -23.64 27.36 15.14
N ILE F 20 -22.41 27.83 15.17
CA ILE F 20 -22.10 29.27 14.90
C ILE F 20 -22.57 29.61 13.47
N TYR F 21 -22.45 28.73 12.50
CA TYR F 21 -22.85 29.04 11.10
C TYR F 21 -24.36 29.17 11.02
N SER F 22 -25.12 28.32 11.72
CA SER F 22 -26.60 28.40 11.76
C SER F 22 -27.02 29.71 12.41
N ARG F 23 -26.27 30.18 13.40
CA ARG F 23 -26.59 31.47 14.05
C ARG F 23 -26.36 32.62 13.05
N LEU F 24 -25.31 32.57 12.26
CA LEU F 24 -25.09 33.60 11.21
C LEU F 24 -26.21 33.53 10.17
N LEU F 25 -26.66 32.34 9.80
CA LEU F 25 -27.71 32.19 8.76
C LEU F 25 -29.00 32.85 9.26
N LYS F 26 -29.26 32.80 10.56
CA LYS F 26 -30.45 33.48 11.14
C LYS F 26 -30.38 34.97 10.83
N ASP F 27 -29.19 35.55 10.70
CA ASP F 27 -28.99 36.98 10.35
C ASP F 27 -28.65 37.16 8.85
N ARG F 28 -29.00 36.18 8.03
CA ARG F 28 -28.96 36.25 6.55
C ARG F 28 -27.51 36.30 6.06
N ILE F 29 -26.61 35.67 6.81
CA ILE F 29 -25.17 35.55 6.40
C ILE F 29 -24.91 34.10 6.02
N ILE F 30 -24.36 33.91 4.83
CA ILE F 30 -24.00 32.58 4.28
C ILE F 30 -22.48 32.55 4.18
N MET F 31 -21.85 31.47 4.65
CA MET F 31 -20.38 31.36 4.69
C MET F 31 -19.96 30.38 3.59
N LEU F 32 -19.28 30.87 2.54
CA LEU F 32 -18.63 30.00 1.52
C LEU F 32 -17.16 30.00 1.89
N GLY F 33 -16.73 28.99 2.67
CA GLY F 33 -15.43 28.97 3.33
C GLY F 33 -14.60 27.74 2.96
N SER F 34 -14.89 27.14 1.82
CA SER F 34 -14.15 25.91 1.41
C SER F 34 -14.07 25.85 -0.10
N GLN F 35 -13.43 24.79 -0.59
CA GLN F 35 -13.50 24.43 -2.02
C GLN F 35 -14.95 24.29 -2.43
N ILE F 36 -15.26 24.69 -3.66
CA ILE F 36 -16.63 24.59 -4.22
C ILE F 36 -16.75 23.23 -4.89
N ASP F 37 -17.59 22.38 -4.30
CA ASP F 37 -17.98 21.11 -4.91
C ASP F 37 -19.50 21.04 -4.88
N ASP F 38 -20.07 19.97 -5.40
CA ASP F 38 -21.53 19.85 -5.52
C ASP F 38 -22.17 19.95 -4.13
N ASN F 39 -21.57 19.37 -3.10
CA ASN F 39 -22.16 19.37 -1.72
C ASN F 39 -22.24 20.81 -1.22
N VAL F 40 -21.16 21.57 -1.36
CA VAL F 40 -21.11 22.98 -0.91
C VAL F 40 -22.13 23.78 -1.72
N ALA F 41 -22.20 23.59 -3.04
CA ALA F 41 -23.16 24.32 -3.88
C ALA F 41 -24.59 24.01 -3.45
N ASN F 42 -24.90 22.74 -3.20
N ASN F 42 -24.90 22.73 -3.21
CA ASN F 42 -26.26 22.32 -2.82
CA ASN F 42 -26.26 22.30 -2.82
C ASN F 42 -26.64 23.04 -1.53
C ASN F 42 -26.64 23.04 -1.53
N SER F 43 -25.72 23.11 -0.59
CA SER F 43 -25.96 23.76 0.72
C SER F 43 -26.20 25.27 0.51
N ILE F 44 -25.33 25.93 -0.24
CA ILE F 44 -25.46 27.39 -0.45
C ILE F 44 -26.73 27.71 -1.24
N VAL F 45 -27.06 26.94 -2.28
CA VAL F 45 -28.32 27.15 -3.02
C VAL F 45 -29.51 27.01 -2.06
N SER F 46 -29.49 26.00 -1.19
CA SER F 46 -30.60 25.76 -0.25
C SER F 46 -30.73 26.96 0.69
N GLN F 47 -29.60 27.46 1.19
CA GLN F 47 -29.60 28.62 2.10
C GLN F 47 -30.15 29.86 1.38
N LEU F 48 -29.76 30.10 0.13
CA LEU F 48 -30.25 31.27 -0.63
C LEU F 48 -31.78 31.17 -0.81
N LEU F 49 -32.27 29.99 -1.19
N LEU F 49 -32.28 29.99 -1.20
CA LEU F 49 -33.72 29.80 -1.42
CA LEU F 49 -33.72 29.80 -1.42
C LEU F 49 -34.48 30.00 -0.10
C LEU F 49 -34.48 30.00 -0.10
N PHE F 50 -33.95 29.46 0.99
CA PHE F 50 -34.55 29.60 2.33
C PHE F 50 -34.60 31.09 2.72
N LEU F 51 -33.53 31.83 2.55
CA LEU F 51 -33.48 33.26 2.93
C LEU F 51 -34.46 34.06 2.09
N GLN F 52 -34.60 33.77 0.80
CA GLN F 52 -35.59 34.46 -0.05
C GLN F 52 -36.99 34.21 0.52
N ALA F 53 -37.27 32.97 0.92
CA ALA F 53 -38.61 32.60 1.45
C ALA F 53 -38.86 33.33 2.77
N GLN F 54 -37.85 33.49 3.61
CA GLN F 54 -38.02 34.20 4.90
C GLN F 54 -38.32 35.68 4.66
N ASP F 55 -37.64 36.31 3.69
CA ASP F 55 -37.81 37.75 3.42
C ASP F 55 -37.27 38.02 2.01
N SER F 56 -38.15 38.37 1.08
CA SER F 56 -37.78 38.54 -0.34
C SER F 56 -37.11 39.92 -0.56
N GLU F 57 -37.08 40.80 0.43
CA GLU F 57 -36.60 42.20 0.21
C GLU F 57 -35.25 42.44 0.88
N LYS F 58 -34.95 41.79 2.01
CA LYS F 58 -33.78 42.11 2.82
C LYS F 58 -32.51 41.52 2.16
N ASP F 59 -31.44 42.26 2.20
CA ASP F 59 -30.14 41.78 1.64
C ASP F 59 -29.73 40.47 2.32
N ILE F 60 -28.95 39.70 1.55
CA ILE F 60 -28.21 38.51 2.00
C ILE F 60 -26.72 38.85 1.92
N TYR F 61 -25.93 38.29 2.82
CA TYR F 61 -24.46 38.54 2.87
C TYR F 61 -23.74 37.22 2.62
N LEU F 62 -23.00 37.13 1.52
CA LEU F 62 -22.23 35.91 1.19
C LEU F 62 -20.75 36.20 1.43
N TYR F 63 -20.20 35.59 2.48
CA TYR F 63 -18.77 35.63 2.83
C TYR F 63 -18.06 34.62 1.94
N ILE F 64 -16.96 35.04 1.34
CA ILE F 64 -16.18 34.16 0.43
C ILE F 64 -14.73 34.10 0.89
N ASN F 65 -14.33 32.91 1.28
CA ASN F 65 -12.93 32.51 1.52
C ASN F 65 -12.77 31.14 0.88
N SER F 66 -12.43 31.13 -0.40
CA SER F 66 -12.49 29.87 -1.19
C SER F 66 -11.38 29.85 -2.22
N PRO F 67 -10.75 28.68 -2.41
CA PRO F 67 -9.80 28.47 -3.51
C PRO F 67 -10.48 28.13 -4.84
N GLY F 68 -11.80 28.12 -4.87
CA GLY F 68 -12.60 27.78 -6.04
C GLY F 68 -12.93 26.31 -6.06
N GLY F 69 -13.02 25.73 -7.26
CA GLY F 69 -13.46 24.34 -7.39
C GLY F 69 -14.31 24.17 -8.65
N SER F 70 -15.32 23.35 -8.56
CA SER F 70 -16.12 22.91 -9.71
C SER F 70 -16.82 24.09 -10.38
N VAL F 71 -16.65 24.22 -11.69
CA VAL F 71 -17.31 25.31 -12.45
C VAL F 71 -18.83 25.09 -12.44
N THR F 72 -19.31 23.85 -12.66
CA THR F 72 -20.77 23.62 -12.69
C THR F 72 -21.36 23.87 -11.29
N ALA F 73 -20.67 23.48 -10.24
CA ALA F 73 -21.14 23.75 -8.86
C ALA F 73 -21.17 25.27 -8.65
N GLY F 74 -20.15 25.98 -9.11
CA GLY F 74 -20.13 27.44 -9.04
C GLY F 74 -21.30 28.05 -9.79
N PHE F 75 -21.66 27.52 -10.94
CA PHE F 75 -22.80 28.04 -11.72
C PHE F 75 -24.13 27.75 -11.04
N ALA F 76 -24.23 26.68 -10.26
CA ALA F 76 -25.44 26.43 -9.45
C ALA F 76 -25.63 27.61 -8.50
N ILE F 77 -24.56 28.04 -7.85
CA ILE F 77 -24.60 29.19 -6.90
C ILE F 77 -24.89 30.46 -7.69
N TYR F 78 -24.13 30.71 -8.74
CA TYR F 78 -24.25 31.94 -9.56
C TYR F 78 -25.72 32.11 -10.01
N ASP F 79 -26.31 31.08 -10.61
CA ASP F 79 -27.65 31.22 -11.19
C ASP F 79 -28.69 31.41 -10.08
N THR F 80 -28.47 30.79 -8.91
CA THR F 80 -29.42 30.95 -7.80
C THR F 80 -29.33 32.41 -7.30
N ILE F 81 -28.12 32.94 -7.17
CA ILE F 81 -27.95 34.39 -6.79
C ILE F 81 -28.77 35.25 -7.76
N GLN F 82 -28.61 35.05 -9.07
CA GLN F 82 -29.27 35.95 -10.03
C GLN F 82 -30.79 35.73 -10.00
N HIS F 83 -31.25 34.51 -9.70
CA HIS F 83 -32.66 34.15 -9.76
C HIS F 83 -33.45 34.84 -8.63
N ILE F 84 -32.91 34.82 -7.42
CA ILE F 84 -33.70 35.22 -6.23
C ILE F 84 -33.89 36.74 -6.21
N LYS F 85 -34.90 37.19 -5.47
CA LYS F 85 -35.23 38.65 -5.41
C LYS F 85 -34.25 39.45 -4.55
N PRO F 86 -33.86 39.02 -3.34
CA PRO F 86 -32.96 39.82 -2.53
C PRO F 86 -31.60 40.04 -3.20
N ASP F 87 -31.03 41.22 -2.99
CA ASP F 87 -29.61 41.47 -3.33
C ASP F 87 -28.72 40.56 -2.49
N VAL F 88 -27.69 39.99 -3.12
CA VAL F 88 -26.67 39.20 -2.39
C VAL F 88 -25.38 40.01 -2.40
N GLN F 89 -25.00 40.52 -1.25
CA GLN F 89 -23.71 41.18 -1.08
C GLN F 89 -22.63 40.10 -1.05
N THR F 90 -21.48 40.37 -1.64
CA THR F 90 -20.33 39.44 -1.54
C THR F 90 -19.20 40.12 -0.81
N ILE F 91 -18.54 39.38 0.07
CA ILE F 91 -17.42 39.92 0.86
C ILE F 91 -16.29 38.90 0.83
N CYS F 92 -15.18 39.26 0.21
CA CYS F 92 -13.99 38.42 0.18
C CYS F 92 -13.14 38.68 1.43
N ILE F 93 -12.89 37.62 2.19
CA ILE F 93 -12.00 37.62 3.37
C ILE F 93 -11.01 36.47 3.17
N GLY F 94 -9.72 36.70 3.31
CA GLY F 94 -8.70 35.67 3.07
C GLY F 94 -8.36 35.60 1.60
N MET F 95 -9.11 34.81 0.84
N MET F 95 -9.11 34.81 0.84
CA MET F 95 -8.82 34.59 -0.60
CA MET F 95 -8.83 34.58 -0.60
C MET F 95 -10.12 34.25 -1.34
C MET F 95 -10.12 34.25 -1.34
N ALA F 96 -10.24 34.75 -2.56
CA ALA F 96 -11.24 34.25 -3.52
C ALA F 96 -10.45 33.91 -4.78
N ALA F 97 -10.32 32.63 -5.10
CA ALA F 97 -9.57 32.22 -6.29
C ALA F 97 -10.49 31.46 -7.23
N SER F 98 -10.21 31.60 -8.51
CA SER F 98 -10.83 30.80 -9.58
C SER F 98 -12.35 30.96 -9.47
N MET F 99 -13.12 29.87 -9.34
CA MET F 99 -14.58 30.03 -9.32
C MET F 99 -15.00 30.88 -8.09
N GLY F 100 -14.18 30.94 -7.02
CA GLY F 100 -14.46 31.80 -5.89
C GLY F 100 -14.42 33.30 -6.28
N SER F 101 -13.48 33.71 -7.12
CA SER F 101 -13.42 35.11 -7.59
C SER F 101 -14.58 35.40 -8.56
N PHE F 102 -15.01 34.38 -9.31
CA PHE F 102 -16.17 34.53 -10.20
C PHE F 102 -17.41 34.82 -9.35
N LEU F 103 -17.59 34.09 -8.24
CA LEU F 103 -18.78 34.31 -7.40
C LEU F 103 -18.65 35.66 -6.69
N LEU F 104 -17.45 36.07 -6.31
CA LEU F 104 -17.27 37.42 -5.69
C LEU F 104 -17.80 38.47 -6.65
N ALA F 105 -17.45 38.37 -7.92
CA ALA F 105 -17.83 39.34 -8.97
C ALA F 105 -19.33 39.27 -9.27
N ALA F 106 -20.01 38.22 -8.83
CA ALA F 106 -21.44 37.95 -9.13
C ALA F 106 -22.38 38.62 -8.13
N GLY F 107 -21.84 39.23 -7.06
CA GLY F 107 -22.66 39.91 -6.05
C GLY F 107 -23.40 41.09 -6.65
N ALA F 108 -24.38 41.59 -5.90
CA ALA F 108 -25.20 42.75 -6.32
C ALA F 108 -24.28 43.93 -6.67
N LYS F 109 -24.57 44.60 -7.77
CA LYS F 109 -23.73 45.74 -8.23
C LYS F 109 -23.73 46.82 -7.13
N GLY F 110 -22.56 47.26 -6.72
CA GLY F 110 -22.33 48.20 -5.62
C GLY F 110 -22.19 47.55 -4.28
N LYS F 111 -22.39 46.23 -4.18
CA LYS F 111 -22.33 45.52 -2.88
C LYS F 111 -21.38 44.31 -2.95
N ARG F 112 -20.30 44.48 -3.71
CA ARG F 112 -19.20 43.50 -3.77
C ARG F 112 -18.00 44.12 -3.06
N PHE F 113 -17.49 43.45 -2.04
CA PHE F 113 -16.46 43.99 -1.15
C PHE F 113 -15.31 43.02 -0.98
N ALA F 114 -14.16 43.55 -0.59
CA ALA F 114 -13.07 42.74 -0.03
C ALA F 114 -12.48 43.48 1.16
N LEU F 115 -11.99 42.76 2.14
N LEU F 115 -11.99 42.76 2.14
CA LEU F 115 -11.22 43.39 3.24
CA LEU F 115 -11.22 43.39 3.24
C LEU F 115 -9.80 43.65 2.73
C LEU F 115 -9.80 43.65 2.73
N PRO F 116 -9.08 44.59 3.34
CA PRO F 116 -7.88 45.16 2.71
C PRO F 116 -6.75 44.19 2.36
N ASN F 117 -6.59 43.11 3.12
CA ASN F 117 -5.48 42.16 2.91
C ASN F 117 -6.00 40.89 2.23
N ALA F 118 -7.25 40.88 1.78
CA ALA F 118 -7.79 39.71 1.04
C ALA F 118 -7.12 39.62 -0.33
N GLU F 119 -6.95 38.41 -0.80
N GLU F 119 -6.94 38.40 -0.80
CA GLU F 119 -6.31 38.08 -2.10
CA GLU F 119 -6.30 38.07 -2.10
C GLU F 119 -7.39 37.60 -3.08
C GLU F 119 -7.39 37.60 -3.08
N VAL F 120 -7.32 38.07 -4.31
CA VAL F 120 -8.23 37.62 -5.38
C VAL F 120 -7.34 37.01 -6.47
N MET F 121 -7.68 35.83 -6.97
CA MET F 121 -6.86 35.25 -8.06
C MET F 121 -7.83 34.83 -9.17
N ILE F 122 -7.48 35.14 -10.40
CA ILE F 122 -8.28 34.72 -11.59
C ILE F 122 -7.38 33.86 -12.48
N HIS F 123 -7.98 32.83 -13.08
CA HIS F 123 -7.21 31.96 -14.00
C HIS F 123 -8.20 31.18 -14.86
N GLN F 124 -7.74 30.54 -15.87
CA GLN F 124 -8.63 29.78 -16.77
C GLN F 124 -9.00 28.47 -16.08
N PRO F 125 -10.14 27.88 -16.55
CA PRO F 125 -10.57 26.61 -15.99
C PRO F 125 -9.59 25.46 -16.30
N LEU F 126 -9.62 24.49 -15.39
CA LEU F 126 -8.80 23.26 -15.41
C LEU F 126 -9.71 22.07 -15.69
N GLY F 127 -9.19 21.08 -16.38
CA GLY F 127 -9.95 19.83 -16.54
C GLY F 127 -9.09 18.74 -17.12
N GLY F 128 -9.74 17.80 -17.78
CA GLY F 128 -9.01 16.59 -18.20
C GLY F 128 -9.78 15.98 -19.36
N ALA F 129 -9.12 15.14 -20.13
CA ALA F 129 -9.77 14.41 -21.21
C ALA F 129 -8.93 13.16 -21.48
N GLN F 130 -9.56 12.02 -21.64
CA GLN F 130 -8.82 10.75 -21.79
C GLN F 130 -9.63 9.93 -22.80
N GLY F 131 -8.95 9.23 -23.70
CA GLY F 131 -9.67 8.29 -24.53
C GLY F 131 -9.34 8.43 -26.00
N GLN F 132 -10.33 8.19 -26.84
CA GLN F 132 -10.16 8.27 -28.29
C GLN F 132 -9.97 9.74 -28.70
N ALA F 133 -9.32 9.96 -29.83
CA ALA F 133 -9.19 11.31 -30.41
C ALA F 133 -10.53 12.05 -30.40
N THR F 134 -11.61 11.44 -30.85
CA THR F 134 -12.91 12.14 -30.95
C THR F 134 -13.45 12.46 -29.54
N GLU F 135 -13.18 11.63 -28.54
CA GLU F 135 -13.60 11.90 -27.14
C GLU F 135 -12.81 13.10 -26.60
N ILE F 136 -11.51 13.13 -26.89
CA ILE F 136 -10.66 14.27 -26.45
C ILE F 136 -11.17 15.54 -27.12
N GLU F 137 -11.55 15.49 -28.39
CA GLU F 137 -12.07 16.66 -29.12
C GLU F 137 -13.34 17.16 -28.44
N ILE F 138 -14.26 16.26 -28.09
CA ILE F 138 -15.52 16.65 -27.40
C ILE F 138 -15.16 17.33 -26.07
N ALA F 139 -14.27 16.77 -25.29
CA ALA F 139 -13.89 17.31 -23.98
C ALA F 139 -13.24 18.69 -24.17
N ALA F 140 -12.36 18.84 -25.16
CA ALA F 140 -11.67 20.12 -25.42
C ALA F 140 -12.71 21.17 -25.79
N ASN F 141 -13.60 20.85 -26.71
CA ASN F 141 -14.63 21.80 -27.17
C ASN F 141 -15.47 22.21 -25.96
N HIS F 142 -15.81 21.29 -25.10
CA HIS F 142 -16.65 21.58 -23.90
C HIS F 142 -15.92 22.56 -22.97
N ILE F 143 -14.64 22.30 -22.66
CA ILE F 143 -13.95 23.18 -21.68
C ILE F 143 -13.71 24.56 -22.35
N LEU F 144 -13.48 24.61 -23.65
CA LEU F 144 -13.27 25.90 -24.35
C LEU F 144 -14.60 26.69 -24.33
N LYS F 145 -15.73 26.05 -24.55
CA LYS F 145 -17.05 26.71 -24.50
C LYS F 145 -17.32 27.19 -23.07
N THR F 146 -16.97 26.39 -22.07
CA THR F 146 -17.14 26.78 -20.66
C THR F 146 -16.30 28.03 -20.36
N ARG F 147 -15.06 28.06 -20.86
CA ARG F 147 -14.21 29.27 -20.66
C ARG F 147 -14.87 30.47 -21.33
N GLU F 148 -15.39 30.34 -22.54
CA GLU F 148 -16.06 31.45 -23.26
C GLU F 148 -17.23 31.96 -22.42
N LYS F 149 -17.99 31.06 -21.82
CA LYS F 149 -19.18 31.42 -21.01
C LYS F 149 -18.72 32.20 -19.76
N LEU F 150 -17.72 31.70 -19.06
CA LEU F 150 -17.16 32.39 -17.86
C LEU F 150 -16.65 33.78 -18.25
N ASN F 151 -15.92 33.87 -19.35
CA ASN F 151 -15.28 35.15 -19.75
C ASN F 151 -16.35 36.15 -20.14
N ARG F 152 -17.40 35.71 -20.83
N ARG F 152 -17.40 35.71 -20.83
CA ARG F 152 -18.50 36.60 -21.25
CA ARG F 152 -18.51 36.60 -21.26
C ARG F 152 -19.17 37.18 -20.00
C ARG F 152 -19.17 37.18 -20.00
N ILE F 153 -19.48 36.34 -19.03
CA ILE F 153 -20.15 36.84 -17.80
C ILE F 153 -19.18 37.73 -17.03
N LEU F 154 -17.91 37.34 -16.91
CA LEU F 154 -16.97 38.18 -16.14
C LEU F 154 -16.81 39.54 -16.84
N SER F 155 -16.83 39.56 -18.17
CA SER F 155 -16.79 40.83 -18.95
C SER F 155 -17.99 41.71 -18.59
N GLU F 156 -19.17 41.13 -18.54
CA GLU F 156 -20.43 41.85 -18.18
C GLU F 156 -20.34 42.39 -16.74
N ARG F 157 -19.78 41.62 -15.81
N ARG F 157 -19.78 41.62 -15.81
CA ARG F 157 -19.80 41.94 -14.36
CA ARG F 157 -19.80 41.94 -14.36
C ARG F 157 -18.68 42.96 -14.02
C ARG F 157 -18.68 42.96 -14.02
N THR F 158 -17.59 43.00 -14.81
CA THR F 158 -16.38 43.80 -14.47
C THR F 158 -16.29 45.04 -15.35
N GLY F 159 -16.87 45.02 -16.54
CA GLY F 159 -16.65 46.07 -17.56
C GLY F 159 -15.40 45.87 -18.38
N GLN F 160 -14.64 44.80 -18.17
CA GLN F 160 -13.43 44.50 -18.96
C GLN F 160 -13.85 43.76 -20.21
N SER F 161 -13.06 43.89 -21.28
CA SER F 161 -13.37 43.20 -22.55
C SER F 161 -13.15 41.69 -22.36
N ILE F 162 -13.81 40.90 -23.18
CA ILE F 162 -13.55 39.42 -23.25
C ILE F 162 -12.08 39.19 -23.60
N GLU F 163 -11.52 39.98 -24.53
CA GLU F 163 -10.11 39.81 -24.95
C GLU F 163 -9.18 40.02 -23.76
N LYS F 164 -9.43 41.04 -22.94
CA LYS F 164 -8.59 41.33 -21.76
C LYS F 164 -8.72 40.20 -20.74
N ILE F 165 -9.93 39.74 -20.48
CA ILE F 165 -10.14 38.65 -19.48
C ILE F 165 -9.40 37.39 -19.97
N GLN F 166 -9.50 37.07 -21.25
CA GLN F 166 -8.79 35.89 -21.82
C GLN F 166 -7.27 36.03 -21.56
N LYS F 167 -6.69 37.18 -21.86
CA LYS F 167 -5.24 37.37 -21.70
C LYS F 167 -4.88 37.32 -20.21
N ASP F 168 -5.68 37.95 -19.37
CA ASP F 168 -5.37 38.09 -17.94
C ASP F 168 -5.58 36.79 -17.17
N THR F 169 -6.24 35.80 -17.76
CA THR F 169 -6.53 34.53 -17.06
C THR F 169 -5.72 33.39 -17.69
N ASP F 170 -4.86 33.68 -18.64
CA ASP F 170 -4.04 32.63 -19.29
C ASP F 170 -3.23 31.87 -18.23
N ARG F 171 -2.68 32.57 -17.25
CA ARG F 171 -1.94 31.99 -16.12
C ARG F 171 -2.53 32.55 -14.83
N ASP F 172 -2.12 32.01 -13.70
CA ASP F 172 -2.59 32.51 -12.39
C ASP F 172 -2.27 33.99 -12.27
N ASN F 173 -3.29 34.76 -11.94
CA ASN F 173 -3.17 36.22 -11.86
C ASN F 173 -3.65 36.66 -10.49
N PHE F 174 -2.72 37.00 -9.59
CA PHE F 174 -3.06 37.39 -8.20
C PHE F 174 -3.26 38.89 -8.14
N LEU F 175 -4.34 39.32 -7.52
CA LEU F 175 -4.69 40.75 -7.34
C LEU F 175 -4.81 41.04 -5.85
N THR F 176 -4.35 42.21 -5.44
CA THR F 176 -4.71 42.76 -4.13
C THR F 176 -6.19 43.18 -4.12
N ALA F 177 -6.73 43.51 -2.97
CA ALA F 177 -8.12 44.01 -2.86
C ALA F 177 -8.26 45.28 -3.70
N GLU F 178 -7.30 46.19 -3.61
CA GLU F 178 -7.35 47.44 -4.37
C GLU F 178 -7.28 47.15 -5.89
N GLU F 179 -6.43 46.22 -6.31
CA GLU F 179 -6.37 45.84 -7.74
C GLU F 179 -7.68 45.19 -8.19
N ALA F 180 -8.34 44.40 -7.33
CA ALA F 180 -9.61 43.75 -7.67
C ALA F 180 -10.69 44.83 -7.86
N LYS F 181 -10.63 45.89 -7.06
CA LYS F 181 -11.55 47.03 -7.23
C LYS F 181 -11.29 47.73 -8.56
N GLU F 182 -10.03 48.02 -8.87
CA GLU F 182 -9.65 48.65 -10.16
C GLU F 182 -10.13 47.78 -11.32
N TYR F 183 -10.05 46.46 -11.15
CA TYR F 183 -10.41 45.50 -12.23
C TYR F 183 -11.91 45.44 -12.44
N GLY F 184 -12.71 45.78 -11.43
CA GLY F 184 -14.17 45.69 -11.49
C GLY F 184 -14.71 44.38 -10.92
N LEU F 185 -13.88 43.59 -10.22
CA LEU F 185 -14.34 42.35 -9.57
C LEU F 185 -15.08 42.69 -8.28
N ILE F 186 -14.72 43.81 -7.63
CA ILE F 186 -15.45 44.28 -6.42
C ILE F 186 -15.74 45.77 -6.66
N ASP F 187 -16.61 46.29 -5.83
CA ASP F 187 -16.97 47.73 -5.84
C ASP F 187 -16.17 48.53 -4.83
N GLU F 188 -15.84 47.98 -3.68
CA GLU F 188 -15.17 48.75 -2.61
C GLU F 188 -14.29 47.83 -1.78
N VAL F 189 -13.20 48.39 -1.30
CA VAL F 189 -12.39 47.79 -0.22
C VAL F 189 -12.97 48.28 1.10
N MET F 190 -13.40 47.37 1.95
CA MET F 190 -14.05 47.70 3.24
C MET F 190 -12.92 48.06 4.23
N VAL F 191 -12.69 49.36 4.43
CA VAL F 191 -11.55 49.87 5.25
C VAL F 191 -11.97 49.85 6.72
N PRO F 192 -11.04 49.54 7.66
CA PRO F 192 -11.39 49.57 9.08
C PRO F 192 -11.50 51.01 9.59
N ILE G 4 -14.61 16.18 24.44
CA ILE G 4 -14.86 17.61 24.85
C ILE G 4 -16.03 17.63 25.83
N PRO G 5 -15.85 18.05 27.10
CA PRO G 5 -16.96 17.98 28.05
C PRO G 5 -18.04 19.05 27.77
N THR G 6 -19.21 18.80 28.33
CA THR G 6 -20.44 19.62 28.31
C THR G 6 -20.64 20.28 29.68
N VAL G 7 -21.17 21.50 29.72
CA VAL G 7 -21.61 22.20 30.95
C VAL G 7 -23.10 22.53 30.78
N ILE G 8 -23.92 22.40 31.82
CA ILE G 8 -25.41 22.52 31.70
C ILE G 8 -25.90 23.73 32.52
N TYR G 18 -24.02 23.41 26.84
CA TYR G 18 -22.88 23.97 26.06
C TYR G 18 -21.72 22.96 26.08
N ASP G 19 -21.07 22.67 24.98
CA ASP G 19 -19.68 22.13 25.04
C ASP G 19 -18.80 23.23 25.69
N ILE G 20 -17.65 22.87 26.22
CA ILE G 20 -16.81 23.81 27.00
C ILE G 20 -16.45 25.04 26.14
N TYR G 21 -16.18 24.87 24.84
CA TYR G 21 -15.78 26.01 23.99
C TYR G 21 -16.95 26.98 23.80
N SER G 22 -18.16 26.45 23.61
CA SER G 22 -19.38 27.27 23.47
C SER G 22 -19.61 28.06 24.77
N ARG G 23 -19.31 27.44 25.92
CA ARG G 23 -19.47 28.14 27.21
C ARG G 23 -18.48 29.30 27.31
N LEU G 24 -17.23 29.12 26.87
CA LEU G 24 -16.24 30.22 26.87
C LEU G 24 -16.70 31.32 25.92
N LEU G 25 -17.26 30.96 24.76
CA LEU G 25 -17.68 31.97 23.76
C LEU G 25 -18.78 32.86 24.37
N LYS G 26 -19.62 32.29 25.22
CA LYS G 26 -20.66 33.08 25.94
C LYS G 26 -20.00 34.21 26.74
N ASP G 27 -18.77 34.01 27.22
N ASP G 27 -18.77 34.01 27.22
CA ASP G 27 -17.99 35.04 27.95
CA ASP G 27 -17.99 35.04 27.95
C ASP G 27 -16.96 35.74 27.05
C ASP G 27 -16.97 35.75 27.05
N ARG G 28 -17.19 35.70 25.73
CA ARG G 28 -16.44 36.51 24.72
C ARG G 28 -15.00 36.01 24.61
N ILE G 29 -14.78 34.72 24.87
CA ILE G 29 -13.45 34.09 24.71
C ILE G 29 -13.51 33.18 23.48
N ILE G 30 -12.55 33.39 22.58
CA ILE G 30 -12.38 32.58 21.35
C ILE G 30 -11.06 31.82 21.51
N MET G 31 -11.08 30.52 21.24
CA MET G 31 -9.88 29.65 21.40
C MET G 31 -9.35 29.33 19.98
N LEU G 32 -8.16 29.83 19.65
CA LEU G 32 -7.42 29.42 18.42
C LEU G 32 -6.35 28.47 18.92
N GLY G 33 -6.63 27.15 18.88
CA GLY G 33 -5.81 26.11 19.48
C GLY G 33 -5.35 25.06 18.49
N SER G 34 -5.24 25.42 17.21
CA SER G 34 -4.82 24.42 16.20
C SER G 34 -4.03 25.11 15.09
N GLN G 35 -3.60 24.33 14.11
CA GLN G 35 -3.11 24.88 12.83
C GLN G 35 -4.19 25.76 12.22
N ILE G 36 -3.78 26.84 11.56
CA ILE G 36 -4.70 27.78 10.89
C ILE G 36 -4.94 27.27 9.46
N ASP G 37 -6.16 26.85 9.19
CA ASP G 37 -6.60 26.51 7.83
C ASP G 37 -7.91 27.24 7.58
N ASP G 38 -8.47 27.09 6.39
CA ASP G 38 -9.68 27.84 6.02
C ASP G 38 -10.82 27.53 7.01
N ASN G 39 -10.97 26.28 7.43
CA ASN G 39 -12.06 25.88 8.35
C ASN G 39 -11.93 26.61 9.68
N VAL G 40 -10.74 26.64 10.25
CA VAL G 40 -10.45 27.32 11.53
C VAL G 40 -10.72 28.81 11.33
N ALA G 41 -10.24 29.41 10.24
CA ALA G 41 -10.44 30.85 10.00
C ALA G 41 -11.94 31.15 9.89
N ASN G 42 -12.69 30.32 9.16
N ASN G 42 -12.70 30.32 9.15
CA ASN G 42 -14.15 30.55 8.96
CA ASN G 42 -14.15 30.55 8.95
C ASN G 42 -14.83 30.55 10.33
C ASN G 42 -14.84 30.56 10.33
N SER G 43 -14.45 29.63 11.19
CA SER G 43 -15.06 29.53 12.55
C SER G 43 -14.71 30.77 13.37
N ILE G 44 -13.44 31.16 13.38
CA ILE G 44 -13.00 32.33 14.20
C ILE G 44 -13.63 33.62 13.66
N VAL G 45 -13.67 33.80 12.35
CA VAL G 45 -14.33 34.98 11.74
C VAL G 45 -15.80 35.01 12.18
N SER G 46 -16.48 33.88 12.13
CA SER G 46 -17.91 33.79 12.49
C SER G 46 -18.09 34.17 13.97
N GLN G 47 -17.20 33.68 14.82
CA GLN G 47 -17.25 33.99 16.28
C GLN G 47 -17.03 35.48 16.50
N LEU G 48 -16.07 36.09 15.82
CA LEU G 48 -15.80 37.55 15.95
C LEU G 48 -17.02 38.34 15.53
N LEU G 49 -17.62 38.00 14.40
N LEU G 49 -17.63 38.01 14.39
CA LEU G 49 -18.80 38.74 13.89
CA LEU G 49 -18.81 38.74 13.89
C LEU G 49 -19.97 38.59 14.88
C LEU G 49 -19.97 38.59 14.88
N PHE G 50 -20.17 37.37 15.38
CA PHE G 50 -21.24 37.09 16.39
C PHE G 50 -21.01 37.93 17.65
N LEU G 51 -19.78 37.96 18.16
CA LEU G 51 -19.50 38.70 19.41
C LEU G 51 -19.71 40.20 19.19
N GLN G 52 -19.32 40.73 18.03
CA GLN G 52 -19.55 42.16 17.73
C GLN G 52 -21.06 42.44 17.76
N ALA G 53 -21.86 41.55 17.20
CA ALA G 53 -23.33 41.72 17.10
C ALA G 53 -23.92 41.68 18.51
N GLN G 54 -23.41 40.81 19.39
CA GLN G 54 -23.94 40.71 20.77
C GLN G 54 -23.62 41.99 21.55
N ASP G 55 -22.42 42.55 21.37
CA ASP G 55 -21.98 43.75 22.11
C ASP G 55 -20.81 44.38 21.36
N SER G 56 -21.02 45.56 20.78
CA SER G 56 -20.00 46.21 19.94
C SER G 56 -18.94 46.90 20.80
N GLU G 57 -19.09 46.98 22.13
CA GLU G 57 -18.18 47.79 22.98
C GLU G 57 -17.27 46.90 23.84
N LYS G 58 -17.74 45.74 24.26
CA LYS G 58 -17.01 44.91 25.24
C LYS G 58 -15.84 44.19 24.53
N ASP G 59 -14.72 44.11 25.21
CA ASP G 59 -13.53 43.41 24.69
C ASP G 59 -13.88 41.95 24.38
N ILE G 60 -13.11 41.40 23.44
CA ILE G 60 -13.08 39.98 23.08
C ILE G 60 -11.70 39.46 23.46
N TYR G 61 -11.60 38.20 23.84
CA TYR G 61 -10.33 37.58 24.26
C TYR G 61 -10.00 36.43 23.31
N LEU G 62 -8.92 36.57 22.55
CA LEU G 62 -8.47 35.50 21.62
C LEU G 62 -7.26 34.80 22.21
N TYR G 63 -7.45 33.56 22.63
CA TYR G 63 -6.40 32.65 23.11
C TYR G 63 -5.71 32.05 21.88
N ILE G 64 -4.40 32.08 21.88
CA ILE G 64 -3.59 31.57 20.74
C ILE G 64 -2.61 30.52 21.25
N ASN G 65 -2.80 29.30 20.77
CA ASN G 65 -1.84 28.18 20.87
C ASN G 65 -1.83 27.53 19.48
N SER G 66 -0.96 28.01 18.62
CA SER G 66 -1.02 27.62 17.18
C SER G 66 0.37 27.56 16.60
N PRO G 67 0.66 26.54 15.78
CA PRO G 67 1.89 26.50 14.99
C PRO G 67 1.82 27.30 13.68
N GLY G 68 0.72 27.97 13.45
CA GLY G 68 0.47 28.78 12.25
C GLY G 68 -0.23 27.93 11.21
N GLY G 69 0.02 28.22 9.94
CA GLY G 69 -0.72 27.58 8.84
C GLY G 69 -0.90 28.55 7.69
N SER G 70 -2.05 28.50 7.07
CA SER G 70 -2.33 29.22 5.82
C SER G 70 -2.24 30.73 6.05
N VAL G 71 -1.46 31.41 5.23
CA VAL G 71 -1.35 32.89 5.31
C VAL G 71 -2.69 33.54 4.95
N THR G 72 -3.36 33.07 3.89
CA THR G 72 -4.64 33.70 3.49
C THR G 72 -5.70 33.45 4.58
N ALA G 73 -5.73 32.26 5.16
CA ALA G 73 -6.67 31.96 6.27
C ALA G 73 -6.33 32.89 7.45
N GLY G 74 -5.05 33.07 7.75
CA GLY G 74 -4.63 34.00 8.81
C GLY G 74 -5.08 35.41 8.52
N PHE G 75 -5.02 35.85 7.25
CA PHE G 75 -5.46 37.21 6.89
C PHE G 75 -6.97 37.36 6.98
N ALA G 76 -7.74 36.28 6.81
CA ALA G 76 -9.20 36.34 7.04
C ALA G 76 -9.42 36.73 8.52
N ILE G 77 -8.71 36.10 9.42
CA ILE G 77 -8.82 36.41 10.88
C ILE G 77 -8.31 37.84 11.13
N TYR G 78 -7.12 38.16 10.65
CA TYR G 78 -6.46 39.47 10.86
C TYR G 78 -7.43 40.59 10.45
N ASP G 79 -7.97 40.53 9.24
CA ASP G 79 -8.78 41.64 8.71
C ASP G 79 -10.09 41.71 9.49
N THR G 80 -10.64 40.58 9.92
CA THR G 80 -11.89 40.60 10.69
C THR G 80 -11.62 41.28 12.05
N ILE G 81 -10.52 40.93 12.71
CA ILE G 81 -10.11 41.62 13.96
C ILE G 81 -10.08 43.13 13.72
N GLN G 82 -9.42 43.60 12.68
CA GLN G 82 -9.25 45.06 12.49
C GLN G 82 -10.59 45.69 12.13
N HIS G 83 -11.47 44.95 11.45
CA HIS G 83 -12.75 45.49 10.95
C HIS G 83 -13.71 45.78 12.10
N ILE G 84 -13.82 44.85 13.06
CA ILE G 84 -14.93 44.92 14.05
C ILE G 84 -14.63 46.03 15.08
N LYS G 85 -15.68 46.49 15.75
CA LYS G 85 -15.54 47.60 16.72
C LYS G 85 -14.87 47.18 18.03
N PRO G 86 -15.22 46.06 18.67
CA PRO G 86 -14.59 45.69 19.94
C PRO G 86 -13.09 45.48 19.82
N ASP G 87 -12.35 45.87 20.85
CA ASP G 87 -10.93 45.49 20.99
C ASP G 87 -10.83 43.97 21.11
N VAL G 88 -9.87 43.37 20.43
CA VAL G 88 -9.58 41.91 20.56
C VAL G 88 -8.26 41.79 21.27
N GLN G 89 -8.30 41.32 22.51
CA GLN G 89 -7.09 41.02 23.28
C GLN G 89 -6.51 39.71 22.71
N THR G 90 -5.21 39.61 22.65
CA THR G 90 -4.59 38.31 22.24
C THR G 90 -3.75 37.81 23.40
N ILE G 91 -3.81 36.52 23.65
CA ILE G 91 -3.06 35.89 24.76
C ILE G 91 -2.43 34.61 24.21
N CYS G 92 -1.12 34.61 24.16
CA CYS G 92 -0.35 33.41 23.73
C CYS G 92 -0.13 32.50 24.94
N ILE G 93 -0.57 31.25 24.81
CA ILE G 93 -0.35 30.16 25.79
C ILE G 93 0.21 28.98 24.99
N GLY G 94 1.31 28.39 25.44
CA GLY G 94 1.96 27.28 24.72
C GLY G 94 2.87 27.81 23.66
N MET G 95 2.34 28.10 22.46
N MET G 95 2.34 28.10 22.46
CA MET G 95 3.18 28.54 21.33
CA MET G 95 3.18 28.54 21.32
C MET G 95 2.35 29.40 20.37
C MET G 95 2.34 29.40 20.36
N ALA G 96 2.95 30.42 19.80
CA ALA G 96 2.39 31.13 18.64
C ALA G 96 3.53 31.14 17.63
N ALA G 97 3.40 30.39 16.55
CA ALA G 97 4.46 30.35 15.53
C ALA G 97 3.90 30.79 14.20
N SER G 98 4.76 31.41 13.42
CA SER G 98 4.46 31.75 11.99
C SER G 98 3.18 32.59 11.97
N MET G 99 2.14 32.19 11.23
CA MET G 99 0.95 33.04 11.14
C MET G 99 0.30 33.18 12.54
N GLY G 100 0.53 32.25 13.46
CA GLY G 100 0.07 32.37 14.85
C GLY G 100 0.71 33.56 15.56
N SER G 101 2.00 33.80 15.36
CA SER G 101 2.68 34.96 15.99
C SER G 101 2.23 36.26 15.32
N PHE G 102 1.91 36.20 14.02
CA PHE G 102 1.35 37.36 13.30
C PHE G 102 0.03 37.75 13.94
N LEU G 103 -0.83 36.80 14.22
CA LEU G 103 -2.15 37.10 14.80
C LEU G 103 -1.96 37.58 16.25
N LEU G 104 -1.00 37.03 16.98
CA LEU G 104 -0.73 37.53 18.35
C LEU G 104 -0.41 39.03 18.29
N ALA G 105 0.44 39.43 17.35
CA ALA G 105 0.88 40.83 17.19
C ALA G 105 -0.27 41.72 16.72
N ALA G 106 -1.36 41.14 16.24
CA ALA G 106 -2.51 41.86 15.62
C ALA G 106 -3.55 42.27 16.66
N GLY G 107 -3.39 41.86 17.92
CA GLY G 107 -4.33 42.22 18.98
C GLY G 107 -4.33 43.72 19.23
N ALA G 108 -5.37 44.19 19.93
CA ALA G 108 -5.50 45.62 20.30
C ALA G 108 -4.22 46.10 20.99
N LYS G 109 -3.74 47.28 20.61
CA LYS G 109 -2.48 47.83 21.20
C LYS G 109 -2.68 48.01 22.71
N GLY G 110 -1.74 47.49 23.48
CA GLY G 110 -1.77 47.42 24.93
C GLY G 110 -2.45 46.18 25.47
N LYS G 111 -3.05 45.34 24.62
CA LYS G 111 -3.83 44.17 25.07
C LYS G 111 -3.32 42.90 24.36
N ARG G 112 -2.03 42.85 24.09
CA ARG G 112 -1.37 41.64 23.55
C ARG G 112 -0.49 41.06 24.66
N PHE G 113 -0.74 39.81 25.01
CA PHE G 113 -0.10 39.17 26.17
C PHE G 113 0.49 37.83 25.79
N ALA G 114 1.44 37.37 26.58
CA ALA G 114 1.86 35.95 26.59
C ALA G 114 2.03 35.53 28.04
N LEU G 115 1.77 34.27 28.33
N LEU G 115 1.77 34.27 28.33
CA LEU G 115 2.12 33.71 29.65
CA LEU G 115 2.12 33.71 29.65
C LEU G 115 3.61 33.40 29.65
C LEU G 115 3.61 33.39 29.65
N PRO G 116 4.25 33.34 30.84
CA PRO G 116 5.70 33.40 30.93
C PRO G 116 6.48 32.32 30.17
N ASN G 117 5.93 31.12 30.04
CA ASN G 117 6.64 29.99 29.39
C ASN G 117 6.14 29.78 27.97
N ALA G 118 5.31 30.67 27.45
CA ALA G 118 4.84 30.60 26.06
C ALA G 118 6.02 30.89 25.12
N GLU G 119 5.99 30.24 23.97
N GLU G 119 6.00 30.22 23.97
CA GLU G 119 7.04 30.33 22.93
CA GLU G 119 7.04 30.32 22.92
C GLU G 119 6.45 31.11 21.75
C GLU G 119 6.46 31.10 21.74
N VAL G 120 7.21 32.02 21.19
CA VAL G 120 6.81 32.78 19.99
C VAL G 120 7.85 32.48 18.93
N MET G 121 7.44 32.16 17.71
CA MET G 121 8.44 31.93 16.65
C MET G 121 8.03 32.74 15.43
N ILE G 122 8.98 33.40 14.81
CA ILE G 122 8.73 34.18 13.55
C ILE G 122 9.65 33.61 12.48
N HIS G 123 9.18 33.57 11.25
CA HIS G 123 9.99 33.07 10.11
C HIS G 123 9.31 33.52 8.81
N GLN G 124 9.99 33.34 7.72
CA GLN G 124 9.40 33.72 6.42
C GLN G 124 8.39 32.68 5.99
N PRO G 125 7.45 33.09 5.11
CA PRO G 125 6.43 32.17 4.62
C PRO G 125 6.99 31.02 3.78
N LEU G 126 6.27 29.91 3.83
CA LEU G 126 6.63 28.64 3.13
C LEU G 126 5.66 28.41 1.96
N GLY G 127 6.15 27.78 0.92
CA GLY G 127 5.23 27.39 -0.17
C GLY G 127 5.94 26.52 -1.18
N GLY G 128 5.35 26.43 -2.35
CA GLY G 128 5.82 25.43 -3.31
C GLY G 128 5.35 25.82 -4.69
N ALA G 129 6.03 25.34 -5.71
CA ALA G 129 5.58 25.58 -7.10
C ALA G 129 6.16 24.45 -7.95
N GLN G 130 5.37 23.94 -8.90
CA GLN G 130 5.84 22.91 -9.82
C GLN G 130 5.29 23.28 -11.20
N GLY G 131 6.10 23.13 -12.23
CA GLY G 131 5.57 23.31 -13.57
C GLY G 131 6.55 24.05 -14.44
N GLN G 132 6.01 24.79 -15.39
CA GLN G 132 6.84 25.52 -16.37
C GLN G 132 7.61 26.65 -15.66
N ALA G 133 8.73 27.04 -16.26
CA ALA G 133 9.53 28.18 -15.77
C ALA G 133 8.62 29.38 -15.46
N THR G 134 7.72 29.75 -16.37
CA THR G 134 6.91 30.97 -16.16
C THR G 134 5.93 30.77 -15.01
N GLU G 135 5.44 29.56 -14.77
CA GLU G 135 4.54 29.24 -13.65
C GLU G 135 5.31 29.36 -12.33
N ILE G 136 6.54 28.87 -12.31
CA ILE G 136 7.41 28.96 -11.11
C ILE G 136 7.66 30.47 -10.82
N GLU G 137 7.91 31.26 -11.87
CA GLU G 137 8.14 32.71 -11.71
C GLU G 137 6.91 33.37 -11.05
N ILE G 138 5.72 33.06 -11.55
CA ILE G 138 4.47 33.63 -10.97
C ILE G 138 4.37 33.24 -9.49
N ALA G 139 4.61 31.98 -9.16
CA ALA G 139 4.50 31.50 -7.76
C ALA G 139 5.56 32.23 -6.89
N ALA G 140 6.78 32.38 -7.39
CA ALA G 140 7.86 33.04 -6.65
C ALA G 140 7.48 34.51 -6.39
N ASN G 141 7.02 35.20 -7.41
CA ASN G 141 6.62 36.62 -7.29
C ASN G 141 5.51 36.73 -6.25
N HIS G 142 4.57 35.81 -6.25
CA HIS G 142 3.42 35.84 -5.32
C HIS G 142 3.91 35.66 -3.87
N ILE G 143 4.76 34.67 -3.63
CA ILE G 143 5.18 34.44 -2.23
C ILE G 143 6.08 35.58 -1.77
N LEU G 144 6.90 36.17 -2.65
CA LEU G 144 7.74 37.33 -2.27
C LEU G 144 6.85 38.53 -1.92
N LYS G 145 5.78 38.77 -2.70
CA LYS G 145 4.86 39.89 -2.41
C LYS G 145 4.11 39.60 -1.08
N THR G 146 3.76 38.35 -0.83
CA THR G 146 3.11 37.97 0.44
C THR G 146 4.06 38.26 1.60
N ARG G 147 5.33 37.90 1.46
CA ARG G 147 6.30 38.18 2.53
C ARG G 147 6.41 39.70 2.76
N GLU G 148 6.46 40.49 1.69
CA GLU G 148 6.55 41.96 1.83
C GLU G 148 5.34 42.48 2.62
N LYS G 149 4.15 41.95 2.33
CA LYS G 149 2.90 42.38 2.98
C LYS G 149 2.97 42.04 4.48
N LEU G 150 3.35 40.80 4.80
CA LEU G 150 3.47 40.36 6.22
C LEU G 150 4.49 41.26 6.95
N ASN G 151 5.62 41.51 6.34
CA ASN G 151 6.71 42.26 7.01
C ASN G 151 6.29 43.71 7.23
N ARG G 152 5.58 44.31 6.26
N ARG G 152 5.58 44.31 6.26
CA ARG G 152 5.12 45.70 6.39
CA ARG G 152 5.10 45.71 6.38
C ARG G 152 4.16 45.80 7.58
C ARG G 152 4.15 45.81 7.57
N ILE G 153 3.21 44.88 7.68
CA ILE G 153 2.24 44.92 8.79
C ILE G 153 2.97 44.64 10.09
N LEU G 154 3.87 43.66 10.12
CA LEU G 154 4.58 43.37 11.39
C LEU G 154 5.43 44.58 11.80
N SER G 155 6.01 45.31 10.86
CA SER G 155 6.76 46.56 11.14
C SER G 155 5.82 47.57 11.82
N GLU G 156 4.63 47.74 11.28
CA GLU G 156 3.62 48.68 11.84
C GLU G 156 3.21 48.25 13.26
N ARG G 157 3.04 46.95 13.50
N ARG G 157 3.04 46.95 13.50
CA ARG G 157 2.47 46.42 14.77
CA ARG G 157 2.47 46.43 14.77
C ARG G 157 3.56 46.37 15.86
C ARG G 157 3.56 46.37 15.86
N THR G 158 4.85 46.25 15.49
CA THR G 158 5.96 46.02 16.45
C THR G 158 6.76 47.30 16.68
N GLY G 159 6.79 48.20 15.69
CA GLY G 159 7.70 49.36 15.69
C GLY G 159 9.10 49.03 15.20
N GLN G 160 9.37 47.79 14.76
CA GLN G 160 10.67 47.43 14.20
C GLN G 160 10.67 47.82 12.73
N SER G 161 11.85 48.09 12.18
CA SER G 161 11.98 48.42 10.74
C SER G 161 11.67 47.17 9.90
N ILE G 162 11.23 47.39 8.67
CA ILE G 162 11.08 46.29 7.68
C ILE G 162 12.40 45.57 7.49
N GLU G 163 13.52 46.29 7.42
CA GLU G 163 14.85 45.67 7.22
C GLU G 163 15.17 44.72 8.38
N LYS G 164 14.88 45.10 9.61
CA LYS G 164 15.15 44.25 10.79
C LYS G 164 14.23 43.01 10.75
N ILE G 165 12.97 43.19 10.45
CA ILE G 165 12.00 42.04 10.37
C ILE G 165 12.49 41.06 9.29
N GLN G 166 12.91 41.57 8.14
CA GLN G 166 13.40 40.71 7.03
C GLN G 166 14.59 39.88 7.53
N LYS G 167 15.57 40.51 8.19
CA LYS G 167 16.76 39.79 8.68
C LYS G 167 16.33 38.77 9.74
N ASP G 168 15.45 39.17 10.65
CA ASP G 168 15.10 38.35 11.82
C ASP G 168 14.19 37.18 11.45
N THR G 169 13.61 37.18 10.26
CA THR G 169 12.68 36.11 9.83
C THR G 169 13.32 35.25 8.73
N ASP G 170 14.58 35.50 8.38
CA ASP G 170 15.25 34.73 7.31
C ASP G 170 15.22 33.23 7.64
N ARG G 171 15.44 32.87 8.91
CA ARG G 171 15.34 31.49 9.40
C ARG G 171 14.43 31.47 10.62
N ASP G 172 14.10 30.29 11.10
CA ASP G 172 13.25 30.17 12.31
C ASP G 172 13.91 30.95 13.46
N ASN G 173 13.12 31.81 14.07
CA ASN G 173 13.60 32.68 15.16
C ASN G 173 12.68 32.48 16.35
N PHE G 174 13.15 31.76 17.37
CA PHE G 174 12.36 31.45 18.58
C PHE G 174 12.59 32.54 19.62
N LEU G 175 11.52 33.07 20.18
CA LEU G 175 11.56 34.11 21.23
C LEU G 175 10.87 33.59 22.48
N THR G 176 11.42 33.93 23.64
CA THR G 176 10.70 33.78 24.91
C THR G 176 9.58 34.84 24.97
N ALA G 177 8.67 34.72 25.93
CA ALA G 177 7.62 35.72 26.13
C ALA G 177 8.28 37.09 26.38
N GLU G 178 9.31 37.14 27.22
CA GLU G 178 9.99 38.43 27.53
C GLU G 178 10.66 38.98 26.27
N GLU G 179 11.28 38.14 25.45
CA GLU G 179 11.89 38.61 24.20
C GLU G 179 10.80 39.11 23.23
N ALA G 180 9.63 38.48 23.19
CA ALA G 180 8.53 38.89 22.31
C ALA G 180 8.04 40.28 22.75
N LYS G 181 8.02 40.53 24.06
CA LYS G 181 7.66 41.86 24.59
C LYS G 181 8.70 42.89 24.13
N GLU G 182 9.98 42.60 24.31
CA GLU G 182 11.06 43.51 23.92
C GLU G 182 10.99 43.78 22.42
N TYR G 183 10.57 42.78 21.64
CA TYR G 183 10.51 42.91 20.16
C TYR G 183 9.33 43.77 19.73
N GLY G 184 8.28 43.87 20.54
CA GLY G 184 7.05 44.59 20.21
C GLY G 184 5.96 43.69 19.65
N LEU G 185 6.11 42.36 19.73
CA LEU G 185 5.04 41.43 19.29
C LEU G 185 3.91 41.37 20.32
N ILE G 186 4.24 41.57 21.60
CA ILE G 186 3.22 41.65 22.68
C ILE G 186 3.54 42.92 23.50
N ASP G 187 2.59 43.27 24.33
CA ASP G 187 2.72 44.45 25.23
C ASP G 187 3.17 44.02 26.63
N GLU G 188 2.75 42.88 27.13
CA GLU G 188 3.07 42.48 28.52
C GLU G 188 3.17 40.95 28.61
N VAL G 189 4.05 40.50 29.49
CA VAL G 189 4.04 39.10 29.97
C VAL G 189 3.11 39.05 31.18
N MET G 190 2.09 38.21 31.11
CA MET G 190 1.09 38.07 32.19
C MET G 190 1.70 37.19 33.27
N VAL G 191 2.29 37.77 34.32
CA VAL G 191 2.99 37.01 35.40
C VAL G 191 1.97 36.53 36.41
N PRO G 192 2.11 35.30 36.98
CA PRO G 192 1.12 34.79 37.92
C PRO G 192 1.23 35.51 39.28
N GLU G 193 0.08 35.74 39.95
CA GLU G 193 0.02 36.26 41.35
C GLU G 193 0.58 35.24 42.36
N ILE H 4 24.38 -0.12 -22.02
CA ILE H 4 25.81 0.35 -22.10
C ILE H 4 26.51 -0.40 -23.23
N PRO H 5 26.97 0.27 -24.31
CA PRO H 5 27.54 -0.48 -25.42
C PRO H 5 28.93 -1.06 -25.10
N THR H 6 29.31 -2.04 -25.92
CA THR H 6 30.61 -2.75 -25.95
C THR H 6 31.41 -2.27 -27.15
N VAL H 7 32.74 -2.14 -27.00
CA VAL H 7 33.68 -1.83 -28.10
C VAL H 7 34.71 -2.97 -28.15
N ILE H 8 35.23 -3.28 -29.35
CA ILE H 8 36.29 -4.33 -29.51
C ILE H 8 37.63 -3.71 -29.91
N TYR H 18 35.39 -4.58 -24.39
CA TYR H 18 35.22 -3.66 -23.25
C TYR H 18 33.82 -3.04 -23.27
N ASP H 19 33.12 -2.92 -22.15
CA ASP H 19 32.02 -1.92 -22.06
C ASP H 19 32.65 -0.53 -22.26
N ILE H 20 31.88 0.47 -22.66
CA ILE H 20 32.45 1.79 -23.05
C ILE H 20 33.22 2.39 -21.87
N TYR H 21 32.75 2.24 -20.63
CA TYR H 21 33.44 2.87 -19.48
C TYR H 21 34.79 2.18 -19.23
N SER H 22 34.85 0.86 -19.37
CA SER H 22 36.12 0.09 -19.23
C SER H 22 37.10 0.53 -20.31
N ARG H 23 36.60 0.82 -21.52
CA ARG H 23 37.48 1.31 -22.61
C ARG H 23 38.05 2.67 -22.24
N LEU H 24 37.25 3.57 -21.67
CA LEU H 24 37.77 4.88 -21.24
C LEU H 24 38.81 4.68 -20.12
N LEU H 25 38.58 3.75 -19.20
CA LEU H 25 39.51 3.54 -18.07
C LEU H 25 40.88 3.12 -18.63
N LYS H 26 40.89 2.36 -19.72
CA LYS H 26 42.17 1.96 -20.38
C LYS H 26 42.96 3.21 -20.80
N ASP H 27 42.30 4.33 -21.09
CA ASP H 27 42.94 5.63 -21.41
C ASP H 27 42.97 6.58 -20.20
N ARG H 28 42.86 6.03 -19.00
CA ARG H 28 43.07 6.73 -17.72
C ARG H 28 41.95 7.76 -17.50
N ILE H 29 40.75 7.48 -18.02
CA ILE H 29 39.56 8.34 -17.78
C ILE H 29 38.62 7.60 -16.83
N ILE H 30 38.26 8.28 -15.75
CA ILE H 30 37.33 7.77 -14.72
C ILE H 30 36.05 8.62 -14.81
N MET H 31 34.90 7.96 -14.82
CA MET H 31 33.60 8.67 -14.98
C MET H 31 32.92 8.71 -13.60
N LEU H 32 32.75 9.92 -13.07
CA LEU H 32 31.90 10.14 -11.87
C LEU H 32 30.62 10.75 -12.43
N GLY H 33 29.61 9.90 -12.72
CA GLY H 33 28.43 10.29 -13.50
C GLY H 33 27.14 10.04 -12.74
N SER H 34 27.20 9.98 -11.41
CA SER H 34 26.00 9.67 -10.61
C SER H 34 26.09 10.37 -9.27
N GLN H 35 25.05 10.19 -8.46
CA GLN H 35 25.09 10.56 -7.04
C GLN H 35 26.30 9.85 -6.39
N ILE H 36 26.94 10.51 -5.45
CA ILE H 36 28.10 9.95 -4.71
C ILE H 36 27.57 9.19 -3.50
N ASP H 37 27.73 7.88 -3.50
CA ASP H 37 27.47 7.05 -2.31
C ASP H 37 28.69 6.15 -2.10
N ASP H 38 28.68 5.32 -1.07
CA ASP H 38 29.85 4.51 -0.72
C ASP H 38 30.23 3.60 -1.90
N ASN H 39 29.26 3.03 -2.62
CA ASN H 39 29.56 2.12 -3.75
C ASN H 39 30.32 2.86 -4.85
N VAL H 40 29.84 4.04 -5.22
CA VAL H 40 30.48 4.89 -6.24
C VAL H 40 31.89 5.25 -5.75
N ALA H 41 32.03 5.67 -4.50
CA ALA H 41 33.35 6.08 -3.98
C ALA H 41 34.30 4.86 -4.01
N ASN H 42 33.84 3.69 -3.59
N ASN H 42 33.84 3.69 -3.59
CA ASN H 42 34.69 2.48 -3.57
CA ASN H 42 34.68 2.46 -3.57
C ASN H 42 35.20 2.19 -4.99
C ASN H 42 35.20 2.19 -4.98
N SER H 43 34.34 2.33 -5.98
CA SER H 43 34.72 2.07 -7.38
C SER H 43 35.76 3.09 -7.84
N ILE H 44 35.50 4.38 -7.60
CA ILE H 44 36.42 5.44 -8.05
C ILE H 44 37.77 5.33 -7.33
N VAL H 45 37.77 5.08 -6.02
CA VAL H 45 39.03 4.88 -5.26
C VAL H 45 39.81 3.72 -5.87
N SER H 46 39.12 2.62 -6.18
CA SER H 46 39.79 1.41 -6.75
C SER H 46 40.41 1.77 -8.10
N GLN H 47 39.68 2.51 -8.92
CA GLN H 47 40.19 2.95 -10.25
C GLN H 47 41.40 3.84 -10.10
N LEU H 48 41.38 4.79 -9.16
CA LEU H 48 42.52 5.70 -8.93
C LEU H 48 43.77 4.88 -8.51
N LEU H 49 43.59 3.95 -7.58
N LEU H 49 43.60 3.94 -7.58
CA LEU H 49 44.73 3.15 -7.09
CA LEU H 49 44.74 3.14 -7.09
C LEU H 49 45.28 2.28 -8.23
C LEU H 49 45.28 2.27 -8.23
N PHE H 50 44.39 1.67 -9.02
CA PHE H 50 44.77 0.85 -10.19
C PHE H 50 45.57 1.70 -11.19
N LEU H 51 45.08 2.88 -11.52
CA LEU H 51 45.77 3.73 -12.53
C LEU H 51 47.14 4.16 -11.99
N GLN H 52 47.26 4.47 -10.70
CA GLN H 52 48.57 4.83 -10.12
C GLN H 52 49.53 3.64 -10.29
N ALA H 53 49.07 2.43 -10.06
CA ALA H 53 49.90 1.21 -10.15
C ALA H 53 50.32 1.00 -11.60
N GLN H 54 49.44 1.25 -12.57
CA GLN H 54 49.78 1.09 -14.00
C GLN H 54 50.85 2.10 -14.41
N ASP H 55 50.75 3.34 -13.95
CA ASP H 55 51.69 4.42 -14.32
C ASP H 55 51.59 5.52 -13.29
N SER H 56 52.61 5.73 -12.49
CA SER H 56 52.60 6.71 -11.39
C SER H 56 52.82 8.14 -11.91
N GLU H 57 53.15 8.33 -13.19
CA GLU H 57 53.53 9.67 -13.70
C GLU H 57 52.44 10.26 -14.61
N LYS H 58 51.71 9.44 -15.34
CA LYS H 58 50.78 9.92 -16.39
C LYS H 58 49.50 10.47 -15.72
N ASP H 59 49.01 11.56 -16.23
CA ASP H 59 47.76 12.19 -15.71
C ASP H 59 46.61 11.19 -15.78
N ILE H 60 45.65 11.41 -14.86
CA ILE H 60 44.33 10.73 -14.81
C ILE H 60 43.30 11.84 -15.10
N TYR H 61 42.20 11.47 -15.73
CA TYR H 61 41.12 12.42 -16.08
C TYR H 61 39.85 11.97 -15.37
N LEU H 62 39.36 12.79 -14.46
CA LEU H 62 38.10 12.51 -13.73
C LEU H 62 36.99 13.40 -14.32
N TYR H 63 36.06 12.77 -15.02
CA TYR H 63 34.86 13.42 -15.59
C TYR H 63 33.84 13.50 -14.46
N ILE H 64 33.25 14.67 -14.30
CA ILE H 64 32.25 14.89 -13.21
C ILE H 64 30.96 15.41 -13.84
N ASN H 65 29.92 14.59 -13.68
CA ASN H 65 28.52 14.97 -13.93
C ASN H 65 27.72 14.39 -12.77
N SER H 66 27.61 15.15 -11.69
CA SER H 66 27.12 14.59 -10.41
C SER H 66 26.38 15.65 -9.64
N PRO H 67 25.23 15.25 -9.02
CA PRO H 67 24.51 16.15 -8.12
C PRO H 67 25.07 16.14 -6.69
N GLY H 68 26.15 15.40 -6.47
CA GLY H 68 26.77 15.27 -5.14
C GLY H 68 26.26 14.04 -4.44
N GLY H 69 26.20 14.10 -3.12
CA GLY H 69 25.80 12.94 -2.30
C GLY H 69 26.56 12.92 -1.00
N SER H 70 26.96 11.75 -0.57
CA SER H 70 27.53 11.53 0.79
C SER H 70 28.82 12.32 0.92
N VAL H 71 28.96 13.10 1.98
CA VAL H 71 30.21 13.87 2.24
C VAL H 71 31.32 12.89 2.57
N THR H 72 31.10 11.87 3.39
CA THR H 72 32.18 10.91 3.73
C THR H 72 32.60 10.13 2.50
N ALA H 73 31.67 9.74 1.63
CA ALA H 73 32.02 9.05 0.37
C ALA H 73 32.84 10.01 -0.50
N GLY H 74 32.43 11.28 -0.57
CA GLY H 74 33.19 12.30 -1.30
C GLY H 74 34.61 12.44 -0.75
N PHE H 75 34.78 12.39 0.57
CA PHE H 75 36.12 12.50 1.18
C PHE H 75 36.95 11.25 0.91
N ALA H 76 36.34 10.08 0.72
CA ALA H 76 37.09 8.88 0.29
C ALA H 76 37.77 9.20 -1.04
N ILE H 77 37.02 9.78 -1.97
CA ILE H 77 37.56 10.13 -3.31
C ILE H 77 38.60 11.25 -3.15
N TYR H 78 38.25 12.32 -2.44
CA TYR H 78 39.12 13.50 -2.26
C TYR H 78 40.50 13.03 -1.74
N ASP H 79 40.51 12.26 -0.65
CA ASP H 79 41.79 11.91 0.00
C ASP H 79 42.58 10.97 -0.92
N THR H 80 41.92 10.12 -1.68
CA THR H 80 42.62 9.21 -2.59
C THR H 80 43.27 10.05 -3.71
N ILE H 81 42.55 11.02 -4.26
CA ILE H 81 43.15 11.97 -5.25
C ILE H 81 44.42 12.58 -4.67
N GLN H 82 44.36 13.12 -3.46
CA GLN H 82 45.54 13.86 -2.92
C GLN H 82 46.66 12.87 -2.61
N HIS H 83 46.33 11.63 -2.27
CA HIS H 83 47.32 10.63 -1.83
C HIS H 83 48.19 10.18 -3.01
N ILE H 84 47.57 9.90 -4.16
CA ILE H 84 48.28 9.22 -5.26
C ILE H 84 49.25 10.19 -5.95
N LYS H 85 50.23 9.63 -6.66
CA LYS H 85 51.28 10.45 -7.32
C LYS H 85 50.77 11.14 -8.59
N PRO H 86 50.04 10.50 -9.51
CA PRO H 86 49.61 11.17 -10.73
C PRO H 86 48.71 12.38 -10.44
N ASP H 87 48.85 13.42 -11.25
CA ASP H 87 47.88 14.53 -11.28
C ASP H 87 46.51 13.97 -11.72
N VAL H 88 45.45 14.41 -11.05
CA VAL H 88 44.07 14.07 -11.46
C VAL H 88 43.44 15.34 -12.00
N GLN H 89 43.23 15.38 -13.30
CA GLN H 89 42.49 16.47 -13.95
C GLN H 89 41.01 16.28 -13.62
N THR H 90 40.29 17.35 -13.41
CA THR H 90 38.82 17.27 -13.24
C THR H 90 38.16 18.03 -14.36
N ILE H 91 37.07 17.47 -14.88
CA ILE H 91 36.35 18.10 -16.01
C ILE H 91 34.85 18.01 -15.70
N CYS H 92 34.24 19.15 -15.50
CA CYS H 92 32.78 19.22 -15.25
C CYS H 92 32.04 19.29 -16.60
N ILE H 93 31.16 18.34 -16.83
CA ILE H 93 30.28 18.24 -18.01
C ILE H 93 28.86 18.04 -17.47
N GLY H 94 27.90 18.85 -17.89
CA GLY H 94 26.52 18.75 -17.36
C GLY H 94 26.40 19.56 -16.08
N MET H 95 26.73 18.93 -14.93
CA MET H 95 26.56 19.59 -13.61
C MET H 95 27.56 19.03 -12.60
N ALA H 96 28.05 19.88 -11.74
CA ALA H 96 28.76 19.45 -10.51
C ALA H 96 28.09 20.21 -9.39
N ALA H 97 27.36 19.53 -8.54
CA ALA H 97 26.68 20.18 -7.41
C ALA H 97 27.16 19.59 -6.11
N SER H 98 27.17 20.43 -5.09
CA SER H 98 27.41 19.99 -3.69
C SER H 98 28.74 19.24 -3.64
N MET H 99 28.77 18.00 -3.14
CA MET H 99 30.07 17.30 -3.04
C MET H 99 30.70 17.11 -4.43
N GLY H 100 29.91 17.12 -5.51
CA GLY H 100 30.42 17.09 -6.89
C GLY H 100 31.26 18.32 -7.20
N SER H 101 30.84 19.50 -6.79
CA SER H 101 31.60 20.74 -7.03
C SER H 101 32.84 20.76 -6.12
N PHE H 102 32.75 20.15 -4.94
CA PHE H 102 33.93 20.04 -4.05
C PHE H 102 34.98 19.19 -4.74
N LEU H 103 34.60 18.06 -5.35
CA LEU H 103 35.58 17.19 -6.02
C LEU H 103 36.10 17.89 -7.28
N LEU H 104 35.27 18.66 -7.98
CA LEU H 104 35.77 19.42 -9.16
C LEU H 104 36.92 20.34 -8.71
N ALA H 105 36.74 21.03 -7.59
CA ALA H 105 37.74 21.98 -7.06
C ALA H 105 38.99 21.24 -6.56
N ALA H 106 38.92 19.93 -6.37
CA ALA H 106 39.98 19.11 -5.76
C ALA H 106 41.00 18.62 -6.80
N GLY H 107 40.74 18.86 -8.08
CA GLY H 107 41.65 18.41 -9.14
C GLY H 107 43.01 19.10 -9.03
N ALA H 108 43.99 18.56 -9.75
CA ALA H 108 45.35 19.14 -9.81
C ALA H 108 45.28 20.61 -10.19
N LYS H 109 46.04 21.46 -9.48
CA LYS H 109 46.02 22.92 -9.75
C LYS H 109 46.47 23.15 -11.20
N GLY H 110 45.68 23.93 -11.93
CA GLY H 110 45.85 24.23 -13.35
C GLY H 110 45.17 23.22 -14.26
N LYS H 111 44.59 22.14 -13.72
CA LYS H 111 43.99 21.07 -14.53
C LYS H 111 42.54 20.80 -14.07
N ARG H 112 41.86 21.84 -13.65
CA ARG H 112 40.41 21.78 -13.31
C ARG H 112 39.68 22.55 -14.40
N PHE H 113 38.74 21.88 -15.07
CA PHE H 113 38.06 22.43 -16.25
C PHE H 113 36.55 22.29 -16.11
N ALA H 114 35.83 23.09 -16.88
CA ALA H 114 34.40 22.86 -17.15
C ALA H 114 34.16 23.16 -18.63
N LEU H 115 33.22 22.45 -19.23
CA LEU H 115 32.73 22.83 -20.58
C LEU H 115 31.77 24.00 -20.42
N PRO H 116 31.58 24.80 -21.49
CA PRO H 116 31.00 26.14 -21.35
C PRO H 116 29.59 26.20 -20.75
N ASN H 117 28.77 25.19 -20.98
CA ASN H 117 27.36 25.20 -20.53
C ASN H 117 27.19 24.34 -19.28
N ALA H 118 28.28 23.84 -18.71
CA ALA H 118 28.21 23.06 -17.46
C ALA H 118 27.79 23.98 -16.31
N GLU H 119 27.04 23.41 -15.37
CA GLU H 119 26.50 24.13 -14.20
C GLU H 119 27.28 23.68 -12.95
N VAL H 120 27.66 24.63 -12.11
CA VAL H 120 28.35 24.31 -10.84
C VAL H 120 27.45 24.86 -9.73
N MET H 121 27.18 24.08 -8.69
CA MET H 121 26.37 24.64 -7.60
C MET H 121 27.08 24.33 -6.28
N ILE H 122 27.16 25.32 -5.41
CA ILE H 122 27.77 25.15 -4.06
C ILE H 122 26.70 25.48 -3.03
N HIS H 123 26.71 24.79 -1.91
CA HIS H 123 25.75 25.00 -0.82
C HIS H 123 26.27 24.30 0.42
N GLN H 124 25.62 24.56 1.54
CA GLN H 124 26.06 23.90 2.79
C GLN H 124 25.56 22.47 2.82
N PRO H 125 26.22 21.62 3.64
CA PRO H 125 25.80 20.24 3.78
C PRO H 125 24.41 20.08 4.40
N LEU H 126 23.75 19.01 4.03
CA LEU H 126 22.38 18.63 4.45
C LEU H 126 22.45 17.41 5.35
N GLY H 127 21.53 17.31 6.30
CA GLY H 127 21.48 16.10 7.11
C GLY H 127 20.24 16.07 7.97
N GLY H 128 20.31 15.31 9.03
CA GLY H 128 19.11 15.13 9.86
C GLY H 128 19.47 14.53 11.16
N ALA H 129 18.59 14.68 12.13
CA ALA H 129 18.83 14.14 13.49
C ALA H 129 17.47 13.91 14.13
N GLN H 130 17.31 12.80 14.83
CA GLN H 130 16.05 12.52 15.53
C GLN H 130 16.44 11.92 16.88
N GLY H 131 15.71 12.26 17.91
CA GLY H 131 15.87 11.57 19.18
C GLY H 131 15.92 12.55 20.33
N GLN H 132 16.70 12.21 21.33
CA GLN H 132 16.83 13.04 22.54
C GLN H 132 17.56 14.33 22.23
N ALA H 133 17.31 15.34 23.03
CA ALA H 133 18.02 16.65 22.93
C ALA H 133 19.53 16.40 22.80
N THR H 134 20.13 15.56 23.64
CA THR H 134 21.61 15.39 23.60
C THR H 134 22.04 14.71 22.29
N GLU H 135 21.21 13.84 21.72
CA GLU H 135 21.51 13.17 20.42
C GLU H 135 21.46 14.21 19.30
N ILE H 136 20.46 15.08 19.35
CA ILE H 136 20.33 16.15 18.34
C ILE H 136 21.56 17.07 18.44
N GLU H 137 22.00 17.38 19.66
CA GLU H 137 23.18 18.24 19.87
C GLU H 137 24.42 17.60 19.23
N ILE H 138 24.63 16.30 19.47
CA ILE H 138 25.78 15.58 18.88
C ILE H 138 25.70 15.66 17.34
N ALA H 139 24.54 15.41 16.76
CA ALA H 139 24.35 15.44 15.29
C ALA H 139 24.63 16.86 14.77
N ALA H 140 24.14 17.89 15.44
CA ALA H 140 24.32 19.29 15.04
C ALA H 140 25.81 19.64 15.07
N ASN H 141 26.48 19.31 16.18
CA ASN H 141 27.92 19.60 16.31
C ASN H 141 28.69 18.89 15.19
N HIS H 142 28.32 17.68 14.85
CA HIS H 142 29.01 16.89 13.80
C HIS H 142 28.82 17.57 12.44
N ILE H 143 27.60 17.96 12.09
CA ILE H 143 27.41 18.54 10.73
C ILE H 143 28.05 19.93 10.68
N LEU H 144 28.07 20.69 11.79
CA LEU H 144 28.74 22.00 11.80
C LEU H 144 30.25 21.82 11.62
N LYS H 145 30.83 20.82 12.28
CA LYS H 145 32.28 20.52 12.14
C LYS H 145 32.57 20.09 10.71
N THR H 146 31.69 19.29 10.12
CA THR H 146 31.85 18.85 8.72
C THR H 146 31.82 20.06 7.79
N ARG H 147 30.89 20.99 8.01
CA ARG H 147 30.85 22.21 7.19
C ARG H 147 32.15 23.01 7.34
N GLU H 148 32.67 23.15 8.56
CA GLU H 148 33.93 23.91 8.76
C GLU H 148 35.06 23.25 7.98
N LYS H 149 35.09 21.92 7.96
CA LYS H 149 36.16 21.15 7.27
C LYS H 149 36.05 21.40 5.76
N LEU H 150 34.84 21.28 5.22
CA LEU H 150 34.60 21.52 3.77
C LEU H 150 35.00 22.95 3.41
N ASN H 151 34.60 23.92 4.22
CA ASN H 151 34.85 25.34 3.90
C ASN H 151 36.35 25.65 3.96
N ARG H 152 37.06 25.07 4.93
N ARG H 152 37.06 25.08 4.92
CA ARG H 152 38.52 25.30 5.06
CA ARG H 152 38.53 25.29 5.06
C ARG H 152 39.21 24.77 3.81
C ARG H 152 39.21 24.77 3.81
N ILE H 153 38.86 23.57 3.37
CA ILE H 153 39.51 22.99 2.16
C ILE H 153 39.09 23.81 0.95
N LEU H 154 37.83 24.19 0.82
CA LEU H 154 37.42 24.98 -0.38
C LEU H 154 38.15 26.33 -0.39
N SER H 155 38.37 26.93 0.79
CA SER H 155 39.17 28.18 0.90
C SER H 155 40.58 27.95 0.35
N GLU H 156 41.21 26.86 0.75
CA GLU H 156 42.57 26.50 0.28
C GLU H 156 42.59 26.28 -1.24
N ARG H 157 41.57 25.63 -1.79
N ARG H 157 41.57 25.63 -1.79
CA ARG H 157 41.55 25.20 -3.22
CA ARG H 157 41.55 25.20 -3.22
C ARG H 157 41.17 26.37 -4.13
C ARG H 157 41.17 26.37 -4.13
N THR H 158 40.41 27.36 -3.63
CA THR H 158 39.85 28.46 -4.47
C THR H 158 40.62 29.76 -4.27
N GLY H 159 41.24 29.95 -3.11
CA GLY H 159 41.83 31.24 -2.71
C GLY H 159 40.83 32.20 -2.13
N GLN H 160 39.56 31.81 -1.94
CA GLN H 160 38.57 32.67 -1.28
C GLN H 160 38.71 32.52 0.22
N SER H 161 38.33 33.53 0.98
CA SER H 161 38.34 33.46 2.45
C SER H 161 37.28 32.48 2.93
N ILE H 162 37.49 31.90 4.10
CA ILE H 162 36.47 31.05 4.78
C ILE H 162 35.19 31.87 4.99
N GLU H 163 35.30 33.14 5.35
CA GLU H 163 34.11 34.00 5.60
C GLU H 163 33.29 34.12 4.33
N LYS H 164 33.93 34.31 3.19
CA LYS H 164 33.22 34.45 1.89
C LYS H 164 32.57 33.10 1.51
N ILE H 165 33.29 32.01 1.67
CA ILE H 165 32.72 30.67 1.35
C ILE H 165 31.49 30.41 2.22
N GLN H 166 31.56 30.73 3.51
CA GLN H 166 30.41 30.54 4.43
C GLN H 166 29.22 31.33 3.91
N LYS H 167 29.41 32.60 3.56
CA LYS H 167 28.29 33.45 3.09
C LYS H 167 27.77 32.89 1.76
N ASP H 168 28.66 32.49 0.87
CA ASP H 168 28.27 32.11 -0.52
C ASP H 168 27.63 30.72 -0.55
N THR H 169 27.71 29.94 0.52
CA THR H 169 27.15 28.57 0.56
C THR H 169 25.94 28.52 1.50
N ASP H 170 25.51 29.65 2.04
CA ASP H 170 24.37 29.67 2.99
C ASP H 170 23.12 29.08 2.32
N ARG H 171 22.90 29.42 1.05
CA ARG H 171 21.80 28.86 0.24
C ARG H 171 22.40 28.33 -1.06
N ASP H 172 21.57 27.68 -1.87
CA ASP H 172 22.04 27.15 -3.17
C ASP H 172 22.56 28.30 -4.00
N ASN H 173 23.77 28.14 -4.49
CA ASN H 173 24.47 29.18 -5.26
C ASN H 173 24.91 28.55 -6.59
N PHE H 174 24.21 28.89 -7.67
CA PHE H 174 24.46 28.35 -9.02
C PHE H 174 25.47 29.23 -9.73
N LEU H 175 26.50 28.62 -10.31
CA LEU H 175 27.54 29.34 -11.07
C LEU H 175 27.57 28.80 -12.50
N THR H 176 27.77 29.71 -13.46
CA THR H 176 28.17 29.29 -14.82
C THR H 176 29.61 28.79 -14.78
N ALA H 177 30.06 28.15 -15.85
CA ALA H 177 31.47 27.70 -15.95
C ALA H 177 32.39 28.92 -15.80
N GLU H 178 32.09 30.03 -16.45
CA GLU H 178 32.94 31.25 -16.35
C GLU H 178 32.94 31.77 -14.92
N GLU H 179 31.78 31.78 -14.23
CA GLU H 179 31.74 32.22 -12.83
C GLU H 179 32.54 31.26 -11.93
N ALA H 180 32.52 29.96 -12.21
CA ALA H 180 33.26 28.95 -11.43
C ALA H 180 34.76 29.23 -11.59
N LYS H 181 35.19 29.61 -12.78
CA LYS H 181 36.60 30.00 -13.03
C LYS H 181 36.95 31.24 -12.22
N GLU H 182 36.12 32.28 -12.29
CA GLU H 182 36.34 33.54 -11.55
C GLU H 182 36.41 33.24 -10.04
N TYR H 183 35.61 32.27 -9.58
CA TYR H 183 35.53 31.94 -8.14
C TYR H 183 36.79 31.17 -7.69
N GLY H 184 37.48 30.49 -8.59
CA GLY H 184 38.63 29.64 -8.27
C GLY H 184 38.28 28.18 -8.09
N LEU H 185 37.06 27.75 -8.44
CA LEU H 185 36.67 26.32 -8.38
C LEU H 185 37.26 25.55 -9.54
N ILE H 186 37.47 26.21 -10.69
CA ILE H 186 38.17 25.61 -11.85
C ILE H 186 39.24 26.60 -12.31
N ASP H 187 40.12 26.10 -13.16
CA ASP H 187 41.21 26.93 -13.75
C ASP H 187 40.83 27.45 -15.12
N GLU H 188 40.11 26.69 -15.92
CA GLU H 188 39.80 27.13 -17.32
C GLU H 188 38.43 26.58 -17.75
N VAL H 189 37.78 27.37 -18.58
CA VAL H 189 36.63 26.88 -19.38
C VAL H 189 37.18 26.30 -20.68
N MET H 190 36.91 25.04 -20.96
CA MET H 190 37.39 24.37 -22.20
C MET H 190 36.48 24.81 -23.34
N VAL H 191 36.89 25.79 -24.11
CA VAL H 191 36.06 26.37 -25.22
C VAL H 191 36.22 25.50 -26.47
N PRO H 192 35.16 25.29 -27.27
CA PRO H 192 35.27 24.41 -28.43
C PRO H 192 36.07 25.05 -29.57
N GLU H 193 36.89 24.26 -30.28
CA GLU H 193 37.75 24.70 -31.40
C GLU H 193 36.84 24.83 -32.61
N ILE I 4 17.25 -7.55 -26.84
CA ILE I 4 18.19 -6.84 -27.77
C ILE I 4 19.00 -7.87 -28.54
N PRO I 5 18.88 -7.99 -29.87
CA PRO I 5 19.60 -9.06 -30.56
C PRO I 5 21.11 -8.83 -30.66
N THR I 6 21.83 -9.90 -30.96
CA THR I 6 23.27 -10.02 -31.22
C THR I 6 23.52 -10.19 -32.72
N VAL I 7 24.58 -9.58 -33.23
CA VAL I 7 25.09 -9.82 -34.62
C VAL I 7 26.53 -10.30 -34.52
N ILE I 8 26.95 -11.25 -35.35
CA ILE I 8 28.29 -11.91 -35.25
C ILE I 8 29.06 -11.62 -36.55
N TYR I 18 28.43 -8.75 -31.18
CA TYR I 18 27.98 -7.40 -30.75
C TYR I 18 26.47 -7.43 -30.47
N ASP I 19 25.98 -6.81 -29.38
CA ASP I 19 24.55 -6.42 -29.34
C ASP I 19 24.30 -5.43 -30.49
N ILE I 20 23.06 -5.24 -30.92
CA ILE I 20 22.77 -4.46 -32.17
C ILE I 20 23.27 -3.03 -31.98
N TYR I 21 23.15 -2.44 -30.77
CA TYR I 21 23.59 -1.05 -30.57
C TYR I 21 25.12 -0.93 -30.67
N SER I 22 25.84 -1.91 -30.11
CA SER I 22 27.32 -1.95 -30.21
C SER I 22 27.75 -2.11 -31.67
N ARG I 23 26.98 -2.86 -32.45
CA ARG I 23 27.28 -3.03 -33.91
C ARG I 23 27.11 -1.70 -34.62
N LEU I 24 26.06 -0.94 -34.29
CA LEU I 24 25.88 0.39 -34.91
C LEU I 24 27.03 1.31 -34.47
N LEU I 25 27.47 1.23 -33.22
CA LEU I 25 28.53 2.12 -32.72
C LEU I 25 29.83 1.86 -33.51
N LYS I 26 30.05 0.63 -33.91
CA LYS I 26 31.23 0.27 -34.77
C LYS I 26 31.18 1.08 -36.07
N ASP I 27 30.00 1.44 -36.56
CA ASP I 27 29.82 2.28 -37.77
C ASP I 27 29.52 3.74 -37.40
N ARG I 28 29.89 4.15 -36.19
CA ARG I 28 29.89 5.55 -35.73
C ARG I 28 28.44 6.07 -35.61
N ILE I 29 27.52 5.19 -35.30
CA ILE I 29 26.09 5.57 -35.04
C ILE I 29 25.83 5.42 -33.55
N ILE I 30 25.33 6.50 -32.95
CA ILE I 30 24.96 6.58 -31.52
C ILE I 30 23.42 6.69 -31.48
N MET I 31 22.77 5.88 -30.67
CA MET I 31 21.30 5.88 -30.56
C MET I 31 20.90 6.60 -29.25
N LEU I 32 20.25 7.76 -29.37
CA LEU I 32 19.61 8.45 -28.22
C LEU I 32 18.13 8.13 -28.35
N GLY I 33 17.65 7.06 -27.68
CA GLY I 33 16.35 6.46 -27.92
C GLY I 33 15.46 6.41 -26.67
N SER I 34 15.75 7.24 -25.70
CA SER I 34 15.03 7.22 -24.41
C SER I 34 14.98 8.62 -23.83
N GLN I 35 14.35 8.73 -22.68
CA GLN I 35 14.44 9.94 -21.85
C GLN I 35 15.90 10.24 -21.55
N ILE I 36 16.26 11.51 -21.52
CA ILE I 36 17.63 11.97 -21.21
C ILE I 36 17.79 12.08 -19.70
N ASP I 37 18.62 11.23 -19.12
CA ASP I 37 19.00 11.34 -17.70
C ASP I 37 20.53 11.24 -17.65
N ASP I 38 21.08 11.35 -16.46
CA ASP I 38 22.55 11.38 -16.30
C ASP I 38 23.16 10.10 -16.87
N ASN I 39 22.53 8.95 -16.68
CA ASN I 39 23.09 7.65 -17.16
C ASN I 39 23.19 7.66 -18.68
N VAL I 40 22.12 8.09 -19.36
CA VAL I 40 22.08 8.16 -20.83
C VAL I 40 23.15 9.17 -21.28
N ALA I 41 23.24 10.33 -20.65
CA ALA I 41 24.22 11.36 -21.05
C ALA I 41 25.64 10.81 -20.88
N ASN I 42 25.92 10.15 -19.76
CA ASN I 42 27.28 9.62 -19.48
C ASN I 42 27.64 8.62 -20.60
N SER I 43 26.70 7.79 -21.00
CA SER I 43 26.94 6.79 -22.06
C SER I 43 27.22 7.49 -23.38
N ILE I 44 26.37 8.44 -23.76
CA ILE I 44 26.53 9.14 -25.06
C ILE I 44 27.82 9.96 -25.07
N VAL I 45 28.16 10.65 -24.00
CA VAL I 45 29.44 11.40 -23.89
C VAL I 45 30.61 10.43 -24.10
N SER I 46 30.55 9.27 -23.45
CA SER I 46 31.65 8.26 -23.53
C SER I 46 31.77 7.79 -24.99
N GLN I 47 30.65 7.54 -25.65
CA GLN I 47 30.62 7.08 -27.06
C GLN I 47 31.22 8.16 -27.96
N LEU I 48 30.86 9.43 -27.77
CA LEU I 48 31.39 10.53 -28.58
C LEU I 48 32.90 10.62 -28.43
N LEU I 49 33.39 10.57 -27.19
N LEU I 49 33.40 10.57 -27.19
CA LEU I 49 34.86 10.69 -26.93
CA LEU I 49 34.86 10.69 -26.93
C LEU I 49 35.58 9.50 -27.56
C LEU I 49 35.58 9.50 -27.56
N PHE I 50 35.03 8.30 -27.43
CA PHE I 50 35.60 7.06 -28.01
C PHE I 50 35.67 7.20 -29.54
N LEU I 51 34.58 7.64 -30.17
CA LEU I 51 34.57 7.74 -31.65
C LEU I 51 35.58 8.78 -32.12
N GLN I 52 35.74 9.90 -31.40
CA GLN I 52 36.72 10.92 -31.77
C GLN I 52 38.12 10.28 -31.72
N ALA I 53 38.39 9.48 -30.69
CA ALA I 53 39.72 8.84 -30.51
C ALA I 53 39.96 7.86 -31.66
N GLN I 54 38.95 7.12 -32.08
CA GLN I 54 39.10 6.15 -33.18
C GLN I 54 39.40 6.87 -34.50
N ASP I 55 38.74 7.99 -34.76
CA ASP I 55 38.90 8.74 -36.01
C ASP I 55 38.40 10.15 -35.80
N SER I 56 39.28 11.14 -35.81
CA SER I 56 38.94 12.53 -35.50
C SER I 56 38.29 13.21 -36.71
N GLU I 57 38.26 12.60 -37.88
CA GLU I 57 37.81 13.28 -39.13
C GLU I 57 36.45 12.75 -39.59
N LYS I 58 36.12 11.49 -39.36
CA LYS I 58 34.92 10.86 -39.94
C LYS I 58 33.66 11.31 -39.16
N ASP I 59 32.60 11.56 -39.89
CA ASP I 59 31.30 11.96 -39.26
C ASP I 59 30.87 10.89 -38.24
N ILE I 60 30.08 11.37 -37.29
CA ILE I 60 29.33 10.57 -36.28
C ILE I 60 27.84 10.82 -36.59
N TYR I 61 27.00 9.83 -36.37
CA TYR I 61 25.55 9.91 -36.64
C TYR I 61 24.81 9.72 -35.31
N LEU I 62 24.11 10.74 -34.85
CA LEU I 62 23.28 10.67 -33.62
C LEU I 62 21.81 10.57 -34.00
N TYR I 63 21.23 9.39 -33.77
CA TYR I 63 19.80 9.11 -33.95
C TYR I 63 19.08 9.61 -32.71
N ILE I 64 18.00 10.35 -32.91
CA ILE I 64 17.21 10.90 -31.78
C ILE I 64 15.75 10.48 -31.93
N ASN I 65 15.33 9.71 -30.93
CA ASN I 65 13.90 9.42 -30.67
C ASN I 65 13.74 9.56 -29.16
N SER I 66 13.43 10.76 -28.70
CA SER I 66 13.51 11.07 -27.25
C SER I 66 12.42 12.06 -26.90
N PRO I 67 11.77 11.86 -25.73
CA PRO I 67 10.84 12.87 -25.19
C PRO I 67 11.55 13.97 -24.40
N GLY I 68 12.86 13.95 -24.35
CA GLY I 68 13.69 14.91 -23.63
C GLY I 68 14.00 14.40 -22.24
N GLY I 69 14.11 15.31 -21.27
CA GLY I 69 14.59 14.93 -19.93
C GLY I 69 15.44 16.03 -19.34
N SER I 70 16.46 15.63 -18.61
CA SER I 70 17.26 16.53 -17.77
C SER I 70 17.96 17.56 -18.64
N VAL I 71 17.83 18.83 -18.31
CA VAL I 71 18.54 19.91 -19.05
C VAL I 71 20.05 19.78 -18.82
N THR I 72 20.50 19.54 -17.59
CA THR I 72 21.98 19.42 -17.35
C THR I 72 22.53 18.19 -18.07
N ALA I 73 21.81 17.08 -18.07
CA ALA I 73 22.25 15.88 -18.80
C ALA I 73 22.30 16.21 -20.30
N GLY I 74 21.29 16.91 -20.81
CA GLY I 74 21.29 17.34 -22.21
C GLY I 74 22.48 18.23 -22.52
N PHE I 75 22.87 19.11 -21.61
CA PHE I 75 24.04 19.99 -21.84
C PHE I 75 25.35 19.22 -21.78
N ALA I 76 25.41 18.12 -21.04
CA ALA I 76 26.61 17.24 -21.07
C ALA I 76 26.78 16.74 -22.52
N ILE I 77 25.71 16.30 -23.14
CA ILE I 77 25.76 15.80 -24.55
C ILE I 77 26.09 16.98 -25.47
N TYR I 78 25.36 18.09 -25.35
CA TYR I 78 25.52 19.27 -26.23
C TYR I 78 26.98 19.71 -26.23
N ASP I 79 27.58 19.90 -25.05
CA ASP I 79 28.94 20.47 -24.99
C ASP I 79 29.94 19.46 -25.52
N THR I 80 29.71 18.18 -25.32
CA THR I 80 30.65 17.14 -25.84
C THR I 80 30.57 17.16 -27.38
N ILE I 81 29.37 17.26 -27.96
CA ILE I 81 29.21 17.39 -29.43
C ILE I 81 30.06 18.57 -29.90
N GLN I 82 29.94 19.74 -29.28
CA GLN I 82 30.61 20.94 -29.80
C GLN I 82 32.12 20.80 -29.58
N HIS I 83 32.55 20.11 -28.52
CA HIS I 83 33.96 19.99 -28.15
C HIS I 83 34.72 19.16 -29.18
N ILE I 84 34.18 18.04 -29.60
CA ILE I 84 34.96 17.03 -30.37
C ILE I 84 35.17 17.54 -31.81
N LYS I 85 36.17 16.99 -32.50
CA LYS I 85 36.50 17.42 -33.88
C LYS I 85 35.52 16.90 -34.93
N PRO I 86 35.10 15.62 -34.93
CA PRO I 86 34.20 15.14 -35.97
C PRO I 86 32.84 15.88 -35.95
N ASP I 87 32.29 16.09 -37.14
CA ASP I 87 30.89 16.55 -37.28
C ASP I 87 29.97 15.46 -36.71
N VAL I 88 28.96 15.87 -35.96
CA VAL I 88 27.89 14.96 -35.46
C VAL I 88 26.62 15.29 -36.22
N GLN I 89 26.21 14.40 -37.09
CA GLN I 89 24.94 14.52 -37.81
C GLN I 89 23.84 14.15 -36.82
N THR I 90 22.70 14.79 -36.90
CA THR I 90 21.52 14.42 -36.07
C THR I 90 20.40 14.00 -36.99
N ILE I 91 19.67 12.95 -36.59
CA ILE I 91 18.53 12.46 -37.35
C ILE I 91 17.38 12.20 -36.37
N CYS I 92 16.29 12.91 -36.55
CA CYS I 92 15.07 12.69 -35.75
C CYS I 92 14.21 11.63 -36.44
N ILE I 93 13.92 10.57 -35.70
CA ILE I 93 13.02 9.47 -36.12
C ILE I 93 12.02 9.30 -34.95
N GLY I 94 10.74 9.27 -35.25
CA GLY I 94 9.69 9.15 -34.22
C GLY I 94 9.36 10.53 -33.63
N MET I 95 10.12 10.95 -32.63
N MET I 95 10.12 10.95 -32.63
CA MET I 95 9.86 12.22 -31.93
CA MET I 95 9.86 12.22 -31.91
C MET I 95 11.18 12.77 -31.34
C MET I 95 11.18 12.77 -31.33
N ALA I 96 11.32 14.08 -31.38
CA ALA I 96 12.34 14.78 -30.59
C ALA I 96 11.58 15.88 -29.86
N ALA I 97 11.45 15.74 -28.54
CA ALA I 97 10.73 16.75 -27.75
C ALA I 97 11.67 17.33 -26.72
N SER I 98 11.41 18.60 -26.41
CA SER I 98 12.05 19.30 -25.30
C SER I 98 13.57 19.22 -25.47
N MET I 99 14.31 18.71 -24.48
CA MET I 99 15.79 18.67 -24.63
C MET I 99 16.18 17.80 -25.83
N GLY I 100 15.34 16.85 -26.26
CA GLY I 100 15.58 16.07 -27.48
C GLY I 100 15.61 16.95 -28.72
N SER I 101 14.69 17.90 -28.85
CA SER I 101 14.67 18.82 -30.01
C SER I 101 15.86 19.79 -29.91
N PHE I 102 16.29 20.15 -28.71
CA PHE I 102 17.48 20.99 -28.52
C PHE I 102 18.70 20.25 -29.08
N LEU I 103 18.84 18.95 -28.77
CA LEU I 103 20.00 18.20 -29.26
C LEU I 103 19.88 17.99 -30.77
N LEU I 104 18.68 17.82 -31.31
CA LEU I 104 18.50 17.70 -32.77
C LEU I 104 19.09 18.95 -33.43
N ALA I 105 18.77 20.13 -32.89
CA ALA I 105 19.21 21.41 -33.45
C ALA I 105 20.71 21.61 -33.28
N ALA I 106 21.36 20.82 -32.42
CA ALA I 106 22.79 20.96 -32.05
C ALA I 106 23.72 20.22 -33.02
N GLY I 107 23.17 19.47 -33.97
CA GLY I 107 23.97 18.74 -34.94
C GLY I 107 24.76 19.68 -35.84
N ALA I 108 25.76 19.14 -36.52
CA ALA I 108 26.60 19.90 -37.46
C ALA I 108 25.71 20.64 -38.48
N LYS I 109 26.03 21.90 -38.75
CA LYS I 109 25.22 22.74 -39.66
C LYS I 109 25.23 22.07 -41.04
N GLY I 110 24.05 21.89 -41.61
CA GLY I 110 23.81 21.19 -42.88
C GLY I 110 23.61 19.71 -42.73
N LYS I 111 23.77 19.16 -41.51
CA LYS I 111 23.70 17.69 -41.31
C LYS I 111 22.69 17.37 -40.18
N ARG I 112 21.64 18.18 -40.09
CA ARG I 112 20.53 17.91 -39.15
C ARG I 112 19.31 17.52 -39.99
N PHE I 113 18.76 16.34 -39.70
CA PHE I 113 17.70 15.75 -40.54
C PHE I 113 16.54 15.29 -39.69
N ALA I 114 15.39 15.13 -40.33
CA ALA I 114 14.26 14.38 -39.76
C ALA I 114 13.62 13.56 -40.87
N LEU I 115 13.08 12.40 -40.52
CA LEU I 115 12.31 11.60 -41.50
C LEU I 115 10.90 12.22 -41.55
N PRO I 116 10.16 12.00 -42.64
CA PRO I 116 9.00 12.84 -42.97
C PRO I 116 7.88 12.86 -41.95
N ASN I 117 7.67 11.78 -41.23
CA ASN I 117 6.54 11.68 -40.27
C ASN I 117 7.05 11.86 -38.83
N ALA I 118 8.31 12.21 -38.65
CA ALA I 118 8.87 12.49 -37.32
C ALA I 118 8.22 13.77 -36.76
N GLU I 119 8.07 13.81 -35.45
N GLU I 119 8.07 13.82 -35.45
CA GLU I 119 7.47 14.93 -34.69
CA GLU I 119 7.45 14.93 -34.69
C GLU I 119 8.57 15.65 -33.92
C GLU I 119 8.57 15.65 -33.93
N VAL I 120 8.55 16.98 -33.93
CA VAL I 120 9.49 17.80 -33.15
C VAL I 120 8.64 18.65 -32.22
N MET I 121 8.95 18.70 -30.94
CA MET I 121 8.14 19.56 -30.03
C MET I 121 9.12 20.41 -29.24
N ILE I 122 8.81 21.70 -29.13
CA ILE I 122 9.61 22.66 -28.34
C ILE I 122 8.73 23.25 -27.26
N HIS I 123 9.29 23.49 -26.07
CA HIS I 123 8.54 24.08 -24.96
C HIS I 123 9.52 24.60 -23.93
N GLN I 124 9.04 25.34 -22.97
CA GLN I 124 9.94 25.87 -21.93
C GLN I 124 10.27 24.77 -20.94
N PRO I 125 11.39 24.96 -20.19
CA PRO I 125 11.79 24.00 -19.18
C PRO I 125 10.79 23.89 -18.03
N LEU I 126 10.77 22.69 -17.46
CA LEU I 126 9.90 22.32 -16.30
C LEU I 126 10.77 22.15 -15.07
N GLY I 127 10.22 22.45 -13.91
CA GLY I 127 10.92 22.18 -12.65
C GLY I 127 10.02 22.43 -11.48
N GLY I 128 10.63 22.67 -10.33
CA GLY I 128 9.82 22.76 -9.10
C GLY I 128 10.64 23.52 -8.07
N ALA I 129 9.96 23.97 -7.03
CA ALA I 129 10.62 24.62 -5.90
C ALA I 129 9.73 24.41 -4.68
N GLN I 130 10.32 24.12 -3.53
CA GLN I 130 9.57 23.94 -2.29
C GLN I 130 10.41 24.59 -1.19
N GLY I 131 9.76 25.25 -0.26
CA GLY I 131 10.45 25.71 0.94
C GLY I 131 10.14 27.16 1.23
N GLN I 132 11.13 27.86 1.78
CA GLN I 132 10.98 29.25 2.18
C GLN I 132 10.86 30.14 0.94
N ALA I 133 10.23 31.28 1.09
CA ALA I 133 10.13 32.31 0.02
C ALA I 133 11.50 32.52 -0.64
N THR I 134 12.58 32.71 0.13
CA THR I 134 13.90 33.02 -0.49
C THR I 134 14.42 31.79 -1.25
N GLU I 135 14.12 30.58 -0.83
CA GLU I 135 14.51 29.34 -1.55
C GLU I 135 13.74 29.24 -2.88
N ILE I 136 12.45 29.57 -2.84
CA ILE I 136 11.62 29.56 -4.07
C ILE I 136 12.18 30.61 -5.03
N GLU I 137 12.57 31.78 -4.54
CA GLU I 137 13.15 32.86 -5.37
C GLU I 137 14.42 32.34 -6.06
N ILE I 138 15.31 31.70 -5.30
CA ILE I 138 16.56 31.14 -5.88
C ILE I 138 16.21 30.13 -6.97
N ALA I 139 15.29 29.23 -6.73
CA ALA I 139 14.90 28.19 -7.70
C ALA I 139 14.29 28.87 -8.95
N ALA I 140 13.45 29.87 -8.79
CA ALA I 140 12.81 30.57 -9.91
C ALA I 140 13.88 31.27 -10.74
N ASN I 141 14.79 31.98 -10.10
CA ASN I 141 15.87 32.69 -10.82
C ASN I 141 16.70 31.66 -11.59
N HIS I 142 16.99 30.51 -11.02
CA HIS I 142 17.81 29.48 -11.68
C HIS I 142 17.08 28.94 -12.93
N ILE I 143 15.79 28.62 -12.81
CA ILE I 143 15.11 28.02 -14.00
C ILE I 143 14.93 29.11 -15.06
N LEU I 144 14.73 30.37 -14.69
CA LEU I 144 14.59 31.46 -15.68
C LEU I 144 15.93 31.66 -16.39
N LYS I 145 17.05 31.59 -15.68
CA LYS I 145 18.38 31.75 -16.30
C LYS I 145 18.64 30.55 -17.21
N THR I 146 18.23 29.36 -16.81
CA THR I 146 18.39 28.14 -17.65
C THR I 146 17.59 28.33 -18.95
N ARG I 147 16.36 28.84 -18.85
CA ARG I 147 15.55 29.10 -20.05
C ARG I 147 16.25 30.11 -20.96
N GLU I 148 16.81 31.19 -20.40
CA GLU I 148 17.52 32.19 -21.20
C GLU I 148 18.69 31.53 -21.94
N LYS I 149 19.41 30.65 -21.27
CA LYS I 149 20.59 29.95 -21.84
C LYS I 149 20.13 29.07 -23.01
N LEU I 150 19.09 28.27 -22.80
CA LEU I 150 18.55 27.38 -23.85
C LEU I 150 18.10 28.23 -25.05
N ASN I 151 17.37 29.30 -24.80
CA ASN I 151 16.79 30.11 -25.89
C ASN I 151 17.91 30.79 -26.68
N ARG I 152 18.96 31.27 -26.00
CA ARG I 152 20.09 31.92 -26.68
C ARG I 152 20.76 30.93 -27.62
N ILE I 153 21.02 29.73 -27.14
CA ILE I 153 21.68 28.72 -27.99
C ILE I 153 20.74 28.33 -29.13
N LEU I 154 19.44 28.11 -28.83
CA LEU I 154 18.53 27.69 -29.91
C LEU I 154 18.43 28.81 -30.96
N SER I 155 18.48 30.06 -30.54
CA SER I 155 18.50 31.23 -31.48
C SER I 155 19.71 31.14 -32.40
N GLU I 156 20.87 30.85 -31.84
CA GLU I 156 22.14 30.72 -32.62
C GLU I 156 22.01 29.57 -33.62
N ARG I 157 21.43 28.43 -33.21
N ARG I 157 21.44 28.44 -33.21
CA ARG I 157 21.41 27.19 -34.01
CA ARG I 157 21.42 27.20 -34.01
C ARG I 157 20.31 27.26 -35.07
C ARG I 157 20.31 27.27 -35.10
N THR I 158 19.24 28.03 -34.88
CA THR I 158 18.05 28.05 -35.78
C THR I 158 18.04 29.28 -36.68
N GLY I 159 18.65 30.36 -36.24
CA GLY I 159 18.50 31.68 -36.89
C GLY I 159 17.25 32.43 -36.49
N GLN I 160 16.42 31.89 -35.58
CA GLN I 160 15.25 32.57 -35.06
C GLN I 160 15.72 33.49 -33.92
N SER I 161 14.98 34.57 -33.70
CA SER I 161 15.28 35.51 -32.60
C SER I 161 15.00 34.86 -31.27
N ILE I 162 15.66 35.34 -30.22
CA ILE I 162 15.32 34.95 -28.84
C ILE I 162 13.87 35.30 -28.54
N GLU I 163 13.39 36.46 -28.98
CA GLU I 163 11.99 36.89 -28.72
C GLU I 163 11.01 35.87 -29.33
N LYS I 164 11.27 35.41 -30.56
CA LYS I 164 10.39 34.46 -31.25
C LYS I 164 10.43 33.11 -30.53
N ILE I 165 11.64 32.64 -30.17
CA ILE I 165 11.76 31.34 -29.44
C ILE I 165 10.99 31.43 -28.12
N GLN I 166 11.11 32.53 -27.39
CA GLN I 166 10.39 32.71 -26.11
C GLN I 166 8.88 32.57 -26.34
N LYS I 167 8.33 33.26 -27.34
CA LYS I 167 6.89 33.22 -27.62
C LYS I 167 6.49 31.79 -28.04
N ASP I 168 7.31 31.17 -28.89
CA ASP I 168 6.93 29.89 -29.52
C ASP I 168 7.10 28.72 -28.54
N THR I 169 7.75 28.92 -27.40
CA THR I 169 7.98 27.84 -26.41
C THR I 169 7.17 28.07 -25.16
N ASP I 170 6.32 29.10 -25.12
CA ASP I 170 5.52 29.38 -23.90
C ASP I 170 4.67 28.15 -23.54
N ARG I 171 4.09 27.49 -24.54
CA ARG I 171 3.33 26.23 -24.36
C ARG I 171 3.91 25.17 -25.29
N ASP I 172 3.46 23.94 -25.15
CA ASP I 172 3.93 22.85 -26.04
C ASP I 172 3.63 23.22 -27.48
N ASN I 173 4.64 23.18 -28.34
CA ASN I 173 4.52 23.58 -29.73
C ASN I 173 5.02 22.40 -30.59
N PHE I 174 4.10 21.70 -31.23
CA PHE I 174 4.39 20.51 -32.06
C PHE I 174 4.61 20.96 -33.49
N LEU I 175 5.72 20.52 -34.08
CA LEU I 175 6.07 20.82 -35.49
C LEU I 175 6.17 19.52 -36.27
N THR I 176 5.71 19.55 -37.51
CA THR I 176 6.02 18.47 -38.46
C THR I 176 7.51 18.57 -38.85
N ALA I 177 8.03 17.56 -39.53
CA ALA I 177 9.43 17.61 -40.01
C ALA I 177 9.60 18.81 -40.94
N GLU I 178 8.66 19.05 -41.85
CA GLU I 178 8.77 20.19 -42.79
C GLU I 178 8.74 21.51 -42.00
N GLU I 179 7.88 21.62 -40.98
CA GLU I 179 7.86 22.84 -40.16
C GLU I 179 9.16 23.01 -39.37
N ALA I 180 9.77 21.94 -38.90
CA ALA I 180 11.05 21.98 -38.15
C ALA I 180 12.14 22.49 -39.11
N LYS I 181 12.09 22.11 -40.37
CA LYS I 181 13.05 22.61 -41.39
C LYS I 181 12.83 24.10 -41.58
N GLU I 182 11.58 24.52 -41.78
CA GLU I 182 11.24 25.95 -41.96
C GLU I 182 11.71 26.74 -40.74
N TYR I 183 11.61 26.16 -39.56
CA TYR I 183 11.97 26.84 -38.31
C TYR I 183 13.50 26.98 -38.14
N GLY I 184 14.26 26.10 -38.77
CA GLY I 184 15.73 26.07 -38.65
C GLY I 184 16.22 25.07 -37.59
N LEU I 185 15.35 24.20 -37.08
CA LEU I 185 15.77 23.15 -36.14
C LEU I 185 16.49 22.02 -36.88
N ILE I 186 16.13 21.78 -38.14
CA ILE I 186 16.87 20.82 -39.00
C ILE I 186 17.18 21.54 -40.32
N ASP I 187 18.05 20.92 -41.09
CA ASP I 187 18.43 21.41 -42.44
C ASP I 187 17.62 20.77 -43.56
N GLU I 188 17.25 19.51 -43.43
CA GLU I 188 16.56 18.80 -44.52
C GLU I 188 15.62 17.72 -43.93
N VAL I 189 14.52 17.52 -44.61
CA VAL I 189 13.68 16.33 -44.44
C VAL I 189 14.22 15.24 -45.36
N MET I 190 14.59 14.10 -44.80
CA MET I 190 15.16 12.96 -45.58
C MET I 190 14.00 12.23 -46.24
N VAL I 191 13.70 12.52 -47.49
CA VAL I 191 12.53 11.97 -48.24
C VAL I 191 12.92 10.58 -48.79
N PRO I 192 12.00 9.60 -48.79
CA PRO I 192 12.34 8.25 -49.26
C PRO I 192 12.50 8.18 -50.78
N ILE J 4 14.62 -17.79 -23.31
CA ILE J 4 14.87 -17.67 -24.79
C ILE J 4 15.97 -18.65 -25.17
N PRO J 5 15.72 -19.66 -26.03
CA PRO J 5 16.78 -20.63 -26.33
C PRO J 5 17.90 -20.06 -27.19
N THR J 6 19.03 -20.77 -27.14
CA THR J 6 20.28 -20.52 -27.91
C THR J 6 20.41 -21.57 -28.99
N VAL J 7 20.91 -21.18 -30.16
CA VAL J 7 21.23 -22.08 -31.29
C VAL J 7 22.73 -21.91 -31.58
N ILE J 8 23.43 -23.02 -31.86
CA ILE J 8 24.90 -23.03 -32.12
C ILE J 8 25.12 -23.52 -33.55
N ARG J 16 29.04 -20.69 -34.10
CA ARG J 16 28.71 -19.47 -33.28
C ARG J 16 27.38 -19.68 -32.51
N ALA J 17 27.24 -18.99 -31.38
CA ALA J 17 26.10 -19.07 -30.42
C ALA J 17 25.21 -17.83 -30.53
N TYR J 18 23.95 -18.03 -30.89
CA TYR J 18 22.92 -16.99 -31.09
C TYR J 18 21.72 -17.29 -30.17
N ASP J 19 21.13 -16.30 -29.52
CA ASP J 19 19.73 -16.45 -29.03
C ASP J 19 18.84 -16.63 -30.29
N ILE J 20 17.65 -17.19 -30.13
CA ILE J 20 16.82 -17.57 -31.31
C ILE J 20 16.52 -16.32 -32.15
N TYR J 21 16.27 -15.16 -31.54
CA TYR J 21 15.91 -13.95 -32.31
C TYR J 21 17.12 -13.48 -33.13
N SER J 22 18.32 -13.52 -32.56
CA SER J 22 19.56 -13.13 -33.27
C SER J 22 19.78 -14.07 -34.45
N ARG J 23 19.44 -15.35 -34.29
CA ARG J 23 19.58 -16.32 -35.40
C ARG J 23 18.61 -15.97 -36.52
N LEU J 24 17.37 -15.59 -36.20
CA LEU J 24 16.42 -15.17 -37.26
C LEU J 24 16.95 -13.89 -37.94
N LEU J 25 17.50 -12.96 -37.18
CA LEU J 25 17.98 -11.68 -37.74
C LEU J 25 19.09 -11.97 -38.76
N LYS J 26 19.90 -12.99 -38.53
CA LYS J 26 20.95 -13.40 -39.50
C LYS J 26 20.32 -13.72 -40.84
N ASP J 27 19.07 -14.22 -40.87
CA ASP J 27 18.34 -14.54 -42.10
C ASP J 27 17.31 -13.43 -42.44
N ARG J 28 17.54 -12.22 -41.94
CA ARG J 28 16.84 -11.00 -42.35
C ARG J 28 15.39 -11.02 -41.88
N ILE J 29 15.15 -11.69 -40.77
CA ILE J 29 13.80 -11.72 -40.12
C ILE J 29 13.87 -10.89 -38.85
N ILE J 30 12.93 -9.95 -38.74
CA ILE J 30 12.76 -9.06 -37.57
C ILE J 30 11.43 -9.46 -36.92
N MET J 31 11.43 -9.65 -35.59
CA MET J 31 10.22 -10.06 -34.86
C MET J 31 9.69 -8.83 -34.08
N LEU J 32 8.53 -8.32 -34.46
CA LEU J 32 7.81 -7.28 -33.69
C LEU J 32 6.70 -8.03 -32.96
N GLY J 33 6.95 -8.45 -31.71
CA GLY J 33 6.12 -9.39 -30.97
C GLY J 33 5.63 -8.82 -29.63
N SER J 34 5.56 -7.50 -29.51
CA SER J 34 5.13 -6.88 -28.23
C SER J 34 4.43 -5.57 -28.51
N GLN J 35 3.99 -4.92 -27.44
CA GLN J 35 3.54 -3.51 -27.51
C GLN J 35 4.66 -2.66 -28.10
N ILE J 36 4.31 -1.67 -28.89
CA ILE J 36 5.28 -0.73 -29.51
C ILE J 36 5.54 0.42 -28.54
N ASP J 37 6.74 0.49 -28.01
CA ASP J 37 7.20 1.65 -27.23
C ASP J 37 8.55 2.08 -27.80
N ASP J 38 9.13 3.13 -27.25
CA ASP J 38 10.38 3.71 -27.79
C ASP J 38 11.49 2.63 -27.79
N ASN J 39 11.57 1.79 -26.77
CA ASN J 39 12.63 0.74 -26.70
C ASN J 39 12.49 -0.25 -27.85
N VAL J 40 11.27 -0.72 -28.08
CA VAL J 40 10.98 -1.67 -29.19
C VAL J 40 11.30 -0.98 -30.51
N ALA J 41 10.88 0.27 -30.69
CA ALA J 41 11.11 0.98 -31.96
C ALA J 41 12.61 1.17 -32.17
N ASN J 42 13.36 1.53 -31.13
N ASN J 42 13.36 1.52 -31.13
CA ASN J 42 14.82 1.74 -31.27
CA ASN J 42 14.82 1.74 -31.25
C ASN J 42 15.46 0.45 -31.75
C ASN J 42 15.46 0.44 -31.74
N SER J 43 15.04 -0.68 -31.18
CA SER J 43 15.61 -2.00 -31.56
C SER J 43 15.26 -2.31 -33.03
N ILE J 44 14.01 -2.15 -33.41
CA ILE J 44 13.56 -2.49 -34.78
C ILE J 44 14.22 -1.56 -35.80
N VAL J 45 14.30 -0.27 -35.52
CA VAL J 45 15.00 0.69 -36.40
C VAL J 45 16.45 0.26 -36.56
N SER J 46 17.11 -0.12 -35.48
CA SER J 46 18.54 -0.54 -35.51
C SER J 46 18.67 -1.78 -36.39
N GLN J 47 17.77 -2.73 -36.24
CA GLN J 47 17.78 -3.98 -37.02
C GLN J 47 17.57 -3.65 -38.51
N LEU J 48 16.64 -2.78 -38.84
CA LEU J 48 16.38 -2.39 -40.26
C LEU J 48 17.64 -1.73 -40.84
N LEU J 49 18.26 -0.81 -40.14
N LEU J 49 18.26 -0.80 -40.14
CA LEU J 49 19.46 -0.10 -40.65
CA LEU J 49 19.47 -0.10 -40.64
C LEU J 49 20.60 -1.12 -40.81
C LEU J 49 20.61 -1.11 -40.82
N PHE J 50 20.77 -2.02 -39.86
CA PHE J 50 21.79 -3.10 -39.94
C PHE J 50 21.55 -3.96 -41.17
N LEU J 51 20.32 -4.40 -41.39
CA LEU J 51 20.01 -5.31 -42.53
C LEU J 51 20.23 -4.58 -43.84
N GLN J 52 19.89 -3.28 -43.93
CA GLN J 52 20.16 -2.52 -45.17
C GLN J 52 21.67 -2.53 -45.42
N ALA J 53 22.48 -2.32 -44.40
CA ALA J 53 23.96 -2.28 -44.53
C ALA J 53 24.48 -3.65 -44.97
N GLN J 54 23.93 -4.72 -44.43
CA GLN J 54 24.38 -6.11 -44.76
C GLN J 54 24.06 -6.43 -46.23
N ASP J 55 22.92 -5.97 -46.73
CA ASP J 55 22.55 -6.17 -48.14
C ASP J 55 21.45 -5.20 -48.48
N SER J 56 21.74 -4.20 -49.32
CA SER J 56 20.78 -3.14 -49.65
C SER J 56 19.70 -3.64 -50.60
N GLU J 57 19.81 -4.83 -51.19
CA GLU J 57 18.85 -5.29 -52.21
C GLU J 57 17.93 -6.40 -51.68
N LYS J 58 18.39 -7.24 -50.77
CA LYS J 58 17.66 -8.45 -50.38
C LYS J 58 16.45 -8.08 -49.47
N ASP J 59 15.36 -8.74 -49.66
CA ASP J 59 14.13 -8.52 -48.84
C ASP J 59 14.46 -8.72 -47.35
N ILE J 60 13.67 -8.01 -46.54
CA ILE J 60 13.60 -8.13 -45.07
C ILE J 60 12.20 -8.65 -44.77
N TYR J 61 12.06 -9.44 -43.71
CA TYR J 61 10.77 -10.03 -43.30
C TYR J 61 10.45 -9.50 -41.90
N LEU J 62 9.37 -8.73 -41.79
CA LEU J 62 8.94 -8.20 -40.47
C LEU J 62 7.70 -8.96 -40.02
N TYR J 63 7.86 -9.78 -39.00
CA TYR J 63 6.77 -10.54 -38.35
C TYR J 63 6.10 -9.58 -37.37
N ILE J 64 4.77 -9.53 -37.41
CA ILE J 64 3.99 -8.62 -36.53
C ILE J 64 2.96 -9.44 -35.76
N ASN J 65 3.16 -9.43 -34.44
CA ASN J 65 2.16 -9.89 -33.45
C ASN J 65 2.17 -8.84 -32.36
N SER J 66 1.32 -7.83 -32.52
CA SER J 66 1.43 -6.63 -31.64
C SER J 66 0.05 -6.05 -31.42
N PRO J 67 -0.22 -5.60 -30.18
CA PRO J 67 -1.44 -4.84 -29.90
C PRO J 67 -1.32 -3.35 -30.22
N GLY J 68 -0.19 -2.93 -30.75
CA GLY J 68 0.11 -1.53 -31.08
C GLY J 68 0.82 -0.86 -29.93
N GLY J 69 0.61 0.44 -29.76
CA GLY J 69 1.33 1.21 -28.74
C GLY J 69 1.56 2.62 -29.20
N SER J 70 2.72 3.16 -28.91
CA SER J 70 3.05 4.58 -29.14
C SER J 70 2.97 4.89 -30.65
N VAL J 71 2.23 5.92 -31.01
CA VAL J 71 2.15 6.34 -32.43
C VAL J 71 3.51 6.89 -32.89
N THR J 72 4.19 7.71 -32.07
CA THR J 72 5.51 8.24 -32.50
C THR J 72 6.53 7.09 -32.63
N ALA J 73 6.50 6.13 -31.73
CA ALA J 73 7.41 4.95 -31.83
C ALA J 73 7.06 4.18 -33.12
N GLY J 74 5.77 4.01 -33.40
CA GLY J 74 5.34 3.35 -34.64
C GLY J 74 5.83 4.11 -35.86
N PHE J 75 5.81 5.45 -35.83
CA PHE J 75 6.29 6.25 -36.96
C PHE J 75 7.80 6.16 -37.11
N ALA J 76 8.53 5.94 -36.05
CA ALA J 76 10.00 5.69 -36.15
C ALA J 76 10.19 4.45 -37.03
N ILE J 77 9.43 3.40 -36.78
CA ILE J 77 9.53 2.14 -37.56
C ILE J 77 9.05 2.41 -39.00
N TYR J 78 7.87 3.01 -39.15
CA TYR J 78 7.25 3.29 -40.47
C TYR J 78 8.24 4.02 -41.36
N ASP J 79 8.81 5.14 -40.86
CA ASP J 79 9.67 5.98 -41.71
C ASP J 79 10.96 5.24 -42.03
N THR J 80 11.46 4.43 -41.10
CA THR J 80 12.70 3.65 -41.37
C THR J 80 12.40 2.64 -42.48
N ILE J 81 11.28 1.94 -42.41
CA ILE J 81 10.86 1.00 -43.51
C ILE J 81 10.89 1.76 -44.84
N GLN J 82 10.26 2.92 -44.93
CA GLN J 82 10.13 3.61 -46.23
C GLN J 82 11.49 4.14 -46.67
N HIS J 83 12.36 4.49 -45.74
CA HIS J 83 13.65 5.12 -46.03
C HIS J 83 14.60 4.12 -46.67
N ILE J 84 14.66 2.91 -46.15
CA ILE J 84 15.72 1.94 -46.54
C ILE J 84 15.43 1.41 -47.93
N LYS J 85 16.47 0.91 -48.60
CA LYS J 85 16.34 0.39 -49.97
C LYS J 85 15.66 -0.98 -50.05
N PRO J 86 15.95 -1.97 -49.19
CA PRO J 86 15.32 -3.28 -49.31
C PRO J 86 13.80 -3.19 -49.13
N ASP J 87 13.06 -4.00 -49.87
CA ASP J 87 11.63 -4.25 -49.61
C ASP J 87 11.51 -4.89 -48.22
N VAL J 88 10.53 -4.44 -47.42
CA VAL J 88 10.22 -5.04 -46.12
C VAL J 88 8.88 -5.73 -46.28
N GLN J 89 8.89 -7.05 -46.25
CA GLN J 89 7.66 -7.85 -46.25
C GLN J 89 7.08 -7.75 -44.85
N THR J 90 5.77 -7.68 -44.73
CA THR J 90 5.12 -7.73 -43.41
C THR J 90 4.25 -8.97 -43.34
N ILE J 91 4.27 -9.64 -42.19
CA ILE J 91 3.50 -10.88 -42.00
C ILE J 91 2.84 -10.80 -40.64
N CYS J 92 1.53 -10.73 -40.64
CA CYS J 92 0.73 -10.74 -39.39
C CYS J 92 0.48 -12.17 -38.95
N ILE J 93 0.89 -12.48 -37.73
CA ILE J 93 0.64 -13.78 -37.05
C ILE J 93 0.05 -13.44 -35.69
N GLY J 94 -1.07 -14.06 -35.33
CA GLY J 94 -1.74 -13.76 -34.05
C GLY J 94 -2.63 -12.54 -34.19
N MET J 95 -2.07 -11.35 -34.01
N MET J 95 -2.07 -11.33 -34.02
CA MET J 95 -2.87 -10.09 -34.05
CA MET J 95 -2.87 -10.09 -34.03
C MET J 95 -1.98 -8.92 -34.48
C MET J 95 -1.99 -8.92 -34.46
N ALA J 96 -2.54 -8.02 -35.27
CA ALA J 96 -1.93 -6.70 -35.50
C ALA J 96 -3.05 -5.71 -35.20
N ALA J 97 -2.92 -4.96 -34.13
CA ALA J 97 -3.96 -4.00 -33.74
C ALA J 97 -3.35 -2.61 -33.70
N SER J 98 -4.18 -1.64 -34.01
CA SER J 98 -3.85 -0.20 -33.85
C SER J 98 -2.54 0.10 -34.60
N MET J 99 -1.52 0.62 -33.94
CA MET J 99 -0.28 0.95 -34.68
C MET J 99 0.35 -0.32 -35.28
N GLY J 100 0.07 -1.50 -34.73
CA GLY J 100 0.50 -2.77 -35.33
C GLY J 100 -0.11 -3.00 -36.70
N SER J 101 -1.39 -2.70 -36.88
CA SER J 101 -2.07 -2.87 -38.19
C SER J 101 -1.57 -1.79 -39.16
N PHE J 102 -1.22 -0.61 -38.64
CA PHE J 102 -0.65 0.46 -39.48
C PHE J 102 0.67 -0.04 -40.05
N LEU J 103 1.52 -0.66 -39.22
CA LEU J 103 2.81 -1.14 -39.72
C LEU J 103 2.60 -2.31 -40.68
N LEU J 104 1.62 -3.16 -40.43
CA LEU J 104 1.32 -4.26 -41.37
C LEU J 104 1.04 -3.69 -42.77
N ALA J 105 0.22 -2.63 -42.83
CA ALA J 105 -0.20 -2.00 -44.10
C ALA J 105 0.98 -1.26 -44.73
N ALA J 106 2.08 -1.03 -44.01
CA ALA J 106 3.25 -0.24 -44.46
C ALA J 106 4.27 -1.10 -45.19
N GLY J 107 4.09 -2.41 -45.25
CA GLY J 107 5.03 -3.30 -45.93
C GLY J 107 5.07 -3.03 -47.43
N ALA J 108 6.09 -3.55 -48.09
CA ALA J 108 6.26 -3.41 -49.55
C ALA J 108 4.99 -3.86 -50.27
N LYS J 109 4.53 -3.06 -51.25
CA LYS J 109 3.29 -3.41 -52.00
C LYS J 109 3.47 -4.77 -52.67
N GLY J 110 2.50 -5.63 -52.46
CA GLY J 110 2.50 -7.03 -52.92
C GLY J 110 3.13 -7.99 -51.95
N LYS J 111 3.72 -7.50 -50.85
CA LYS J 111 4.45 -8.38 -49.90
C LYS J 111 3.95 -8.12 -48.47
N ARG J 112 2.65 -7.84 -48.35
CA ARG J 112 1.98 -7.72 -47.03
C ARG J 112 1.07 -8.94 -46.88
N PHE J 113 1.27 -9.71 -45.81
CA PHE J 113 0.59 -10.98 -45.63
C PHE J 113 -0.02 -11.10 -44.26
N ALA J 114 -0.99 -12.00 -44.13
CA ALA J 114 -1.43 -12.48 -42.81
C ALA J 114 -1.64 -13.99 -42.92
N LEU J 115 -1.39 -14.70 -41.84
CA LEU J 115 -1.76 -16.13 -41.77
C LEU J 115 -3.26 -16.21 -41.50
N PRO J 116 -3.90 -17.34 -41.85
CA PRO J 116 -5.36 -17.38 -42.01
C PRO J 116 -6.18 -17.02 -40.78
N ASN J 117 -5.68 -17.31 -39.59
CA ASN J 117 -6.43 -17.10 -38.35
C ASN J 117 -5.92 -15.86 -37.61
N ALA J 118 -5.05 -15.08 -38.24
CA ALA J 118 -4.57 -13.82 -37.67
C ALA J 118 -5.72 -12.80 -37.65
N GLU J 119 -5.67 -11.94 -36.64
N GLU J 119 -5.67 -11.93 -36.64
CA GLU J 119 -6.68 -10.89 -36.40
CA GLU J 119 -6.69 -10.88 -36.39
C GLU J 119 -6.03 -9.53 -36.71
C GLU J 119 -6.02 -9.54 -36.72
N VAL J 120 -6.75 -8.66 -37.39
CA VAL J 120 -6.29 -7.27 -37.67
C VAL J 120 -7.33 -6.36 -37.03
N MET J 121 -6.91 -5.35 -36.29
CA MET J 121 -7.92 -4.43 -35.73
C MET J 121 -7.44 -3.01 -36.04
N ILE J 122 -8.35 -2.17 -36.49
CA ILE J 122 -8.06 -0.73 -36.77
C ILE J 122 -8.99 0.12 -35.90
N HIS J 123 -8.45 1.24 -35.43
CA HIS J 123 -9.24 2.16 -34.58
C HIS J 123 -8.53 3.50 -34.55
N GLN J 124 -9.19 4.49 -34.00
CA GLN J 124 -8.55 5.82 -33.91
C GLN J 124 -7.55 5.83 -32.76
N PRO J 125 -6.59 6.77 -32.81
CA PRO J 125 -5.60 6.92 -31.76
C PRO J 125 -6.22 7.31 -30.39
N LEU J 126 -5.55 6.90 -29.35
CA LEU J 126 -5.92 7.11 -27.93
C LEU J 126 -4.90 8.06 -27.30
N GLY J 127 -5.37 8.88 -26.36
CA GLY J 127 -4.45 9.76 -25.62
C GLY J 127 -5.11 10.35 -24.41
N GLY J 128 -4.60 11.46 -23.95
CA GLY J 128 -5.15 12.04 -22.71
C GLY J 128 -4.51 13.36 -22.46
N ALA J 129 -5.14 14.21 -21.68
CA ALA J 129 -4.61 15.56 -21.41
C ALA J 129 -5.22 16.04 -20.10
N GLN J 130 -4.43 16.68 -19.25
CA GLN J 130 -4.97 17.23 -17.99
C GLN J 130 -4.30 18.60 -17.81
N GLY J 131 -5.07 19.58 -17.36
CA GLY J 131 -4.47 20.88 -17.08
C GLY J 131 -5.42 21.96 -17.54
N GLN J 132 -4.85 23.10 -17.92
CA GLN J 132 -5.63 24.29 -18.27
C GLN J 132 -6.38 24.05 -19.57
N ALA J 133 -7.50 24.74 -19.77
CA ALA J 133 -8.24 24.72 -21.05
C ALA J 133 -7.29 24.85 -22.23
N THR J 134 -6.37 25.80 -22.24
CA THR J 134 -5.49 26.01 -23.43
C THR J 134 -4.56 24.80 -23.63
N GLU J 135 -4.15 24.12 -22.56
CA GLU J 135 -3.28 22.91 -22.65
C GLU J 135 -4.10 21.77 -23.23
N ILE J 136 -5.35 21.63 -22.81
CA ILE J 136 -6.26 20.59 -23.34
C ILE J 136 -6.47 20.85 -24.84
N GLU J 137 -6.65 22.12 -25.23
CA GLU J 137 -6.86 22.48 -26.65
C GLU J 137 -5.61 22.06 -27.47
N ILE J 138 -4.42 22.35 -26.97
CA ILE J 138 -3.18 21.95 -27.69
C ILE J 138 -3.13 20.43 -27.84
N ALA J 139 -3.42 19.68 -26.78
CA ALA J 139 -3.40 18.20 -26.82
C ALA J 139 -4.42 17.69 -27.83
N ALA J 140 -5.64 18.28 -27.82
CA ALA J 140 -6.71 17.84 -28.73
C ALA J 140 -6.29 18.08 -30.16
N ASN J 141 -5.79 19.29 -30.45
CA ASN J 141 -5.39 19.63 -31.83
C ASN J 141 -4.28 18.66 -32.28
N HIS J 142 -3.36 18.31 -31.39
CA HIS J 142 -2.24 17.41 -31.73
C HIS J 142 -2.77 16.02 -32.05
N ILE J 143 -3.65 15.47 -31.24
CA ILE J 143 -4.12 14.08 -31.51
C ILE J 143 -5.01 14.08 -32.74
N LEU J 144 -5.78 15.13 -33.01
CA LEU J 144 -6.59 15.19 -34.23
C LEU J 144 -5.71 15.27 -35.48
N LYS J 145 -4.62 16.04 -35.41
CA LYS J 145 -3.67 16.13 -36.54
C LYS J 145 -2.97 14.78 -36.72
N THR J 146 -2.65 14.09 -35.64
CA THR J 146 -2.02 12.75 -35.72
C THR J 146 -3.01 11.79 -36.41
N ARG J 147 -4.29 11.83 -36.02
CA ARG J 147 -5.28 10.97 -36.69
C ARG J 147 -5.36 11.28 -38.17
N GLU J 148 -5.37 12.56 -38.57
CA GLU J 148 -5.43 12.94 -40.00
C GLU J 148 -4.22 12.36 -40.73
N LYS J 149 -3.05 12.41 -40.12
CA LYS J 149 -1.78 11.90 -40.72
C LYS J 149 -1.89 10.38 -40.92
N LEU J 150 -2.32 9.67 -39.89
CA LEU J 150 -2.49 8.19 -39.96
C LEU J 150 -3.50 7.85 -41.07
N ASN J 151 -4.62 8.54 -41.11
CA ASN J 151 -5.70 8.22 -42.06
C ASN J 151 -5.26 8.49 -43.49
N ARG J 152 -4.52 9.58 -43.70
N ARG J 152 -4.53 9.57 -43.72
CA ARG J 152 -4.03 9.94 -45.05
CA ARG J 152 -4.01 9.94 -45.04
C ARG J 152 -3.10 8.82 -45.53
C ARG J 152 -3.10 8.82 -45.53
N ILE J 153 -2.18 8.37 -44.69
CA ILE J 153 -1.25 7.30 -45.10
C ILE J 153 -2.03 6.01 -45.29
N LEU J 154 -2.95 5.68 -44.41
CA LEU J 154 -3.70 4.42 -44.57
C LEU J 154 -4.52 4.45 -45.87
N SER J 155 -5.06 5.62 -46.24
CA SER J 155 -5.77 5.80 -47.53
C SER J 155 -4.83 5.49 -48.68
N GLU J 156 -3.64 6.02 -48.65
CA GLU J 156 -2.61 5.81 -49.71
C GLU J 156 -2.25 4.32 -49.80
N ARG J 157 -2.10 3.64 -48.66
N ARG J 157 -2.09 3.65 -48.67
CA ARG J 157 -1.58 2.24 -48.60
CA ARG J 157 -1.57 2.25 -48.60
C ARG J 157 -2.68 1.24 -48.92
C ARG J 157 -2.68 1.24 -48.93
N THR J 158 -3.96 1.57 -48.70
CA THR J 158 -5.10 0.62 -48.86
C THR J 158 -5.87 0.87 -50.15
N GLY J 159 -5.85 2.10 -50.66
CA GLY J 159 -6.72 2.55 -51.76
C GLY J 159 -8.11 2.93 -51.31
N GLN J 160 -8.40 2.93 -50.01
CA GLN J 160 -9.72 3.38 -49.50
C GLN J 160 -9.69 4.90 -49.37
N SER J 161 -10.85 5.54 -49.44
CA SER J 161 -10.93 7.00 -49.24
C SER J 161 -10.63 7.35 -47.78
N ILE J 162 -10.16 8.57 -47.56
CA ILE J 162 -9.99 9.11 -46.18
C ILE J 162 -11.33 9.08 -45.46
N GLU J 163 -12.42 9.42 -46.13
CA GLU J 163 -13.77 9.43 -45.50
C GLU J 163 -14.13 8.04 -44.99
N LYS J 164 -13.89 7.01 -45.80
CA LYS J 164 -14.19 5.62 -45.40
C LYS J 164 -13.29 5.20 -44.20
N ILE J 165 -12.01 5.51 -44.28
CA ILE J 165 -11.08 5.14 -43.17
C ILE J 165 -11.53 5.81 -41.85
N GLN J 166 -11.91 7.09 -41.93
CA GLN J 166 -12.39 7.83 -40.74
C GLN J 166 -13.62 7.10 -40.16
N LYS J 167 -14.59 6.74 -40.99
CA LYS J 167 -15.80 6.05 -40.50
C LYS J 167 -15.44 4.70 -39.92
N ASP J 168 -14.57 3.96 -40.60
CA ASP J 168 -14.26 2.55 -40.24
C ASP J 168 -13.36 2.47 -39.00
N THR J 169 -12.76 3.56 -38.58
CA THR J 169 -11.84 3.55 -37.41
C THR J 169 -12.47 4.30 -36.23
N ASP J 170 -13.73 4.74 -36.36
CA ASP J 170 -14.38 5.50 -35.26
C ASP J 170 -14.37 4.66 -33.97
N ARG J 171 -14.65 3.36 -34.10
CA ARG J 171 -14.61 2.41 -32.98
C ARG J 171 -13.71 1.23 -33.37
N ASP J 172 -13.44 0.36 -32.41
CA ASP J 172 -12.61 -0.84 -32.69
C ASP J 172 -13.27 -1.63 -33.80
N ASN J 173 -12.48 -1.94 -34.83
CA ASN J 173 -12.98 -2.62 -36.04
C ASN J 173 -12.08 -3.85 -36.24
N PHE J 174 -12.60 -5.03 -35.90
CA PHE J 174 -11.85 -6.30 -36.01
C PHE J 174 -12.09 -6.89 -37.40
N LEU J 175 -11.00 -7.25 -38.08
CA LEU J 175 -11.05 -7.86 -39.42
C LEU J 175 -10.40 -9.23 -39.35
N THR J 176 -10.96 -10.20 -40.05
CA THR J 176 -10.25 -11.44 -40.36
C THR J 176 -9.11 -11.16 -41.34
N ALA J 177 -8.23 -12.12 -41.54
CA ALA J 177 -7.16 -11.99 -42.55
C ALA J 177 -7.80 -11.74 -43.93
N GLU J 178 -8.83 -12.48 -44.29
CA GLU J 178 -9.48 -12.31 -45.61
C GLU J 178 -10.12 -10.92 -45.71
N GLU J 179 -10.75 -10.42 -44.63
CA GLU J 179 -11.32 -9.07 -44.63
C GLU J 179 -10.21 -8.01 -44.77
N ALA J 180 -9.05 -8.23 -44.14
CA ALA J 180 -7.92 -7.30 -44.22
C ALA J 180 -7.43 -7.22 -45.66
N LYS J 181 -7.42 -8.37 -46.34
CA LYS J 181 -7.05 -8.41 -47.78
C LYS J 181 -8.06 -7.62 -48.60
N GLU J 182 -9.35 -7.86 -48.40
CA GLU J 182 -10.43 -7.14 -49.12
C GLU J 182 -10.28 -5.64 -48.86
N TYR J 183 -9.88 -5.25 -47.65
CA TYR J 183 -9.77 -3.83 -47.28
C TYR J 183 -8.56 -3.16 -47.94
N GLY J 184 -7.53 -3.93 -48.26
CA GLY J 184 -6.28 -3.38 -48.82
C GLY J 184 -5.19 -3.18 -47.74
N LEU J 185 -5.38 -3.71 -46.53
CA LEU J 185 -4.36 -3.66 -45.49
C LEU J 185 -3.25 -4.67 -45.76
N ILE J 186 -3.58 -5.79 -46.39
CA ILE J 186 -2.60 -6.79 -46.83
C ILE J 186 -2.89 -7.12 -48.30
N ASP J 187 -1.94 -7.81 -48.91
CA ASP J 187 -2.06 -8.24 -50.32
C ASP J 187 -2.56 -9.67 -50.42
N GLU J 188 -2.17 -10.55 -49.49
CA GLU J 188 -2.50 -11.99 -49.61
C GLU J 188 -2.64 -12.61 -48.23
N VAL J 189 -3.54 -13.57 -48.13
CA VAL J 189 -3.57 -14.51 -46.99
C VAL J 189 -2.62 -15.67 -47.34
N MET J 190 -1.63 -15.92 -46.52
CA MET J 190 -0.63 -16.99 -46.75
C MET J 190 -1.28 -18.30 -46.31
N VAL J 191 -1.82 -19.08 -47.24
CA VAL J 191 -2.56 -20.35 -46.93
C VAL J 191 -1.53 -21.47 -46.77
N PRO J 192 -1.75 -22.44 -45.85
CA PRO J 192 -0.84 -23.57 -45.73
C PRO J 192 -0.94 -24.54 -46.90
N GLU J 193 0.19 -25.11 -47.33
CA GLU J 193 0.26 -26.26 -48.29
C GLU J 193 -0.32 -27.52 -47.63
N LEU K 3 19.69 -22.31 -11.78
CA LEU K 3 18.26 -22.77 -11.69
C LEU K 3 17.99 -23.78 -12.82
N ILE K 4 18.28 -23.40 -14.05
CA ILE K 4 18.21 -24.25 -15.28
C ILE K 4 19.61 -24.81 -15.55
N PRO K 5 19.82 -26.14 -15.53
CA PRO K 5 21.17 -26.66 -15.72
C PRO K 5 21.69 -26.51 -17.15
N THR K 6 23.01 -26.59 -17.27
CA THR K 6 23.82 -26.53 -18.51
C THR K 6 24.35 -27.93 -18.81
N VAL K 7 24.39 -28.30 -20.09
CA VAL K 7 25.02 -29.54 -20.59
C VAL K 7 26.16 -29.13 -21.56
N ILE K 8 27.32 -29.80 -21.44
CA ILE K 8 28.51 -29.46 -22.29
C ILE K 8 28.84 -30.74 -23.06
N GLU K 9 28.89 -30.66 -24.39
CA GLU K 9 29.14 -31.84 -25.29
C GLU K 9 30.50 -31.67 -25.97
N ARG K 16 30.66 -27.53 -26.71
CA ARG K 16 29.70 -26.39 -26.65
C ARG K 16 28.80 -26.55 -25.41
N ALA K 17 28.41 -25.41 -24.83
CA ALA K 17 27.59 -25.26 -23.60
C ALA K 17 26.15 -24.86 -23.97
N TYR K 18 25.18 -25.69 -23.59
CA TYR K 18 23.73 -25.43 -23.81
C TYR K 18 23.01 -25.41 -22.45
N ASP K 19 22.10 -24.46 -22.21
CA ASP K 19 21.05 -24.71 -21.18
C ASP K 19 20.23 -25.93 -21.62
N ILE K 20 19.56 -26.60 -20.70
CA ILE K 20 18.91 -27.91 -21.03
C ILE K 20 17.88 -27.70 -22.17
N TYR K 21 17.15 -26.59 -22.18
CA TYR K 21 16.08 -26.38 -23.20
C TYR K 21 16.72 -26.18 -24.58
N SER K 22 17.84 -25.46 -24.66
CA SER K 22 18.59 -25.26 -25.92
C SER K 22 19.11 -26.60 -26.42
N ARG K 23 19.52 -27.49 -25.52
CA ARG K 23 19.99 -28.83 -25.91
C ARG K 23 18.83 -29.63 -26.51
N LEU K 24 17.62 -29.54 -25.93
CA LEU K 24 16.46 -30.23 -26.50
C LEU K 24 16.13 -29.64 -27.90
N LEU K 25 16.25 -28.33 -28.06
CA LEU K 25 15.92 -27.67 -29.36
C LEU K 25 16.87 -28.21 -30.43
N LYS K 26 18.12 -28.52 -30.08
CA LYS K 26 19.07 -29.12 -31.04
C LYS K 26 18.52 -30.43 -31.56
N ASP K 27 17.70 -31.16 -30.79
N ASP K 27 17.71 -31.16 -30.79
CA ASP K 27 17.05 -32.40 -31.21
CA ASP K 27 17.06 -32.40 -31.22
C ASP K 27 15.58 -32.16 -31.62
C ASP K 27 15.58 -32.17 -31.63
N ARG K 28 15.24 -30.94 -31.98
CA ARG K 28 13.96 -30.55 -32.62
C ARG K 28 12.80 -30.70 -31.62
N ILE K 29 13.09 -30.51 -30.34
CA ILE K 29 12.04 -30.51 -29.28
C ILE K 29 11.87 -29.06 -28.80
N ILE K 30 10.61 -28.61 -28.82
CA ILE K 30 10.21 -27.27 -28.37
C ILE K 30 9.35 -27.46 -27.12
N MET K 31 9.61 -26.67 -26.08
CA MET K 31 8.91 -26.82 -24.80
C MET K 31 7.91 -25.65 -24.68
N LEU K 32 6.62 -25.98 -24.68
CA LEU K 32 5.56 -25.01 -24.32
C LEU K 32 5.17 -25.39 -22.91
N GLY K 33 5.78 -24.76 -21.90
CA GLY K 33 5.74 -25.20 -20.51
C GLY K 33 5.24 -24.08 -19.58
N SER K 34 4.50 -23.13 -20.11
CA SER K 34 4.04 -21.98 -19.31
C SER K 34 2.71 -21.50 -19.89
N GLN K 35 2.15 -20.49 -19.25
CA GLN K 35 1.02 -19.74 -19.81
C GLN K 35 1.41 -19.19 -21.17
N ILE K 36 0.46 -19.16 -22.09
CA ILE K 36 0.68 -18.64 -23.46
C ILE K 36 0.42 -17.12 -23.44
N ASP K 37 1.45 -16.33 -23.66
CA ASP K 37 1.32 -14.89 -23.89
C ASP K 37 2.13 -14.55 -25.14
N ASP K 38 2.15 -13.28 -25.52
CA ASP K 38 2.80 -12.88 -26.79
C ASP K 38 4.29 -13.27 -26.76
N ASN K 39 4.95 -13.11 -25.62
CA ASN K 39 6.42 -13.40 -25.52
C ASN K 39 6.67 -14.89 -25.77
N VAL K 40 5.88 -15.76 -25.14
CA VAL K 40 5.98 -17.22 -25.30
C VAL K 40 5.69 -17.56 -26.77
N ALA K 41 4.65 -16.99 -27.35
CA ALA K 41 4.28 -17.29 -28.76
C ALA K 41 5.42 -16.85 -29.68
N ASN K 42 6.00 -15.67 -29.46
N ASN K 42 6.01 -15.66 -29.45
CA ASN K 42 7.09 -15.14 -30.31
CA ASN K 42 7.10 -15.14 -30.31
C ASN K 42 8.26 -16.13 -30.27
C ASN K 42 8.26 -16.14 -30.27
N SER K 43 8.58 -16.63 -29.09
CA SER K 43 9.70 -17.60 -28.94
C SER K 43 9.38 -18.92 -29.68
N ILE K 44 8.17 -19.45 -29.47
CA ILE K 44 7.79 -20.74 -30.10
C ILE K 44 7.70 -20.59 -31.62
N VAL K 45 7.14 -19.50 -32.13
CA VAL K 45 7.08 -19.24 -33.58
C VAL K 45 8.51 -19.19 -34.12
N SER K 46 9.40 -18.49 -33.45
CA SER K 46 10.83 -18.36 -33.89
C SER K 46 11.48 -19.74 -33.94
N GLN K 47 11.23 -20.56 -32.94
CA GLN K 47 11.80 -21.93 -32.87
C GLN K 47 11.26 -22.77 -34.02
N LEU K 48 9.96 -22.69 -34.30
CA LEU K 48 9.36 -23.47 -35.41
C LEU K 48 9.98 -23.04 -36.75
N LEU K 49 10.10 -21.74 -36.98
N LEU K 49 10.10 -21.74 -36.98
CA LEU K 49 10.67 -21.24 -38.27
CA LEU K 49 10.66 -21.24 -38.28
C LEU K 49 12.13 -21.68 -38.38
C LEU K 49 12.14 -21.68 -38.39
N PHE K 50 12.89 -21.58 -37.29
CA PHE K 50 14.31 -22.01 -37.25
C PHE K 50 14.40 -23.50 -37.58
N LEU K 51 13.57 -24.34 -36.95
CA LEU K 51 13.66 -25.79 -37.18
C LEU K 51 13.29 -26.11 -38.63
N GLN K 52 12.31 -25.44 -39.21
CA GLN K 52 11.96 -25.67 -40.64
C GLN K 52 13.20 -25.34 -41.50
N ALA K 53 13.88 -24.27 -41.21
CA ALA K 53 15.06 -23.81 -42.00
C ALA K 53 16.19 -24.84 -41.83
N GLN K 54 16.37 -25.40 -40.66
CA GLN K 54 17.44 -26.41 -40.41
C GLN K 54 17.13 -27.68 -41.20
N ASP K 55 15.87 -28.10 -41.23
CA ASP K 55 15.47 -29.37 -41.87
C ASP K 55 13.99 -29.30 -42.16
N SER K 56 13.60 -29.20 -43.41
CA SER K 56 12.19 -29.01 -43.81
C SER K 56 11.43 -30.33 -43.75
N GLU K 57 12.11 -31.49 -43.57
CA GLU K 57 11.43 -32.80 -43.68
C GLU K 57 11.24 -33.46 -42.30
N LYS K 58 12.17 -33.27 -41.36
CA LYS K 58 12.20 -34.05 -40.13
C LYS K 58 11.12 -33.51 -39.17
N ASP K 59 10.49 -34.43 -38.46
CA ASP K 59 9.46 -34.06 -37.47
C ASP K 59 10.06 -33.13 -36.42
N ILE K 60 9.15 -32.31 -35.85
CA ILE K 60 9.39 -31.45 -34.69
C ILE K 60 8.51 -32.03 -33.57
N TYR K 61 8.95 -31.89 -32.32
CA TYR K 61 8.20 -32.39 -31.15
C TYR K 61 7.87 -31.19 -30.29
N LEU K 62 6.58 -30.90 -30.13
CA LEU K 62 6.12 -29.80 -29.25
C LEU K 62 5.55 -30.42 -27.97
N TYR K 63 6.28 -30.26 -26.86
CA TYR K 63 5.89 -30.67 -25.52
C TYR K 63 4.92 -29.58 -25.01
N ILE K 64 3.80 -30.03 -24.45
CA ILE K 64 2.78 -29.09 -23.91
C ILE K 64 2.50 -29.45 -22.47
N ASN K 65 2.84 -28.50 -21.60
CA ASN K 65 2.41 -28.47 -20.18
C ASN K 65 2.03 -27.03 -19.89
N SER K 66 0.77 -26.70 -20.16
CA SER K 66 0.35 -25.27 -20.22
C SER K 66 -1.08 -25.17 -19.74
N PRO K 67 -1.37 -24.13 -18.96
CA PRO K 67 -2.75 -23.79 -18.58
C PRO K 67 -3.48 -22.97 -19.62
N GLY K 68 -2.84 -22.69 -20.75
CA GLY K 68 -3.40 -21.89 -21.84
C GLY K 68 -3.01 -20.44 -21.65
N GLY K 69 -3.87 -19.53 -22.12
CA GLY K 69 -3.55 -18.11 -22.13
C GLY K 69 -4.16 -17.42 -23.32
N SER K 70 -3.44 -16.48 -23.89
CA SER K 70 -3.96 -15.59 -24.93
C SER K 70 -4.37 -16.39 -26.16
N VAL K 71 -5.60 -16.16 -26.63
CA VAL K 71 -6.09 -16.85 -27.87
C VAL K 71 -5.30 -16.35 -29.09
N THR K 72 -5.06 -15.04 -29.21
CA THR K 72 -4.32 -14.54 -30.39
C THR K 72 -2.87 -15.06 -30.36
N ALA K 73 -2.25 -15.12 -29.18
CA ALA K 73 -0.89 -15.69 -29.06
C ALA K 73 -0.94 -17.16 -29.47
N GLY K 74 -1.95 -17.89 -29.02
CA GLY K 74 -2.14 -19.30 -29.39
C GLY K 74 -2.31 -19.44 -30.88
N PHE K 75 -3.03 -18.54 -31.53
CA PHE K 75 -3.22 -18.62 -32.99
C PHE K 75 -1.94 -18.27 -33.74
N ALA K 76 -1.06 -17.49 -33.17
CA ALA K 76 0.29 -17.26 -33.77
C ALA K 76 0.99 -18.63 -33.86
N ILE K 77 0.96 -19.40 -32.80
CA ILE K 77 1.59 -20.75 -32.77
C ILE K 77 0.85 -21.67 -33.75
N TYR K 78 -0.49 -21.72 -33.64
CA TYR K 78 -1.32 -22.63 -34.47
C TYR K 78 -1.01 -22.42 -35.95
N ASP K 79 -1.04 -21.16 -36.41
CA ASP K 79 -0.90 -20.89 -37.86
C ASP K 79 0.54 -21.19 -38.29
N THR K 80 1.52 -20.98 -37.41
CA THR K 80 2.92 -21.29 -37.77
C THR K 80 3.05 -22.81 -37.91
N ILE K 81 2.49 -23.59 -36.99
CA ILE K 81 2.48 -25.07 -37.11
C ILE K 81 1.91 -25.46 -38.47
N GLN K 82 0.75 -24.92 -38.85
CA GLN K 82 0.10 -25.38 -40.09
C GLN K 82 0.92 -24.91 -41.31
N HIS K 83 1.60 -23.79 -41.21
CA HIS K 83 2.30 -23.16 -42.34
C HIS K 83 3.54 -23.98 -42.69
N ILE K 84 4.30 -24.40 -41.71
CA ILE K 84 5.65 -24.98 -41.97
C ILE K 84 5.50 -26.38 -42.58
N LYS K 85 6.57 -26.83 -43.24
CA LYS K 85 6.55 -28.15 -43.92
C LYS K 85 6.67 -29.33 -42.98
N PRO K 86 7.57 -29.34 -41.97
CA PRO K 86 7.71 -30.51 -41.10
C PRO K 86 6.40 -30.76 -40.32
N ASP K 87 6.10 -32.03 -40.10
CA ASP K 87 5.05 -32.43 -39.14
C ASP K 87 5.47 -31.96 -37.73
N VAL K 88 4.52 -31.44 -36.97
CA VAL K 88 4.75 -31.09 -35.55
C VAL K 88 3.96 -32.08 -34.71
N GLN K 89 4.66 -32.97 -34.03
CA GLN K 89 4.06 -33.88 -33.07
C GLN K 89 3.72 -33.05 -31.83
N THR K 90 2.60 -33.35 -31.18
CA THR K 90 2.27 -32.70 -29.90
C THR K 90 2.21 -33.77 -28.82
N ILE K 91 2.77 -33.45 -27.67
CA ILE K 91 2.80 -34.41 -26.54
C ILE K 91 2.39 -33.65 -25.28
N CYS K 92 1.26 -34.02 -24.73
CA CYS K 92 0.77 -33.42 -23.46
C CYS K 92 1.39 -34.19 -22.28
N ILE K 93 2.09 -33.46 -21.43
CA ILE K 93 2.69 -33.98 -20.19
C ILE K 93 2.23 -33.02 -19.08
N GLY K 94 1.67 -33.53 -17.99
CA GLY K 94 1.15 -32.67 -16.92
C GLY K 94 -0.27 -32.22 -17.22
N MET K 95 -0.40 -31.12 -17.99
N MET K 95 -0.40 -31.14 -18.01
CA MET K 95 -1.73 -30.55 -18.27
CA MET K 95 -1.72 -30.53 -18.28
C MET K 95 -1.71 -29.78 -19.59
C MET K 95 -1.70 -29.79 -19.60
N ALA K 96 -2.77 -29.86 -20.37
CA ALA K 96 -3.00 -28.95 -21.49
C ALA K 96 -4.41 -28.41 -21.28
N ALA K 97 -4.54 -27.16 -20.92
CA ALA K 97 -5.86 -26.55 -20.67
C ALA K 97 -6.07 -25.40 -21.64
N SER K 98 -7.34 -25.21 -22.01
CA SER K 98 -7.79 -24.03 -22.76
C SER K 98 -6.99 -23.94 -24.05
N MET K 99 -6.32 -22.82 -24.34
CA MET K 99 -5.59 -22.70 -25.62
C MET K 99 -4.48 -23.76 -25.67
N GLY K 100 -3.99 -24.27 -24.54
CA GLY K 100 -3.02 -25.38 -24.55
C GLY K 100 -3.61 -26.65 -25.12
N SER K 101 -4.87 -26.99 -24.81
CA SER K 101 -5.53 -28.17 -25.37
C SER K 101 -5.84 -27.95 -26.86
N PHE K 102 -6.11 -26.70 -27.25
CA PHE K 102 -6.33 -26.36 -28.66
C PHE K 102 -5.04 -26.66 -29.43
N LEU K 103 -3.89 -26.27 -28.90
CA LEU K 103 -2.61 -26.51 -29.60
C LEU K 103 -2.31 -28.01 -29.59
N LEU K 104 -2.64 -28.73 -28.53
CA LEU K 104 -2.43 -30.19 -28.50
C LEU K 104 -3.16 -30.82 -29.69
N ALA K 105 -4.42 -30.41 -29.92
CA ALA K 105 -5.26 -30.95 -30.99
C ALA K 105 -4.75 -30.53 -32.37
N ALA K 106 -3.87 -29.55 -32.44
CA ALA K 106 -3.37 -28.94 -33.70
C ALA K 106 -2.16 -29.69 -34.25
N GLY K 107 -1.63 -30.67 -33.54
CA GLY K 107 -0.48 -31.44 -33.99
C GLY K 107 -0.81 -32.24 -35.25
N ALA K 108 0.23 -32.72 -35.92
CA ALA K 108 0.10 -33.54 -37.13
C ALA K 108 -0.82 -34.73 -36.86
N LYS K 109 -1.75 -34.98 -37.81
CA LYS K 109 -2.73 -36.09 -37.62
C LYS K 109 -1.96 -37.41 -37.48
N GLY K 110 -2.27 -38.16 -36.44
CA GLY K 110 -1.62 -39.41 -36.04
C GLY K 110 -0.44 -39.21 -35.12
N LYS K 111 -0.04 -37.94 -34.84
CA LYS K 111 1.15 -37.67 -34.02
C LYS K 111 0.80 -36.71 -32.88
N ARG K 112 -0.41 -36.85 -32.35
CA ARG K 112 -0.85 -36.11 -31.14
C ARG K 112 -0.96 -37.11 -29.99
N PHE K 113 -0.23 -36.88 -28.91
CA PHE K 113 -0.08 -37.83 -27.82
C PHE K 113 -0.35 -37.16 -26.49
N ALA K 114 -0.67 -37.98 -25.51
CA ALA K 114 -0.62 -37.58 -24.09
C ALA K 114 -0.01 -38.73 -23.30
N LEU K 115 0.72 -38.43 -22.24
CA LEU K 115 1.16 -39.47 -21.29
C LEU K 115 -0.02 -39.80 -20.39
N PRO K 116 -0.05 -41.02 -19.80
CA PRO K 116 -1.29 -41.58 -19.25
C PRO K 116 -1.96 -40.75 -18.16
N ASN K 117 -1.18 -40.03 -17.34
CA ASN K 117 -1.74 -39.27 -16.21
C ASN K 117 -1.87 -37.78 -16.54
N ALA K 118 -1.63 -37.40 -17.79
CA ALA K 118 -1.76 -36.00 -18.20
C ALA K 118 -3.27 -35.63 -18.20
N GLU K 119 -3.52 -34.37 -17.90
N GLU K 119 -3.53 -34.36 -17.91
CA GLU K 119 -4.90 -33.80 -17.82
CA GLU K 119 -4.89 -33.77 -17.79
C GLU K 119 -5.12 -32.89 -19.02
C GLU K 119 -5.12 -32.88 -19.01
N VAL K 120 -6.28 -32.99 -19.66
CA VAL K 120 -6.66 -32.10 -20.77
C VAL K 120 -7.93 -31.39 -20.33
N MET K 121 -7.99 -30.09 -20.49
CA MET K 121 -9.25 -29.37 -20.10
C MET K 121 -9.63 -28.48 -21.28
N ILE K 122 -10.90 -28.48 -21.63
CA ILE K 122 -11.44 -27.61 -22.72
C ILE K 122 -12.51 -26.71 -22.12
N HIS K 123 -12.58 -25.48 -22.58
CA HIS K 123 -13.62 -24.53 -22.09
C HIS K 123 -13.73 -23.38 -23.07
N GLN K 124 -14.73 -22.56 -22.92
CA GLN K 124 -14.90 -21.43 -23.84
C GLN K 124 -13.94 -20.32 -23.45
N PRO K 125 -13.63 -19.43 -24.43
CA PRO K 125 -12.74 -18.33 -24.18
C PRO K 125 -13.27 -17.32 -23.14
N LEU K 126 -12.32 -16.71 -22.45
CA LEU K 126 -12.55 -15.70 -21.39
C LEU K 126 -12.13 -14.32 -21.91
N GLY K 127 -12.83 -13.29 -21.46
CA GLY K 127 -12.36 -11.93 -21.78
C GLY K 127 -13.17 -10.92 -20.99
N GLY K 128 -13.16 -9.71 -21.49
CA GLY K 128 -13.75 -8.60 -20.74
C GLY K 128 -14.09 -7.50 -21.70
N ALA K 129 -14.97 -6.61 -21.25
CA ALA K 129 -15.38 -5.46 -22.06
C ALA K 129 -15.78 -4.37 -21.05
N GLN K 130 -15.46 -3.14 -21.35
CA GLN K 130 -15.76 -2.02 -20.44
C GLN K 130 -16.09 -0.84 -21.33
N GLY K 131 -17.05 -0.03 -20.96
CA GLY K 131 -17.23 1.26 -21.63
C GLY K 131 -18.70 1.48 -21.99
N GLN K 132 -18.90 2.15 -23.10
CA GLN K 132 -20.24 2.47 -23.61
C GLN K 132 -20.92 1.18 -24.08
N ALA K 133 -22.23 1.19 -24.10
CA ALA K 133 -23.04 0.07 -24.62
C ALA K 133 -22.52 -0.36 -25.99
N THR K 134 -22.26 0.57 -26.93
CA THR K 134 -21.81 0.16 -28.29
C THR K 134 -20.42 -0.49 -28.22
N GLU K 135 -19.56 -0.08 -27.31
CA GLU K 135 -18.20 -0.67 -27.12
C GLU K 135 -18.34 -2.08 -26.58
N ILE K 136 -19.24 -2.26 -25.62
CA ILE K 136 -19.50 -3.61 -25.05
C ILE K 136 -20.02 -4.52 -26.16
N GLU K 137 -20.91 -4.03 -27.00
CA GLU K 137 -21.46 -4.80 -28.13
C GLU K 137 -20.32 -5.26 -29.06
N ILE K 138 -19.44 -4.35 -29.42
CA ILE K 138 -18.28 -4.69 -30.30
C ILE K 138 -17.44 -5.78 -29.64
N ALA K 139 -17.12 -5.65 -28.35
CA ALA K 139 -16.31 -6.64 -27.63
C ALA K 139 -17.02 -7.99 -27.59
N ALA K 140 -18.33 -8.00 -27.32
CA ALA K 140 -19.12 -9.24 -27.24
C ALA K 140 -19.12 -9.93 -28.60
N ASN K 141 -19.39 -9.17 -29.66
CA ASN K 141 -19.44 -9.74 -31.02
C ASN K 141 -18.07 -10.36 -31.34
N HIS K 142 -16.99 -9.69 -30.95
CA HIS K 142 -15.62 -10.18 -31.25
C HIS K 142 -15.35 -11.49 -30.50
N ILE K 143 -15.66 -11.55 -29.21
CA ILE K 143 -15.35 -12.80 -28.45
C ILE K 143 -16.25 -13.94 -28.95
N LEU K 144 -17.49 -13.66 -29.35
CA LEU K 144 -18.37 -14.72 -29.87
C LEU K 144 -17.84 -15.22 -31.23
N LYS K 145 -17.35 -14.34 -32.08
CA LYS K 145 -16.77 -14.74 -33.38
C LYS K 145 -15.47 -15.55 -33.12
N THR K 146 -14.69 -15.17 -32.14
CA THR K 146 -13.46 -15.91 -31.79
C THR K 146 -13.85 -17.31 -31.32
N ARG K 147 -14.87 -17.43 -30.47
CA ARG K 147 -15.34 -18.75 -30.02
C ARG K 147 -15.78 -19.59 -31.23
N GLU K 148 -16.53 -19.01 -32.16
CA GLU K 148 -16.99 -19.75 -33.36
C GLU K 148 -15.76 -20.28 -34.14
N LYS K 149 -14.74 -19.48 -34.26
CA LYS K 149 -13.50 -19.83 -35.01
C LYS K 149 -12.80 -20.99 -34.31
N LEU K 150 -12.63 -20.91 -32.99
CA LEU K 150 -12.00 -21.99 -32.20
C LEU K 150 -12.81 -23.28 -32.37
N ASN K 151 -14.14 -23.19 -32.25
CA ASN K 151 -14.98 -24.39 -32.27
C ASN K 151 -14.95 -25.04 -33.67
N ARG K 152 -14.93 -24.24 -34.72
CA ARG K 152 -14.89 -24.73 -36.11
C ARG K 152 -13.60 -25.51 -36.29
N ILE K 153 -12.48 -24.95 -35.87
CA ILE K 153 -11.17 -25.65 -36.03
C ILE K 153 -11.17 -26.89 -35.15
N LEU K 154 -11.63 -26.80 -33.91
CA LEU K 154 -11.62 -28.00 -33.05
C LEU K 154 -12.49 -29.10 -33.65
N SER K 155 -13.62 -28.72 -34.25
CA SER K 155 -14.50 -29.69 -34.97
C SER K 155 -13.72 -30.38 -36.08
N GLU K 156 -12.99 -29.62 -36.88
CA GLU K 156 -12.17 -30.17 -37.99
C GLU K 156 -11.09 -31.12 -37.45
N ARG K 157 -10.45 -30.77 -36.33
N ARG K 157 -10.46 -30.78 -36.33
CA ARG K 157 -9.26 -31.50 -35.80
CA ARG K 157 -9.27 -31.50 -35.81
C ARG K 157 -9.72 -32.76 -35.04
C ARG K 157 -9.72 -32.76 -35.04
N THR K 158 -10.94 -32.78 -34.48
CA THR K 158 -11.40 -33.87 -33.59
C THR K 158 -12.38 -34.81 -34.32
N GLY K 159 -13.09 -34.30 -35.31
CA GLY K 159 -14.22 -35.02 -35.93
C GLY K 159 -15.51 -34.88 -35.17
N GLN K 160 -15.57 -34.11 -34.08
CA GLN K 160 -16.82 -33.83 -33.36
C GLN K 160 -17.54 -32.70 -34.08
N SER K 161 -18.85 -32.64 -33.95
CA SER K 161 -19.64 -31.54 -34.52
C SER K 161 -19.36 -30.24 -33.77
N ILE K 162 -19.55 -29.11 -34.44
CA ILE K 162 -19.47 -27.78 -33.81
C ILE K 162 -20.44 -27.72 -32.62
N GLU K 163 -21.66 -28.25 -32.78
CA GLU K 163 -22.69 -28.20 -31.72
C GLU K 163 -22.21 -28.94 -30.50
N LYS K 164 -21.57 -30.10 -30.66
CA LYS K 164 -21.05 -30.91 -29.52
C LYS K 164 -19.92 -30.15 -28.84
N ILE K 165 -19.00 -29.58 -29.61
CA ILE K 165 -17.88 -28.80 -29.02
C ILE K 165 -18.44 -27.62 -28.22
N GLN K 166 -19.42 -26.92 -28.76
CA GLN K 166 -20.08 -25.78 -28.07
C GLN K 166 -20.63 -26.26 -26.73
N LYS K 167 -21.38 -27.36 -26.71
CA LYS K 167 -21.99 -27.88 -25.46
C LYS K 167 -20.88 -28.28 -24.49
N ASP K 168 -19.86 -28.96 -25.00
CA ASP K 168 -18.83 -29.58 -24.14
C ASP K 168 -17.84 -28.54 -23.60
N THR K 169 -17.85 -27.31 -24.11
CA THR K 169 -16.94 -26.26 -23.68
C THR K 169 -17.71 -25.16 -22.92
N ASP K 170 -18.99 -25.33 -22.68
CA ASP K 170 -19.80 -24.31 -22.00
C ASP K 170 -19.21 -24.01 -20.63
N ARG K 171 -18.75 -25.04 -19.92
CA ARG K 171 -18.05 -24.91 -18.63
C ARG K 171 -16.74 -25.70 -18.72
N ASP K 172 -15.92 -25.59 -17.69
CA ASP K 172 -14.64 -26.35 -17.67
C ASP K 172 -14.95 -27.82 -17.78
N ASN K 173 -14.29 -28.49 -18.71
CA ASN K 173 -14.51 -29.90 -18.99
C ASN K 173 -13.14 -30.60 -18.93
N PHE K 174 -12.90 -31.35 -17.86
CA PHE K 174 -11.64 -32.08 -17.64
C PHE K 174 -11.72 -33.47 -18.25
N LEU K 175 -10.71 -33.83 -19.03
CA LEU K 175 -10.62 -35.16 -19.68
C LEU K 175 -9.34 -35.84 -19.21
N THR K 176 -9.41 -37.16 -19.00
CA THR K 176 -8.21 -37.98 -18.88
C THR K 176 -7.56 -38.11 -20.27
N ALA K 177 -6.34 -38.63 -20.30
CA ALA K 177 -5.67 -38.87 -21.60
C ALA K 177 -6.51 -39.82 -22.45
N GLU K 178 -7.05 -40.88 -21.86
CA GLU K 178 -7.87 -41.86 -22.62
C GLU K 178 -9.15 -41.17 -23.12
N GLU K 179 -9.79 -40.31 -22.32
CA GLU K 179 -10.96 -39.57 -22.77
C GLU K 179 -10.60 -38.60 -23.90
N ALA K 180 -9.44 -37.98 -23.85
CA ALA K 180 -8.98 -37.04 -24.88
C ALA K 180 -8.80 -37.81 -26.19
N LYS K 181 -8.30 -39.03 -26.12
CA LYS K 181 -8.16 -39.90 -27.32
C LYS K 181 -9.54 -40.24 -27.87
N GLU K 182 -10.48 -40.67 -27.03
CA GLU K 182 -11.86 -40.98 -27.46
C GLU K 182 -12.50 -39.77 -28.09
N TYR K 183 -12.18 -38.57 -27.59
CA TYR K 183 -12.80 -37.33 -28.08
C TYR K 183 -12.22 -36.93 -29.46
N GLY K 184 -11.00 -37.35 -29.76
CA GLY K 184 -10.30 -36.94 -30.99
C GLY K 184 -9.36 -35.76 -30.78
N LEU K 185 -9.08 -35.36 -29.54
CA LEU K 185 -8.08 -34.29 -29.27
C LEU K 185 -6.65 -34.82 -29.41
N ILE K 186 -6.44 -36.11 -29.16
CA ILE K 186 -5.16 -36.78 -29.42
C ILE K 186 -5.44 -38.06 -30.20
N ASP K 187 -4.37 -38.62 -30.73
CA ASP K 187 -4.44 -39.91 -31.49
C ASP K 187 -4.09 -41.11 -30.60
N GLU K 188 -3.18 -40.96 -29.67
CA GLU K 188 -2.73 -42.12 -28.85
C GLU K 188 -2.33 -41.64 -27.45
N VAL K 189 -2.57 -42.51 -26.48
CA VAL K 189 -1.91 -42.41 -25.16
C VAL K 189 -0.58 -43.12 -25.23
N MET K 190 0.50 -42.43 -24.94
CA MET K 190 1.87 -43.00 -24.97
C MET K 190 2.05 -43.82 -23.68
N VAL K 191 1.86 -45.14 -23.75
CA VAL K 191 1.94 -46.04 -22.57
C VAL K 191 3.41 -46.39 -22.31
N PRO K 192 3.86 -46.51 -21.05
CA PRO K 192 5.26 -46.82 -20.77
C PRO K 192 5.61 -48.28 -21.09
N ILE L 4 25.62 -20.03 -5.96
CA ILE L 4 25.82 -21.45 -6.44
C ILE L 4 27.24 -21.57 -6.99
N PRO L 5 28.14 -22.39 -6.39
CA PRO L 5 29.50 -22.42 -6.87
C PRO L 5 29.66 -23.10 -8.24
N THR L 6 30.80 -22.81 -8.87
CA THR L 6 31.30 -23.38 -10.14
C THR L 6 32.41 -24.39 -9.86
N VAL L 7 32.45 -25.47 -10.63
CA VAL L 7 33.59 -26.44 -10.64
C VAL L 7 34.16 -26.48 -12.07
N TYR L 18 31.23 -25.75 -14.91
CA TYR L 18 29.86 -26.18 -14.55
C TYR L 18 29.44 -25.51 -13.23
N ASP L 19 28.24 -24.96 -13.12
CA ASP L 19 27.62 -24.77 -11.78
C ASP L 19 27.50 -26.16 -11.12
N ILE L 20 27.40 -26.20 -9.79
CA ILE L 20 27.47 -27.50 -9.07
C ILE L 20 26.34 -28.42 -9.53
N TYR L 21 25.14 -27.89 -9.82
CA TYR L 21 24.01 -28.78 -10.22
C TYR L 21 24.29 -29.38 -11.60
N SER L 22 24.84 -28.59 -12.52
CA SER L 22 25.21 -29.07 -13.88
C SER L 22 26.29 -30.14 -13.78
N ARG L 23 27.20 -30.00 -12.82
CA ARG L 23 28.25 -31.04 -12.63
C ARG L 23 27.61 -32.34 -12.14
N LEU L 24 26.63 -32.27 -11.24
CA LEU L 24 25.94 -33.50 -10.80
C LEU L 24 25.17 -34.10 -11.98
N LEU L 25 24.55 -33.29 -12.82
CA LEU L 25 23.76 -33.81 -13.97
C LEU L 25 24.68 -34.60 -14.91
N LYS L 26 25.93 -34.17 -15.03
CA LYS L 26 26.93 -34.93 -15.84
C LYS L 26 27.05 -36.36 -15.32
N ASP L 27 26.86 -36.59 -14.02
N ASP L 27 26.86 -36.59 -14.02
CA ASP L 27 26.92 -37.92 -13.39
CA ASP L 27 26.92 -37.92 -13.38
C ASP L 27 25.50 -38.49 -13.16
C ASP L 27 25.50 -38.49 -13.16
N ARG L 28 24.50 -38.01 -13.92
CA ARG L 28 23.15 -38.57 -14.00
C ARG L 28 22.40 -38.35 -12.67
N ILE L 29 22.72 -37.28 -11.96
CA ILE L 29 22.00 -36.89 -10.73
C ILE L 29 21.17 -35.66 -11.04
N ILE L 30 19.88 -35.74 -10.74
CA ILE L 30 18.89 -34.65 -10.90
C ILE L 30 18.48 -34.22 -9.50
N MET L 31 18.49 -32.91 -9.24
CA MET L 31 18.13 -32.37 -7.90
C MET L 31 16.69 -31.78 -7.98
N LEU L 32 15.76 -32.39 -7.26
CA LEU L 32 14.41 -31.81 -7.03
C LEU L 32 14.45 -31.23 -5.63
N GLY L 33 14.80 -29.95 -5.50
CA GLY L 33 15.16 -29.31 -4.23
C GLY L 33 14.30 -28.10 -3.91
N SER L 34 13.12 -28.03 -4.49
CA SER L 34 12.23 -26.85 -4.27
C SER L 34 10.77 -27.31 -4.35
N GLN L 35 9.86 -26.35 -4.17
CA GLN L 35 8.46 -26.56 -4.49
C GLN L 35 8.32 -27.00 -5.93
N ILE L 36 7.38 -27.88 -6.21
CA ILE L 36 7.11 -28.38 -7.58
C ILE L 36 6.13 -27.42 -8.26
N ASP L 37 6.60 -26.72 -9.28
CA ASP L 37 5.74 -25.92 -10.14
C ASP L 37 6.07 -26.28 -11.59
N ASP L 38 5.38 -25.67 -12.53
CA ASP L 38 5.55 -26.04 -13.95
C ASP L 38 7.01 -25.83 -14.38
N ASN L 39 7.68 -24.78 -13.92
CA ASN L 39 9.08 -24.49 -14.33
C ASN L 39 10.00 -25.62 -13.85
N VAL L 40 9.86 -26.03 -12.60
CA VAL L 40 10.66 -27.12 -12.03
C VAL L 40 10.36 -28.42 -12.81
N ALA L 41 9.10 -28.71 -13.07
CA ALA L 41 8.73 -29.95 -13.78
C ALA L 41 9.31 -29.92 -15.21
N ASN L 42 9.23 -28.79 -15.89
CA ASN L 42 9.73 -28.68 -17.28
C ASN L 42 11.24 -28.98 -17.27
N SER L 43 11.95 -28.46 -16.29
CA SER L 43 13.41 -28.66 -16.19
C SER L 43 13.71 -30.13 -15.93
N ILE L 44 13.01 -30.73 -14.95
CA ILE L 44 13.29 -32.14 -14.59
C ILE L 44 12.91 -33.07 -15.74
N VAL L 45 11.79 -32.85 -16.41
CA VAL L 45 11.40 -33.65 -17.59
C VAL L 45 12.51 -33.54 -18.65
N SER L 46 13.01 -32.34 -18.89
CA SER L 46 14.06 -32.12 -19.93
C SER L 46 15.33 -32.89 -19.55
N GLN L 47 15.71 -32.83 -18.27
CA GLN L 47 16.90 -33.56 -17.77
C GLN L 47 16.71 -35.06 -17.92
N LEU L 48 15.53 -35.61 -17.59
CA LEU L 48 15.27 -37.04 -17.72
C LEU L 48 15.41 -37.47 -19.20
N LEU L 49 14.79 -36.71 -20.11
N LEU L 49 14.80 -36.70 -20.12
CA LEU L 49 14.84 -37.06 -21.55
CA LEU L 49 14.85 -37.05 -21.56
C LEU L 49 16.29 -36.98 -22.05
C LEU L 49 16.29 -36.98 -22.06
N PHE L 50 17.04 -35.97 -21.64
CA PHE L 50 18.45 -35.78 -22.01
C PHE L 50 19.28 -36.98 -21.52
N LEU L 51 19.10 -37.37 -20.25
CA LEU L 51 19.89 -38.49 -19.67
C LEU L 51 19.55 -39.79 -20.40
N GLN L 52 18.28 -40.03 -20.76
CA GLN L 52 17.90 -41.23 -21.49
C GLN L 52 18.66 -41.22 -22.85
N ALA L 53 18.73 -40.08 -23.50
CA ALA L 53 19.36 -39.97 -24.84
C ALA L 53 20.87 -40.24 -24.69
N GLN L 54 21.51 -39.77 -23.62
CA GLN L 54 22.96 -40.01 -23.40
C GLN L 54 23.22 -41.51 -23.18
N ASP L 55 22.37 -42.17 -22.42
CA ASP L 55 22.56 -43.60 -22.07
C ASP L 55 21.22 -44.17 -21.62
N SER L 56 20.64 -45.06 -22.40
CA SER L 56 19.31 -45.61 -22.13
C SER L 56 19.37 -46.70 -21.07
N GLU L 57 20.53 -47.15 -20.64
CA GLU L 57 20.67 -48.33 -19.73
C GLU L 57 21.10 -47.90 -18.32
N LYS L 58 21.88 -46.84 -18.17
CA LYS L 58 22.50 -46.49 -16.87
C LYS L 58 21.44 -45.82 -15.97
N ASP L 59 21.48 -46.15 -14.70
CA ASP L 59 20.54 -45.55 -13.71
C ASP L 59 20.68 -44.03 -13.70
N ILE L 60 19.57 -43.39 -13.32
CA ILE L 60 19.47 -41.95 -13.00
C ILE L 60 19.19 -41.85 -11.51
N TYR L 61 19.65 -40.80 -10.86
CA TYR L 61 19.47 -40.58 -9.41
C TYR L 61 18.67 -39.29 -9.23
N LEU L 62 17.47 -39.39 -8.67
CA LEU L 62 16.64 -38.19 -8.38
C LEU L 62 16.67 -37.93 -6.87
N TYR L 63 17.33 -36.86 -6.48
CA TYR L 63 17.38 -36.36 -5.10
C TYR L 63 16.09 -35.57 -4.85
N ILE L 64 15.44 -35.85 -3.73
CA ILE L 64 14.16 -35.14 -3.40
C ILE L 64 14.28 -34.51 -2.03
N ASN L 65 14.22 -33.17 -2.04
CA ASN L 65 14.02 -32.36 -0.83
C ASN L 65 12.98 -31.30 -1.22
N SER L 66 11.72 -31.65 -1.01
CA SER L 66 10.63 -30.81 -1.60
C SER L 66 9.42 -30.86 -0.70
N PRO L 67 8.75 -29.71 -0.53
CA PRO L 67 7.47 -29.65 0.19
C PRO L 67 6.28 -30.01 -0.70
N GLY L 68 6.52 -30.37 -1.94
CA GLY L 68 5.48 -30.71 -2.92
C GLY L 68 5.12 -29.47 -3.72
N GLY L 69 3.85 -29.40 -4.16
CA GLY L 69 3.42 -28.34 -5.07
C GLY L 69 2.37 -28.86 -6.03
N SER L 70 2.44 -28.40 -7.26
CA SER L 70 1.39 -28.63 -8.27
C SER L 70 1.27 -30.13 -8.56
N VAL L 71 0.07 -30.67 -8.49
CA VAL L 71 -0.20 -32.09 -8.81
C VAL L 71 0.07 -32.33 -10.31
N THR L 72 -0.40 -31.46 -11.19
CA THR L 72 -0.18 -31.67 -12.64
C THR L 72 1.32 -31.56 -12.97
N ALA L 73 2.03 -30.64 -12.36
CA ALA L 73 3.50 -30.53 -12.55
C ALA L 73 4.15 -31.84 -12.05
N GLY L 74 3.72 -32.33 -10.89
CA GLY L 74 4.21 -33.60 -10.36
C GLY L 74 3.95 -34.75 -11.31
N PHE L 75 2.79 -34.78 -11.95
CA PHE L 75 2.46 -35.86 -12.91
C PHE L 75 3.27 -35.73 -14.19
N ALA L 76 3.69 -34.54 -14.58
CA ALA L 76 4.63 -34.38 -15.72
C ALA L 76 5.91 -35.17 -15.38
N ILE L 77 6.42 -35.01 -14.18
CA ILE L 77 7.67 -35.72 -13.73
C ILE L 77 7.35 -37.21 -13.64
N TYR L 78 6.28 -37.58 -12.95
CA TYR L 78 5.91 -39.00 -12.73
C TYR L 78 5.86 -39.74 -14.07
N ASP L 79 5.11 -39.20 -15.04
CA ASP L 79 4.90 -39.93 -16.31
C ASP L 79 6.21 -40.00 -17.09
N THR L 80 7.05 -38.98 -17.00
CA THR L 80 8.34 -39.00 -17.72
C THR L 80 9.22 -40.08 -17.09
N ILE L 81 9.27 -40.17 -15.75
CA ILE L 81 10.02 -41.28 -15.08
C ILE L 81 9.54 -42.61 -15.64
N GLN L 82 8.23 -42.85 -15.68
CA GLN L 82 7.75 -44.20 -16.07
C GLN L 82 8.02 -44.41 -17.57
N HIS L 83 8.05 -43.36 -18.37
CA HIS L 83 8.17 -43.48 -19.83
C HIS L 83 9.59 -43.93 -20.21
N ILE L 84 10.59 -43.34 -19.60
CA ILE L 84 12.00 -43.52 -20.08
C ILE L 84 12.51 -44.92 -19.72
N LYS L 85 13.54 -45.36 -20.42
CA LYS L 85 14.09 -46.73 -20.21
C LYS L 85 14.93 -46.85 -18.95
N PRO L 86 15.84 -45.92 -18.61
CA PRO L 86 16.66 -46.06 -17.42
C PRO L 86 15.82 -46.12 -16.14
N ASP L 87 16.27 -46.93 -15.18
CA ASP L 87 15.73 -46.88 -13.80
C ASP L 87 16.02 -45.50 -13.21
N VAL L 88 15.04 -44.91 -12.52
CA VAL L 88 15.26 -43.66 -11.76
C VAL L 88 15.22 -44.00 -10.29
N GLN L 89 16.35 -43.94 -9.64
CA GLN L 89 16.45 -44.11 -8.18
C GLN L 89 15.93 -42.83 -7.53
N THR L 90 15.23 -42.94 -6.43
CA THR L 90 14.80 -41.75 -5.66
C THR L 90 15.45 -41.78 -4.29
N ILE L 91 15.88 -40.61 -3.84
CA ILE L 91 16.54 -40.50 -2.52
C ILE L 91 15.96 -39.27 -1.82
N CYS L 92 15.26 -39.49 -0.72
CA CYS L 92 14.72 -38.40 0.11
C CYS L 92 15.78 -37.94 1.11
N ILE L 93 16.12 -36.66 1.03
CA ILE L 93 17.06 -35.98 1.95
C ILE L 93 16.32 -34.74 2.47
N GLY L 94 16.24 -34.56 3.77
CA GLY L 94 15.53 -33.41 4.35
C GLY L 94 14.06 -33.74 4.50
N MET L 95 13.27 -33.52 3.44
CA MET L 95 11.81 -33.72 3.50
C MET L 95 11.26 -34.08 2.11
N ALA L 96 10.29 -34.97 2.07
CA ALA L 96 9.47 -35.19 0.86
C ALA L 96 8.04 -35.09 1.35
N ALA L 97 7.33 -34.04 0.97
CA ALA L 97 5.94 -33.86 1.44
C ALA L 97 5.02 -33.79 0.22
N SER L 98 3.82 -34.29 0.41
CA SER L 98 2.72 -34.13 -0.56
C SER L 98 3.18 -34.68 -1.91
N MET L 99 3.15 -33.88 -3.00
CA MET L 99 3.53 -34.42 -4.30
C MET L 99 5.02 -34.87 -4.28
N GLY L 100 5.84 -34.31 -3.38
CA GLY L 100 7.24 -34.77 -3.21
C GLY L 100 7.30 -36.21 -2.73
N SER L 101 6.45 -36.61 -1.79
CA SER L 101 6.43 -38.01 -1.30
C SER L 101 5.84 -38.93 -2.40
N PHE L 102 4.93 -38.41 -3.22
CA PHE L 102 4.39 -39.18 -4.35
C PHE L 102 5.54 -39.50 -5.33
N LEU L 103 6.39 -38.51 -5.62
CA LEU L 103 7.49 -38.75 -6.56
C LEU L 103 8.54 -39.67 -5.91
N LEU L 104 8.75 -39.56 -4.60
CA LEU L 104 9.68 -40.50 -3.92
C LEU L 104 9.23 -41.93 -4.18
N ALA L 105 7.92 -42.19 -4.01
CA ALA L 105 7.35 -43.52 -4.17
C ALA L 105 7.37 -44.00 -5.63
N ALA L 106 7.62 -43.09 -6.57
CA ALA L 106 7.56 -43.34 -8.03
C ALA L 106 8.91 -43.87 -8.56
N GLY L 107 9.94 -43.91 -7.74
CA GLY L 107 11.24 -44.41 -8.16
C GLY L 107 11.20 -45.88 -8.51
N ALA L 108 12.23 -46.36 -9.18
CA ALA L 108 12.33 -47.78 -9.59
C ALA L 108 12.17 -48.67 -8.35
N LYS L 109 11.39 -49.74 -8.47
CA LYS L 109 11.14 -50.66 -7.32
C LYS L 109 12.49 -51.25 -6.90
N GLY L 110 12.78 -51.17 -5.61
CA GLY L 110 14.03 -51.57 -4.97
C GLY L 110 15.05 -50.47 -4.91
N LYS L 111 14.79 -49.30 -5.53
CA LYS L 111 15.78 -48.21 -5.59
C LYS L 111 15.16 -46.89 -5.10
N ARG L 112 14.28 -47.00 -4.12
CA ARG L 112 13.70 -45.82 -3.43
C ARG L 112 14.29 -45.78 -2.02
N PHE L 113 14.92 -44.68 -1.67
CA PHE L 113 15.69 -44.55 -0.42
C PHE L 113 15.31 -43.30 0.32
N ALA L 114 15.58 -43.28 1.62
CA ALA L 114 15.60 -42.05 2.43
C ALA L 114 16.83 -42.12 3.34
N LEU L 115 17.42 -40.99 3.63
CA LEU L 115 18.45 -40.92 4.71
C LEU L 115 17.73 -40.91 6.05
N PRO L 116 18.42 -41.33 7.13
CA PRO L 116 17.76 -41.72 8.38
C PRO L 116 16.89 -40.64 9.05
N ASN L 117 17.25 -39.38 8.92
CA ASN L 117 16.56 -38.28 9.59
C ASN L 117 15.63 -37.54 8.62
N ALA L 118 15.46 -38.06 7.40
CA ALA L 118 14.57 -37.44 6.41
C ALA L 118 13.12 -37.63 6.88
N GLU L 119 12.29 -36.65 6.54
CA GLU L 119 10.86 -36.60 6.93
C GLU L 119 10.04 -36.85 5.66
N VAL L 120 9.01 -37.69 5.76
CA VAL L 120 8.10 -37.95 4.64
C VAL L 120 6.71 -37.54 5.14
N MET L 121 5.97 -36.77 4.37
CA MET L 121 4.60 -36.40 4.83
C MET L 121 3.65 -36.70 3.67
N ILE L 122 2.52 -37.32 3.97
CA ILE L 122 1.46 -37.61 2.97
C ILE L 122 0.18 -36.92 3.44
N HIS L 123 -0.59 -36.39 2.50
CA HIS L 123 -1.86 -35.71 2.81
C HIS L 123 -2.67 -35.61 1.54
N GLN L 124 -3.92 -35.24 1.66
CA GLN L 124 -4.79 -35.14 0.47
C GLN L 124 -4.45 -33.84 -0.26
N PRO L 125 -4.80 -33.79 -1.57
CA PRO L 125 -4.56 -32.59 -2.35
C PRO L 125 -5.39 -31.39 -1.86
N LEU L 126 -4.81 -30.22 -2.10
CA LEU L 126 -5.37 -28.90 -1.74
C LEU L 126 -5.81 -28.17 -3.00
N GLY L 127 -6.86 -27.36 -2.87
CA GLY L 127 -7.22 -26.51 -4.01
C GLY L 127 -8.25 -25.50 -3.62
N GLY L 128 -8.97 -25.04 -4.64
CA GLY L 128 -9.94 -23.97 -4.38
C GLY L 128 -10.99 -23.98 -5.46
N ALA L 129 -12.07 -23.31 -5.20
CA ALA L 129 -13.20 -23.24 -6.16
C ALA L 129 -13.97 -21.98 -5.81
N GLN L 130 -14.36 -21.22 -6.83
CA GLN L 130 -14.99 -19.91 -6.62
C GLN L 130 -16.01 -19.79 -7.74
N GLY L 131 -17.19 -19.25 -7.42
CA GLY L 131 -18.10 -18.90 -8.51
C GLY L 131 -19.49 -19.46 -8.28
N GLN L 132 -20.15 -19.79 -9.37
CA GLN L 132 -21.51 -20.34 -9.32
C GLN L 132 -21.51 -21.74 -8.74
N ALA L 133 -22.61 -22.14 -8.15
CA ALA L 133 -22.78 -23.51 -7.61
C ALA L 133 -22.30 -24.55 -8.63
N THR L 134 -22.69 -24.46 -9.91
CA THR L 134 -22.29 -25.50 -10.88
C THR L 134 -20.77 -25.46 -11.13
N GLU L 135 -20.13 -24.30 -11.07
CA GLU L 135 -18.66 -24.16 -11.22
C GLU L 135 -17.97 -24.82 -10.02
N ILE L 136 -18.50 -24.60 -8.82
CA ILE L 136 -17.92 -25.20 -7.60
C ILE L 136 -18.08 -26.72 -7.70
N GLU L 137 -19.20 -27.21 -8.20
CA GLU L 137 -19.44 -28.66 -8.38
C GLU L 137 -18.36 -29.24 -9.33
N ILE L 138 -18.14 -28.59 -10.45
CA ILE L 138 -17.09 -29.03 -11.42
C ILE L 138 -15.73 -29.08 -10.73
N ALA L 139 -15.35 -28.04 -10.00
CA ALA L 139 -14.04 -27.97 -9.31
C ALA L 139 -13.95 -29.09 -8.28
N ALA L 140 -15.01 -29.33 -7.51
CA ALA L 140 -15.02 -30.37 -6.46
C ALA L 140 -14.86 -31.73 -7.12
N ASN L 141 -15.62 -32.00 -8.16
CA ASN L 141 -15.55 -33.31 -8.86
C ASN L 141 -14.12 -33.50 -9.39
N HIS L 142 -13.51 -32.45 -9.91
CA HIS L 142 -12.13 -32.55 -10.47
C HIS L 142 -11.14 -32.87 -9.36
N ILE L 143 -11.19 -32.18 -8.22
CA ILE L 143 -10.16 -32.44 -7.18
C ILE L 143 -10.43 -33.82 -6.57
N LEU L 144 -11.68 -34.26 -6.46
CA LEU L 144 -11.98 -35.61 -5.93
C LEU L 144 -11.45 -36.69 -6.89
N LYS L 145 -11.61 -36.48 -8.22
CA LYS L 145 -11.10 -37.44 -9.21
C LYS L 145 -9.58 -37.43 -9.17
N THR L 146 -8.95 -36.29 -8.99
CA THR L 146 -7.48 -36.18 -8.89
C THR L 146 -7.02 -36.97 -7.66
N ARG L 147 -7.72 -36.83 -6.54
CA ARG L 147 -7.35 -37.61 -5.33
C ARG L 147 -7.49 -39.11 -5.59
N GLU L 148 -8.55 -39.54 -6.27
CA GLU L 148 -8.74 -40.98 -6.60
C GLU L 148 -7.56 -41.47 -7.44
N LYS L 149 -7.11 -40.66 -8.40
CA LYS L 149 -5.98 -41.02 -9.30
C LYS L 149 -4.69 -41.15 -8.49
N LEU L 150 -4.40 -40.18 -7.64
CA LEU L 150 -3.19 -40.20 -6.75
C LEU L 150 -3.26 -41.44 -5.86
N ASN L 151 -4.41 -41.73 -5.27
CA ASN L 151 -4.50 -42.84 -4.30
C ASN L 151 -4.33 -44.17 -5.03
N ARG L 152 -4.88 -44.31 -6.23
N ARG L 152 -4.89 -44.32 -6.22
CA ARG L 152 -4.78 -45.56 -7.02
CA ARG L 152 -4.78 -45.54 -7.05
C ARG L 152 -3.30 -45.81 -7.33
C ARG L 152 -3.31 -45.81 -7.35
N ILE L 153 -2.59 -44.78 -7.79
CA ILE L 153 -1.17 -44.97 -8.14
C ILE L 153 -0.38 -45.24 -6.87
N LEU L 154 -0.63 -44.50 -5.79
CA LEU L 154 0.15 -44.72 -4.56
C LEU L 154 -0.15 -46.14 -4.04
N SER L 155 -1.35 -46.64 -4.19
CA SER L 155 -1.72 -48.04 -3.83
C SER L 155 -0.84 -49.02 -4.61
N GLU L 156 -0.72 -48.80 -5.92
CA GLU L 156 0.11 -49.66 -6.80
C GLU L 156 1.59 -49.60 -6.38
N ARG L 157 2.10 -48.43 -6.02
N ARG L 157 2.10 -48.43 -6.02
CA ARG L 157 3.54 -48.23 -5.75
CA ARG L 157 3.54 -48.21 -5.74
C ARG L 157 3.91 -48.70 -4.32
C ARG L 157 3.90 -48.69 -4.32
N THR L 158 2.95 -48.72 -3.38
CA THR L 158 3.24 -48.99 -1.94
C THR L 158 2.78 -50.40 -1.56
N GLY L 159 1.80 -50.95 -2.24
CA GLY L 159 1.10 -52.19 -1.83
C GLY L 159 0.01 -51.95 -0.80
N GLN L 160 -0.27 -50.72 -0.43
CA GLN L 160 -1.36 -50.38 0.52
C GLN L 160 -2.65 -50.25 -0.25
N SER L 161 -3.77 -50.52 0.39
CA SER L 161 -5.10 -50.39 -0.26
C SER L 161 -5.41 -48.90 -0.51
N ILE L 162 -6.26 -48.65 -1.49
CA ILE L 162 -6.83 -47.28 -1.69
C ILE L 162 -7.57 -46.83 -0.43
N GLU L 163 -8.30 -47.73 0.23
CA GLU L 163 -9.05 -47.36 1.46
C GLU L 163 -8.08 -46.89 2.54
N LYS L 164 -6.97 -47.60 2.72
CA LYS L 164 -5.97 -47.23 3.74
C LYS L 164 -5.32 -45.88 3.39
N ILE L 165 -4.95 -45.70 2.12
CA ILE L 165 -4.31 -44.44 1.69
C ILE L 165 -5.29 -43.27 1.95
N GLN L 166 -6.56 -43.45 1.61
CA GLN L 166 -7.60 -42.42 1.83
C GLN L 166 -7.63 -42.04 3.31
N LYS L 167 -7.70 -43.04 4.21
CA LYS L 167 -7.79 -42.74 5.66
C LYS L 167 -6.52 -42.07 6.12
N ASP L 168 -5.36 -42.57 5.67
CA ASP L 168 -4.05 -42.12 6.20
C ASP L 168 -3.68 -40.72 5.66
N THR L 169 -4.37 -40.22 4.62
CA THR L 169 -4.05 -38.92 4.04
C THR L 169 -5.15 -37.89 4.34
N ASP L 170 -6.12 -38.25 5.14
CA ASP L 170 -7.24 -37.30 5.47
C ASP L 170 -6.67 -36.02 6.08
N ARG L 171 -5.66 -36.14 6.95
CA ARG L 171 -4.94 -35.00 7.53
C ARG L 171 -3.44 -35.19 7.29
N ASP L 172 -2.65 -34.19 7.60
CA ASP L 172 -1.17 -34.31 7.46
C ASP L 172 -0.68 -35.48 8.27
N ASN L 173 0.07 -36.35 7.62
CA ASN L 173 0.56 -37.59 8.24
C ASN L 173 2.08 -37.62 8.05
N PHE L 174 2.82 -37.34 9.12
CA PHE L 174 4.30 -37.28 9.10
C PHE L 174 4.84 -38.66 9.42
N LEU L 175 5.77 -39.13 8.60
CA LEU L 175 6.42 -40.45 8.78
C LEU L 175 7.93 -40.23 8.92
N THR L 176 8.55 -41.01 9.81
CA THR L 176 10.00 -41.14 9.79
C THR L 176 10.44 -41.94 8.55
N ALA L 177 11.74 -41.97 8.28
CA ALA L 177 12.27 -42.77 7.16
C ALA L 177 11.89 -44.24 7.38
N GLU L 178 12.05 -44.76 8.59
CA GLU L 178 11.72 -46.17 8.87
C GLU L 178 10.22 -46.41 8.69
N GLU L 179 9.36 -45.48 9.12
CA GLU L 179 7.90 -45.62 8.90
C GLU L 179 7.57 -45.59 7.39
N ALA L 180 8.28 -44.77 6.62
CA ALA L 180 8.06 -44.68 5.16
C ALA L 180 8.43 -46.00 4.50
N LYS L 181 9.49 -46.64 5.01
CA LYS L 181 9.86 -48.00 4.52
C LYS L 181 8.76 -49.00 4.85
N GLU L 182 8.28 -49.02 6.09
CA GLU L 182 7.20 -49.94 6.52
C GLU L 182 5.96 -49.69 5.64
N TYR L 183 5.71 -48.43 5.28
CA TYR L 183 4.50 -48.06 4.52
C TYR L 183 4.62 -48.51 3.07
N GLY L 184 5.83 -48.67 2.54
CA GLY L 184 6.07 -49.03 1.13
C GLY L 184 6.34 -47.82 0.25
N LEU L 185 6.56 -46.64 0.85
CA LEU L 185 6.92 -45.43 0.06
C LEU L 185 8.37 -45.51 -0.39
N ILE L 186 9.22 -46.15 0.39
CA ILE L 186 10.64 -46.37 0.04
C ILE L 186 10.92 -47.87 0.27
N ASP L 187 12.05 -48.29 -0.26
CA ASP L 187 12.54 -49.70 -0.12
C ASP L 187 13.53 -49.80 1.02
N GLU L 188 14.36 -48.80 1.25
CA GLU L 188 15.45 -48.92 2.25
C GLU L 188 15.76 -47.55 2.85
N VAL L 189 16.13 -47.57 4.11
CA VAL L 189 16.79 -46.41 4.76
C VAL L 189 18.29 -46.55 4.54
N MET L 190 18.91 -45.58 3.91
CA MET L 190 20.37 -45.60 3.60
C MET L 190 21.12 -45.24 4.89
N VAL L 191 21.59 -46.23 5.64
CA VAL L 191 22.25 -46.01 6.97
C VAL L 191 23.72 -45.65 6.73
N PRO L 192 24.32 -44.75 7.53
CA PRO L 192 25.74 -44.45 7.38
C PRO L 192 26.61 -45.60 7.92
N ILE M 4 31.07 -10.16 -5.35
CA ILE M 4 31.91 -11.37 -5.04
C ILE M 4 33.10 -11.38 -5.98
N PRO M 5 34.36 -11.26 -5.50
CA PRO M 5 35.49 -11.19 -6.43
C PRO M 5 35.79 -12.51 -7.13
N THR M 6 36.54 -12.40 -8.23
CA THR M 6 37.09 -13.49 -9.07
C THR M 6 38.59 -13.63 -8.80
N VAL M 7 39.08 -14.87 -8.80
CA VAL M 7 40.54 -15.20 -8.68
C VAL M 7 40.92 -16.00 -9.93
N TYR M 18 37.72 -18.32 -11.21
CA TYR M 18 36.81 -18.78 -10.16
C TYR M 18 36.25 -17.58 -9.38
N ASP M 19 34.94 -17.54 -9.07
CA ASP M 19 34.50 -16.67 -7.94
C ASP M 19 35.18 -17.17 -6.66
N ILE M 20 35.28 -16.34 -5.63
CA ILE M 20 36.10 -16.68 -4.44
C ILE M 20 35.57 -17.97 -3.79
N TYR M 21 34.25 -18.19 -3.76
CA TYR M 21 33.69 -19.39 -3.10
C TYR M 21 34.05 -20.63 -3.89
N SER M 22 33.99 -20.57 -5.22
CA SER M 22 34.36 -21.70 -6.11
C SER M 22 35.85 -22.03 -5.91
N ARG M 23 36.68 -21.00 -5.69
CA ARG M 23 38.13 -21.24 -5.45
C ARG M 23 38.31 -21.98 -4.12
N LEU M 24 37.57 -21.61 -3.07
CA LEU M 24 37.66 -22.33 -1.78
C LEU M 24 37.19 -23.79 -1.97
N LEU M 25 36.13 -24.00 -2.76
CA LEU M 25 35.59 -25.37 -2.94
C LEU M 25 36.66 -26.25 -3.60
N LYS M 26 37.48 -25.68 -4.47
CA LYS M 26 38.59 -26.43 -5.09
C LYS M 26 39.53 -26.99 -4.00
N ASP M 27 39.64 -26.31 -2.87
N ASP M 27 39.65 -26.30 -2.87
CA ASP M 27 40.45 -26.76 -1.71
CA ASP M 27 40.47 -26.75 -1.70
C ASP M 27 39.58 -27.42 -0.62
C ASP M 27 39.58 -27.42 -0.62
N ARG M 28 38.40 -27.91 -1.01
CA ARG M 28 37.51 -28.76 -0.17
C ARG M 28 36.96 -27.94 1.01
N ILE M 29 36.77 -26.64 0.82
CA ILE M 29 36.13 -25.76 1.82
C ILE M 29 34.74 -25.40 1.30
N ILE M 30 33.74 -25.64 2.14
CA ILE M 30 32.32 -25.31 1.87
C ILE M 30 31.93 -24.21 2.85
N MET M 31 31.28 -23.15 2.35
CA MET M 31 30.90 -21.99 3.19
C MET M 31 29.38 -22.07 3.44
N LEU M 32 28.99 -22.29 4.70
CA LEU M 32 27.58 -22.16 5.14
C LEU M 32 27.52 -20.81 5.82
N GLY M 33 27.15 -19.74 5.09
CA GLY M 33 27.30 -18.35 5.55
C GLY M 33 25.97 -17.60 5.51
N SER M 34 24.85 -18.33 5.59
CA SER M 34 23.53 -17.68 5.52
C SER M 34 22.54 -18.46 6.36
N GLN M 35 21.31 -17.97 6.39
CA GLN M 35 20.16 -18.74 6.90
C GLN M 35 20.09 -20.06 6.14
N ILE M 36 19.70 -21.12 6.83
CA ILE M 36 19.53 -22.46 6.22
C ILE M 36 18.12 -22.57 5.66
N ASP M 37 18.00 -22.64 4.35
CA ASP M 37 16.73 -22.95 3.68
C ASP M 37 17.03 -24.08 2.68
N ASP M 38 16.00 -24.52 1.97
CA ASP M 38 16.14 -25.69 1.08
C ASP M 38 17.20 -25.38 0.01
N ASN M 39 17.26 -24.16 -0.50
CA ASN M 39 18.23 -23.80 -1.58
C ASN M 39 19.66 -23.95 -1.07
N VAL M 40 19.93 -23.42 0.13
CA VAL M 40 21.26 -23.50 0.77
C VAL M 40 21.58 -24.98 1.01
N ALA M 41 20.64 -25.76 1.54
CA ALA M 41 20.88 -27.18 1.83
C ALA M 41 21.19 -27.93 0.52
N ASN M 42 20.42 -27.67 -0.53
CA ASN M 42 20.62 -28.35 -1.83
C ASN M 42 22.05 -28.09 -2.34
N SER M 43 22.51 -26.86 -2.21
CA SER M 43 23.85 -26.47 -2.67
C SER M 43 24.91 -27.19 -1.82
N ILE M 44 24.77 -27.15 -0.49
CA ILE M 44 25.77 -27.78 0.39
C ILE M 44 25.79 -29.29 0.20
N VAL M 45 24.63 -29.94 0.09
CA VAL M 45 24.57 -31.39 -0.18
C VAL M 45 25.30 -31.70 -1.50
N SER M 46 25.06 -30.90 -2.53
CA SER M 46 25.69 -31.12 -3.85
C SER M 46 27.21 -31.00 -3.73
N GLN M 47 27.68 -30.00 -2.99
CA GLN M 47 29.12 -29.78 -2.78
C GLN M 47 29.72 -30.95 -2.01
N LEU M 48 29.06 -31.45 -0.97
CA LEU M 48 29.56 -32.60 -0.19
C LEU M 48 29.69 -33.83 -1.10
N LEU M 49 28.65 -34.11 -1.90
N LEU M 49 28.66 -34.11 -1.92
CA LEU M 49 28.67 -35.31 -2.79
CA LEU M 49 28.67 -35.30 -2.79
C LEU M 49 29.78 -35.15 -3.82
C LEU M 49 29.79 -35.15 -3.81
N PHE M 50 29.94 -33.97 -4.38
CA PHE M 50 31.00 -33.68 -5.39
C PHE M 50 32.38 -33.90 -4.74
N LEU M 51 32.61 -33.37 -3.54
CA LEU M 51 33.93 -33.51 -2.88
C LEU M 51 34.21 -34.98 -2.58
N GLN M 52 33.21 -35.75 -2.15
CA GLN M 52 33.41 -37.19 -1.89
C GLN M 52 33.84 -37.86 -3.20
N ALA M 53 33.22 -37.52 -4.31
CA ALA M 53 33.51 -38.14 -5.62
C ALA M 53 34.94 -37.76 -6.05
N GLN M 54 35.37 -36.54 -5.79
CA GLN M 54 36.76 -36.11 -6.15
C GLN M 54 37.78 -36.87 -5.33
N ASP M 55 37.52 -37.08 -4.04
CA ASP M 55 38.48 -37.76 -3.13
C ASP M 55 37.71 -38.24 -1.90
N SER M 56 37.57 -39.54 -1.75
CA SER M 56 36.75 -40.13 -0.66
C SER M 56 37.53 -40.13 0.67
N GLU M 57 38.81 -39.78 0.69
CA GLU M 57 39.64 -39.93 1.92
C GLU M 57 39.98 -38.57 2.53
N LYS M 58 40.13 -37.51 1.74
CA LYS M 58 40.63 -36.22 2.23
C LYS M 58 39.51 -35.49 3.01
N ASP M 59 39.88 -34.85 4.09
CA ASP M 59 38.93 -34.05 4.91
C ASP M 59 38.26 -32.99 4.03
N ILE M 60 37.04 -32.63 4.46
CA ILE M 60 36.27 -31.47 3.98
C ILE M 60 36.18 -30.49 5.15
N TYR M 61 36.14 -29.21 4.85
CA TYR M 61 36.06 -28.14 5.87
C TYR M 61 34.74 -27.38 5.66
N LEU M 62 33.84 -27.45 6.63
CA LEU M 62 32.57 -26.69 6.57
C LEU M 62 32.65 -25.50 7.50
N TYR M 63 32.73 -24.30 6.93
CA TYR M 63 32.69 -23.02 7.66
C TYR M 63 31.23 -22.71 7.98
N ILE M 64 30.97 -22.35 9.22
CA ILE M 64 29.59 -22.03 9.67
C ILE M 64 29.55 -20.63 10.26
N ASN M 65 28.81 -19.77 9.59
CA ASN M 65 28.37 -18.45 10.11
C ASN M 65 26.88 -18.34 9.75
N SER M 66 26.02 -18.80 10.63
CA SER M 66 24.60 -18.99 10.27
C SER M 66 23.74 -18.75 11.49
N PRO M 67 22.59 -18.06 11.29
CA PRO M 67 21.58 -17.93 12.36
C PRO M 67 20.64 -19.14 12.44
N GLY M 68 20.87 -20.14 11.62
CA GLY M 68 20.02 -21.35 11.55
C GLY M 68 18.97 -21.17 10.47
N GLY M 69 17.83 -21.81 10.66
CA GLY M 69 16.77 -21.85 9.65
C GLY M 69 16.04 -23.15 9.71
N SER M 70 15.70 -23.67 8.54
CA SER M 70 14.79 -24.81 8.41
C SER M 70 15.42 -26.05 9.04
N VAL M 71 14.68 -26.72 9.91
CA VAL M 71 15.16 -27.98 10.54
C VAL M 71 15.28 -29.07 9.47
N THR M 72 14.32 -29.21 8.56
CA THR M 72 14.41 -30.28 7.54
C THR M 72 15.57 -29.99 6.59
N ALA M 73 15.80 -28.72 6.22
CA ALA M 73 16.93 -28.36 5.37
C ALA M 73 18.23 -28.69 6.13
N GLY M 74 18.28 -28.37 7.42
CA GLY M 74 19.45 -28.71 8.26
C GLY M 74 19.67 -30.21 8.28
N PHE M 75 18.62 -31.00 8.36
CA PHE M 75 18.79 -32.48 8.38
C PHE M 75 19.23 -33.02 7.03
N ALA M 76 18.90 -32.34 5.92
CA ALA M 76 19.46 -32.74 4.61
C ALA M 76 20.99 -32.64 4.68
N ILE M 77 21.51 -31.55 5.24
CA ILE M 77 22.97 -31.35 5.37
C ILE M 77 23.51 -32.39 6.38
N TYR M 78 22.90 -32.50 7.55
CA TYR M 78 23.36 -33.40 8.63
C TYR M 78 23.51 -34.82 8.09
N ASP M 79 22.48 -35.35 7.42
CA ASP M 79 22.50 -36.75 6.99
C ASP M 79 23.53 -36.93 5.88
N THR M 80 23.71 -35.93 5.03
CA THR M 80 24.72 -36.05 3.95
C THR M 80 26.12 -36.08 4.59
N ILE M 81 26.39 -35.23 5.57
CA ILE M 81 27.68 -35.28 6.32
C ILE M 81 27.89 -36.70 6.85
N GLN M 82 26.90 -37.28 7.52
CA GLN M 82 27.12 -38.60 8.16
C GLN M 82 27.25 -39.69 7.08
N HIS M 83 26.61 -39.53 5.93
CA HIS M 83 26.57 -40.55 4.88
C HIS M 83 27.94 -40.67 4.21
N ILE M 84 28.58 -39.55 3.89
CA ILE M 84 29.77 -39.58 3.00
C ILE M 84 30.98 -40.13 3.77
N LYS M 85 31.99 -40.59 3.04
CA LYS M 85 33.19 -41.22 3.65
C LYS M 85 34.14 -40.18 4.26
N PRO M 86 34.48 -39.05 3.61
CA PRO M 86 35.40 -38.09 4.20
C PRO M 86 34.90 -37.52 5.52
N ASP M 87 35.81 -37.29 6.45
CA ASP M 87 35.53 -36.49 7.66
C ASP M 87 35.17 -35.06 7.23
N VAL M 88 34.12 -34.50 7.86
CA VAL M 88 33.77 -33.08 7.66
C VAL M 88 34.11 -32.33 8.92
N GLN M 89 35.13 -31.48 8.85
CA GLN M 89 35.49 -30.59 9.97
C GLN M 89 34.45 -29.47 9.97
N THR M 90 34.08 -29.00 11.14
CA THR M 90 33.20 -27.81 11.24
C THR M 90 33.96 -26.70 11.96
N ILE M 91 33.81 -25.49 11.47
CA ILE M 91 34.49 -24.31 12.06
C ILE M 91 33.46 -23.19 12.17
N CYS M 92 33.15 -22.80 13.38
CA CYS M 92 32.24 -21.66 13.65
C CYS M 92 33.04 -20.36 13.65
N ILE M 93 32.66 -19.43 12.79
CA ILE M 93 33.20 -18.06 12.72
C ILE M 93 32.00 -17.12 12.74
N GLY M 94 32.00 -16.13 13.62
CA GLY M 94 30.88 -15.18 13.74
C GLY M 94 29.83 -15.75 14.67
N MET M 95 28.92 -16.59 14.14
CA MET M 95 27.80 -17.13 14.94
C MET M 95 27.35 -18.47 14.37
N ALA M 96 26.99 -19.39 15.24
CA ALA M 96 26.22 -20.60 14.84
C ALA M 96 25.04 -20.62 15.80
N ALA M 97 23.85 -20.37 15.31
CA ALA M 97 22.65 -20.37 16.16
C ALA M 97 21.67 -21.42 15.66
N SER M 98 20.93 -21.99 16.59
CA SER M 98 19.80 -22.88 16.31
C SER M 98 20.28 -24.03 15.41
N MET M 99 19.69 -24.24 14.23
CA MET M 99 20.11 -25.37 13.41
C MET M 99 21.59 -25.20 12.99
N GLY M 100 22.12 -23.99 12.98
CA GLY M 100 23.55 -23.75 12.69
C GLY M 100 24.43 -24.37 13.78
N SER M 101 24.05 -24.25 15.05
CA SER M 101 24.83 -24.86 16.15
C SER M 101 24.66 -26.38 16.11
N PHE M 102 23.53 -26.88 15.66
CA PHE M 102 23.31 -28.33 15.51
C PHE M 102 24.31 -28.85 14.46
N LEU M 103 24.46 -28.16 13.34
CA LEU M 103 25.39 -28.63 12.29
C LEU M 103 26.84 -28.47 12.79
N LEU M 104 27.15 -27.44 13.57
CA LEU M 104 28.51 -27.31 14.13
C LEU M 104 28.84 -28.57 14.95
N ALA M 105 27.90 -29.02 15.78
CA ALA M 105 28.06 -30.19 16.67
C ALA M 105 28.13 -31.48 15.85
N ALA M 106 27.76 -31.46 14.56
CA ALA M 106 27.64 -32.65 13.71
C ALA M 106 28.95 -32.98 12.99
N GLY M 107 29.96 -32.13 13.13
CA GLY M 107 31.26 -32.35 12.49
C GLY M 107 31.94 -33.60 13.03
N ALA M 108 32.96 -34.06 12.31
CA ALA M 108 33.75 -35.23 12.71
C ALA M 108 34.27 -35.06 14.14
N LYS M 109 34.18 -36.12 14.93
CA LYS M 109 34.61 -36.09 16.35
C LYS M 109 36.10 -35.70 16.39
N GLY M 110 36.42 -34.69 17.19
CA GLY M 110 37.77 -34.13 17.31
C GLY M 110 38.07 -33.03 16.32
N LYS M 111 37.16 -32.76 15.37
CA LYS M 111 37.42 -31.78 14.29
C LYS M 111 36.26 -30.76 14.23
N ARG M 112 35.70 -30.43 15.38
CA ARG M 112 34.71 -29.35 15.52
C ARG M 112 35.38 -28.20 16.24
N PHE M 113 35.39 -27.03 15.62
CA PHE M 113 36.15 -25.87 16.12
C PHE M 113 35.28 -24.63 16.16
N ALA M 114 35.68 -23.67 16.97
CA ALA M 114 35.19 -22.28 16.88
C ALA M 114 36.37 -21.34 17.05
N LEU M 115 36.33 -20.19 16.40
CA LEU M 115 37.31 -19.12 16.68
C LEU M 115 36.88 -18.41 17.95
N PRO M 116 37.82 -17.75 18.66
CA PRO M 116 37.62 -17.38 20.06
C PRO M 116 36.42 -16.47 20.35
N ASN M 117 36.06 -15.59 19.42
CA ASN M 117 34.98 -14.61 19.61
C ASN M 117 33.71 -15.05 18.91
N ALA M 118 33.67 -16.26 18.38
CA ALA M 118 32.45 -16.80 17.75
C ALA M 118 31.40 -17.06 18.84
N GLU M 119 30.14 -16.85 18.46
CA GLU M 119 28.97 -17.01 19.36
C GLU M 119 28.22 -18.27 18.96
N VAL M 120 27.81 -19.07 19.93
CA VAL M 120 27.02 -20.29 19.67
C VAL M 120 25.72 -20.09 20.44
N MET M 121 24.58 -20.33 19.82
CA MET M 121 23.31 -20.20 20.56
C MET M 121 22.50 -21.47 20.31
N ILE M 122 21.92 -22.03 21.37
CA ILE M 122 21.04 -23.22 21.27
C ILE M 122 19.68 -22.83 21.81
N HIS M 123 18.62 -23.37 21.22
CA HIS M 123 17.25 -23.10 21.69
C HIS M 123 16.32 -24.14 21.09
N GLN M 124 15.11 -24.17 21.53
CA GLN M 124 14.14 -25.15 20.98
C GLN M 124 13.65 -24.68 19.61
N PRO M 125 13.15 -25.62 18.80
CA PRO M 125 12.63 -25.28 17.49
C PRO M 125 11.39 -24.39 17.55
N LEU M 126 11.22 -23.56 16.52
CA LEU M 126 10.11 -22.60 16.35
C LEU M 126 9.19 -23.08 15.24
N GLY M 127 7.91 -22.77 15.35
CA GLY M 127 6.98 -23.07 14.25
C GLY M 127 5.63 -22.46 14.48
N GLY M 128 4.64 -23.01 13.85
CA GLY M 128 3.31 -22.38 13.91
C GLY M 128 2.27 -23.35 13.42
N ALA M 129 1.04 -23.08 13.75
CA ALA M 129 -0.09 -23.93 13.36
C ALA M 129 -1.33 -23.05 13.39
N GLN M 130 -2.20 -23.20 12.40
CA GLN M 130 -3.45 -22.43 12.38
C GLN M 130 -4.50 -23.41 11.84
N GLY M 131 -5.69 -23.36 12.41
CA GLY M 131 -6.77 -24.17 11.85
C GLY M 131 -7.59 -24.81 12.91
N GLN M 132 -8.11 -25.99 12.59
CA GLN M 132 -8.97 -26.75 13.52
C GLN M 132 -8.13 -27.27 14.69
N ALA M 133 -8.80 -27.50 15.82
CA ALA M 133 -8.12 -28.09 17.01
C ALA M 133 -7.33 -29.32 16.60
N THR M 134 -7.89 -30.25 15.78
CA THR M 134 -7.16 -31.50 15.45
C THR M 134 -5.94 -31.18 14.58
N GLU M 135 -5.99 -30.15 13.75
CA GLU M 135 -4.83 -29.73 12.90
C GLU M 135 -3.74 -29.16 13.81
N ILE M 136 -4.12 -28.36 14.79
CA ILE M 136 -3.16 -27.78 15.76
C ILE M 136 -2.51 -28.94 16.54
N GLU M 137 -3.28 -29.93 16.94
CA GLU M 137 -2.75 -31.11 17.67
C GLU M 137 -1.69 -31.81 16.81
N ILE M 138 -2.00 -32.06 15.53
CA ILE M 138 -1.01 -32.70 14.62
C ILE M 138 0.25 -31.86 14.53
N ALA M 139 0.14 -30.56 14.36
CA ALA M 139 1.31 -29.66 14.23
C ALA M 139 2.12 -29.69 15.54
N ALA M 140 1.45 -29.64 16.69
CA ALA M 140 2.12 -29.67 18.00
C ALA M 140 2.87 -30.98 18.16
N ASN M 141 2.21 -32.09 17.88
CA ASN M 141 2.85 -33.43 17.99
C ASN M 141 4.08 -33.49 17.11
N HIS M 142 3.99 -32.94 15.90
CA HIS M 142 5.11 -32.97 14.93
C HIS M 142 6.29 -32.16 15.47
N ILE M 143 6.04 -30.94 15.96
CA ILE M 143 7.20 -30.11 16.40
C ILE M 143 7.76 -30.70 17.69
N LEU M 144 6.96 -31.31 18.55
CA LEU M 144 7.49 -31.95 19.78
C LEU M 144 8.34 -33.16 19.41
N LYS M 145 7.93 -33.95 18.43
CA LYS M 145 8.72 -35.12 17.96
C LYS M 145 10.00 -34.62 17.32
N THR M 146 9.96 -33.53 16.57
CA THR M 146 11.16 -32.93 15.96
C THR M 146 12.13 -32.49 17.07
N ARG M 147 11.63 -31.86 18.10
CA ARG M 147 12.50 -31.45 19.24
C ARG M 147 13.13 -32.68 19.88
N GLU M 148 12.36 -33.76 20.09
CA GLU M 148 12.91 -35.01 20.67
C GLU M 148 14.04 -35.53 19.81
N LYS M 149 13.87 -35.51 18.49
CA LYS M 149 14.87 -36.03 17.53
C LYS M 149 16.15 -35.19 17.62
N LEU M 150 16.01 -33.86 17.61
CA LEU M 150 17.15 -32.93 17.71
C LEU M 150 17.89 -33.19 19.04
N ASN M 151 17.14 -33.29 20.13
CA ASN M 151 17.76 -33.40 21.47
C ASN M 151 18.48 -34.74 21.60
N ARG M 152 17.91 -35.81 21.04
N ARG M 152 17.93 -35.82 21.03
CA ARG M 152 18.55 -37.15 21.11
CA ARG M 152 18.52 -37.17 21.07
C ARG M 152 19.90 -37.09 20.38
C ARG M 152 19.88 -37.10 20.38
N ILE M 153 19.91 -36.51 19.18
CA ILE M 153 21.18 -36.44 18.43
C ILE M 153 22.14 -35.52 19.15
N LEU M 154 21.68 -34.38 19.65
CA LEU M 154 22.60 -33.45 20.33
C LEU M 154 23.18 -34.12 21.60
N SER M 155 22.38 -34.94 22.29
CA SER M 155 22.86 -35.73 23.46
C SER M 155 24.00 -36.66 23.02
N GLU M 156 23.82 -37.36 21.92
CA GLU M 156 24.84 -38.28 21.37
C GLU M 156 26.11 -37.52 20.99
N ARG M 157 25.98 -36.33 20.39
N ARG M 157 25.98 -36.33 20.38
CA ARG M 157 27.13 -35.58 19.82
CA ARG M 157 27.14 -35.60 19.81
C ARG M 157 27.87 -34.82 20.93
C ARG M 157 27.88 -34.83 20.93
N THR M 158 27.22 -34.47 22.04
CA THR M 158 27.81 -33.60 23.09
C THR M 158 28.22 -34.41 24.32
N GLY M 159 27.57 -35.56 24.56
CA GLY M 159 27.71 -36.33 25.80
C GLY M 159 26.84 -35.81 26.94
N GLN M 160 26.01 -34.78 26.71
CA GLN M 160 25.07 -34.28 27.74
C GLN M 160 23.83 -35.14 27.72
N SER M 161 23.14 -35.24 28.84
CA SER M 161 21.87 -35.99 28.92
C SER M 161 20.79 -35.25 28.10
N ILE M 162 19.80 -36.02 27.63
CA ILE M 162 18.59 -35.43 27.00
C ILE M 162 17.92 -34.47 27.97
N GLU M 163 17.83 -34.82 29.25
CA GLU M 163 17.16 -33.95 30.27
C GLU M 163 17.88 -32.61 30.34
N LYS M 164 19.21 -32.61 30.36
CA LYS M 164 20.00 -31.36 30.45
C LYS M 164 19.81 -30.53 29.16
N ILE M 165 19.87 -31.18 27.99
CA ILE M 165 19.66 -30.46 26.70
C ILE M 165 18.26 -29.81 26.69
N GLN M 166 17.25 -30.53 27.13
CA GLN M 166 15.87 -30.00 27.19
C GLN M 166 15.84 -28.74 28.06
N LYS M 167 16.42 -28.79 29.26
CA LYS M 167 16.42 -27.63 30.17
C LYS M 167 17.22 -26.49 29.54
N ASP M 168 18.36 -26.79 28.95
CA ASP M 168 19.31 -25.76 28.47
C ASP M 168 18.82 -25.10 27.16
N THR M 169 17.82 -25.69 26.51
CA THR M 169 17.30 -25.15 25.22
C THR M 169 15.89 -24.56 25.41
N ASP M 170 15.38 -24.54 26.64
CA ASP M 170 14.01 -24.02 26.90
C ASP M 170 13.89 -22.59 26.38
N ARG M 171 14.90 -21.76 26.59
CA ARG M 171 14.98 -20.39 26.07
C ARG M 171 16.30 -20.22 25.34
N ASP M 172 16.46 -19.09 24.68
CA ASP M 172 17.73 -18.79 23.97
C ASP M 172 18.88 -18.89 24.97
N ASN M 173 19.88 -19.66 24.60
CA ASN M 173 21.04 -19.93 25.47
C ASN M 173 22.30 -19.61 24.68
N PHE M 174 22.93 -18.49 24.97
CA PHE M 174 24.13 -18.00 24.27
C PHE M 174 25.37 -18.53 24.96
N LEU M 175 26.28 -19.10 24.20
CA LEU M 175 27.54 -19.67 24.72
C LEU M 175 28.71 -18.97 24.02
N THR M 176 29.76 -18.72 24.79
CA THR M 176 31.06 -18.36 24.20
C THR M 176 31.66 -19.60 23.54
N ALA M 177 32.71 -19.43 22.75
CA ALA M 177 33.42 -20.55 22.13
C ALA M 177 33.93 -21.50 23.24
N GLU M 178 34.51 -20.95 24.32
CA GLU M 178 35.02 -21.79 25.41
C GLU M 178 33.86 -22.54 26.10
N GLU M 179 32.72 -21.90 26.31
CA GLU M 179 31.54 -22.58 26.88
C GLU M 179 31.03 -23.67 25.94
N ALA M 180 31.07 -23.44 24.63
CA ALA M 180 30.61 -24.45 23.64
C ALA M 180 31.53 -25.68 23.72
N LYS M 181 32.82 -25.45 23.93
CA LYS M 181 33.78 -26.56 24.11
C LYS M 181 33.46 -27.33 25.38
N GLU M 182 33.25 -26.64 26.49
CA GLU M 182 32.91 -27.26 27.79
C GLU M 182 31.61 -28.07 27.63
N TYR M 183 30.67 -27.56 26.83
CA TYR M 183 29.37 -28.21 26.65
C TYR M 183 29.48 -29.48 25.80
N GLY M 184 30.48 -29.57 24.94
CA GLY M 184 30.66 -30.68 24.00
C GLY M 184 30.09 -30.40 22.62
N LEU M 185 29.74 -29.16 22.31
CA LEU M 185 29.29 -28.78 20.94
C LEU M 185 30.47 -28.67 20.00
N ILE M 186 31.65 -28.31 20.50
CA ILE M 186 32.89 -28.30 19.70
C ILE M 186 33.96 -29.05 20.53
N ASP M 187 35.05 -29.38 19.85
CA ASP M 187 36.20 -30.07 20.49
C ASP M 187 37.28 -29.07 20.90
N GLU M 188 37.49 -28.00 20.16
CA GLU M 188 38.60 -27.06 20.45
C GLU M 188 38.23 -25.65 20.04
N VAL M 189 38.74 -24.69 20.78
CA VAL M 189 38.79 -23.27 20.34
C VAL M 189 40.09 -23.09 19.58
N MET M 190 40.00 -22.67 18.32
CA MET M 190 41.20 -22.43 17.46
C MET M 190 41.80 -21.09 17.89
N VAL M 191 42.84 -21.13 18.72
CA VAL M 191 43.50 -19.91 19.29
C VAL M 191 44.51 -19.40 18.24
N PRO M 192 44.66 -18.05 18.10
CA PRO M 192 45.60 -17.53 17.12
C PRO M 192 47.04 -17.68 17.59
N ILE N 4 30.57 -1.32 -12.53
CA ILE N 4 31.94 -1.68 -12.04
C ILE N 4 32.82 -1.99 -13.24
N PRO N 5 33.89 -1.24 -13.52
CA PRO N 5 34.66 -1.49 -14.74
C PRO N 5 35.49 -2.77 -14.68
N THR N 6 35.90 -3.20 -15.88
CA THR N 6 36.79 -4.36 -16.15
C THR N 6 38.17 -3.85 -16.56
N VAL N 7 39.22 -4.55 -16.12
CA VAL N 7 40.64 -4.28 -16.48
C VAL N 7 41.19 -5.56 -17.13
N TYR N 18 39.45 -8.92 -15.42
CA TYR N 18 39.10 -8.77 -13.99
C TYR N 18 38.12 -7.61 -13.82
N ASP N 19 37.06 -7.72 -13.02
CA ASP N 19 36.42 -6.51 -12.45
C ASP N 19 37.47 -5.78 -11.59
N ILE N 20 37.29 -4.47 -11.35
CA ILE N 20 38.34 -3.66 -10.70
C ILE N 20 38.67 -4.24 -9.30
N TYR N 21 37.67 -4.74 -8.56
CA TYR N 21 37.91 -5.25 -7.20
C TYR N 21 38.74 -6.54 -7.26
N SER N 22 38.46 -7.41 -8.22
CA SER N 22 39.24 -8.67 -8.41
C SER N 22 40.68 -8.32 -8.78
N ARG N 23 40.88 -7.25 -9.55
CA ARG N 23 42.25 -6.82 -9.90
C ARG N 23 42.99 -6.35 -8.64
N LEU N 24 42.32 -5.61 -7.75
CA LEU N 24 42.97 -5.20 -6.48
C LEU N 24 43.27 -6.43 -5.64
N LEU N 25 42.40 -7.43 -5.61
CA LEU N 25 42.61 -8.63 -4.77
C LEU N 25 43.89 -9.35 -5.25
N LYS N 26 44.16 -9.31 -6.54
CA LYS N 26 45.41 -9.91 -7.10
C LYS N 26 46.63 -9.26 -6.44
N ASP N 27 46.53 -7.99 -6.03
CA ASP N 27 47.61 -7.27 -5.33
C ASP N 27 47.38 -7.25 -3.80
N ARG N 28 46.58 -8.17 -3.28
CA ARG N 28 46.38 -8.45 -1.84
C ARG N 28 45.66 -7.28 -1.18
N ILE N 29 44.81 -6.60 -1.92
CA ILE N 29 43.95 -5.51 -1.38
C ILE N 29 42.51 -6.02 -1.31
N ILE N 30 41.91 -5.91 -0.14
CA ILE N 30 40.51 -6.31 0.13
C ILE N 30 39.75 -5.02 0.42
N MET N 31 38.58 -4.85 -0.21
CA MET N 31 37.77 -3.62 -0.05
C MET N 31 36.57 -3.97 0.87
N LEU N 32 36.53 -3.37 2.06
CA LEU N 32 35.34 -3.41 2.94
C LEU N 32 34.68 -2.05 2.76
N GLY N 33 33.72 -1.95 1.82
CA GLY N 33 33.19 -0.68 1.34
C GLY N 33 31.67 -0.59 1.49
N SER N 34 31.11 -1.37 2.42
CA SER N 34 29.64 -1.37 2.62
C SER N 34 29.32 -1.63 4.07
N GLN N 35 28.02 -1.66 4.38
CA GLN N 35 27.54 -2.18 5.67
C GLN N 35 28.06 -3.60 5.85
N ILE N 36 28.38 -3.96 7.09
CA ILE N 36 28.86 -5.33 7.41
C ILE N 36 27.64 -6.21 7.70
N ASP N 37 27.41 -7.18 6.84
CA ASP N 37 26.42 -8.24 7.08
C ASP N 37 27.09 -9.58 6.84
N ASP N 38 26.36 -10.66 7.01
CA ASP N 38 26.96 -12.02 6.92
C ASP N 38 27.53 -12.20 5.51
N ASN N 39 26.88 -11.71 4.46
CA ASN N 39 27.38 -11.90 3.08
C ASN N 39 28.74 -11.22 2.90
N VAL N 40 28.86 -9.97 3.36
CA VAL N 40 30.12 -9.19 3.30
C VAL N 40 31.18 -9.94 4.11
N ALA N 41 30.85 -10.38 5.32
CA ALA N 41 31.82 -11.07 6.18
C ALA N 41 32.29 -12.37 5.51
N ASN N 42 31.37 -13.13 4.92
CA ASN N 42 31.72 -14.42 4.27
C ASN N 42 32.71 -14.13 3.14
N SER N 43 32.48 -13.09 2.37
CA SER N 43 33.35 -12.73 1.24
C SER N 43 34.73 -12.32 1.77
N ILE N 44 34.78 -11.45 2.77
CA ILE N 44 36.08 -10.95 3.30
C ILE N 44 36.83 -12.11 3.96
N VAL N 45 36.18 -12.95 4.74
CA VAL N 45 36.84 -14.14 5.33
C VAL N 45 37.43 -15.01 4.22
N SER N 46 36.67 -15.25 3.15
CA SER N 46 37.14 -16.09 2.02
C SER N 46 38.37 -15.46 1.38
N GLN N 47 38.36 -14.16 1.19
CA GLN N 47 39.49 -13.42 0.60
C GLN N 47 40.71 -13.52 1.50
N LEU N 48 40.55 -13.36 2.80
CA LEU N 48 41.69 -13.47 3.76
C LEU N 48 42.30 -14.88 3.69
N LEU N 49 41.46 -15.91 3.71
N LEU N 49 41.48 -15.92 3.74
CA LEU N 49 41.95 -17.31 3.69
CA LEU N 49 41.96 -17.33 3.67
C LEU N 49 42.68 -17.57 2.36
C LEU N 49 42.69 -17.58 2.35
N PHE N 50 42.11 -17.09 1.26
CA PHE N 50 42.72 -17.24 -0.08
C PHE N 50 44.10 -16.56 -0.12
N LEU N 51 44.18 -15.32 0.37
CA LEU N 51 45.46 -14.57 0.33
C LEU N 51 46.49 -15.27 1.21
N GLN N 52 46.11 -15.82 2.35
CA GLN N 52 47.07 -16.54 3.23
C GLN N 52 47.61 -17.75 2.44
N ALA N 53 46.75 -18.46 1.72
CA ALA N 53 47.14 -19.66 0.97
C ALA N 53 48.10 -19.25 -0.16
N GLN N 54 47.86 -18.12 -0.83
CA GLN N 54 48.75 -17.67 -1.92
C GLN N 54 50.12 -17.31 -1.37
N ASP N 55 50.18 -16.66 -0.21
CA ASP N 55 51.46 -16.21 0.38
C ASP N 55 51.23 -15.93 1.85
N SER N 56 51.82 -16.76 2.72
CA SER N 56 51.59 -16.66 4.18
C SER N 56 52.41 -15.52 4.79
N GLU N 57 53.32 -14.88 4.06
CA GLU N 57 54.27 -13.90 4.64
C GLU N 57 53.93 -12.47 4.21
N LYS N 58 53.39 -12.26 3.01
CA LYS N 58 53.23 -10.90 2.44
C LYS N 58 52.01 -10.24 3.10
N ASP N 59 52.15 -8.96 3.37
CA ASP N 59 51.03 -8.18 3.99
C ASP N 59 49.80 -8.23 3.08
N ILE N 60 48.65 -8.07 3.75
CA ILE N 60 47.32 -7.85 3.13
C ILE N 60 46.91 -6.44 3.49
N TYR N 61 46.15 -5.78 2.61
CA TYR N 61 45.70 -4.39 2.83
C TYR N 61 44.17 -4.40 2.86
N LEU N 62 43.58 -4.07 4.00
CA LEU N 62 42.10 -3.98 4.13
C LEU N 62 41.68 -2.52 4.16
N TYR N 63 41.03 -2.08 3.08
CA TYR N 63 40.45 -0.74 2.92
C TYR N 63 39.10 -0.75 3.64
N ILE N 64 38.87 0.26 4.45
CA ILE N 64 37.61 0.33 5.24
C ILE N 64 36.93 1.67 4.95
N ASN N 65 35.76 1.57 4.35
CA ASN N 65 34.80 2.68 4.25
C ASN N 65 33.43 2.06 4.56
N SER N 66 33.05 2.08 5.82
CA SER N 66 31.89 1.28 6.28
C SER N 66 31.19 2.00 7.42
N PRO N 67 29.85 2.00 7.43
CA PRO N 67 29.08 2.49 8.56
C PRO N 67 28.92 1.44 9.67
N GLY N 68 29.50 0.28 9.51
CA GLY N 68 29.42 -0.84 10.46
C GLY N 68 28.32 -1.78 10.10
N GLY N 69 27.73 -2.44 11.09
CA GLY N 69 26.69 -3.44 10.83
C GLY N 69 26.75 -4.53 11.88
N SER N 70 26.57 -5.76 11.46
CA SER N 70 26.36 -6.89 12.36
C SER N 70 27.61 -7.11 13.22
N VAL N 71 27.47 -7.19 14.53
CA VAL N 71 28.60 -7.48 15.45
C VAL N 71 29.13 -8.88 15.19
N THR N 72 28.28 -9.89 15.05
CA THR N 72 28.78 -11.28 14.81
C THR N 72 29.47 -11.36 13.46
N ALA N 73 28.95 -10.69 12.43
CA ALA N 73 29.60 -10.66 11.10
C ALA N 73 30.97 -9.97 11.25
N GLY N 74 31.03 -8.88 12.00
CA GLY N 74 32.29 -8.19 12.27
C GLY N 74 33.27 -9.11 13.00
N PHE N 75 32.79 -9.93 13.93
CA PHE N 75 33.69 -10.85 14.66
C PHE N 75 34.16 -11.99 13.76
N ALA N 76 33.40 -12.37 12.75
CA ALA N 76 33.88 -13.36 11.76
C ALA N 76 35.14 -12.78 11.09
N ILE N 77 35.09 -11.51 10.70
CA ILE N 77 36.25 -10.85 10.04
C ILE N 77 37.39 -10.71 11.07
N TYR N 78 37.08 -10.18 12.26
CA TYR N 78 38.09 -9.92 13.31
C TYR N 78 38.87 -11.21 13.58
N ASP N 79 38.17 -12.31 13.85
CA ASP N 79 38.86 -13.54 14.28
C ASP N 79 39.66 -14.10 13.11
N THR N 80 39.18 -13.96 11.87
CA THR N 80 39.94 -14.45 10.72
C THR N 80 41.23 -13.63 10.57
N ILE N 81 41.15 -12.31 10.73
CA ILE N 81 42.36 -11.45 10.71
C ILE N 81 43.37 -11.99 11.73
N GLN N 82 42.94 -12.22 12.96
CA GLN N 82 43.90 -12.61 14.03
C GLN N 82 44.42 -14.02 13.75
N HIS N 83 43.63 -14.88 13.12
CA HIS N 83 43.97 -16.30 12.91
C HIS N 83 45.10 -16.42 11.88
N ILE N 84 45.01 -15.69 10.78
CA ILE N 84 45.91 -15.93 9.62
C ILE N 84 47.33 -15.42 9.93
N LYS N 85 48.30 -15.92 9.19
CA LYS N 85 49.73 -15.57 9.41
C LYS N 85 50.08 -14.17 8.90
N PRO N 86 49.68 -13.74 7.69
CA PRO N 86 50.05 -12.43 7.20
C PRO N 86 49.53 -11.29 8.07
N ASP N 87 50.31 -10.23 8.21
CA ASP N 87 49.83 -8.97 8.78
C ASP N 87 48.71 -8.40 7.87
N VAL N 88 47.64 -7.90 8.49
CA VAL N 88 46.56 -7.20 7.75
C VAL N 88 46.64 -5.74 8.10
N GLN N 89 47.06 -4.92 7.15
CA GLN N 89 47.07 -3.46 7.31
C GLN N 89 45.61 -2.99 7.18
N THR N 90 45.22 -2.00 7.96
CA THR N 90 43.87 -1.40 7.81
C THR N 90 44.05 0.05 7.41
N ILE N 91 43.22 0.51 6.49
CA ILE N 91 43.27 1.90 6.01
C ILE N 91 41.84 2.42 5.97
N CYS N 92 41.54 3.40 6.79
CA CYS N 92 40.23 4.08 6.80
C CYS N 92 40.24 5.19 5.75
N ILE N 93 39.29 5.12 4.81
CA ILE N 93 39.06 6.16 3.78
C ILE N 93 37.56 6.46 3.83
N GLY N 94 37.17 7.71 3.92
CA GLY N 94 35.76 8.11 4.05
C GLY N 94 35.31 8.02 5.50
N MET N 95 34.88 6.84 5.94
N MET N 95 34.86 6.86 5.94
CA MET N 95 34.33 6.68 7.30
CA MET N 95 34.28 6.69 7.29
C MET N 95 34.54 5.24 7.78
C MET N 95 34.52 5.26 7.78
N ALA N 96 34.84 5.09 9.06
CA ALA N 96 34.75 3.79 9.73
C ALA N 96 33.91 4.04 10.96
N ALA N 97 32.69 3.53 10.98
CA ALA N 97 31.80 3.72 12.13
C ALA N 97 31.44 2.39 12.74
N SER N 98 31.23 2.41 14.05
CA SER N 98 30.68 1.27 14.79
C SER N 98 31.56 0.05 14.53
N MET N 99 31.02 -1.07 14.07
CA MET N 99 31.84 -2.27 13.85
C MET N 99 32.95 -1.98 12.82
N GLY N 100 32.77 -1.01 11.93
CA GLY N 100 33.82 -0.58 10.99
C GLY N 100 35.03 -0.01 11.73
N SER N 101 34.82 0.78 12.75
CA SER N 101 35.96 1.36 13.55
C SER N 101 36.60 0.24 14.38
N PHE N 102 35.81 -0.74 14.82
CA PHE N 102 36.34 -1.90 15.56
C PHE N 102 37.32 -2.64 14.63
N LEU N 103 36.93 -2.88 13.37
CA LEU N 103 37.81 -3.61 12.45
C LEU N 103 39.01 -2.75 12.09
N LEU N 104 38.87 -1.44 11.99
CA LEU N 104 40.05 -0.57 11.73
C LEU N 104 41.08 -0.80 12.84
N ALA N 105 40.64 -0.82 14.09
CA ALA N 105 41.52 -0.99 15.28
C ALA N 105 42.12 -2.39 15.32
N ALA N 106 41.59 -3.35 14.54
CA ALA N 106 41.98 -4.77 14.56
C ALA N 106 43.16 -5.06 13.61
N GLY N 107 43.61 -4.08 12.84
CA GLY N 107 44.73 -4.26 11.93
C GLY N 107 46.02 -4.55 12.69
N ALA N 108 47.03 -5.02 11.98
CA ALA N 108 48.37 -5.30 12.56
C ALA N 108 48.89 -4.06 13.26
N LYS N 109 49.42 -4.24 14.49
CA LYS N 109 49.94 -3.10 15.26
C LYS N 109 51.08 -2.43 14.46
N GLY N 110 50.97 -1.12 14.33
CA GLY N 110 51.85 -0.26 13.54
C GLY N 110 51.40 -0.12 12.10
N LYS N 111 50.37 -0.83 11.66
CA LYS N 111 49.92 -0.82 10.25
C LYS N 111 48.42 -0.49 10.17
N ARG N 112 47.94 0.33 11.09
CA ARG N 112 46.55 0.84 11.06
C ARG N 112 46.63 2.32 10.69
N PHE N 113 45.94 2.72 9.63
CA PHE N 113 46.06 4.05 9.04
C PHE N 113 44.68 4.67 8.81
N ALA N 114 44.66 5.98 8.70
CA ALA N 114 43.50 6.70 8.14
C ALA N 114 44.05 7.80 7.24
N LEU N 115 43.32 8.14 6.17
CA LEU N 115 43.65 9.32 5.35
C LEU N 115 43.12 10.54 6.09
N PRO N 116 43.67 11.74 5.80
CA PRO N 116 43.53 12.88 6.68
C PRO N 116 42.09 13.34 7.01
N ASN N 117 41.20 13.19 6.03
CA ASN N 117 39.82 13.70 6.15
C ASN N 117 38.86 12.56 6.46
N ALA N 118 39.36 11.36 6.71
CA ALA N 118 38.51 10.21 7.07
C ALA N 118 37.92 10.44 8.47
N GLU N 119 36.72 9.93 8.67
N GLU N 119 36.73 9.91 8.68
CA GLU N 119 35.94 10.06 9.92
CA GLU N 119 35.97 10.05 9.94
C GLU N 119 35.90 8.70 10.61
C GLU N 119 35.94 8.68 10.62
N VAL N 120 36.09 8.68 11.94
CA VAL N 120 35.96 7.45 12.73
C VAL N 120 34.85 7.71 13.75
N MET N 121 33.94 6.78 13.93
CA MET N 121 32.88 6.98 14.95
C MET N 121 32.81 5.72 15.78
N ILE N 122 32.74 5.89 17.10
CA ILE N 122 32.60 4.75 18.04
C ILE N 122 31.33 4.97 18.83
N HIS N 123 30.64 3.89 19.15
CA HIS N 123 29.38 3.97 19.95
C HIS N 123 29.07 2.57 20.47
N GLN N 124 28.11 2.50 21.35
CA GLN N 124 27.72 1.19 21.90
C GLN N 124 26.87 0.43 20.88
N PRO N 125 26.81 -0.90 21.03
CA PRO N 125 26.00 -1.72 20.14
C PRO N 125 24.50 -1.44 20.27
N LEU N 126 23.82 -1.64 19.14
CA LEU N 126 22.35 -1.44 18.99
C LEU N 126 21.68 -2.81 18.86
N GLY N 127 20.46 -2.91 19.36
CA GLY N 127 19.69 -4.15 19.17
C GLY N 127 18.26 -3.97 19.59
N GLY N 128 17.60 -5.09 19.84
CA GLY N 128 16.18 -5.03 20.16
C GLY N 128 15.79 -6.26 20.93
N ALA N 129 14.61 -6.22 21.51
CA ALA N 129 14.09 -7.38 22.25
C ALA N 129 12.57 -7.20 22.32
N GLN N 130 11.81 -8.27 22.15
CA GLN N 130 10.35 -8.21 22.23
C GLN N 130 9.94 -9.51 22.89
N GLY N 131 8.90 -9.48 23.72
CA GLY N 131 8.29 -10.72 24.19
C GLY N 131 8.06 -10.68 25.69
N GLN N 132 8.21 -11.83 26.31
CA GLN N 132 8.01 -11.98 27.76
C GLN N 132 9.14 -11.27 28.51
N ALA N 133 8.87 -10.83 29.73
CA ALA N 133 9.90 -10.23 30.61
C ALA N 133 11.17 -11.10 30.61
N THR N 134 11.08 -12.42 30.77
CA THR N 134 12.28 -13.28 30.85
C THR N 134 13.01 -13.29 29.50
N GLU N 135 12.31 -13.19 28.37
CA GLU N 135 12.95 -13.13 27.03
C GLU N 135 13.67 -11.81 26.88
N ILE N 136 13.08 -10.73 27.34
CA ILE N 136 13.71 -9.38 27.29
C ILE N 136 14.97 -9.43 28.16
N GLU N 137 14.91 -10.05 29.32
CA GLU N 137 16.09 -10.18 30.22
C GLU N 137 17.21 -10.92 29.51
N ILE N 138 16.91 -12.03 28.86
CA ILE N 138 17.94 -12.81 28.11
C ILE N 138 18.56 -11.93 27.02
N ALA N 139 17.74 -11.20 26.26
CA ALA N 139 18.24 -10.33 25.16
C ALA N 139 19.11 -9.22 25.76
N ALA N 140 18.69 -8.61 26.86
CA ALA N 140 19.44 -7.52 27.52
C ALA N 140 20.79 -8.07 27.98
N ASN N 141 20.78 -9.19 28.67
CA ASN N 141 22.03 -9.81 29.18
C ASN N 141 22.97 -10.08 28.00
N HIS N 142 22.44 -10.56 26.89
CA HIS N 142 23.26 -10.90 25.70
C HIS N 142 23.89 -9.62 25.13
N ILE N 143 23.13 -8.54 24.95
CA ILE N 143 23.72 -7.34 24.32
C ILE N 143 24.69 -6.69 25.32
N LEU N 144 24.43 -6.76 26.62
CA LEU N 144 25.37 -6.19 27.64
C LEU N 144 26.68 -7.01 27.61
N LYS N 145 26.61 -8.32 27.51
CA LYS N 145 27.80 -9.18 27.43
C LYS N 145 28.54 -8.90 26.13
N THR N 146 27.82 -8.68 25.02
CA THR N 146 28.46 -8.33 23.74
C THR N 146 29.20 -7.01 23.89
N ARG N 147 28.59 -6.01 24.52
CA ARG N 147 29.28 -4.72 24.73
C ARG N 147 30.55 -4.94 25.59
N GLU N 148 30.48 -5.74 26.64
CA GLU N 148 31.67 -6.01 27.48
C GLU N 148 32.77 -6.64 26.63
N LYS N 149 32.41 -7.55 25.73
CA LYS N 149 33.36 -8.26 24.85
C LYS N 149 34.03 -7.26 23.91
N LEU N 150 33.23 -6.41 23.25
CA LEU N 150 33.76 -5.38 22.34
C LEU N 150 34.69 -4.44 23.11
N ASN N 151 34.28 -4.00 24.30
CA ASN N 151 35.08 -3.01 25.08
C ASN N 151 36.40 -3.65 25.52
N ARG N 152 36.38 -4.91 25.93
N ARG N 152 36.37 -4.91 25.98
CA ARG N 152 37.60 -5.62 26.38
CA ARG N 152 37.58 -5.65 26.42
C ARG N 152 38.59 -5.67 25.21
C ARG N 152 38.58 -5.75 25.24
N ILE N 153 38.12 -6.06 24.03
CA ILE N 153 39.02 -6.15 22.86
C ILE N 153 39.47 -4.75 22.47
N LEU N 154 38.59 -3.77 22.45
CA LEU N 154 39.01 -2.40 22.05
C LEU N 154 40.01 -1.86 23.08
N SER N 155 39.87 -2.20 24.37
CA SER N 155 40.87 -1.84 25.41
C SER N 155 42.23 -2.43 25.05
N GLU N 156 42.26 -3.70 24.67
CA GLU N 156 43.50 -4.41 24.24
C GLU N 156 44.11 -3.73 23.02
N ARG N 157 43.31 -3.34 22.04
N ARG N 157 43.29 -3.36 22.01
CA ARG N 157 43.78 -2.84 20.72
CA ARG N 157 43.77 -2.82 20.70
C ARG N 157 44.23 -1.37 20.83
C ARG N 157 44.21 -1.34 20.82
N THR N 158 43.66 -0.59 21.76
CA THR N 158 43.88 0.87 21.85
C THR N 158 44.81 1.25 23.01
N GLY N 159 44.87 0.41 24.04
CA GLY N 159 45.55 0.75 25.31
C GLY N 159 44.69 1.56 26.26
N GLN N 160 43.42 1.86 25.92
CA GLN N 160 42.54 2.63 26.81
C GLN N 160 41.91 1.68 27.82
N SER N 161 41.55 2.17 29.00
CA SER N 161 40.86 1.32 30.00
C SER N 161 39.45 1.00 29.50
N ILE N 162 38.89 -0.11 29.96
CA ILE N 162 37.47 -0.45 29.69
C ILE N 162 36.58 0.68 30.22
N GLU N 163 36.86 1.27 31.36
CA GLU N 163 36.02 2.34 31.96
C GLU N 163 35.99 3.55 31.02
N LYS N 164 37.12 3.92 30.43
CA LYS N 164 37.18 5.07 29.51
C LYS N 164 36.40 4.72 28.20
N ILE N 165 36.60 3.53 27.68
CA ILE N 165 35.90 3.09 26.44
C ILE N 165 34.38 3.13 26.70
N GLN N 166 33.93 2.63 27.84
CA GLN N 166 32.49 2.62 28.20
C GLN N 166 31.97 4.06 28.18
N LYS N 167 32.65 5.00 28.82
CA LYS N 167 32.19 6.40 28.86
C LYS N 167 32.19 6.99 27.45
N ASP N 168 33.24 6.72 26.69
CA ASP N 168 33.44 7.38 25.37
C ASP N 168 32.50 6.80 24.30
N THR N 169 31.86 5.67 24.55
CA THR N 169 30.96 5.01 23.56
C THR N 169 29.50 5.11 24.02
N ASP N 170 29.22 5.79 25.12
CA ASP N 170 27.83 5.90 25.64
C ASP N 170 26.92 6.49 24.54
N ARG N 171 27.40 7.51 23.82
CA ARG N 171 26.67 8.11 22.69
C ARG N 171 27.59 8.12 21.48
N ASP N 172 27.06 8.49 20.32
CA ASP N 172 27.91 8.56 19.10
C ASP N 172 29.06 9.51 19.38
N ASN N 173 30.26 9.04 19.09
CA ASN N 173 31.48 9.81 19.35
C ASN N 173 32.28 9.86 18.04
N PHE N 174 32.27 11.02 17.39
CA PHE N 174 32.95 11.23 16.10
C PHE N 174 34.37 11.71 16.37
N LEU N 175 35.33 11.06 15.73
CA LEU N 175 36.77 11.42 15.85
C LEU N 175 37.29 11.78 14.46
N THR N 176 38.15 12.79 14.41
CA THR N 176 38.99 13.02 13.22
C THR N 176 40.04 11.92 13.12
N ALA N 177 40.73 11.84 11.99
CA ALA N 177 41.83 10.85 11.82
C ALA N 177 42.89 11.10 12.93
N GLU N 178 43.25 12.36 13.17
CA GLU N 178 44.25 12.68 14.20
C GLU N 178 43.75 12.28 15.60
N GLU N 179 42.47 12.51 15.91
CA GLU N 179 41.90 12.08 17.20
C GLU N 179 41.89 10.54 17.31
N ALA N 180 41.64 9.83 16.21
CA ALA N 180 41.63 8.36 16.19
C ALA N 180 43.05 7.85 16.51
N LYS N 181 44.05 8.53 15.99
CA LYS N 181 45.47 8.21 16.32
C LYS N 181 45.74 8.45 17.81
N GLU N 182 45.35 9.60 18.32
CA GLU N 182 45.55 9.94 19.77
C GLU N 182 44.83 8.88 20.62
N TYR N 183 43.68 8.38 20.16
CA TYR N 183 42.88 7.40 20.92
C TYR N 183 43.53 6.02 20.92
N GLY N 184 44.34 5.70 19.92
CA GLY N 184 44.96 4.38 19.77
C GLY N 184 44.17 3.46 18.83
N LEU N 185 43.18 4.01 18.09
CA LEU N 185 42.44 3.17 17.11
C LEU N 185 43.27 2.98 15.84
N ILE N 186 44.13 3.94 15.51
CA ILE N 186 45.06 3.80 14.37
C ILE N 186 46.47 4.16 14.89
N ASP N 187 47.45 3.85 14.08
CA ASP N 187 48.87 4.15 14.38
C ASP N 187 49.30 5.45 13.70
N GLU N 188 48.81 5.75 12.50
CA GLU N 188 49.35 6.91 11.72
C GLU N 188 48.25 7.48 10.82
N VAL N 189 48.28 8.79 10.66
CA VAL N 189 47.52 9.47 9.60
C VAL N 189 48.41 9.51 8.36
N MET N 190 47.97 8.91 7.25
CA MET N 190 48.76 8.82 6.00
C MET N 190 48.64 10.17 5.30
N VAL N 191 49.62 11.06 5.47
CA VAL N 191 49.57 12.45 4.91
C VAL N 191 50.08 12.39 3.47
N PRO N 192 49.52 13.17 2.53
CA PRO N 192 49.98 13.13 1.14
C PRO N 192 51.35 13.82 0.98
C1 MPD O . 10.45 14.31 31.97
C2 MPD O . 10.41 15.80 32.15
O2 MPD O . 9.72 15.91 33.42
CM MPD O . 11.81 16.38 32.30
C3 MPD O . 9.62 16.50 31.03
C4 MPD O . 10.17 16.33 29.61
O4 MPD O . 10.04 14.98 29.20
C5 MPD O . 9.49 17.13 28.55
CAX UTC P . -8.35 33.26 27.45
CAW UTC P . -8.27 31.86 27.41
CAV UTC P . -7.47 31.19 28.40
CAU UTC P . -6.80 31.93 29.41
CAT UTC P . -6.00 31.26 30.41
CAS UTC P . -5.30 31.99 31.42
CAR UTC P . -5.45 33.39 31.41
CAQ UTC P . -6.26 34.01 30.45
CAP UTC P . -6.97 33.32 29.43
CAY UTC P . -7.71 33.95 28.50
CAZ UTC P . -7.85 35.46 28.42
NBH UTC P . -8.71 35.99 29.53
CBI UTC P . -10.10 35.50 29.54
CBO UTC P . -10.73 35.93 30.81
C UTC P . -8.22 37.05 30.28
O UTC P . -7.05 37.45 30.19
CA UTC P . -8.99 37.62 31.32
CB UTC P . -8.37 36.95 32.57
CG UTC P . -9.07 37.37 33.85
CD1 UTC P . -9.86 36.41 34.55
CE1 UTC P . -10.48 36.82 35.74
CZ UTC P . -10.30 38.14 36.21
OH UTC P . -10.91 38.54 37.37
CE2 UTC P . -9.52 39.07 35.52
CD2 UTC P . -8.90 38.69 34.33
N UTC P . -10.45 37.34 31.15
CBK UTC P . -11.41 38.34 31.28
OBA UTC P . -11.02 39.49 31.58
CBL UTC P . -12.79 38.16 31.10
CBM UTC P . -13.05 36.92 30.24
NBN UTC P . -12.17 35.84 30.90
CBE UTC P . -12.66 34.95 31.83
OBD UTC P . -11.95 34.14 32.46
NBC UTC P . -14.00 34.97 31.98
CAG UTC P . -14.68 34.13 32.88
CAF UTC P . -15.04 32.84 32.25
CAA UTC P . -16.36 32.41 32.35
CAB UTC P . -16.75 31.17 31.85
CAC UTC P . -15.83 30.35 31.27
CAD UTC P . -14.49 30.76 31.21
CAE UTC P . -14.08 31.97 31.70
CAX UTC Q . -9.56 12.56 40.74
CAW UTC Q . -9.89 11.57 39.83
CAV UTC Q . -9.85 10.22 40.20
CAU UTC Q . -9.49 9.88 41.47
CAT UTC Q . -9.45 8.56 41.84
CAS UTC Q . -9.09 8.17 43.13
CAR UTC Q . -8.79 9.18 44.04
CAQ UTC Q . -8.86 10.53 43.66
CAP UTC Q . -9.18 10.91 42.39
CAY UTC Q . -9.26 12.21 42.03
CAZ UTC Q . -8.89 13.41 42.99
NBH UTC Q . -9.96 13.67 44.03
CBI UTC Q . -11.28 14.03 43.53
CBO UTC Q . -12.28 13.87 44.61
C UTC Q . -9.57 13.68 45.33
O UTC Q . -8.39 13.40 45.62
CA UTC Q . -10.51 13.85 46.39
CB UTC Q . -10.71 12.44 47.00
CG UTC Q . -11.80 12.40 48.08
CD1 UTC Q . -13.05 11.77 47.82
CE1 UTC Q . -14.01 11.76 48.83
CZ UTC Q . -13.74 12.37 50.08
OH UTC Q . -14.66 12.35 51.08
CE2 UTC Q . -12.51 12.99 50.33
CD2 UTC Q . -11.54 13.00 49.32
N UTC Q . -11.73 14.47 45.87
CBK UTC Q . -12.28 15.59 46.45
OBA UTC Q . -11.78 16.01 47.50
CBL UTC Q . -13.42 16.25 45.94
CBM UTC Q . -13.59 15.97 44.43
NBN UTC Q . -13.56 14.50 44.37
CBE UTC Q . -14.65 13.70 44.38
OBD UTC Q . -14.50 12.48 44.50
NBC UTC Q . -15.85 14.27 44.32
CAG UTC Q . -17.08 13.45 44.34
CAF UTC Q . -17.53 13.14 42.94
CAA UTC Q . -18.80 13.54 42.54
CAB UTC Q . -19.24 13.26 41.25
CAC UTC Q . -18.43 12.55 40.41
CAD UTC Q . -17.21 12.09 40.83
CAE UTC Q . -16.74 12.36 42.12
C1 MPD R . -1.21 -12.61 34.49
C2 MPD R . -0.75 -11.70 35.60
O2 MPD R . -1.82 -11.90 36.58
CM MPD R . 0.54 -12.19 36.22
C3 MPD R . -0.66 -10.25 35.08
C4 MPD R . 0.29 -9.90 33.96
O4 MPD R . 0.00 -10.63 32.75
C5 MPD R . 0.25 -8.47 33.51
CAX UTC S . -22.47 -8.18 36.75
CAW UTC S . -22.63 -8.19 35.38
CAV UTC S . -23.17 -9.33 34.75
CAU UTC S . -23.58 -10.44 35.54
CAT UTC S . -24.08 -11.60 34.90
CAS UTC S . -24.47 -12.71 35.66
CAR UTC S . -24.34 -12.63 37.03
CAQ UTC S . -23.79 -11.48 37.68
CAP UTC S . -23.44 -10.36 36.95
CAY UTC S . -22.91 -9.22 37.53
CAZ UTC S . -22.67 -9.12 39.04
NBH UTC S . -23.97 -8.94 39.82
CBI UTC S . -24.76 -7.74 39.52
CBO UTC S . -26.10 -7.90 40.08
C UTC S . -24.22 -9.78 40.86
O UTC S . -23.42 -10.71 41.04
CA UTC S . -25.42 -9.74 41.58
CB UTC S . -26.26 -10.94 41.03
CG UTC S . -27.63 -10.93 41.68
CD1 UTC S . -28.72 -10.47 40.92
CE1 UTC S . -30.00 -10.43 41.50
CZ UTC S . -30.16 -10.86 42.82
OH UTC S . -31.39 -10.82 43.36
CE2 UTC S . -29.07 -11.32 43.57
CD2 UTC S . -27.78 -11.35 43.01
N UTC S . -26.02 -8.37 41.45
CBK UTC S . -26.51 -7.66 42.54
OBA UTC S . -26.45 -8.20 43.65
CBL UTC S . -26.99 -6.33 42.43
CBM UTC S . -26.48 -5.65 41.11
NBN UTC S . -26.86 -6.68 40.09
CBE UTC S . -28.08 -6.72 39.45
OBD UTC S . -28.38 -7.68 38.69
NBC UTC S . -28.88 -5.65 39.59
CAG UTC S . -30.11 -5.51 38.93
CAF UTC S . -29.97 -4.76 37.62
CAA UTC S . -30.83 -3.70 37.35
CAB UTC S . -30.79 -3.01 36.15
CAC UTC S . -29.88 -3.42 35.20
CAD UTC S . -29.12 -4.55 35.46
CAE UTC S . -29.13 -5.22 36.62
C1 MPD T . -20.02 -26.12 16.64
C2 MPD T . -20.02 -26.29 18.13
O2 MPD T . -21.43 -26.27 18.48
CM MPD T . -19.42 -27.66 18.46
C3 MPD T . -19.24 -25.13 18.77
C4 MPD T . -17.84 -24.78 18.23
O4 MPD T . -17.87 -24.39 16.84
C5 MPD T . -17.18 -23.62 18.91
C1 MPD U . -31.85 -15.76 -8.16
C2 MPD U . -32.49 -16.71 -7.22
O2 MPD U . -33.85 -16.18 -7.16
CM MPD U . -32.51 -18.09 -7.84
C3 MPD U . -31.78 -16.68 -5.85
C4 MPD U . -30.31 -16.92 -5.75
O4 MPD U . -29.49 -15.99 -6.50
C5 MPD U . -29.77 -16.78 -4.36
C1 MPD V . -50.88 13.12 8.55
C2 MPD V . -51.12 12.89 7.06
O2 MPD V . -51.24 14.21 6.46
CM MPD V . -52.43 12.14 6.83
C3 MPD V . -49.97 12.15 6.39
C4 MPD V . -48.59 12.64 6.70
O4 MPD V . -48.25 12.40 8.10
C5 MPD V . -47.60 11.96 5.79
CAX UTC W . -43.32 1.27 -0.76
CAW UTC W . -42.20 2.13 -0.90
CAV UTC W . -42.12 3.00 -2.02
CAU UTC W . -43.15 2.98 -2.94
CAT UTC W . -43.07 3.82 -4.10
CAS UTC W . -44.08 3.80 -5.07
CAR UTC W . -45.13 2.95 -4.89
CAQ UTC W . -45.24 2.12 -3.77
CAP UTC W . -44.24 2.12 -2.76
CAY UTC W . -44.33 1.31 -1.69
CAZ UTC W . -45.46 0.34 -1.50
NBH UTC W . -46.76 1.04 -1.08
CBI UTC W . -46.69 1.77 0.19
CBO UTC W . -47.90 2.65 0.28
C UTC W . -47.92 0.76 -1.76
O UTC W . -47.82 0.05 -2.79
CA UTC W . -49.17 1.39 -1.44
CB UTC W . -49.37 2.49 -2.51
CG UTC W . -50.58 3.37 -2.28
CD1 UTC W . -50.41 4.66 -1.76
CE1 UTC W . -51.53 5.48 -1.60
CZ UTC W . -52.81 4.98 -1.92
OH UTC W . -53.92 5.78 -1.73
CE2 UTC W . -52.99 3.69 -2.44
CD2 UTC W . -51.87 2.86 -2.61
N UTC W . -49.11 1.88 -0.05
CBK UTC W . -50.16 1.69 0.83
OBA UTC W . -51.16 1.11 0.35
CBL UTC W . -50.14 2.10 2.18
CBM UTC W . -48.67 2.37 2.65
NBN UTC W . -48.11 3.21 1.61
CBE UTC W . -48.18 4.61 1.68
OBD UTC W . -47.80 5.30 0.74
NBC UTC W . -48.52 5.11 2.85
CAG UTC W . -48.53 6.55 3.08
CAF UTC W . -47.26 7.06 3.62
CAA UTC W . -47.26 7.78 4.79
CAB UTC W . -46.08 8.32 5.30
CAC UTC W . -44.91 8.15 4.62
CAD UTC W . -44.90 7.44 3.44
CAE UTC W . -46.06 6.87 2.94
C1 MPD X . -27.84 10.29 -21.18
C2 MPD X . -29.15 9.54 -21.09
O2 MPD X . -30.08 10.64 -20.95
CM MPD X . -29.47 8.81 -22.39
C3 MPD X . -29.12 8.58 -19.90
C4 MPD X . -27.99 7.55 -19.84
O4 MPD X . -26.78 8.21 -19.67
C5 MPD X . -28.01 6.56 -18.69
CAX UTC Y . -35.67 24.23 -6.06
CAW UTC Y . -34.44 24.30 -5.38
CAV UTC Y . -33.63 25.43 -5.68
CAU UTC Y . -34.06 26.45 -6.53
CAT UTC Y . -33.22 27.57 -6.78
CAS UTC Y . -33.64 28.58 -7.67
CAR UTC Y . -34.92 28.44 -8.23
CAQ UTC Y . -35.72 27.36 -7.97
CAP UTC Y . -35.36 26.38 -7.09
CAY UTC Y . -36.13 25.27 -6.83
CAZ UTC Y . -37.47 25.08 -7.48
NBH UTC Y . -38.55 25.98 -6.92
CBI UTC Y . -38.76 25.82 -5.47
CBO UTC Y . -39.59 26.97 -4.96
C UTC Y . -39.30 26.75 -7.76
O UTC Y . -39.01 26.77 -8.98
CA UTC Y . -40.28 27.65 -7.24
CB UTC Y . -39.59 29.07 -7.30
CG UTC Y . -40.52 30.10 -6.62
CD1 UTC Y . -40.29 30.50 -5.30
CE1 UTC Y . -41.15 31.40 -4.69
CZ UTC Y . -42.25 31.93 -5.39
OH UTC Y . -43.09 32.84 -4.77
CE2 UTC Y . -42.48 31.55 -6.72
CD2 UTC Y . -41.62 30.63 -7.34
N UTC Y . -40.73 27.23 -5.86
CBK UTC Y . -42.03 27.17 -5.45
OBA UTC Y . -42.90 27.47 -6.28
CBL UTC Y . -42.43 26.73 -4.15
CBM UTC Y . -41.27 25.99 -3.48
NBN UTC Y . -40.09 26.80 -3.64
CBE UTC Y . -39.73 27.74 -2.71
OBD UTC Y . -38.81 28.54 -2.98
NBC UTC Y . -40.35 27.67 -1.51
CAG UTC Y . -40.08 28.49 -0.36
CAF UTC Y . -39.15 27.82 0.57
CAA UTC Y . -39.41 27.86 1.94
CAB UTC Y . -38.49 27.37 2.80
CAC UTC Y . -37.31 26.88 2.28
CAD UTC Y . -37.01 26.94 0.93
CAE UTC Y . -37.87 27.44 0.07
C1 MPD Z . -10.92 32.90 -12.39
C2 MPD Z . -12.19 32.95 -13.19
O2 MPD Z . -12.79 34.09 -12.54
CM MPD Z . -11.87 33.26 -14.64
C3 MPD Z . -13.05 31.66 -13.05
C4 MPD Z . -12.44 30.30 -13.43
O4 MPD Z . -11.32 30.04 -12.61
C5 MPD Z . -13.25 29.02 -13.27
CAX UTC AA . -20.06 38.37 6.53
CAW UTC AA . -19.24 37.47 7.15
CAV UTC AA . -18.06 37.92 7.81
CAU UTC AA . -17.72 39.30 7.84
CAT UTC AA . -16.53 39.73 8.50
CAS UTC AA . -16.19 41.10 8.53
CAR UTC AA . -17.09 41.99 7.94
CAQ UTC AA . -18.28 41.58 7.32
CAP UTC AA . -18.64 40.21 7.28
CAY UTC AA . -19.73 39.74 6.64
CAZ UTC AA . -20.69 40.67 5.91
NBH UTC AA . -21.49 41.58 6.79
CBI UTC AA . -22.43 40.89 7.64
CBO UTC AA . -22.94 41.82 8.64
C UTC AA . -21.53 42.92 6.54
O UTC AA . -20.75 43.41 5.70
CA UTC AA . -22.28 43.80 7.35
CB UTC AA . -21.24 44.36 8.33
CG UTC AA . -21.86 45.23 9.39
CD1 UTC AA . -21.89 44.81 10.73
CE1 UTC AA . -22.44 45.66 11.70
CZ UTC AA . -22.96 46.91 11.32
OH UTC AA . -23.52 47.72 12.27
CE2 UTC AA . -22.93 47.34 9.98
CD2 UTC AA . -22.38 46.50 8.99
N UTC AA . -23.35 43.08 8.05
CBK UTC AA . -24.65 43.52 8.05
OBA UTC AA . -24.88 44.62 7.50
CBL UTC AA . -25.77 42.77 8.66
CBM UTC AA . -25.42 41.27 8.72
NBN UTC AA . -24.07 41.32 9.39
CBE UTC AA . -23.90 41.26 10.78
OBD UTC AA . -22.75 41.33 11.29
NBC UTC AA . -25.04 40.95 11.48
CAG UTC AA . -25.05 40.73 12.90
CAF UTC AA . -24.73 39.30 13.27
CAA UTC AA . -25.66 38.72 14.14
CAB UTC AA . -25.45 37.41 14.57
CAC UTC AA . -24.32 36.76 14.12
CAD UTC AA . -23.36 37.39 13.29
CAE UTC AA . -23.56 38.65 12.87
C1 MPD BA . 6.30 34.55 11.25
C2 MPD BA . 5.61 35.75 10.63
O2 MPD BA . 5.10 36.50 11.77
CM MPD BA . 6.61 36.64 9.93
C3 MPD BA . 4.48 35.28 9.68
C4 MPD BA . 4.83 34.27 8.58
O4 MPD BA . 5.17 33.00 9.13
C5 MPD BA . 3.71 33.98 7.63
C1 MPD CA . 28.86 22.71 -2.00
C2 MPD CA . 30.09 22.37 -1.19
O2 MPD CA . 31.06 22.57 -2.26
CM MPD CA . 30.34 23.38 -0.07
C3 MPD CA . 30.07 20.92 -0.66
C4 MPD CA . 28.88 20.49 0.20
O4 MPD CA . 27.64 20.55 -0.51
C5 MPD CA . 28.95 19.08 0.68
CAX UTC DA . 44.04 0.22 -0.23
CAW UTC DA . 42.97 0.70 -0.94
CAV UTC DA . 42.88 2.05 -1.31
CAU UTC DA . 43.93 2.91 -0.97
CAT UTC DA . 43.86 4.27 -1.32
CAS UTC DA . 44.87 5.16 -0.99
CAR UTC DA . 45.96 4.63 -0.28
CAQ UTC DA . 46.04 3.28 0.05
CAP UTC DA . 45.03 2.39 -0.28
CAY UTC DA . 45.08 1.06 0.07
CAZ UTC DA . 46.22 0.45 0.94
NBH UTC DA . 47.49 0.30 0.22
CBI UTC DA . 47.39 -0.56 -0.96
CBO UTC DA . 48.63 -0.35 -1.75
C UTC DA . 48.64 0.89 0.74
O UTC DA . 48.59 1.59 1.78
CA UTC DA . 49.89 0.83 0.08
CB UTC DA . 50.05 2.23 -0.59
CG UTC DA . 51.28 2.26 -1.51
CD1 UTC DA . 51.12 2.29 -2.91
CE1 UTC DA . 52.24 2.33 -3.75
CZ UTC DA . 53.53 2.32 -3.19
OH UTC DA . 54.62 2.33 -4.00
CE2 UTC DA . 53.70 2.30 -1.79
CD2 UTC DA . 52.58 2.28 -0.94
N UTC DA . 49.83 -0.29 -0.87
CBK UTC DA . 50.89 -1.18 -1.00
OBA UTC DA . 51.84 -0.98 -0.24
CBL UTC DA . 50.93 -2.30 -1.87
CBM UTC DA . 49.49 -2.65 -2.30
NBN UTC DA . 48.92 -1.34 -2.75
CBE UTC DA . 48.95 -0.94 -4.04
OBD UTC DA . 48.54 0.22 -4.36
NBC UTC DA . 49.30 -1.90 -4.95
CAG UTC DA . 49.36 -1.61 -6.37
CAF UTC DA . 48.06 -1.92 -6.98
CAA UTC DA . 48.02 -2.83 -8.00
CAB UTC DA . 46.87 -3.15 -8.67
CAC UTC DA . 45.71 -2.50 -8.32
CAD UTC DA . 45.73 -1.54 -7.31
CAE UTC DA . 46.90 -1.23 -6.64
CAX UTC EA . 36.85 13.08 -19.97
CAW UTC EA . 35.60 12.57 -20.27
CAV UTC EA . 34.81 13.21 -21.23
CAU UTC EA . 35.30 14.32 -21.94
CAT UTC EA . 34.45 14.97 -22.88
CAS UTC EA . 34.92 16.07 -23.52
CAR UTC EA . 36.19 16.55 -23.21
CAQ UTC EA . 37.02 15.92 -22.29
CAP UTC EA . 36.59 14.78 -21.66
CAY UTC EA . 37.38 14.15 -20.70
CAZ UTC EA . 38.77 14.66 -20.29
NBH UTC EA . 39.83 14.42 -21.34
CBI UTC EA . 40.01 13.01 -21.69
CBO UTC EA . 40.79 12.95 -22.97
C UTC EA . 40.59 15.48 -21.78
O UTC EA . 40.30 16.61 -21.33
CA UTC EA . 41.57 15.36 -22.76
CB UTC EA . 40.98 16.01 -24.00
CG UTC EA . 41.84 15.81 -25.23
CD1 UTC EA . 41.52 14.79 -26.16
CE1 UTC EA . 42.32 14.65 -27.31
CZ UTC EA . 43.42 15.51 -27.53
OH UTC EA . 44.20 15.38 -28.66
CE2 UTC EA . 43.72 16.52 -26.61
CD2 UTC EA . 42.92 16.67 -25.46
N UTC EA . 41.92 13.88 -22.90
CBK UTC EA . 43.24 13.49 -22.97
OBA UTC EA . 44.05 14.42 -22.95
CBL UTC EA . 43.64 12.13 -23.05
CBM UTC EA . 42.54 11.20 -22.49
NBN UTC EA . 41.33 11.65 -23.25
CBE UTC EA . 41.01 11.09 -24.44
OBD UTC EA . 40.05 11.56 -25.13
NBC UTC EA . 41.61 9.92 -24.75
CAG UTC EA . 41.30 9.19 -25.96
CAF UTC EA . 40.33 8.13 -25.72
CAA UTC EA . 40.61 6.82 -26.13
CAB UTC EA . 39.63 5.86 -26.01
CAC UTC EA . 38.38 6.18 -25.47
CAD UTC EA . 38.13 7.47 -25.11
CAE UTC EA . 39.05 8.48 -25.27
C1 MPD FA . 12.27 22.66 -26.17
C2 MPD FA . 13.57 23.34 -25.85
O2 MPD FA . 14.30 23.15 -27.07
CM MPD FA . 13.35 24.82 -25.59
C3 MPD FA . 14.30 22.66 -24.68
C4 MPD FA . 13.62 22.65 -23.33
O4 MPD FA . 12.43 21.83 -23.29
C5 MPD FA . 14.47 22.10 -22.25
CAX UTC GA . 21.08 6.59 -37.75
CAW UTC GA . 20.23 5.70 -37.17
CAV UTC GA . 19.08 5.24 -37.87
CAU UTC GA . 18.79 5.73 -39.13
CAT UTC GA . 17.64 5.24 -39.77
CAS UTC GA . 17.36 5.71 -41.07
CAR UTC GA . 18.26 6.59 -41.67
CAQ UTC GA . 19.42 7.02 -41.00
CAP UTC GA . 19.69 6.60 -39.73
CAY UTC GA . 20.81 7.01 -39.07
CAZ UTC GA . 21.88 8.03 -39.58
NBH UTC GA . 22.69 7.53 -40.76
CBI UTC GA . 23.60 6.40 -40.39
CBO UTC GA . 24.06 5.74 -41.64
C UTC GA . 22.69 8.17 -42.00
O UTC GA . 21.95 9.17 -42.16
CA UTC GA . 23.41 7.66 -43.12
CB UTC GA . 22.36 7.06 -44.10
CG UTC GA . 22.95 6.28 -45.26
CD1 UTC GA . 22.91 4.88 -45.30
CE1 UTC GA . 23.46 4.21 -46.41
CZ UTC GA . 24.06 4.94 -47.46
OH UTC GA . 24.60 4.29 -48.54
CE2 UTC GA . 24.09 6.34 -47.42
CD2 UTC GA . 23.53 7.01 -46.32
N UTC GA . 24.49 6.75 -42.59
CBK UTC GA . 25.77 6.87 -43.00
OBA UTC GA . 25.96 7.72 -43.90
CBL UTC GA . 26.86 6.04 -42.53
CBM UTC GA . 26.51 5.28 -41.21
NBN UTC GA . 25.13 4.75 -41.48
CBE UTC GA . 24.90 3.49 -41.93
OBD UTC GA . 23.75 3.16 -42.23
NBC UTC GA . 25.96 2.67 -41.86
CAG UTC GA . 25.96 1.26 -42.15
CAF UTC GA . 25.65 0.44 -40.93
CAA UTC GA . 26.42 -0.64 -40.71
CAB UTC GA . 26.10 -1.53 -39.69
CAC UTC GA . 25.01 -1.32 -38.91
CAD UTC GA . 24.17 -0.25 -39.17
CAE UTC GA . 24.46 0.60 -40.20
C1 MPD HA . -5.58 1.54 -36.21
C2 MPD HA . -4.87 2.56 -37.07
O2 MPD HA . -4.43 1.67 -38.14
CM MPD HA . -5.84 3.61 -37.62
C3 MPD HA . -3.73 3.22 -36.28
C4 MPD HA . -4.06 3.88 -34.94
O4 MPD HA . -4.54 2.97 -33.96
C5 MPD HA . -2.84 4.48 -34.25
CAX UTC IA . 8.63 -14.36 -40.42
CAW UTC IA . 8.51 -14.86 -39.14
CAV UTC IA . 7.66 -15.98 -38.84
CAU UTC IA . 6.98 -16.64 -39.89
CAT UTC IA . 6.16 -17.76 -39.62
CAS UTC IA . 5.44 -18.42 -40.68
CAR UTC IA . 5.64 -17.94 -41.99
CAQ UTC IA . 6.50 -16.85 -42.22
CAP UTC IA . 7.22 -16.18 -41.20
CAY UTC IA . 8.01 -15.11 -41.42
CAZ UTC IA . 8.17 -14.52 -42.81
NBH UTC IA . 9.04 -15.30 -43.74
CBI UTC IA . 10.41 -15.57 -43.26
CBO UTC IA . 11.00 -16.67 -44.09
C UTC IA . 8.56 -15.64 -45.01
O UTC IA . 7.39 -15.31 -45.29
CA UTC IA . 9.28 -16.49 -45.89
CB UTC IA . 8.63 -17.90 -45.75
CG UTC IA . 9.39 -18.98 -46.54
CD1 UTC IA . 10.16 -19.95 -45.84
CE1 UTC IA . 10.84 -20.95 -46.59
CZ UTC IA . 10.74 -20.97 -48.00
OH UTC IA . 11.40 -21.94 -48.71
CE2 UTC IA . 9.97 -20.00 -48.69
CD2 UTC IA . 9.29 -19.00 -47.97
N UTC IA . 10.73 -16.48 -45.53
CBK UTC IA . 11.71 -16.25 -46.48
OBA UTC IA . 11.32 -16.20 -47.66
CBL UTC IA . 13.14 -16.20 -46.18
CBM UTC IA . 13.35 -15.85 -44.68
NBN UTC IA . 12.43 -16.80 -43.94
CBE UTC IA . 12.87 -17.99 -43.51
OBD UTC IA . 12.06 -18.81 -42.97
NBC UTC IA . 14.23 -18.12 -43.50
CAG UTC IA . 14.90 -19.31 -43.04
CAF UTC IA . 15.31 -19.15 -41.60
CAA UTC IA . 16.61 -19.40 -41.23
CAB UTC IA . 16.98 -19.36 -39.90
CAC UTC IA . 16.00 -19.11 -38.93
CAD UTC IA . 14.67 -18.91 -39.33
CAE UTC IA . 14.31 -18.97 -40.60
C1 MPD JA . -10.44 -25.11 -24.71
C2 MPD JA . -10.50 -24.71 -26.17
O2 MPD JA . -9.77 -25.84 -26.77
CM MPD JA . -11.94 -24.62 -26.64
C3 MPD JA . -9.80 -23.37 -26.41
C4 MPD JA . -10.18 -22.13 -25.62
O4 MPD JA . -9.84 -22.16 -24.22
C5 MPD JA . -9.47 -20.92 -26.07
CAX UTC KA . 9.22 -34.22 -25.69
CAW UTC KA . 9.61 -33.69 -24.44
CAV UTC KA . 9.51 -34.52 -23.34
CAU UTC KA . 9.08 -35.86 -23.49
CAT UTC KA . 8.99 -36.69 -22.33
CAS UTC KA . 8.55 -38.02 -22.50
CAR UTC KA . 8.25 -38.49 -23.76
CAQ UTC KA . 8.36 -37.68 -24.89
CAP UTC KA . 8.81 -36.37 -24.79
CAY UTC KA . 8.88 -35.54 -25.86
CAZ UTC KA . 8.50 -36.02 -27.26
NBH UTC KA . 9.51 -36.96 -27.88
CBI UTC KA . 10.85 -36.42 -28.06
CBO UTC KA . 11.86 -37.51 -28.32
C UTC KA . 9.11 -38.19 -28.40
O UTC KA . 7.92 -38.52 -28.26
CA UTC KA . 10.05 -39.10 -28.95
CB UTC KA . 10.27 -40.17 -27.87
CG UTC KA . 11.31 -41.16 -28.29
CD1 UTC KA . 12.60 -41.06 -27.77
CE1 UTC KA . 13.57 -42.02 -28.16
CZ UTC KA . 13.23 -43.05 -29.04
OH UTC KA . 14.16 -43.99 -29.44
CE2 UTC KA . 11.93 -43.16 -29.55
CD2 UTC KA . 10.97 -42.21 -29.16
N UTC KA . 11.35 -38.42 -29.32
CBK UTC KA . 11.92 -38.63 -30.55
OBA UTC KA . 11.38 -39.51 -31.26
CBL UTC KA . 13.06 -37.94 -31.00
CBM UTC KA . 13.20 -36.61 -30.20
NBN UTC KA . 13.13 -37.05 -28.77
CBE UTC KA . 14.21 -37.47 -28.07
OBD UTC KA . 14.09 -37.90 -26.92
NBC UTC KA . 15.42 -37.13 -28.57
CAG UTC KA . 16.69 -37.41 -27.84
CAF UTC KA . 17.16 -36.25 -27.06
CAA UTC KA . 18.47 -35.81 -27.18
CAB UTC KA . 18.94 -34.75 -26.39
CAC UTC KA . 18.09 -34.14 -25.49
CAD UTC KA . 16.81 -34.63 -25.36
CAE UTC KA . 16.33 -35.67 -26.08
C1 MPD LA . 0.64 -36.91 -0.21
C2 MPD LA . 0.22 -37.66 -1.44
O2 MPD LA . 1.40 -38.52 -1.61
CM MPD LA . -1.05 -38.46 -1.17
C3 MPD LA . 0.05 -36.73 -2.65
C4 MPD LA . -0.77 -35.43 -2.53
O4 MPD LA . -0.23 -34.56 -1.50
C5 MPD LA . -0.80 -34.56 -3.77
CAX UTC MA . 21.91 -37.93 -4.91
CAW UTC MA . 22.12 -36.64 -4.40
CAV UTC MA . 22.63 -36.46 -3.11
CAU UTC MA . 22.96 -37.57 -2.33
CAT UTC MA . 23.49 -37.39 -1.03
CAS UTC MA . 23.86 -38.52 -0.26
CAR UTC MA . 23.68 -39.80 -0.78
CAQ UTC MA . 23.17 -39.95 -2.08
CAP UTC MA . 22.81 -38.86 -2.89
CAY UTC MA . 22.30 -39.02 -4.17
CAZ UTC MA . 22.07 -40.36 -4.81
NBH UTC MA . 23.35 -41.09 -5.18
CBI UTC MA . 24.15 -40.43 -6.20
CBO UTC MA . 25.47 -41.06 -6.26
C UTC MA . 23.50 -42.41 -4.81
O UTC MA . 22.63 -42.91 -4.07
CA UTC MA . 24.70 -43.17 -5.14
CB UTC MA . 25.54 -43.14 -3.87
CG UTC MA . 26.93 -43.72 -4.11
CD1 UTC MA . 28.04 -42.85 -4.27
CE1 UTC MA . 29.31 -43.40 -4.48
CZ UTC MA . 29.47 -44.79 -4.54
OH UTC MA . 30.72 -45.31 -4.74
CE2 UTC MA . 28.37 -45.66 -4.39
CD2 UTC MA . 27.09 -45.12 -4.17
N UTC MA . 25.37 -42.53 -6.31
CBK UTC MA . 25.80 -43.30 -7.36
OBA UTC MA . 25.65 -44.52 -7.22
CBL UTC MA . 26.36 -42.78 -8.57
CBM UTC MA . 25.95 -41.29 -8.71
NBN UTC MA . 26.27 -40.66 -7.37
CBE UTC MA . 27.48 -40.11 -7.09
OBD UTC MA . 27.74 -39.69 -5.93
NBC UTC MA . 28.30 -39.91 -8.18
CAG UTC MA . 29.60 -39.25 -8.06
CAF UTC MA . 29.49 -37.79 -8.26
CAA UTC MA . 30.35 -37.20 -9.17
CAB UTC MA . 30.29 -35.83 -9.38
CAC UTC MA . 29.43 -35.06 -8.66
CAD UTC MA . 28.66 -35.65 -7.67
CAE UTC MA . 28.65 -36.99 -7.48
C1 MPD NA . 19.46 -25.12 18.96
C2 MPD NA . 19.37 -26.57 18.55
O2 MPD NA . 20.74 -27.00 18.53
CM MPD NA . 18.65 -27.38 19.61
C3 MPD NA . 18.70 -26.69 17.16
C4 MPD NA . 17.28 -26.13 17.02
O4 MPD NA . 17.23 -24.70 17.23
C5 MPD NA . 16.65 -26.37 15.67
CAX UTC OA . 37.41 -22.55 6.54
CAW UTC OA . 36.95 -21.30 6.14
CAV UTC OA . 37.50 -20.16 6.76
CAU UTC OA . 38.48 -20.30 7.76
CAT UTC OA . 38.99 -19.12 8.38
CAS UTC OA . 39.94 -19.27 9.40
CAR UTC OA . 40.38 -20.56 9.74
CAQ UTC OA . 39.88 -21.70 9.13
CAP UTC OA . 38.92 -21.60 8.11
CAY UTC OA . 38.40 -22.69 7.50
CAZ UTC OA . 38.75 -24.13 7.83
NBH UTC OA . 40.14 -24.53 7.40
CBI UTC OA . 40.39 -24.39 5.97
CBO UTC OA . 41.86 -24.46 5.71
C UTC OA . 41.03 -25.04 8.34
O UTC OA . 40.70 -25.10 9.53
CA UTC OA . 42.39 -25.33 7.99
CB UTC OA . 43.24 -24.14 8.50
CG UTC OA . 44.72 -24.29 8.06
CD1 UTC OA . 45.22 -23.47 7.05
CE1 UTC OA . 46.55 -23.59 6.65
CZ UTC OA . 47.39 -24.53 7.26
OH UTC OA . 48.67 -24.61 6.86
CE2 UTC OA . 46.89 -25.37 8.28
CD2 UTC OA . 45.56 -25.24 8.68
N UTC OA . 42.48 -25.54 6.51
CBK UTC OA . 43.09 -26.66 5.97
OBA UTC OA . 43.64 -27.44 6.75
CBL UTC OA . 43.11 -26.94 4.58
CBM UTC OA . 42.01 -26.17 3.87
NBN UTC OA . 42.21 -24.76 4.33
CBE UTC OA . 42.95 -23.82 3.69
OBD UTC OA . 43.09 -22.69 4.17
NBC UTC OA . 43.28 -24.13 2.42
CAG UTC OA . 44.06 -23.25 1.55
CAF UTC OA . 43.18 -22.45 0.63
CAA UTC OA . 43.50 -22.44 -0.71
CAB UTC OA . 42.71 -21.66 -1.55
CAC UTC OA . 41.69 -20.91 -1.01
CAD UTC OA . 41.44 -20.86 0.36
CAE UTC OA . 42.21 -21.62 1.16
C1 MPD PA . 32.02 1.40 18.05
C2 MPD PA . 32.59 0.15 18.70
O2 MPD PA . 33.95 0.19 18.22
CM MPD PA . 32.57 0.27 20.22
C3 MPD PA . 31.89 -1.12 18.19
C4 MPD PA . 30.36 -1.22 18.30
O4 MPD PA . 29.69 -0.27 17.46
C5 MPD PA . 29.80 -2.53 17.85
#